data_8CAN
#
_entry.id   8CAN
#
_cell.length_a   1.00
_cell.length_b   1.00
_cell.length_c   1.00
_cell.angle_alpha   90.00
_cell.angle_beta   90.00
_cell.angle_gamma   90.00
#
_symmetry.space_group_name_H-M   'P 1'
#
loop_
_entity.id
_entity.type
_entity.pdbx_description
1 polymer 'basic juvenile hormone-suppressible protein 1'
2 non-polymer TRYPTOPHAN
3 non-polymer 'COPPER (II) ION'
4 non-polymer 'SODIUM ION'
5 water water
#
_entity_poly.entity_id   1
_entity_poly.type   'polypeptide(L)'
_entity_poly.pdbx_seq_one_letter_code
;MVVTMRLVVAAVLLAAVAASVVHDELKNIVITKEPMKNMDMKSKEMCILKLMNHILQPTMYEDVREVAKAWVLEENEDKY
MKMEAVKEFINTYKMGMLPRGEVFVHMDHKHVEEAVKVFKLLYFANDFDVFLKTACWLRERINGGMFVYALTAAIFHRSD
CSGIKIPAPYEIYPYLFVDSNILHKAFMMKMSKAAMDPVMKNYYGIKVKDNSMVIIDWRKGLRHTMSEFDRTSYFTEDID
LNTYLYYMHMSYPYWMNEDMYRVNKERRGEAMWYGYQQLQARLRLERLSHHMCDLKPLDLDGTLDEGYWPKILLHTGDEM
PVRYNKMKLTNENNIKYRLLLEDNKRLIRDGIKKGHMAMHDGTTVSLKKPDDIENLCRIVLGGFVSKDDHKGKSSIWRNL
AKTMLSYGTYNMGKYTYIPTAADMYSTALRDPGMWKMLKLISEYFIMFKEMLPKYTREELDFPGVKIEQVTTDKLVTFMD
EYDVDITNAVYLDHDEMQKHRSDMMYVARMHRLNHQPFKITIDVASDKAVECVVRVFLGPKLDCMGRFTSVNDKRNDMVE
IDSFLYKLETGKNTIVRDSLEMNNVIKERPWSRNNWAMDPSGGQKAQDNWWYKSRIGFPHRLLLPMGSHGGMPYQMFVIV
TPVRAGMSLPSIDMNTAKERKACRWTVCMDTMPLGFPFDRPIDETNFYTKNMKFHDVMVYTKDLAMSNMVKDVDMSEMVM
KRDDLTYLDKDMLVKRSYKSVMMMSGDDMTHM
;
_entity_poly.pdbx_strand_id   A,B,C,D,E,F
#
loop_
_chem_comp.id
_chem_comp.type
_chem_comp.name
_chem_comp.formula
CU non-polymer 'COPPER (II) ION' 'Cu 2'
NA non-polymer 'SODIUM ION' 'Na 1'
#
# COMPACT_ATOMS: atom_id res chain seq x y z
N GLU A 34 -18.27 2.57 59.53
CA GLU A 34 -17.82 1.39 60.26
C GLU A 34 -18.34 0.12 59.61
N PRO A 35 -17.66 -1.01 59.81
CA PRO A 35 -18.13 -2.28 59.25
C PRO A 35 -19.35 -2.80 59.99
N MET A 36 -20.51 -2.79 59.33
CA MET A 36 -21.74 -3.25 59.95
C MET A 36 -21.58 -4.69 60.43
N LYS A 37 -22.13 -4.97 61.62
CA LYS A 37 -21.99 -6.29 62.22
C LYS A 37 -22.73 -7.33 61.41
N ASN A 38 -22.24 -8.57 61.50
CA ASN A 38 -22.81 -9.72 60.79
C ASN A 38 -23.45 -10.66 61.80
N MET A 39 -24.73 -10.96 61.62
CA MET A 39 -25.44 -11.93 62.42
C MET A 39 -25.94 -13.10 61.60
N ASP A 40 -26.55 -12.84 60.44
CA ASP A 40 -27.05 -13.88 59.56
C ASP A 40 -26.79 -13.47 58.12
N MET A 41 -27.18 -14.34 57.18
CA MET A 41 -26.93 -14.06 55.76
C MET A 41 -27.60 -12.77 55.31
N LYS A 42 -28.78 -12.46 55.85
CA LYS A 42 -29.43 -11.19 55.52
C LYS A 42 -28.58 -10.01 55.99
N SER A 43 -28.00 -10.11 57.18
CA SER A 43 -27.09 -9.08 57.66
C SER A 43 -25.85 -9.01 56.77
N LYS A 44 -25.36 -10.16 56.30
CA LYS A 44 -24.22 -10.15 55.39
C LYS A 44 -24.56 -9.39 54.11
N GLU A 45 -25.74 -9.65 53.55
CA GLU A 45 -26.18 -8.94 52.35
C GLU A 45 -26.29 -7.45 52.60
N MET A 46 -26.85 -7.06 53.76
CA MET A 46 -26.95 -5.65 54.09
C MET A 46 -25.57 -5.00 54.19
N CYS A 47 -24.62 -5.69 54.83
CA CYS A 47 -23.26 -5.16 54.94
C CYS A 47 -22.63 -4.98 53.57
N ILE A 48 -22.76 -5.99 52.70
CA ILE A 48 -22.17 -5.91 51.37
C ILE A 48 -22.80 -4.77 50.58
N LEU A 49 -24.12 -4.62 50.67
CA LEU A 49 -24.79 -3.53 49.97
C LEU A 49 -24.30 -2.18 50.48
N LYS A 50 -24.12 -2.05 51.79
CA LYS A 50 -23.56 -0.82 52.35
C LYS A 50 -22.17 -0.55 51.79
N LEU A 51 -21.34 -1.58 51.68
CA LEU A 51 -19.99 -1.40 51.15
C LEU A 51 -20.00 -1.00 49.67
N MET A 52 -21.07 -1.31 48.94
CA MET A 52 -21.14 -1.04 47.51
C MET A 52 -21.92 0.24 47.19
N ASN A 53 -22.33 1.01 48.19
CA ASN A 53 -23.23 2.14 47.98
C ASN A 53 -22.43 3.43 47.81
N HIS A 54 -22.79 4.20 46.78
CA HIS A 54 -22.15 5.46 46.44
C HIS A 54 -20.63 5.37 46.59
N ILE A 55 -20.04 4.48 45.79
CA ILE A 55 -18.60 4.24 45.87
C ILE A 55 -17.81 5.49 45.53
N LEU A 56 -18.40 6.40 44.72
CA LEU A 56 -17.69 7.61 44.34
C LEU A 56 -17.37 8.46 45.55
N GLN A 57 -18.17 8.37 46.62
CA GLN A 57 -18.02 9.17 47.83
C GLN A 57 -17.94 8.22 49.02
N PRO A 58 -16.79 7.58 49.23
CA PRO A 58 -16.67 6.61 50.33
C PRO A 58 -16.47 7.31 51.67
N THR A 59 -17.47 7.20 52.54
CA THR A 59 -17.39 7.75 53.89
C THR A 59 -18.66 7.44 54.67
N LYS A 69 -9.26 3.52 60.12
CA LYS A 69 -10.31 3.57 61.13
C LYS A 69 -9.83 2.96 62.44
N ALA A 70 -10.76 2.68 63.35
CA ALA A 70 -10.40 2.19 64.68
C ALA A 70 -9.74 0.81 64.64
N TRP A 71 -9.84 0.09 63.52
CA TRP A 71 -9.26 -1.25 63.39
C TRP A 71 -7.94 -1.12 62.64
N VAL A 72 -6.83 -1.08 63.39
CA VAL A 72 -5.52 -0.93 62.78
C VAL A 72 -5.20 -2.18 61.98
N LEU A 73 -4.73 -1.99 60.74
CA LEU A 73 -4.42 -3.12 59.87
C LEU A 73 -3.07 -3.73 60.23
N GLU A 74 -2.05 -2.90 60.46
CA GLU A 74 -0.70 -3.41 60.71
C GLU A 74 -0.60 -4.16 62.03
N GLU A 75 -1.51 -3.94 62.97
CA GLU A 75 -1.47 -4.58 64.27
C GLU A 75 -2.34 -5.83 64.34
N ASN A 76 -2.93 -6.24 63.22
CA ASN A 76 -3.78 -7.42 63.16
C ASN A 76 -3.27 -8.38 62.09
N GLU A 77 -1.96 -8.58 62.04
CA GLU A 77 -1.39 -9.51 61.08
C GLU A 77 -1.84 -10.95 61.33
N ASP A 78 -1.98 -11.33 62.59
CA ASP A 78 -2.39 -12.69 62.93
C ASP A 78 -3.81 -13.01 62.48
N LYS A 79 -4.59 -12.02 62.10
CA LYS A 79 -5.97 -12.23 61.66
C LYS A 79 -6.07 -12.77 60.24
N TYR A 80 -4.95 -13.11 59.60
CA TYR A 80 -4.93 -13.61 58.25
C TYR A 80 -4.16 -14.93 58.18
N MET A 81 -4.56 -15.78 57.23
CA MET A 81 -3.92 -17.08 57.11
C MET A 81 -2.50 -16.97 56.57
N LYS A 82 -2.24 -16.03 55.68
CA LYS A 82 -0.94 -15.85 55.05
C LYS A 82 -0.34 -14.54 55.51
N MET A 83 0.85 -14.62 56.13
CA MET A 83 1.54 -13.41 56.56
C MET A 83 2.17 -12.68 55.37
N GLU A 84 2.62 -13.43 54.37
CA GLU A 84 3.30 -12.82 53.24
C GLU A 84 2.37 -11.86 52.49
N ALA A 85 1.10 -12.26 52.30
CA ALA A 85 0.17 -11.42 51.58
C ALA A 85 -0.06 -10.10 52.31
N VAL A 86 -0.30 -10.16 53.62
CA VAL A 86 -0.56 -8.94 54.36
C VAL A 86 0.67 -8.04 54.39
N LYS A 87 1.86 -8.63 54.58
CA LYS A 87 3.07 -7.81 54.57
C LYS A 87 3.28 -7.15 53.21
N GLU A 88 3.06 -7.89 52.13
CA GLU A 88 3.22 -7.34 50.78
C GLU A 88 2.24 -6.19 50.56
N PHE A 89 0.98 -6.39 50.97
CA PHE A 89 -0.01 -5.33 50.81
C PHE A 89 0.38 -4.09 51.61
N ILE A 90 0.85 -4.28 52.83
CA ILE A 90 1.23 -3.14 53.66
C ILE A 90 2.38 -2.37 53.01
N ASN A 91 3.39 -3.09 52.53
CA ASN A 91 4.51 -2.42 51.88
C ASN A 91 4.05 -1.66 50.64
N THR A 92 3.23 -2.30 49.81
CA THR A 92 2.77 -1.65 48.59
C THR A 92 1.94 -0.40 48.91
N TYR A 93 1.06 -0.51 49.91
CA TYR A 93 0.23 0.64 50.30
C TYR A 93 1.09 1.78 50.81
N LYS A 94 2.10 1.46 51.64
CA LYS A 94 3.01 2.49 52.11
C LYS A 94 3.76 3.14 50.95
N MET A 95 4.06 2.38 49.90
CA MET A 95 4.72 2.93 48.73
C MET A 95 3.77 3.68 47.81
N GLY A 96 2.46 3.62 48.05
CA GLY A 96 1.50 4.32 47.22
C GLY A 96 0.84 3.42 46.20
N MET A 97 -0.46 3.63 45.96
CA MET A 97 -1.23 2.83 45.03
C MET A 97 -2.02 3.76 44.09
N LEU A 98 -2.91 3.18 43.30
CA LEU A 98 -3.71 3.92 42.35
C LEU A 98 -4.57 4.94 43.07
N PRO A 99 -4.50 6.24 42.74
CA PRO A 99 -5.37 7.21 43.41
C PRO A 99 -6.84 6.96 43.10
N ARG A 100 -7.69 7.35 44.07
CA ARG A 100 -9.12 7.21 43.88
C ARG A 100 -9.64 8.10 42.76
N GLY A 101 -8.88 9.13 42.36
CA GLY A 101 -9.26 10.01 41.28
C GLY A 101 -8.91 9.54 39.89
N GLU A 102 -8.38 8.34 39.74
CA GLU A 102 -8.04 7.76 38.46
C GLU A 102 -8.99 6.59 38.17
N VAL A 103 -8.82 5.98 37.00
CA VAL A 103 -9.67 4.90 36.53
CA VAL A 103 -9.66 4.89 36.54
C VAL A 103 -8.88 3.59 36.62
N PHE A 104 -9.52 2.55 37.16
CA PHE A 104 -8.93 1.23 37.25
C PHE A 104 -9.18 0.48 35.95
N VAL A 105 -8.10 -0.01 35.35
CA VAL A 105 -8.15 -0.67 34.05
C VAL A 105 -7.95 -2.17 34.24
N HIS A 106 -8.87 -2.96 33.69
CA HIS A 106 -8.84 -4.41 33.93
C HIS A 106 -7.61 -5.06 33.30
N MET A 107 -7.18 -4.58 32.13
CA MET A 107 -6.11 -5.21 31.37
C MET A 107 -4.79 -4.44 31.46
N ASP A 108 -4.54 -3.75 32.57
CA ASP A 108 -3.28 -3.08 32.82
C ASP A 108 -2.49 -3.88 33.86
N HIS A 109 -1.25 -4.21 33.53
CA HIS A 109 -0.47 -5.12 34.37
C HIS A 109 -0.29 -4.58 35.78
N LYS A 110 0.06 -3.29 35.89
CA LYS A 110 0.24 -2.69 37.21
C LYS A 110 -1.07 -2.70 38.00
N HIS A 111 -2.15 -2.31 37.34
CA HIS A 111 -3.45 -2.26 38.01
C HIS A 111 -3.88 -3.63 38.47
N VAL A 112 -3.73 -4.65 37.62
CA VAL A 112 -4.13 -5.99 38.01
CA VAL A 112 -4.12 -6.01 38.00
C VAL A 112 -3.22 -6.53 39.11
N GLU A 113 -1.94 -6.15 39.10
CA GLU A 113 -1.05 -6.56 40.19
C GLU A 113 -1.55 -6.02 41.52
N GLU A 114 -1.87 -4.72 41.56
CA GLU A 114 -2.38 -4.14 42.80
C GLU A 114 -3.72 -4.78 43.19
N ALA A 115 -4.58 -5.01 42.22
CA ALA A 115 -5.88 -5.63 42.51
C ALA A 115 -5.71 -7.04 43.06
N VAL A 116 -4.72 -7.78 42.55
CA VAL A 116 -4.48 -9.14 43.04
C VAL A 116 -3.93 -9.08 44.46
N LYS A 117 -3.08 -8.10 44.76
CA LYS A 117 -2.64 -7.94 46.15
C LYS A 117 -3.82 -7.67 47.07
N VAL A 118 -4.74 -6.79 46.66
CA VAL A 118 -5.91 -6.50 47.48
C VAL A 118 -6.77 -7.76 47.64
N PHE A 119 -6.95 -8.50 46.55
CA PHE A 119 -7.75 -9.73 46.62
C PHE A 119 -7.12 -10.75 47.55
N LYS A 120 -5.79 -10.89 47.52
CA LYS A 120 -5.12 -11.79 48.44
C LYS A 120 -5.32 -11.34 49.88
N LEU A 121 -5.26 -10.03 50.12
CA LEU A 121 -5.53 -9.52 51.47
C LEU A 121 -6.93 -9.91 51.92
N LEU A 122 -7.93 -9.75 51.05
CA LEU A 122 -9.31 -10.04 51.44
C LEU A 122 -9.55 -11.53 51.60
N TYR A 123 -8.96 -12.34 50.72
CA TYR A 123 -9.32 -13.77 50.65
C TYR A 123 -8.87 -14.52 51.88
N PHE A 124 -7.69 -14.21 52.41
CA PHE A 124 -7.10 -14.99 53.49
C PHE A 124 -7.53 -14.52 54.87
N ALA A 125 -8.61 -13.75 54.97
CA ALA A 125 -9.17 -13.43 56.27
C ALA A 125 -9.68 -14.69 56.96
N ASN A 126 -9.42 -14.80 58.26
CA ASN A 126 -9.76 -16.02 58.98
C ASN A 126 -11.26 -16.29 58.94
N ASP A 127 -12.07 -15.27 59.21
CA ASP A 127 -13.51 -15.43 59.33
C ASP A 127 -14.20 -14.24 58.66
N PHE A 128 -15.54 -14.29 58.68
CA PHE A 128 -16.32 -13.26 57.99
C PHE A 128 -16.21 -11.90 58.67
N ASP A 129 -16.07 -11.87 60.00
CA ASP A 129 -15.93 -10.59 60.68
C ASP A 129 -14.66 -9.87 60.26
N VAL A 130 -13.55 -10.60 60.22
CA VAL A 130 -12.29 -10.00 59.76
C VAL A 130 -12.41 -9.57 58.31
N PHE A 131 -13.11 -10.37 57.49
CA PHE A 131 -13.32 -10.00 56.09
C PHE A 131 -14.07 -8.69 55.98
N LEU A 132 -15.14 -8.53 56.76
CA LEU A 132 -15.93 -7.30 56.72
C LEU A 132 -15.10 -6.11 57.19
N LYS A 133 -14.34 -6.29 58.28
CA LYS A 133 -13.54 -5.18 58.78
C LYS A 133 -12.46 -4.77 57.79
N THR A 134 -11.81 -5.75 57.15
CA THR A 134 -10.82 -5.43 56.13
C THR A 134 -11.45 -4.72 54.94
N ALA A 135 -12.63 -5.18 54.51
CA ALA A 135 -13.32 -4.53 53.40
C ALA A 135 -13.67 -3.09 53.74
N CYS A 136 -14.17 -2.86 54.96
CA CYS A 136 -14.48 -1.49 55.38
C CYS A 136 -13.23 -0.63 55.42
N TRP A 137 -12.11 -1.19 55.90
CA TRP A 137 -10.85 -0.44 55.91
C TRP A 137 -10.43 -0.08 54.49
N LEU A 138 -10.57 -1.01 53.56
CA LEU A 138 -10.14 -0.75 52.18
C LEU A 138 -11.06 0.25 51.49
N ARG A 139 -12.35 0.22 51.80
CA ARG A 139 -13.33 1.04 51.07
C ARG A 139 -12.94 2.51 51.05
N GLU A 140 -12.39 3.01 52.15
CA GLU A 140 -12.06 4.42 52.29
C GLU A 140 -10.56 4.69 52.17
N ARG A 141 -9.82 3.78 51.54
CA ARG A 141 -8.38 3.95 51.39
C ARG A 141 -7.90 3.80 49.95
N ILE A 142 -8.51 2.89 49.16
CA ILE A 142 -8.00 2.57 47.84
C ILE A 142 -9.00 2.98 46.76
N ASN A 143 -8.62 2.78 45.50
CA ASN A 143 -9.49 3.13 44.38
C ASN A 143 -10.79 2.35 44.44
N GLY A 144 -11.89 3.02 44.09
CA GLY A 144 -13.19 2.40 44.18
C GLY A 144 -13.35 1.22 43.23
N GLY A 145 -12.93 1.39 41.98
CA GLY A 145 -13.06 0.31 41.01
C GLY A 145 -12.24 -0.90 41.38
N MET A 146 -10.99 -0.70 41.80
CA MET A 146 -10.15 -1.81 42.23
C MET A 146 -10.75 -2.51 43.44
N PHE A 147 -11.27 -1.72 44.39
CA PHE A 147 -11.89 -2.29 45.58
C PHE A 147 -13.09 -3.16 45.20
N VAL A 148 -13.95 -2.66 44.30
CA VAL A 148 -15.11 -3.42 43.87
C VAL A 148 -14.68 -4.70 43.17
N TYR A 149 -13.68 -4.60 42.30
CA TYR A 149 -13.18 -5.79 41.60
C TYR A 149 -12.71 -6.85 42.59
N ALA A 150 -11.85 -6.45 43.53
CA ALA A 150 -11.31 -7.40 44.50
C ALA A 150 -12.42 -7.98 45.38
N LEU A 151 -13.36 -7.14 45.83
CA LEU A 151 -14.42 -7.62 46.70
C LEU A 151 -15.32 -8.60 45.97
N THR A 152 -15.66 -8.31 44.70
CA THR A 152 -16.47 -9.23 43.92
C THR A 152 -15.76 -10.57 43.73
N ALA A 153 -14.46 -10.52 43.43
CA ALA A 153 -13.71 -11.77 43.28
C ALA A 153 -13.71 -12.58 44.58
N ALA A 154 -13.49 -11.90 45.71
CA ALA A 154 -13.47 -12.59 46.99
C ALA A 154 -14.83 -13.21 47.30
N ILE A 155 -15.91 -12.46 47.06
CA ILE A 155 -17.25 -13.00 47.30
C ILE A 155 -17.50 -14.21 46.41
N PHE A 156 -17.06 -14.15 45.16
CA PHE A 156 -17.24 -15.27 44.26
C PHE A 156 -16.47 -16.50 44.72
N HIS A 157 -15.28 -16.30 45.31
CA HIS A 157 -14.41 -17.42 45.64
C HIS A 157 -14.27 -17.70 47.13
N ARG A 158 -14.89 -16.93 47.99
CA ARG A 158 -14.88 -17.24 49.43
C ARG A 158 -15.96 -18.25 49.75
N SER A 159 -15.60 -19.29 50.50
CA SER A 159 -16.55 -20.35 50.81
C SER A 159 -17.64 -19.88 51.78
N ASP A 160 -17.32 -18.91 52.65
CA ASP A 160 -18.28 -18.43 53.64
C ASP A 160 -19.18 -17.32 53.11
N CYS A 161 -19.04 -16.93 51.84
CA CYS A 161 -19.88 -15.91 51.23
C CYS A 161 -21.08 -16.51 50.50
N SER A 162 -21.32 -17.80 50.65
CA SER A 162 -22.46 -18.43 50.00
C SER A 162 -23.76 -17.84 50.51
N GLY A 163 -24.73 -17.71 49.60
CA GLY A 163 -26.02 -17.17 49.95
C GLY A 163 -26.08 -15.67 50.06
N ILE A 164 -25.19 -14.95 49.38
CA ILE A 164 -25.14 -13.50 49.43
C ILE A 164 -25.42 -12.96 48.04
N LYS A 165 -26.38 -12.05 47.95
CA LYS A 165 -26.71 -11.37 46.70
C LYS A 165 -26.00 -10.03 46.65
N ILE A 166 -25.54 -9.65 45.46
CA ILE A 166 -24.84 -8.39 45.27
C ILE A 166 -25.50 -7.62 44.13
N PRO A 167 -25.42 -6.29 44.12
CA PRO A 167 -26.01 -5.52 43.03
C PRO A 167 -25.29 -5.74 41.72
N ALA A 168 -26.01 -5.53 40.62
CA ALA A 168 -25.44 -5.72 39.30
C ALA A 168 -24.32 -4.70 39.08
N PRO A 169 -23.33 -5.03 38.25
CA PRO A 169 -22.20 -4.10 38.06
C PRO A 169 -22.63 -2.75 37.53
N TYR A 170 -23.65 -2.70 36.67
CA TYR A 170 -24.11 -1.41 36.15
C TYR A 170 -24.79 -0.56 37.22
N GLU A 171 -25.33 -1.19 38.27
CA GLU A 171 -25.87 -0.42 39.39
C GLU A 171 -24.74 0.21 40.19
N ILE A 172 -23.66 -0.53 40.44
CA ILE A 172 -22.56 -0.01 41.23
C ILE A 172 -21.85 1.11 40.48
N TYR A 173 -21.51 0.89 39.22
CA TYR A 173 -20.74 1.82 38.40
C TYR A 173 -21.41 1.95 37.04
N PRO A 174 -22.47 2.76 36.95
CA PRO A 174 -23.19 2.88 35.67
C PRO A 174 -22.34 3.45 34.54
N TYR A 175 -21.22 4.10 34.86
CA TYR A 175 -20.42 4.76 33.83
C TYR A 175 -20.02 3.80 32.72
N LEU A 176 -19.73 2.54 33.07
CA LEU A 176 -19.24 1.58 32.09
C LEU A 176 -20.35 0.89 31.31
N PHE A 177 -21.62 1.20 31.59
CA PHE A 177 -22.74 0.53 30.91
C PHE A 177 -23.76 1.49 30.32
N VAL A 178 -23.81 2.75 30.75
CA VAL A 178 -24.82 3.70 30.30
C VAL A 178 -24.16 4.75 29.42
N ASP A 179 -24.84 5.11 28.33
CA ASP A 179 -24.29 6.08 27.40
C ASP A 179 -24.02 7.41 28.08
N SER A 180 -23.03 8.13 27.56
CA SER A 180 -22.57 9.36 28.21
C SER A 180 -23.66 10.42 28.25
N ASN A 181 -24.44 10.53 27.17
CA ASN A 181 -25.45 11.60 27.11
C ASN A 181 -26.51 11.43 28.19
N ILE A 182 -26.89 10.18 28.48
CA ILE A 182 -27.89 9.94 29.52
C ILE A 182 -27.35 10.40 30.87
N LEU A 183 -26.10 10.07 31.18
CA LEU A 183 -25.50 10.51 32.43
C LEU A 183 -25.36 12.03 32.48
N HIS A 184 -25.07 12.66 31.33
CA HIS A 184 -25.01 14.11 31.30
C HIS A 184 -26.36 14.73 31.60
N LYS A 185 -27.44 14.16 31.06
CA LYS A 185 -28.77 14.64 31.37
C LYS A 185 -29.10 14.45 32.85
N ALA A 186 -28.69 13.31 33.41
CA ALA A 186 -28.89 13.07 34.83
C ALA A 186 -28.15 14.11 35.66
N PHE A 187 -26.92 14.43 35.28
CA PHE A 187 -26.17 15.47 35.98
C PHE A 187 -26.85 16.82 35.88
N MET A 188 -27.39 17.14 34.70
CA MET A 188 -28.11 18.40 34.54
C MET A 188 -29.31 18.46 35.46
N MET A 189 -30.08 17.38 35.53
CA MET A 189 -31.24 17.35 36.42
C MET A 189 -30.82 17.48 37.88
N LYS A 190 -29.74 16.80 38.26
CA LYS A 190 -29.26 16.91 39.63
C LYS A 190 -28.83 18.33 39.96
N MET A 191 -28.10 18.97 39.05
CA MET A 191 -27.63 20.34 39.28
C MET A 191 -28.81 21.31 39.38
N SER A 192 -29.79 21.17 38.50
CA SER A 192 -30.94 22.06 38.47
C SER A 192 -32.05 21.62 39.42
N LYS A 193 -31.91 20.47 40.07
CA LYS A 193 -32.93 19.92 40.95
C LYS A 193 -34.28 19.86 40.24
N ALA A 194 -34.23 19.36 39.00
CA ALA A 194 -35.42 19.16 38.18
C ALA A 194 -36.12 20.49 37.89
N ALA A 195 -35.36 21.41 37.31
CA ALA A 195 -35.89 22.70 36.87
C ALA A 195 -35.85 22.87 35.35
N MET A 196 -35.65 21.78 34.61
CA MET A 196 -35.57 21.86 33.16
C MET A 196 -36.90 22.32 32.58
N ASP A 197 -36.82 23.14 31.53
CA ASP A 197 -38.03 23.69 30.93
C ASP A 197 -38.79 22.61 30.16
N PRO A 198 -40.10 22.80 29.97
CA PRO A 198 -40.89 21.75 29.31
C PRO A 198 -40.39 21.36 27.93
N VAL A 199 -39.92 22.33 27.13
CA VAL A 199 -39.49 22.02 25.77
C VAL A 199 -38.31 21.06 25.78
N MET A 200 -37.31 21.34 26.62
CA MET A 200 -36.13 20.48 26.68
C MET A 200 -36.50 19.08 27.17
N LYS A 201 -37.34 18.99 28.20
CA LYS A 201 -37.74 17.69 28.71
C LYS A 201 -38.49 16.89 27.65
N ASN A 202 -39.41 17.54 26.93
CA ASN A 202 -40.15 16.85 25.89
C ASN A 202 -39.21 16.37 24.78
N TYR A 203 -38.26 17.21 24.37
CA TYR A 203 -37.33 16.79 23.33
C TYR A 203 -36.47 15.62 23.78
N TYR A 204 -35.98 15.66 25.02
CA TYR A 204 -35.15 14.59 25.56
C TYR A 204 -35.94 13.45 26.15
N GLY A 205 -37.25 13.59 26.31
CA GLY A 205 -38.06 12.53 26.89
C GLY A 205 -37.85 12.36 28.38
N ILE A 206 -37.47 13.41 29.09
CA ILE A 206 -37.24 13.35 30.52
C ILE A 206 -38.53 13.72 31.25
N LYS A 207 -38.84 12.98 32.31
CA LYS A 207 -40.02 13.26 33.13
C LYS A 207 -39.68 13.08 34.60
N VAL A 208 -40.52 13.65 35.44
CA VAL A 208 -40.41 13.52 36.90
C VAL A 208 -41.69 12.85 37.39
N LYS A 209 -41.55 11.70 38.02
CA LYS A 209 -42.68 10.93 38.53
C LYS A 209 -42.75 11.09 40.04
N ASP A 210 -43.92 11.50 40.53
CA ASP A 210 -44.23 11.65 41.95
C ASP A 210 -43.31 12.65 42.65
N ASN A 211 -42.63 13.52 41.91
CA ASN A 211 -41.64 14.43 42.46
C ASN A 211 -40.58 13.69 43.26
N SER A 212 -40.39 12.40 42.97
CA SER A 212 -39.41 11.58 43.66
C SER A 212 -38.53 10.76 42.74
N MET A 213 -38.92 10.56 41.48
CA MET A 213 -38.10 9.82 40.52
C MET A 213 -37.92 10.66 39.27
N VAL A 214 -36.72 10.57 38.67
CA VAL A 214 -36.41 11.22 37.41
C VAL A 214 -36.16 10.13 36.38
N ILE A 215 -36.95 10.12 35.31
CA ILE A 215 -36.89 9.09 34.29
C ILE A 215 -36.41 9.75 32.99
N ILE A 216 -35.31 9.23 32.45
CA ILE A 216 -34.72 9.74 31.21
C ILE A 216 -34.84 8.63 30.17
N ASP A 217 -35.55 8.91 29.07
CA ASP A 217 -35.67 7.94 28.00
C ASP A 217 -34.33 7.72 27.33
N TRP A 218 -34.02 6.46 27.03
CA TRP A 218 -32.74 6.05 26.47
C TRP A 218 -32.99 5.29 25.17
N ARG A 219 -32.65 5.92 24.04
CA ARG A 219 -32.74 5.31 22.73
C ARG A 219 -31.40 5.46 22.03
N LYS A 220 -30.92 4.36 21.44
CA LYS A 220 -29.57 4.34 20.86
C LYS A 220 -29.42 5.41 19.78
N GLY A 221 -30.22 5.31 18.72
CA GLY A 221 -30.09 6.23 17.60
C GLY A 221 -29.02 5.82 16.62
N LEU A 222 -28.77 6.71 15.65
CA LEU A 222 -27.83 6.43 14.57
C LEU A 222 -26.78 7.53 14.41
N ARG A 223 -26.72 8.50 15.32
CA ARG A 223 -25.77 9.59 15.19
C ARG A 223 -24.32 9.15 15.45
N HIS A 224 -24.12 7.98 16.05
CA HIS A 224 -22.78 7.44 16.30
C HIS A 224 -22.44 6.31 15.33
N THR A 225 -23.19 6.16 14.24
CA THR A 225 -22.95 5.06 13.32
C THR A 225 -21.56 5.16 12.70
N MET A 226 -20.90 4.01 12.62
CA MET A 226 -19.60 3.89 11.96
C MET A 226 -19.57 2.83 10.87
N SER A 227 -20.37 1.77 10.99
CA SER A 227 -20.40 0.71 9.99
C SER A 227 -21.70 -0.07 10.18
N GLU A 228 -21.94 -1.00 9.25
CA GLU A 228 -23.15 -1.82 9.30
C GLU A 228 -23.21 -2.70 10.55
N PHE A 229 -22.05 -2.98 11.16
CA PHE A 229 -22.03 -3.80 12.38
C PHE A 229 -22.94 -3.22 13.44
N ASP A 230 -22.99 -1.90 13.55
CA ASP A 230 -23.80 -1.25 14.57
C ASP A 230 -25.28 -1.60 14.44
N ARG A 231 -25.70 -2.21 13.33
CA ARG A 231 -27.09 -2.63 13.20
C ARG A 231 -27.46 -3.68 14.25
N THR A 232 -26.48 -4.33 14.88
CA THR A 232 -26.74 -5.28 15.95
C THR A 232 -26.42 -4.69 17.32
N SER A 233 -26.42 -3.35 17.42
CA SER A 233 -26.03 -2.71 18.67
C SER A 233 -26.93 -3.10 19.83
N TYR A 234 -28.20 -3.41 19.55
CA TYR A 234 -29.11 -3.79 20.63
C TYR A 234 -28.69 -5.09 21.30
N PHE A 235 -27.84 -5.89 20.65
CA PHE A 235 -27.33 -7.13 21.23
C PHE A 235 -25.95 -6.96 21.84
N THR A 236 -25.01 -6.37 21.09
CA THR A 236 -23.64 -6.24 21.59
C THR A 236 -23.56 -5.29 22.78
N GLU A 237 -24.35 -4.22 22.79
CA GLU A 237 -24.30 -3.22 23.84
C GLU A 237 -25.28 -3.50 24.97
N ASP A 238 -25.96 -4.65 24.95
CA ASP A 238 -26.86 -5.00 26.03
C ASP A 238 -26.08 -5.13 27.34
N ILE A 239 -26.64 -4.57 28.41
CA ILE A 239 -25.94 -4.56 29.69
C ILE A 239 -25.77 -5.98 30.21
N ASP A 240 -26.76 -6.85 29.98
CA ASP A 240 -26.70 -8.20 30.52
C ASP A 240 -25.61 -9.03 29.86
N LEU A 241 -25.36 -8.82 28.56
CA LEU A 241 -24.31 -9.58 27.89
C LEU A 241 -22.93 -9.23 28.46
N ASN A 242 -22.68 -7.92 28.63
CA ASN A 242 -21.42 -7.49 29.22
C ASN A 242 -21.28 -7.97 30.65
N THR A 243 -22.38 -7.93 31.42
CA THR A 243 -22.34 -8.46 32.77
C THR A 243 -22.05 -9.97 32.77
N TYR A 244 -22.59 -10.69 31.78
CA TYR A 244 -22.33 -12.11 31.67
C TYR A 244 -20.84 -12.37 31.43
N LEU A 245 -20.23 -11.60 30.53
CA LEU A 245 -18.79 -11.75 30.31
C LEU A 245 -18.00 -11.40 31.56
N TYR A 246 -18.41 -10.34 32.26
CA TYR A 246 -17.72 -9.93 33.48
C TYR A 246 -17.78 -11.03 34.54
N TYR A 247 -18.95 -11.65 34.71
CA TYR A 247 -19.07 -12.73 35.68
C TYR A 247 -18.37 -14.00 35.21
N MET A 248 -18.27 -14.21 33.89
CA MET A 248 -17.44 -15.29 33.38
C MET A 248 -15.99 -15.09 33.80
N HIS A 249 -15.49 -13.87 33.66
CA HIS A 249 -14.13 -13.57 34.10
C HIS A 249 -13.98 -13.76 35.60
N MET A 250 -14.96 -13.29 36.38
CA MET A 250 -14.88 -13.41 37.83
C MET A 250 -14.89 -14.87 38.27
N SER A 251 -15.68 -15.70 37.59
CA SER A 251 -15.76 -17.11 37.96
C SER A 251 -14.42 -17.82 37.78
N TYR A 252 -13.72 -17.52 36.70
CA TYR A 252 -12.44 -18.17 36.36
C TYR A 252 -11.41 -17.10 36.01
N PRO A 253 -10.91 -16.37 37.02
CA PRO A 253 -9.86 -15.38 36.75
C PRO A 253 -8.61 -16.02 36.18
N TYR A 254 -7.96 -15.32 35.25
CA TYR A 254 -6.74 -15.86 34.66
C TYR A 254 -5.57 -15.77 35.61
N TRP A 255 -5.60 -14.83 36.56
CA TRP A 255 -4.51 -14.66 37.51
C TRP A 255 -4.63 -15.59 38.71
N MET A 256 -5.67 -16.41 38.78
CA MET A 256 -5.83 -17.41 39.84
C MET A 256 -5.33 -18.74 39.30
N ASN A 257 -4.06 -19.05 39.58
CA ASN A 257 -3.40 -20.24 39.03
C ASN A 257 -2.61 -20.95 40.12
N GLU A 258 -3.22 -21.13 41.29
CA GLU A 258 -2.58 -21.80 42.41
C GLU A 258 -3.43 -22.98 42.87
N ASP A 259 -2.75 -24.01 43.36
CA ASP A 259 -3.44 -25.25 43.72
C ASP A 259 -4.40 -25.05 44.89
N MET A 260 -4.12 -24.08 45.76
CA MET A 260 -4.93 -23.91 46.96
C MET A 260 -6.39 -23.59 46.60
N TYR A 261 -6.60 -22.76 45.59
CA TYR A 261 -7.94 -22.36 45.22
C TYR A 261 -8.76 -23.55 44.76
N ARG A 262 -10.04 -23.59 45.16
CA ARG A 262 -10.89 -24.72 44.82
C ARG A 262 -11.22 -24.76 43.34
N VAL A 263 -11.26 -23.60 42.67
CA VAL A 263 -11.64 -23.56 41.27
C VAL A 263 -10.68 -24.38 40.41
N ASN A 264 -9.47 -24.63 40.90
CA ASN A 264 -8.52 -25.45 40.15
C ASN A 264 -9.03 -26.87 39.93
N LYS A 265 -10.01 -27.31 40.73
CA LYS A 265 -10.57 -28.65 40.61
C LYS A 265 -11.83 -28.68 39.76
N GLU A 266 -12.16 -27.60 39.08
CA GLU A 266 -13.32 -27.54 38.20
C GLU A 266 -12.88 -27.51 36.73
N ARG A 267 -13.87 -27.62 35.85
CA ARG A 267 -13.63 -27.55 34.41
C ARG A 267 -13.65 -26.09 33.94
N ARG A 268 -12.74 -25.30 34.49
CA ARG A 268 -12.74 -23.86 34.28
C ARG A 268 -12.39 -23.50 32.84
N GLY A 269 -11.30 -24.09 32.31
CA GLY A 269 -10.85 -23.70 30.98
C GLY A 269 -11.86 -24.04 29.90
N GLU A 270 -12.39 -25.27 29.95
CA GLU A 270 -13.37 -25.68 28.96
C GLU A 270 -14.64 -24.85 29.07
N ALA A 271 -15.05 -24.53 30.30
CA ALA A 271 -16.23 -23.68 30.48
C ALA A 271 -16.02 -22.31 29.87
N MET A 272 -14.86 -21.70 30.10
CA MET A 272 -14.57 -20.38 29.55
C MET A 272 -14.56 -20.43 28.02
N TRP A 273 -13.89 -21.43 27.45
CA TRP A 273 -13.83 -21.55 26.01
C TRP A 273 -15.21 -21.75 25.40
N TYR A 274 -16.02 -22.60 26.03
CA TYR A 274 -17.36 -22.85 25.51
C TYR A 274 -18.24 -21.61 25.65
N GLY A 275 -18.04 -20.82 26.70
CA GLY A 275 -18.76 -19.56 26.79
C GLY A 275 -18.42 -18.63 25.65
N TYR A 276 -17.12 -18.49 25.34
CA TYR A 276 -16.74 -17.65 24.21
C TYR A 276 -17.32 -18.19 22.91
N GLN A 277 -17.26 -19.51 22.71
CA GLN A 277 -17.76 -20.11 21.47
C GLN A 277 -19.26 -19.89 21.33
N GLN A 278 -20.01 -20.07 22.43
CA GLN A 278 -21.45 -19.86 22.38
C GLN A 278 -21.79 -18.41 22.13
N LEU A 279 -21.03 -17.48 22.71
CA LEU A 279 -21.26 -16.07 22.41
C LEU A 279 -21.05 -15.78 20.93
N GLN A 280 -19.98 -16.35 20.35
CA GLN A 280 -19.74 -16.15 18.92
C GLN A 280 -20.88 -16.73 18.09
N ALA A 281 -21.36 -17.92 18.44
CA ALA A 281 -22.47 -18.53 17.70
C ALA A 281 -23.74 -17.69 17.81
N ARG A 282 -24.01 -17.16 19.01
CA ARG A 282 -25.19 -16.32 19.19
C ARG A 282 -25.09 -15.05 18.35
N LEU A 283 -23.91 -14.43 18.30
CA LEU A 283 -23.74 -13.26 17.46
C LEU A 283 -23.92 -13.64 15.99
N ARG A 284 -23.46 -14.83 15.59
CA ARG A 284 -23.66 -15.30 14.23
C ARG A 284 -25.14 -15.37 13.88
N LEU A 285 -25.94 -15.96 14.79
CA LEU A 285 -27.37 -16.04 14.56
C LEU A 285 -28.00 -14.64 14.48
N GLU A 286 -27.60 -13.75 15.38
CA GLU A 286 -28.16 -12.40 15.38
C GLU A 286 -27.84 -11.68 14.07
N ARG A 287 -26.60 -11.82 13.59
CA ARG A 287 -26.24 -11.21 12.31
C ARG A 287 -27.02 -11.82 11.16
N LEU A 288 -27.20 -13.13 11.16
CA LEU A 288 -28.01 -13.77 10.13
C LEU A 288 -29.43 -13.21 10.13
N SER A 289 -29.96 -12.89 11.31
CA SER A 289 -31.29 -12.27 11.35
C SER A 289 -31.34 -10.99 10.54
N HIS A 290 -30.19 -10.31 10.37
CA HIS A 290 -30.12 -9.08 9.59
C HIS A 290 -29.51 -9.31 8.21
N HIS A 291 -29.44 -10.57 7.75
CA HIS A 291 -28.95 -10.89 6.42
C HIS A 291 -27.48 -10.47 6.25
N MET A 292 -26.69 -10.67 7.30
CA MET A 292 -25.26 -10.37 7.28
C MET A 292 -24.47 -11.66 7.45
N CYS A 293 -23.35 -11.75 6.74
CA CYS A 293 -22.52 -12.95 6.75
C CYS A 293 -21.71 -13.04 8.04
N ASP A 294 -21.11 -14.21 8.25
CA ASP A 294 -20.32 -14.44 9.45
C ASP A 294 -19.06 -13.58 9.44
N LEU A 295 -18.62 -13.21 10.64
CA LEU A 295 -17.42 -12.38 10.77
C LEU A 295 -16.18 -13.14 10.33
N LYS A 296 -15.19 -12.37 9.84
CA LYS A 296 -13.92 -12.94 9.39
C LYS A 296 -12.82 -12.66 10.42
N PRO A 297 -11.83 -13.53 10.54
CA PRO A 297 -10.72 -13.25 11.47
C PRO A 297 -9.99 -11.98 11.07
N LEU A 298 -9.57 -11.22 12.08
CA LEU A 298 -8.81 -9.99 11.81
C LEU A 298 -7.41 -10.34 11.31
N ASP A 299 -6.94 -9.57 10.34
CA ASP A 299 -5.62 -9.75 9.77
C ASP A 299 -4.69 -8.70 10.38
N LEU A 300 -3.84 -9.14 11.31
CA LEU A 300 -2.93 -8.22 11.97
C LEU A 300 -1.96 -7.57 10.98
N ASP A 301 -1.75 -8.19 9.82
CA ASP A 301 -0.92 -7.60 8.78
C ASP A 301 -1.69 -6.65 7.88
N GLY A 302 -3.00 -6.50 8.10
CA GLY A 302 -3.82 -5.62 7.27
C GLY A 302 -4.47 -4.52 8.06
N THR A 303 -5.73 -4.22 7.74
CA THR A 303 -6.47 -3.13 8.36
C THR A 303 -7.77 -3.65 8.96
N LEU A 304 -8.26 -2.93 9.96
CA LEU A 304 -9.55 -3.22 10.60
C LEU A 304 -10.58 -2.28 9.99
N ASP A 305 -11.46 -2.83 9.16
CA ASP A 305 -12.43 -2.00 8.44
C ASP A 305 -13.43 -1.35 9.40
N GLU A 306 -13.87 -2.09 10.42
CA GLU A 306 -14.98 -1.64 11.27
C GLU A 306 -14.43 -0.76 12.39
N GLY A 307 -14.81 0.51 12.38
CA GLY A 307 -14.59 1.38 13.51
C GLY A 307 -15.68 1.24 14.55
N TYR A 308 -15.55 2.00 15.64
CA TYR A 308 -16.53 1.94 16.71
C TYR A 308 -16.50 3.22 17.53
N TRP A 309 -17.68 3.62 18.02
CA TRP A 309 -17.85 4.79 18.87
C TRP A 309 -18.27 4.32 20.27
N PRO A 310 -17.37 4.35 21.27
CA PRO A 310 -17.73 3.77 22.58
C PRO A 310 -18.95 4.41 23.23
N LYS A 311 -19.03 5.74 23.26
CA LYS A 311 -20.10 6.44 23.97
C LYS A 311 -20.05 6.13 25.47
N ILE A 312 -18.84 6.03 26.01
CA ILE A 312 -18.62 5.67 27.42
C ILE A 312 -17.93 6.84 28.10
N LEU A 313 -18.51 7.29 29.22
CA LEU A 313 -17.93 8.33 30.04
C LEU A 313 -17.31 7.72 31.30
N LEU A 314 -16.14 8.22 31.66
CA LEU A 314 -15.45 7.81 32.88
C LEU A 314 -15.61 8.88 33.94
N HIS A 315 -15.55 8.44 35.21
CA HIS A 315 -15.78 9.38 36.32
C HIS A 315 -14.70 10.44 36.41
N THR A 316 -13.57 10.28 35.72
CA THR A 316 -12.54 11.30 35.66
C THR A 316 -12.90 12.45 34.72
N GLY A 317 -13.94 12.31 33.91
CA GLY A 317 -14.34 13.32 32.97
C GLY A 317 -13.92 13.08 31.54
N ASP A 318 -13.24 11.98 31.26
CA ASP A 318 -12.79 11.65 29.91
C ASP A 318 -13.59 10.46 29.37
N GLU A 319 -13.82 10.46 28.07
CA GLU A 319 -14.53 9.40 27.39
C GLU A 319 -13.56 8.47 26.67
N MET A 320 -13.99 7.23 26.46
CA MET A 320 -13.18 6.29 25.71
C MET A 320 -13.01 6.79 24.28
N PRO A 321 -11.79 6.77 23.73
CA PRO A 321 -11.58 7.35 22.40
C PRO A 321 -12.30 6.57 21.30
N VAL A 322 -12.67 7.30 20.25
CA VAL A 322 -13.30 6.72 19.08
C VAL A 322 -12.23 6.25 18.11
N ARG A 323 -12.47 5.11 17.47
CA ARG A 323 -11.56 4.56 16.46
C ARG A 323 -12.21 4.71 15.10
N TYR A 324 -11.52 5.38 14.18
CA TYR A 324 -12.03 5.56 12.83
C TYR A 324 -11.96 4.26 12.05
N ASN A 325 -12.69 4.21 10.94
CA ASN A 325 -12.68 3.05 10.07
C ASN A 325 -11.36 2.95 9.32
N LYS A 326 -11.04 1.73 8.87
CA LYS A 326 -9.87 1.48 8.04
C LYS A 326 -8.58 1.82 8.77
N MET A 327 -8.38 1.22 9.94
CA MET A 327 -7.17 1.42 10.72
C MET A 327 -6.21 0.26 10.51
N LYS A 328 -4.94 0.58 10.27
CA LYS A 328 -3.90 -0.43 10.15
C LYS A 328 -3.50 -0.90 11.54
N LEU A 329 -3.65 -2.21 11.78
CA LEU A 329 -3.48 -2.74 13.13
C LEU A 329 -2.05 -2.62 13.61
N THR A 330 -1.09 -3.03 12.79
CA THR A 330 0.32 -3.04 13.17
C THR A 330 0.99 -1.75 12.71
N ASN A 331 1.67 -1.08 13.64
CA ASN A 331 2.38 0.17 13.35
C ASN A 331 3.67 0.20 14.15
N GLU A 332 4.42 1.28 13.99
CA GLU A 332 5.73 1.39 14.62
C GLU A 332 5.64 1.48 16.14
N ASN A 333 4.53 2.03 16.65
CA ASN A 333 4.40 2.24 18.09
C ASN A 333 4.04 0.97 18.87
N ASN A 334 3.66 -0.11 18.19
CA ASN A 334 3.27 -1.34 18.87
C ASN A 334 4.00 -2.57 18.35
N ILE A 335 5.02 -2.39 17.50
CA ILE A 335 5.69 -3.54 16.89
C ILE A 335 6.17 -4.51 17.95
N LYS A 336 6.82 -3.99 19.00
CA LYS A 336 7.22 -4.80 20.13
C LYS A 336 6.10 -5.77 20.52
N TYR A 337 4.95 -5.21 20.90
CA TYR A 337 3.85 -6.04 21.38
C TYR A 337 3.44 -7.05 20.32
N ARG A 338 3.40 -6.62 19.06
CA ARG A 338 3.06 -7.55 17.98
C ARG A 338 3.94 -8.79 18.07
N LEU A 339 5.26 -8.59 18.16
CA LEU A 339 6.17 -9.71 18.26
C LEU A 339 5.75 -10.63 19.40
N LEU A 340 5.50 -10.05 20.58
CA LEU A 340 5.08 -10.86 21.71
C LEU A 340 3.86 -11.71 21.36
N LEU A 341 2.85 -11.09 20.75
CA LEU A 341 1.68 -11.85 20.35
C LEU A 341 2.07 -13.04 19.50
N GLU A 342 2.91 -12.80 18.49
CA GLU A 342 3.36 -13.89 17.64
C GLU A 342 3.96 -15.01 18.46
N ASP A 343 4.78 -14.66 19.45
CA ASP A 343 5.42 -15.68 20.27
C ASP A 343 4.39 -16.64 20.86
N ASN A 344 3.25 -16.11 21.30
CA ASN A 344 2.21 -16.99 21.82
C ASN A 344 1.69 -17.92 20.73
N LYS A 345 1.31 -17.34 19.58
CA LYS A 345 0.69 -18.15 18.53
C LYS A 345 1.58 -19.31 18.14
N ARG A 346 2.85 -19.03 17.81
CA ARG A 346 3.76 -20.08 17.41
C ARG A 346 3.84 -21.16 18.49
N LEU A 347 3.87 -20.75 19.75
CA LEU A 347 3.99 -21.73 20.83
C LEU A 347 2.76 -22.62 20.90
N ILE A 348 1.58 -22.06 20.64
CA ILE A 348 0.35 -22.83 20.79
C ILE A 348 0.14 -23.73 19.57
N ARG A 349 0.00 -23.13 18.39
CA ARG A 349 -0.32 -23.89 17.19
C ARG A 349 0.66 -25.03 16.97
N ASP A 350 1.96 -24.70 16.97
CA ASP A 350 2.98 -25.75 16.79
C ASP A 350 2.77 -26.88 17.79
N GLY A 351 2.54 -26.54 19.06
CA GLY A 351 2.31 -27.58 20.05
C GLY A 351 1.15 -28.47 19.66
N ILE A 352 0.05 -27.87 19.24
CA ILE A 352 -1.11 -28.66 18.82
C ILE A 352 -0.72 -29.59 17.68
N LYS A 353 0.11 -29.10 16.75
CA LYS A 353 0.56 -29.95 15.66
C LYS A 353 1.51 -31.04 16.14
N LYS A 354 2.31 -30.76 17.16
CA LYS A 354 3.29 -31.72 17.65
C LYS A 354 2.75 -32.60 18.78
N GLY A 355 1.56 -32.30 19.30
CA GLY A 355 0.95 -33.13 20.32
C GLY A 355 1.42 -32.89 21.73
N HIS A 356 2.34 -31.96 21.94
CA HIS A 356 2.83 -31.66 23.29
C HIS A 356 3.41 -30.26 23.32
N MET A 357 3.49 -29.70 24.52
CA MET A 357 4.07 -28.39 24.74
C MET A 357 5.04 -28.44 25.91
N ALA A 358 6.20 -27.80 25.74
CA ALA A 358 7.19 -27.69 26.78
C ALA A 358 7.02 -26.34 27.49
N MET A 359 6.90 -26.39 28.80
CA MET A 359 6.63 -25.20 29.61
C MET A 359 7.92 -24.70 30.27
N HIS A 360 7.92 -23.41 30.61
CA HIS A 360 9.11 -22.80 31.18
C HIS A 360 9.44 -23.39 32.55
N ASP A 361 8.44 -23.86 33.29
CA ASP A 361 8.67 -24.43 34.61
C ASP A 361 9.36 -25.79 34.54
N GLY A 362 9.48 -26.38 33.35
CA GLY A 362 10.12 -27.66 33.19
C GLY A 362 9.21 -28.85 33.05
N THR A 363 7.92 -28.63 32.79
CA THR A 363 6.95 -29.70 32.63
C THR A 363 6.46 -29.77 31.19
N THR A 364 6.17 -30.98 30.73
CA THR A 364 5.64 -31.21 29.39
C THR A 364 4.16 -31.55 29.51
N VAL A 365 3.33 -30.85 28.72
CA VAL A 365 1.88 -31.02 28.73
C VAL A 365 1.49 -31.71 27.43
N SER A 366 0.81 -32.85 27.54
CA SER A 366 0.38 -33.60 26.38
C SER A 366 -0.85 -32.94 25.75
N LEU A 367 -0.93 -33.01 24.43
CA LEU A 367 -2.04 -32.46 23.66
C LEU A 367 -2.50 -33.45 22.61
N LYS A 368 -2.59 -34.73 22.97
CA LYS A 368 -2.99 -35.79 22.06
C LYS A 368 -4.38 -36.33 22.34
N LYS A 369 -4.73 -36.56 23.60
CA LYS A 369 -6.01 -37.13 23.97
C LYS A 369 -7.10 -36.06 24.01
N PRO A 370 -8.36 -36.44 23.76
CA PRO A 370 -9.42 -35.43 23.84
C PRO A 370 -9.51 -34.75 25.19
N ASP A 371 -9.37 -35.51 26.27
CA ASP A 371 -9.48 -34.94 27.62
C ASP A 371 -8.41 -33.92 27.92
N ASP A 372 -7.33 -33.88 27.13
CA ASP A 372 -6.31 -32.86 27.28
C ASP A 372 -6.82 -31.47 26.94
N ILE A 373 -7.99 -31.37 26.29
CA ILE A 373 -8.54 -30.06 25.94
C ILE A 373 -8.47 -29.11 27.12
N GLU A 374 -8.86 -29.59 28.31
CA GLU A 374 -8.85 -28.73 29.49
C GLU A 374 -7.50 -28.05 29.66
N ASN A 375 -6.42 -28.86 29.68
CA ASN A 375 -5.10 -28.29 29.81
C ASN A 375 -4.86 -27.22 28.76
N LEU A 376 -5.16 -27.54 27.50
CA LEU A 376 -4.99 -26.57 26.43
C LEU A 376 -5.68 -25.26 26.78
N CYS A 377 -6.94 -25.34 27.22
CA CYS A 377 -7.67 -24.14 27.57
C CYS A 377 -6.97 -23.37 28.67
N ARG A 378 -6.51 -24.08 29.72
CA ARG A 378 -5.80 -23.41 30.79
C ARG A 378 -4.53 -22.75 30.28
N ILE A 379 -3.90 -23.31 29.25
CA ILE A 379 -2.73 -22.68 28.68
C ILE A 379 -3.12 -21.41 27.93
N VAL A 380 -4.27 -21.43 27.25
CA VAL A 380 -4.68 -20.30 26.41
C VAL A 380 -5.43 -19.25 27.23
N LEU A 381 -6.39 -19.67 28.04
CA LEU A 381 -7.24 -18.74 28.78
C LEU A 381 -6.82 -18.57 30.24
N GLY A 382 -5.68 -19.14 30.64
CA GLY A 382 -5.18 -18.99 31.99
C GLY A 382 -5.69 -20.06 32.93
N GLY A 383 -5.08 -20.09 34.12
CA GLY A 383 -5.42 -21.06 35.14
C GLY A 383 -4.48 -22.25 35.24
N PHE A 384 -3.45 -22.31 34.39
CA PHE A 384 -2.51 -23.42 34.44
C PHE A 384 -1.63 -23.31 35.68
N VAL A 385 -1.51 -24.41 36.42
CA VAL A 385 -0.75 -24.45 37.67
C VAL A 385 0.63 -25.02 37.36
N SER A 386 1.66 -24.24 37.66
CA SER A 386 3.05 -24.66 37.45
C SER A 386 3.58 -25.31 38.73
N LYS A 387 4.88 -25.56 38.77
CA LYS A 387 5.49 -26.15 39.95
C LYS A 387 5.36 -25.20 41.14
N ASP A 388 5.30 -25.80 42.33
CA ASP A 388 5.05 -25.02 43.53
C ASP A 388 6.14 -23.97 43.75
N ASP A 389 7.41 -24.35 43.56
CA ASP A 389 8.51 -23.42 43.76
C ASP A 389 8.70 -22.45 42.60
N HIS A 390 8.05 -22.69 41.46
CA HIS A 390 8.19 -21.81 40.32
C HIS A 390 7.53 -20.47 40.59
N LYS A 391 8.15 -19.40 40.09
CA LYS A 391 7.60 -18.05 40.21
C LYS A 391 7.95 -17.26 38.96
N GLY A 392 7.15 -16.23 38.70
CA GLY A 392 7.37 -15.36 37.56
C GLY A 392 6.45 -15.67 36.40
N LYS A 393 6.71 -14.98 35.30
CA LYS A 393 5.91 -15.15 34.09
C LYS A 393 6.10 -16.55 33.52
N SER A 394 5.06 -17.05 32.86
CA SER A 394 5.06 -18.35 32.23
C SER A 394 5.42 -18.20 30.76
N SER A 395 5.30 -19.29 30.00
CA SER A 395 5.63 -19.26 28.58
C SER A 395 4.69 -18.33 27.82
N ILE A 396 3.41 -18.34 28.17
CA ILE A 396 2.39 -17.56 27.47
C ILE A 396 2.12 -16.29 28.27
N TRP A 397 2.27 -15.14 27.62
CA TRP A 397 1.97 -13.86 28.23
C TRP A 397 0.54 -13.46 27.91
N ARG A 398 -0.04 -12.63 28.78
CA ARG A 398 -1.44 -12.25 28.70
C ARG A 398 -1.57 -10.74 28.62
N ASN A 399 -2.78 -10.29 28.28
CA ASN A 399 -3.11 -8.87 28.15
C ASN A 399 -2.21 -8.21 27.09
N LEU A 400 -2.27 -8.78 25.89
CA LEU A 400 -1.49 -8.28 24.75
C LEU A 400 -2.34 -7.93 23.54
N ALA A 401 -3.51 -8.55 23.38
CA ALA A 401 -4.33 -8.31 22.19
C ALA A 401 -4.79 -6.86 22.12
N LYS A 402 -5.16 -6.28 23.27
CA LYS A 402 -5.68 -4.92 23.28
C LYS A 402 -4.74 -3.93 22.61
N THR A 403 -3.43 -4.19 22.67
CA THR A 403 -2.47 -3.26 22.09
C THR A 403 -2.64 -3.11 20.59
N MET A 404 -3.23 -4.11 19.92
CA MET A 404 -3.46 -4.01 18.48
C MET A 404 -4.62 -3.09 18.13
N LEU A 405 -5.48 -2.74 19.10
CA LEU A 405 -6.61 -1.86 18.86
C LEU A 405 -6.50 -0.53 19.60
N SER A 406 -5.42 -0.30 20.34
CA SER A 406 -5.29 0.89 21.15
C SER A 406 -4.83 2.08 20.31
N TYR A 407 -5.02 3.28 20.88
CA TYR A 407 -4.58 4.51 20.25
C TYR A 407 -3.08 4.74 20.39
N GLY A 408 -2.42 4.05 21.31
CA GLY A 408 -0.99 4.21 21.51
C GLY A 408 -0.49 3.52 22.75
N THR A 409 0.82 3.32 22.84
CA THR A 409 1.46 2.65 23.97
C THR A 409 2.26 3.61 24.84
N TYR A 410 2.17 4.92 24.59
CA TYR A 410 3.00 5.88 25.31
C TYR A 410 2.71 5.87 26.80
N ASN A 411 1.43 5.81 27.17
CA ASN A 411 1.02 5.95 28.57
C ASN A 411 0.65 4.62 29.22
N MET A 412 1.00 3.50 28.59
CA MET A 412 0.71 2.20 29.18
C MET A 412 1.48 2.01 30.47
N GLY A 413 0.86 1.30 31.41
CA GLY A 413 1.49 1.04 32.69
C GLY A 413 1.53 2.24 33.62
N LYS A 414 0.64 3.20 33.44
CA LYS A 414 0.58 4.41 34.25
C LYS A 414 -0.80 4.56 34.87
N TYR A 415 -0.84 5.28 35.98
CA TYR A 415 -2.11 5.53 36.68
C TYR A 415 -3.06 6.42 35.88
N THR A 416 -2.57 7.12 34.86
CA THR A 416 -3.37 8.04 34.08
C THR A 416 -3.78 7.48 32.71
N TYR A 417 -3.58 6.19 32.48
CA TYR A 417 -3.93 5.61 31.20
C TYR A 417 -5.43 5.63 30.98
N ILE A 418 -5.86 6.14 29.84
CA ILE A 418 -7.28 6.19 29.48
C ILE A 418 -7.61 4.91 28.74
N PRO A 419 -8.49 4.05 29.27
CA PRO A 419 -8.75 2.76 28.63
C PRO A 419 -9.60 2.89 27.38
N THR A 420 -9.50 1.88 26.53
CA THR A 420 -10.37 1.71 25.37
C THR A 420 -11.46 0.70 25.70
N ALA A 421 -12.29 0.40 24.72
CA ALA A 421 -13.36 -0.59 24.93
C ALA A 421 -12.78 -1.96 25.22
N ALA A 422 -11.70 -2.33 24.55
CA ALA A 422 -11.07 -3.64 24.75
C ALA A 422 -10.33 -3.74 26.07
N ASP A 423 -10.15 -2.63 26.80
CA ASP A 423 -9.41 -2.64 28.05
C ASP A 423 -10.22 -3.15 29.23
N MET A 424 -11.52 -3.35 29.07
CA MET A 424 -12.39 -3.74 30.18
C MET A 424 -13.22 -4.96 29.76
N TYR A 425 -13.36 -5.91 30.69
CA TYR A 425 -14.22 -7.06 30.43
C TYR A 425 -15.68 -6.65 30.30
N SER A 426 -16.06 -5.52 30.89
CA SER A 426 -17.44 -5.05 30.83
C SER A 426 -17.76 -4.25 29.57
N THR A 427 -16.76 -4.00 28.71
CA THR A 427 -17.00 -3.28 27.47
C THR A 427 -16.35 -3.94 26.26
N ALA A 428 -15.69 -5.09 26.43
CA ALA A 428 -14.98 -5.71 25.32
C ALA A 428 -15.95 -6.13 24.22
N LEU A 429 -17.10 -6.70 24.58
CA LEU A 429 -18.03 -7.21 23.58
C LEU A 429 -18.66 -6.10 22.75
N ARG A 430 -18.51 -4.84 23.15
CA ARG A 430 -19.05 -3.74 22.37
C ARG A 430 -18.23 -3.44 21.11
N ASP A 431 -16.97 -3.88 21.07
CA ASP A 431 -16.07 -3.54 19.97
C ASP A 431 -16.03 -4.69 18.97
N PRO A 432 -16.35 -4.48 17.70
CA PRO A 432 -16.23 -5.59 16.73
C PRO A 432 -14.83 -6.15 16.62
N GLY A 433 -13.81 -5.34 16.87
CA GLY A 433 -12.44 -5.84 16.85
C GLY A 433 -12.23 -6.99 17.82
N MET A 434 -12.84 -6.91 19.00
CA MET A 434 -12.74 -8.00 19.96
C MET A 434 -13.40 -9.27 19.43
N TRP A 435 -14.53 -9.13 18.75
CA TRP A 435 -15.17 -10.31 18.15
C TRP A 435 -14.28 -10.94 17.08
N LYS A 436 -13.64 -10.10 16.26
CA LYS A 436 -12.73 -10.63 15.25
C LYS A 436 -11.53 -11.31 15.90
N MET A 437 -11.04 -10.75 17.01
CA MET A 437 -9.95 -11.39 17.73
C MET A 437 -10.37 -12.75 18.28
N LEU A 438 -11.59 -12.84 18.80
CA LEU A 438 -12.11 -14.12 19.28
C LEU A 438 -12.21 -15.11 18.13
N LYS A 439 -12.65 -14.65 16.96
CA LYS A 439 -12.71 -15.53 15.79
C LYS A 439 -11.32 -16.05 15.43
N LEU A 440 -10.31 -15.17 15.49
CA LEU A 440 -8.95 -15.59 15.23
C LEU A 440 -8.48 -16.62 16.25
N ILE A 441 -8.79 -16.39 17.53
CA ILE A 441 -8.34 -17.29 18.59
C ILE A 441 -9.02 -18.65 18.48
N SER A 442 -10.26 -18.69 17.99
CA SER A 442 -10.98 -19.96 17.90
C SER A 442 -10.27 -20.97 17.00
N GLU A 443 -9.36 -20.50 16.14
CA GLU A 443 -8.65 -21.40 15.25
C GLU A 443 -7.85 -22.45 16.03
N TYR A 444 -7.30 -22.06 17.18
CA TYR A 444 -6.54 -23.02 17.99
C TYR A 444 -7.41 -24.22 18.35
N PHE A 445 -8.59 -23.96 18.91
CA PHE A 445 -9.46 -25.04 19.34
C PHE A 445 -10.02 -25.81 18.14
N ILE A 446 -10.30 -25.11 17.04
CA ILE A 446 -10.77 -25.80 15.85
C ILE A 446 -9.72 -26.78 15.36
N MET A 447 -8.46 -26.35 15.31
CA MET A 447 -7.37 -27.23 14.91
C MET A 447 -7.25 -28.41 15.86
N PHE A 448 -7.29 -28.14 17.17
CA PHE A 448 -7.13 -29.21 18.14
C PHE A 448 -8.22 -30.26 17.99
N LYS A 449 -9.47 -29.82 17.81
CA LYS A 449 -10.56 -30.78 17.64
C LYS A 449 -10.47 -31.51 16.31
N GLU A 450 -9.98 -30.84 15.26
CA GLU A 450 -9.80 -31.51 13.98
C GLU A 450 -8.73 -32.58 14.06
N MET A 451 -7.72 -32.39 14.91
CA MET A 451 -6.69 -33.41 15.08
C MET A 451 -7.23 -34.66 15.78
N LEU A 452 -8.34 -34.55 16.50
CA LEU A 452 -8.91 -35.69 17.20
C LEU A 452 -9.71 -36.58 16.26
N PRO A 453 -9.89 -37.85 16.61
CA PRO A 453 -10.76 -38.71 15.82
C PRO A 453 -12.22 -38.27 15.91
N LYS A 454 -12.95 -38.53 14.83
CA LYS A 454 -14.36 -38.16 14.77
C LYS A 454 -15.17 -39.03 15.72
N TYR A 455 -16.31 -38.49 16.17
CA TYR A 455 -17.21 -39.25 17.02
C TYR A 455 -17.70 -40.49 16.28
N THR A 456 -17.66 -41.63 16.97
CA THR A 456 -18.13 -42.88 16.39
C THR A 456 -19.64 -43.01 16.57
N ARG A 457 -20.25 -43.86 15.74
CA ARG A 457 -21.69 -44.07 15.82
C ARG A 457 -22.09 -44.63 17.18
N GLU A 458 -21.20 -45.40 17.82
CA GLU A 458 -21.50 -45.93 19.15
C GLU A 458 -21.64 -44.82 20.17
N GLU A 459 -20.75 -43.83 20.13
CA GLU A 459 -20.83 -42.71 21.06
C GLU A 459 -22.07 -41.87 20.83
N LEU A 460 -22.46 -41.69 19.56
CA LEU A 460 -23.60 -40.84 19.20
C LEU A 460 -24.94 -41.55 19.33
N ASP A 461 -24.96 -42.86 19.54
CA ASP A 461 -26.17 -43.66 19.53
C ASP A 461 -26.62 -44.00 20.95
N PHE A 462 -27.93 -44.06 21.14
CA PHE A 462 -28.55 -44.50 22.39
C PHE A 462 -29.44 -45.69 22.05
N PRO A 463 -28.93 -46.91 22.14
CA PRO A 463 -29.73 -48.08 21.75
C PRO A 463 -31.04 -48.15 22.51
N GLY A 464 -32.11 -48.48 21.78
CA GLY A 464 -33.42 -48.62 22.36
C GLY A 464 -34.17 -47.32 22.60
N VAL A 465 -33.59 -46.18 22.24
CA VAL A 465 -34.21 -44.87 22.44
C VAL A 465 -34.24 -44.13 21.12
N LYS A 466 -35.41 -43.64 20.75
CA LYS A 466 -35.58 -42.84 19.54
C LYS A 466 -36.53 -41.69 19.82
N ILE A 467 -36.32 -40.59 19.08
CA ILE A 467 -37.18 -39.42 19.20
C ILE A 467 -38.28 -39.52 18.15
N GLU A 468 -39.53 -39.49 18.60
CA GLU A 468 -40.65 -39.58 17.66
C GLU A 468 -40.86 -38.27 16.92
N GLN A 469 -41.05 -37.17 17.66
CA GLN A 469 -41.23 -35.87 17.03
C GLN A 469 -40.89 -34.77 18.04
N VAL A 470 -40.66 -33.58 17.49
CA VAL A 470 -40.38 -32.38 18.28
C VAL A 470 -41.28 -31.27 17.76
N THR A 471 -41.92 -30.55 18.69
CA THR A 471 -42.80 -29.45 18.33
C THR A 471 -42.54 -28.28 19.27
N THR A 472 -42.89 -27.09 18.80
CA THR A 472 -42.71 -25.88 19.59
C THR A 472 -43.84 -24.92 19.31
N ASP A 473 -44.10 -24.04 20.29
CA ASP A 473 -45.05 -22.96 20.10
C ASP A 473 -44.42 -21.84 19.26
N LYS A 474 -45.25 -20.88 18.88
CA LYS A 474 -44.76 -19.78 18.05
C LYS A 474 -43.68 -19.00 18.78
N LEU A 475 -42.58 -18.72 18.07
CA LEU A 475 -41.46 -17.96 18.60
C LEU A 475 -41.59 -16.52 18.13
N VAL A 476 -41.76 -15.59 19.07
CA VAL A 476 -42.00 -14.19 18.76
C VAL A 476 -41.10 -13.33 19.63
N THR A 477 -40.54 -12.28 19.04
CA THR A 477 -39.69 -11.32 19.73
C THR A 477 -40.25 -9.91 19.56
N PHE A 478 -39.87 -9.04 20.49
CA PHE A 478 -40.33 -7.65 20.47
C PHE A 478 -39.45 -6.83 21.40
N MET A 479 -39.47 -5.51 21.20
CA MET A 479 -38.72 -4.58 22.02
C MET A 479 -39.61 -3.99 23.11
N ASP A 480 -39.06 -3.88 24.32
CA ASP A 480 -39.82 -3.36 25.45
C ASP A 480 -38.89 -2.60 26.38
N GLU A 481 -39.48 -1.85 27.29
CA GLU A 481 -38.75 -0.94 28.17
C GLU A 481 -38.26 -1.64 29.43
N TYR A 482 -37.16 -1.14 29.97
CA TYR A 482 -36.59 -1.65 31.21
C TYR A 482 -35.92 -0.49 31.95
N ASP A 483 -36.13 -0.41 33.25
CA ASP A 483 -35.62 0.70 34.05
C ASP A 483 -34.29 0.31 34.70
N VAL A 484 -33.29 1.17 34.56
CA VAL A 484 -31.96 0.98 35.13
C VAL A 484 -31.73 2.08 36.15
N ASP A 485 -31.34 1.68 37.37
CA ASP A 485 -31.06 2.64 38.43
C ASP A 485 -29.64 3.16 38.27
N ILE A 486 -29.50 4.46 38.04
CA ILE A 486 -28.20 5.08 37.83
C ILE A 486 -27.95 6.13 38.90
N THR A 487 -28.57 5.96 40.07
CA THR A 487 -28.44 6.95 41.14
C THR A 487 -27.01 7.05 41.64
N ASN A 488 -26.25 5.95 41.57
CA ASN A 488 -24.87 5.98 42.05
C ASN A 488 -23.94 6.79 41.15
N ALA A 489 -24.40 7.20 39.96
CA ALA A 489 -23.57 7.99 39.08
C ALA A 489 -23.43 9.44 39.54
N VAL A 490 -24.47 9.99 40.18
CA VAL A 490 -24.47 11.38 40.59
C VAL A 490 -23.76 11.51 41.94
N TYR A 491 -23.39 12.74 42.27
CA TYR A 491 -22.70 13.04 43.51
C TYR A 491 -23.67 13.68 44.50
N LEU A 492 -23.56 13.29 45.77
CA LEU A 492 -24.50 13.70 46.80
C LEU A 492 -23.96 14.86 47.61
N ASP A 493 -24.87 15.69 48.12
CA ASP A 493 -24.52 16.78 49.01
C ASP A 493 -24.43 16.26 50.44
N HIS A 494 -24.06 17.15 51.37
CA HIS A 494 -23.88 16.73 52.75
C HIS A 494 -25.16 16.15 53.34
N ASP A 495 -26.29 16.82 53.13
CA ASP A 495 -27.55 16.34 53.68
C ASP A 495 -27.90 14.98 53.10
N GLU A 496 -27.72 14.80 51.79
CA GLU A 496 -27.96 13.50 51.18
C GLU A 496 -27.00 12.44 51.72
N MET A 497 -25.74 12.83 51.93
CA MET A 497 -24.76 11.88 52.46
C MET A 497 -25.16 11.40 53.85
N GLN A 498 -25.66 12.30 54.70
CA GLN A 498 -26.06 11.90 56.04
C GLN A 498 -27.17 10.86 56.00
N LYS A 499 -28.11 11.01 55.07
CA LYS A 499 -29.22 10.07 54.92
C LYS A 499 -28.85 8.85 54.09
N HIS A 500 -27.64 8.81 53.53
CA HIS A 500 -27.20 7.67 52.73
C HIS A 500 -28.17 7.39 51.58
N ARG A 501 -28.67 8.46 50.97
CA ARG A 501 -29.62 8.32 49.86
C ARG A 501 -29.81 9.67 49.20
N SER A 502 -30.03 9.64 47.89
CA SER A 502 -30.36 10.84 47.14
C SER A 502 -31.85 11.12 47.27
N ASP A 503 -32.20 12.39 47.50
CA ASP A 503 -33.59 12.75 47.67
C ASP A 503 -34.43 12.41 46.44
N MET A 504 -33.82 12.29 45.28
CA MET A 504 -34.50 11.94 44.04
C MET A 504 -33.79 10.76 43.39
N MET A 505 -34.58 9.81 42.89
CA MET A 505 -34.04 8.67 42.16
C MET A 505 -33.94 8.99 40.68
N TYR A 506 -32.84 8.56 40.07
CA TYR A 506 -32.59 8.78 38.65
C TYR A 506 -32.59 7.44 37.93
N VAL A 507 -33.42 7.33 36.89
CA VAL A 507 -33.66 6.08 36.19
C VAL A 507 -33.48 6.30 34.69
N ALA A 508 -32.79 5.36 34.05
CA ALA A 508 -32.65 5.34 32.60
C ALA A 508 -33.61 4.29 32.05
N ARG A 509 -34.50 4.73 31.14
CA ARG A 509 -35.52 3.85 30.57
C ARG A 509 -35.01 3.31 29.25
N MET A 510 -34.28 2.20 29.32
CA MET A 510 -33.67 1.59 28.15
C MET A 510 -34.70 0.76 27.39
N HIS A 511 -34.46 0.59 26.10
CA HIS A 511 -35.27 -0.27 25.24
C HIS A 511 -34.44 -1.51 24.88
N ARG A 512 -34.98 -2.69 25.19
CA ARG A 512 -34.24 -3.93 25.08
C ARG A 512 -35.11 -4.99 24.42
N LEU A 513 -34.43 -6.00 23.86
CA LEU A 513 -35.11 -7.12 23.24
C LEU A 513 -35.81 -7.97 24.30
N ASN A 514 -36.79 -8.74 23.85
CA ASN A 514 -37.52 -9.67 24.72
C ASN A 514 -38.29 -10.62 23.82
N HIS A 515 -38.75 -11.72 24.42
CA HIS A 515 -39.50 -12.73 23.67
C HIS A 515 -40.65 -13.24 24.52
N GLN A 516 -41.67 -13.77 23.84
CA GLN A 516 -42.82 -14.33 24.53
C GLN A 516 -42.51 -15.75 25.01
N PRO A 517 -43.21 -16.22 26.05
CA PRO A 517 -42.99 -17.59 26.50
C PRO A 517 -43.38 -18.61 25.44
N PHE A 518 -42.68 -19.73 25.44
CA PHE A 518 -42.96 -20.81 24.50
C PHE A 518 -42.61 -22.14 25.14
N LYS A 519 -43.17 -23.21 24.58
CA LYS A 519 -42.98 -24.56 25.07
C LYS A 519 -42.31 -25.42 23.99
N ILE A 520 -41.52 -26.39 24.44
CA ILE A 520 -40.92 -27.39 23.56
C ILE A 520 -41.43 -28.76 24.01
N THR A 521 -42.02 -29.51 23.08
CA THR A 521 -42.57 -30.82 23.35
C THR A 521 -41.81 -31.86 22.54
N ILE A 522 -41.35 -32.91 23.21
CA ILE A 522 -40.56 -33.96 22.60
C ILE A 522 -41.22 -35.30 22.91
N ASP A 523 -41.37 -36.15 21.90
CA ASP A 523 -41.92 -37.49 22.08
C ASP A 523 -40.79 -38.50 21.89
N VAL A 524 -40.58 -39.35 22.89
CA VAL A 524 -39.47 -40.29 22.90
C VAL A 524 -40.00 -41.68 23.19
N ALA A 525 -39.55 -42.66 22.41
CA ALA A 525 -39.88 -44.06 22.65
C ALA A 525 -38.68 -44.77 23.26
N SER A 526 -38.90 -45.45 24.38
CA SER A 526 -37.83 -46.10 25.13
C SER A 526 -38.22 -47.54 25.44
N ASP A 527 -37.30 -48.47 25.19
CA ASP A 527 -37.54 -49.86 25.52
C ASP A 527 -37.37 -50.12 27.02
N LYS A 528 -36.51 -49.37 27.69
CA LYS A 528 -36.18 -49.58 29.09
C LYS A 528 -36.36 -48.28 29.86
N ALA A 529 -36.34 -48.41 31.19
CA ALA A 529 -36.40 -47.26 32.08
C ALA A 529 -34.98 -46.89 32.48
N VAL A 530 -34.57 -45.65 32.18
CA VAL A 530 -33.18 -45.26 32.36
C VAL A 530 -33.09 -43.74 32.47
N GLU A 531 -32.05 -43.28 33.15
CA GLU A 531 -31.75 -41.86 33.23
C GLU A 531 -31.05 -41.41 31.95
N CYS A 532 -31.40 -40.21 31.49
CA CYS A 532 -30.87 -39.68 30.23
C CYS A 532 -30.61 -38.19 30.36
N VAL A 533 -29.77 -37.69 29.47
CA VAL A 533 -29.47 -36.27 29.34
C VAL A 533 -30.01 -35.82 27.99
N VAL A 534 -30.78 -34.74 28.00
CA VAL A 534 -31.40 -34.17 26.80
C VAL A 534 -30.78 -32.81 26.54
N ARG A 535 -30.32 -32.61 25.31
CA ARG A 535 -29.73 -31.35 24.86
C ARG A 535 -30.54 -30.80 23.69
N VAL A 536 -30.80 -29.50 23.74
CA VAL A 536 -31.57 -28.78 22.72
C VAL A 536 -30.75 -27.59 22.26
N PHE A 537 -30.45 -27.56 20.95
CA PHE A 537 -29.67 -26.52 20.31
C PHE A 537 -30.52 -25.75 19.31
N LEU A 538 -30.14 -24.50 19.05
CA LEU A 538 -30.72 -23.69 17.99
C LEU A 538 -29.60 -23.21 17.07
N GLY A 539 -29.85 -23.27 15.76
CA GLY A 539 -28.84 -22.91 14.79
C GLY A 539 -29.42 -22.42 13.47
N PRO A 540 -28.53 -22.04 12.55
CA PRO A 540 -28.98 -21.45 11.29
C PRO A 540 -29.60 -22.48 10.36
N LYS A 541 -30.44 -21.98 9.45
CA LYS A 541 -31.03 -22.77 8.38
C LYS A 541 -30.46 -22.41 7.01
N LEU A 542 -30.14 -21.13 6.79
CA LEU A 542 -29.59 -20.65 5.53
C LEU A 542 -28.42 -19.72 5.82
N ASP A 543 -27.51 -19.63 4.86
CA ASP A 543 -26.39 -18.69 4.95
C ASP A 543 -26.83 -17.33 4.43
N CYS A 544 -25.92 -16.36 4.45
CA CYS A 544 -26.26 -15.02 3.99
C CYS A 544 -26.53 -14.97 2.50
N MET A 545 -26.10 -15.98 1.74
CA MET A 545 -26.37 -16.08 0.32
C MET A 545 -27.60 -16.91 -0.01
N GLY A 546 -28.30 -17.42 0.99
CA GLY A 546 -29.50 -18.20 0.78
C GLY A 546 -29.29 -19.67 0.53
N ARG A 547 -28.06 -20.16 0.62
CA ARG A 547 -27.79 -21.58 0.42
C ARG A 547 -28.28 -22.40 1.60
N PHE A 548 -28.68 -23.63 1.33
CA PHE A 548 -29.06 -24.58 2.38
C PHE A 548 -27.79 -25.10 3.05
N THR A 549 -27.58 -24.72 4.30
CA THR A 549 -26.34 -25.03 4.98
C THR A 549 -26.27 -26.51 5.37
N SER A 550 -25.09 -27.10 5.23
CA SER A 550 -24.85 -28.47 5.63
C SER A 550 -24.48 -28.53 7.11
N VAL A 551 -24.40 -29.76 7.64
CA VAL A 551 -24.17 -29.95 9.06
C VAL A 551 -22.76 -29.51 9.44
N ASN A 552 -21.78 -29.78 8.58
CA ASN A 552 -20.40 -29.43 8.89
C ASN A 552 -20.22 -27.92 9.02
N ASP A 553 -20.85 -27.16 8.13
CA ASP A 553 -20.77 -25.70 8.22
C ASP A 553 -21.77 -25.11 9.19
N LYS A 554 -22.63 -25.93 9.79
CA LYS A 554 -23.55 -25.49 10.83
C LYS A 554 -23.05 -25.77 12.24
N ARG A 555 -22.16 -26.77 12.39
CA ARG A 555 -21.84 -27.26 13.73
C ARG A 555 -21.25 -26.17 14.62
N ASN A 556 -20.46 -25.27 14.06
CA ASN A 556 -19.83 -24.22 14.85
C ASN A 556 -20.80 -23.08 15.19
N ASP A 557 -22.01 -23.09 14.61
CA ASP A 557 -23.00 -22.05 14.85
C ASP A 557 -24.18 -22.53 15.68
N MET A 558 -24.08 -23.71 16.28
CA MET A 558 -25.18 -24.25 17.09
C MET A 558 -25.07 -23.73 18.51
N VAL A 559 -26.17 -23.18 19.02
CA VAL A 559 -26.24 -22.61 20.36
C VAL A 559 -27.02 -23.58 21.24
N GLU A 560 -26.39 -24.07 22.30
CA GLU A 560 -27.02 -25.01 23.22
C GLU A 560 -27.97 -24.23 24.12
N ILE A 561 -29.24 -24.17 23.70
CA ILE A 561 -30.21 -23.36 24.42
C ILE A 561 -30.77 -24.08 25.64
N ASP A 562 -30.70 -25.41 25.70
CA ASP A 562 -31.22 -26.11 26.87
C ASP A 562 -30.48 -27.43 27.06
N SER A 563 -30.41 -27.86 28.32
CA SER A 563 -29.81 -29.15 28.67
C SER A 563 -30.34 -29.55 30.03
N PHE A 564 -30.83 -30.79 30.15
CA PHE A 564 -31.43 -31.21 31.40
C PHE A 564 -31.45 -32.73 31.51
N LEU A 565 -31.56 -33.21 32.75
CA LEU A 565 -31.70 -34.62 33.02
C LEU A 565 -33.17 -35.04 32.95
N TYR A 566 -33.39 -36.32 32.68
CA TYR A 566 -34.75 -36.85 32.62
C TYR A 566 -34.70 -38.34 32.88
N LYS A 567 -35.86 -38.91 33.21
CA LYS A 567 -36.00 -40.34 33.49
C LYS A 567 -36.98 -40.92 32.47
N LEU A 568 -36.46 -41.68 31.52
CA LEU A 568 -37.29 -42.36 30.53
C LEU A 568 -37.83 -43.65 31.13
N GLU A 569 -39.05 -44.00 30.73
CA GLU A 569 -39.72 -45.22 31.14
C GLU A 569 -40.13 -46.02 29.92
N THR A 570 -40.47 -47.28 30.15
CA THR A 570 -40.88 -48.15 29.06
C THR A 570 -42.08 -47.57 28.32
N GLY A 571 -42.00 -47.57 27.00
CA GLY A 571 -43.07 -47.04 26.17
C GLY A 571 -42.79 -45.64 25.66
N LYS A 572 -43.83 -44.80 25.66
CA LYS A 572 -43.75 -43.45 25.14
C LYS A 572 -43.67 -42.44 26.28
N ASN A 573 -42.84 -41.42 26.08
CA ASN A 573 -42.64 -40.35 27.06
C ASN A 573 -42.78 -39.01 26.36
N THR A 574 -43.54 -38.11 26.96
CA THR A 574 -43.76 -36.76 26.44
C THR A 574 -43.06 -35.77 27.38
N ILE A 575 -41.97 -35.19 26.91
CA ILE A 575 -41.19 -34.23 27.67
C ILE A 575 -41.65 -32.83 27.26
N VAL A 576 -42.14 -32.06 28.22
CA VAL A 576 -42.58 -30.68 27.98
C VAL A 576 -41.66 -29.76 28.76
N ARG A 577 -40.99 -28.85 28.05
CA ARG A 577 -40.06 -27.91 28.66
C ARG A 577 -40.55 -26.50 28.38
N ASP A 578 -40.76 -25.73 29.45
CA ASP A 578 -41.12 -24.32 29.32
C ASP A 578 -39.87 -23.46 29.26
N SER A 579 -39.95 -22.37 28.51
CA SER A 579 -38.82 -21.46 28.41
C SER A 579 -38.41 -20.90 29.76
N LEU A 580 -39.36 -20.76 30.69
CA LEU A 580 -39.05 -20.18 32.00
C LEU A 580 -38.07 -21.05 32.78
N GLU A 581 -38.08 -22.36 32.55
CA GLU A 581 -37.29 -23.30 33.32
C GLU A 581 -36.03 -23.76 32.59
N MET A 582 -35.67 -23.11 31.49
CA MET A 582 -34.46 -23.50 30.77
C MET A 582 -33.22 -23.24 31.62
N ASN A 583 -32.24 -24.12 31.49
CA ASN A 583 -31.09 -24.13 32.38
C ASN A 583 -30.32 -22.81 32.31
N ASN A 584 -30.02 -22.24 33.46
CA ASN A 584 -29.17 -21.06 33.58
C ASN A 584 -29.66 -19.91 32.72
N VAL A 585 -30.97 -19.71 32.66
CA VAL A 585 -31.57 -18.54 32.02
C VAL A 585 -32.32 -17.76 33.09
N ILE A 586 -31.94 -16.50 33.27
CA ILE A 586 -32.44 -15.69 34.37
C ILE A 586 -33.26 -14.53 33.84
N LYS A 587 -34.20 -14.06 34.66
CA LYS A 587 -35.01 -12.90 34.31
C LYS A 587 -34.17 -11.63 34.46
N GLU A 588 -34.80 -10.49 34.17
CA GLU A 588 -34.14 -9.21 34.33
C GLU A 588 -33.78 -8.98 35.80
N ARG A 589 -32.58 -8.48 36.04
CA ARG A 589 -32.08 -8.34 37.40
C ARG A 589 -32.91 -7.30 38.16
N PRO A 590 -33.38 -7.63 39.36
CA PRO A 590 -34.17 -6.65 40.13
C PRO A 590 -33.28 -5.59 40.78
N TRP A 591 -33.92 -4.48 41.15
CA TRP A 591 -33.22 -3.40 41.83
C TRP A 591 -32.72 -3.87 43.19
N SER A 592 -31.47 -3.52 43.50
CA SER A 592 -30.90 -3.88 44.79
C SER A 592 -31.42 -3.00 45.92
N ARG A 593 -31.81 -1.76 45.62
CA ARG A 593 -32.31 -0.87 46.67
C ARG A 593 -33.58 -1.42 47.32
N ASN A 594 -34.36 -2.21 46.58
CA ASN A 594 -35.57 -2.83 47.08
C ASN A 594 -35.33 -4.24 47.63
N ASN A 595 -34.09 -4.54 48.02
CA ASN A 595 -33.74 -5.85 48.56
C ASN A 595 -34.09 -6.97 47.58
N TRP A 596 -33.86 -6.71 46.30
CA TRP A 596 -34.06 -7.71 45.25
C TRP A 596 -35.48 -8.30 45.32
N ALA A 597 -36.46 -7.44 45.14
CA ALA A 597 -37.86 -7.84 45.18
C ALA A 597 -38.15 -8.88 44.09
N GLN A 607 -36.63 -14.88 44.88
CA GLN A 607 -36.45 -16.29 45.15
C GLN A 607 -35.18 -16.51 45.98
N ASP A 608 -35.12 -17.65 46.65
CA ASP A 608 -33.99 -17.97 47.54
C ASP A 608 -32.79 -18.54 46.80
N ASN A 609 -32.91 -18.80 45.50
CA ASN A 609 -31.82 -19.33 44.70
C ASN A 609 -31.23 -18.29 43.76
N TRP A 610 -31.65 -17.03 43.86
CA TRP A 610 -31.17 -16.00 42.95
C TRP A 610 -29.68 -15.71 43.16
N TRP A 611 -29.17 -15.96 44.37
CA TRP A 611 -27.81 -15.54 44.69
C TRP A 611 -26.79 -16.20 43.77
N TYR A 612 -26.96 -17.49 43.48
CA TYR A 612 -26.05 -18.19 42.58
C TYR A 612 -26.53 -18.20 41.13
N LYS A 613 -27.85 -18.11 40.91
CA LYS A 613 -28.35 -18.03 39.54
C LYS A 613 -27.87 -16.75 38.85
N SER A 614 -27.86 -15.63 39.58
CA SER A 614 -27.42 -14.37 38.99
C SER A 614 -25.96 -14.38 38.59
N ARG A 615 -25.14 -15.23 39.22
CA ARG A 615 -23.71 -15.22 38.94
C ARG A 615 -23.38 -15.90 37.61
N ILE A 616 -24.15 -16.93 37.23
CA ILE A 616 -23.84 -17.71 36.04
C ILE A 616 -25.01 -17.74 35.06
N GLY A 617 -25.95 -16.80 35.18
CA GLY A 617 -27.16 -16.83 34.36
C GLY A 617 -27.01 -16.02 33.08
N PHE A 618 -27.68 -16.50 32.03
CA PHE A 618 -27.79 -15.81 30.75
C PHE A 618 -29.15 -15.13 30.63
N PRO A 619 -29.22 -13.88 30.17
CA PRO A 619 -30.49 -13.16 30.17
C PRO A 619 -31.56 -13.87 29.34
N HIS A 620 -32.79 -13.84 29.87
CA HIS A 620 -33.93 -14.35 29.09
C HIS A 620 -34.18 -13.51 27.85
N ARG A 621 -33.98 -12.19 27.97
CA ARG A 621 -34.30 -11.29 26.86
C ARG A 621 -33.55 -11.65 25.59
N LEU A 622 -32.35 -12.22 25.72
CA LEU A 622 -31.52 -12.57 24.56
C LEU A 622 -31.57 -14.07 24.25
N LEU A 623 -32.59 -14.78 24.73
CA LEU A 623 -32.67 -16.21 24.48
C LEU A 623 -32.80 -16.50 22.98
N LEU A 624 -33.63 -15.74 22.28
CA LEU A 624 -33.87 -15.94 20.86
C LEU A 624 -33.35 -14.75 20.05
N PRO A 625 -32.85 -14.99 18.85
CA PRO A 625 -32.46 -13.86 17.99
C PRO A 625 -33.67 -13.13 17.47
N MET A 626 -33.48 -11.83 17.17
CA MET A 626 -34.54 -11.05 16.58
C MET A 626 -34.97 -11.69 15.26
N GLY A 627 -36.28 -11.85 15.08
CA GLY A 627 -36.82 -12.45 13.89
C GLY A 627 -37.16 -11.41 12.83
N SER A 628 -38.06 -11.79 11.93
CA SER A 628 -38.57 -10.92 10.90
C SER A 628 -40.09 -10.95 10.91
N HIS A 629 -40.70 -9.86 10.44
CA HIS A 629 -42.16 -9.78 10.45
C HIS A 629 -42.78 -10.93 9.67
N GLY A 630 -42.10 -11.43 8.65
CA GLY A 630 -42.59 -12.59 7.91
C GLY A 630 -42.10 -13.93 8.41
N GLY A 631 -41.13 -13.93 9.32
CA GLY A 631 -40.61 -15.16 9.88
C GLY A 631 -39.23 -15.53 9.36
N MET A 632 -38.24 -15.52 10.27
CA MET A 632 -36.88 -15.89 9.92
C MET A 632 -36.69 -17.38 10.18
N PRO A 633 -36.25 -18.17 9.21
CA PRO A 633 -36.11 -19.61 9.44
C PRO A 633 -34.82 -19.96 10.20
N TYR A 634 -34.98 -20.84 11.18
CA TYR A 634 -33.86 -21.43 11.91
C TYR A 634 -34.14 -22.92 12.09
N GLN A 635 -33.20 -23.63 12.69
CA GLN A 635 -33.33 -25.07 12.88
C GLN A 635 -32.97 -25.44 14.30
N MET A 636 -33.85 -26.19 14.97
CA MET A 636 -33.59 -26.72 16.29
C MET A 636 -33.15 -28.17 16.19
N PHE A 637 -32.29 -28.56 17.14
CA PHE A 637 -31.72 -29.90 17.19
C PHE A 637 -31.90 -30.46 18.59
N VAL A 638 -32.36 -31.70 18.69
CA VAL A 638 -32.60 -32.35 19.97
C VAL A 638 -31.86 -33.68 19.98
N ILE A 639 -31.13 -33.94 21.06
CA ILE A 639 -30.41 -35.21 21.22
C ILE A 639 -30.57 -35.71 22.64
N VAL A 640 -30.81 -37.01 22.79
CA VAL A 640 -30.93 -37.66 24.08
CA VAL A 640 -30.93 -37.66 24.08
C VAL A 640 -29.87 -38.75 24.17
N THR A 641 -29.10 -38.74 25.25
CA THR A 641 -27.99 -39.66 25.42
C THR A 641 -28.00 -40.22 26.83
N PRO A 642 -27.29 -41.32 27.08
CA PRO A 642 -27.16 -41.83 28.45
C PRO A 642 -26.22 -40.97 29.27
N VAL A 643 -26.32 -41.16 30.59
CA VAL A 643 -25.40 -40.50 31.52
C VAL A 643 -24.08 -41.26 31.52
N ARG A 644 -22.99 -40.55 31.26
CA ARG A 644 -21.67 -41.17 31.13
C ARG A 644 -20.80 -40.80 32.32
N ALA A 645 -20.16 -41.83 32.89
CA ALA A 645 -19.27 -41.65 34.03
C ALA A 645 -20.00 -40.96 35.18
N SER A 651 -6.71 -33.75 38.13
CA SER A 651 -7.96 -34.41 38.49
C SER A 651 -9.06 -33.38 38.72
N ILE A 652 -10.27 -33.69 38.26
CA ILE A 652 -11.42 -32.81 38.38
C ILE A 652 -12.52 -33.55 39.14
N ASP A 653 -13.11 -32.86 40.12
CA ASP A 653 -14.18 -33.41 40.93
C ASP A 653 -15.47 -32.63 40.65
N MET A 654 -16.53 -33.34 40.30
CA MET A 654 -17.82 -32.70 40.05
C MET A 654 -18.46 -32.21 41.34
N ASN A 655 -18.10 -32.80 42.48
CA ASN A 655 -18.67 -32.36 43.76
C ASN A 655 -18.25 -30.92 44.08
N THR A 656 -17.02 -30.54 43.70
CA THR A 656 -16.59 -29.16 43.92
C THR A 656 -17.48 -28.19 43.16
N ALA A 657 -17.78 -28.49 41.89
CA ALA A 657 -18.67 -27.64 41.11
C ALA A 657 -20.07 -27.63 41.70
N LYS A 658 -20.57 -28.79 42.14
CA LYS A 658 -21.90 -28.85 42.71
C LYS A 658 -22.01 -28.01 43.98
N GLU A 659 -20.98 -28.05 44.83
CA GLU A 659 -21.05 -27.36 46.11
C GLU A 659 -21.02 -25.84 45.94
N ARG A 660 -20.27 -25.35 44.96
CA ARG A 660 -20.15 -23.90 44.74
C ARG A 660 -21.27 -23.35 43.87
N LYS A 661 -22.18 -24.20 43.39
CA LYS A 661 -23.28 -23.77 42.53
C LYS A 661 -22.76 -23.05 41.29
N ALA A 662 -21.80 -23.68 40.63
CA ALA A 662 -21.22 -23.18 39.38
C ALA A 662 -21.46 -24.18 38.25
N CYS A 663 -22.69 -24.66 38.14
CA CYS A 663 -23.05 -25.70 37.18
C CYS A 663 -23.49 -25.04 35.87
N ARG A 664 -22.49 -24.65 35.08
CA ARG A 664 -22.76 -24.14 33.74
C ARG A 664 -22.88 -25.30 32.76
N TRP A 665 -23.87 -25.20 31.87
CA TRP A 665 -24.13 -26.22 30.84
C TRP A 665 -24.31 -27.57 31.56
N THR A 666 -23.61 -28.63 31.15
CA THR A 666 -23.80 -29.96 31.71
C THR A 666 -22.60 -30.43 32.53
N VAL A 667 -21.83 -29.49 33.09
CA VAL A 667 -20.64 -29.88 33.85
C VAL A 667 -21.03 -30.71 35.07
N CYS A 668 -22.21 -30.43 35.64
CA CYS A 668 -22.70 -31.16 36.81
C CYS A 668 -23.64 -32.30 36.44
N MET A 669 -23.80 -32.58 35.15
CA MET A 669 -24.71 -33.62 34.67
C MET A 669 -23.99 -34.83 34.13
N ASP A 670 -23.08 -34.65 33.18
CA ASP A 670 -22.32 -35.75 32.59
C ASP A 670 -20.89 -35.27 32.35
N THR A 671 -20.08 -36.13 31.73
CA THR A 671 -18.68 -35.86 31.50
C THR A 671 -18.32 -35.71 30.02
N MET A 672 -19.32 -35.60 29.14
CA MET A 672 -19.03 -35.44 27.73
C MET A 672 -18.42 -34.07 27.46
N PRO A 673 -17.62 -33.95 26.40
CA PRO A 673 -17.02 -32.64 26.09
C PRO A 673 -18.08 -31.59 25.82
N LEU A 674 -17.82 -30.37 26.28
CA LEU A 674 -18.72 -29.27 26.00
C LEU A 674 -18.72 -28.96 24.51
N GLY A 675 -19.91 -28.81 23.93
CA GLY A 675 -20.07 -28.67 22.50
C GLY A 675 -20.49 -29.95 21.80
N PHE A 676 -20.45 -31.07 22.51
CA PHE A 676 -20.91 -32.33 21.93
C PHE A 676 -22.37 -32.21 21.50
N PRO A 677 -22.76 -32.80 20.36
CA PRO A 677 -21.96 -33.55 19.38
C PRO A 677 -21.49 -32.71 18.20
N PHE A 678 -21.23 -31.42 18.40
CA PHE A 678 -20.87 -30.52 17.30
C PHE A 678 -19.45 -29.96 17.40
N ASP A 679 -18.66 -30.39 18.38
CA ASP A 679 -17.35 -29.81 18.59
C ASP A 679 -16.26 -30.43 17.71
N ARG A 680 -16.57 -31.47 16.96
CA ARG A 680 -15.61 -32.13 16.09
C ARG A 680 -16.16 -32.23 14.67
N PRO A 681 -15.31 -32.39 13.67
CA PRO A 681 -15.80 -32.63 12.30
C PRO A 681 -16.69 -33.87 12.27
N ILE A 682 -17.75 -33.78 11.48
CA ILE A 682 -18.80 -34.78 11.47
C ILE A 682 -18.67 -35.64 10.22
N ASP A 683 -18.68 -36.96 10.41
CA ASP A 683 -18.74 -37.92 9.31
C ASP A 683 -20.21 -38.27 9.09
N GLU A 684 -20.72 -37.94 7.90
CA GLU A 684 -22.15 -38.12 7.63
C GLU A 684 -22.57 -39.58 7.73
N THR A 685 -21.64 -40.53 7.54
CA THR A 685 -22.00 -41.93 7.61
C THR A 685 -22.30 -42.39 9.04
N ASN A 686 -21.60 -41.85 10.02
CA ASN A 686 -21.77 -42.24 11.42
C ASN A 686 -22.74 -41.33 12.18
N PHE A 687 -23.32 -40.33 11.52
CA PHE A 687 -24.20 -39.37 12.16
C PHE A 687 -25.66 -39.70 11.82
N TYR A 688 -26.56 -38.87 12.37
CA TYR A 688 -28.00 -39.00 12.09
C TYR A 688 -28.56 -40.31 12.64
N THR A 689 -28.31 -40.54 13.93
CA THR A 689 -28.88 -41.69 14.62
C THR A 689 -30.34 -41.41 15.00
N LYS A 690 -31.03 -42.47 15.41
CA LYS A 690 -32.45 -42.35 15.74
C LYS A 690 -32.70 -41.55 17.02
N ASN A 691 -31.67 -41.30 17.82
CA ASN A 691 -31.82 -40.57 19.07
C ASN A 691 -31.63 -39.07 18.89
N MET A 692 -31.46 -38.60 17.67
CA MET A 692 -31.30 -37.17 17.38
C MET A 692 -32.34 -36.75 16.34
N LYS A 693 -32.75 -35.48 16.42
CA LYS A 693 -33.82 -34.97 15.58
C LYS A 693 -33.55 -33.52 15.22
N PHE A 694 -33.84 -33.17 13.96
CA PHE A 694 -33.84 -31.79 13.49
C PHE A 694 -35.27 -31.33 13.26
N HIS A 695 -35.49 -30.02 13.43
CA HIS A 695 -36.83 -29.47 13.30
C HIS A 695 -36.73 -28.01 12.86
N ASP A 696 -37.29 -27.70 11.69
CA ASP A 696 -37.31 -26.33 11.21
C ASP A 696 -38.29 -25.49 12.01
N VAL A 697 -37.90 -24.24 12.30
CA VAL A 697 -38.74 -23.31 13.05
C VAL A 697 -38.64 -21.94 12.41
N MET A 698 -39.60 -21.08 12.75
CA MET A 698 -39.66 -19.71 12.25
C MET A 698 -39.77 -18.77 13.44
N VAL A 699 -38.93 -17.74 13.45
CA VAL A 699 -38.92 -16.74 14.52
C VAL A 699 -39.46 -15.43 13.96
N TYR A 700 -40.55 -14.95 14.54
CA TYR A 700 -41.20 -13.71 14.12
C TYR A 700 -40.85 -12.57 15.06
N THR A 701 -41.06 -11.35 14.57
CA THR A 701 -40.91 -10.14 15.37
C THR A 701 -42.13 -9.26 15.17
N LYS A 702 -42.58 -8.63 16.25
CA LYS A 702 -43.74 -7.75 16.21
C LYS A 702 -43.37 -6.39 16.80
N ASP A 703 -44.11 -5.37 16.37
CA ASP A 703 -43.94 -4.00 16.84
C ASP A 703 -45.13 -3.63 17.70
N LEU A 704 -44.90 -3.50 19.01
CA LEU A 704 -45.97 -3.13 19.93
C LEU A 704 -46.19 -1.63 20.02
N ALA A 705 -45.38 -0.82 19.31
CA ALA A 705 -45.52 0.63 19.40
C ALA A 705 -46.91 1.07 18.93
N MET A 706 -47.38 0.51 17.81
CA MET A 706 -48.67 0.86 17.26
C MET A 706 -49.74 -0.20 17.50
N SER A 707 -49.38 -1.34 18.09
CA SER A 707 -50.38 -2.34 18.42
C SER A 707 -51.37 -1.80 19.45
N ASN A 708 -50.88 -1.02 20.42
CA ASN A 708 -51.74 -0.41 21.42
C ASN A 708 -52.32 0.91 20.96
N MET A 709 -51.57 1.68 20.17
CA MET A 709 -52.03 2.96 19.63
C MET A 709 -52.86 2.68 18.37
N VAL A 710 -54.06 2.15 18.59
CA VAL A 710 -54.95 1.74 17.50
C VAL A 710 -55.88 2.91 17.23
N LYS A 711 -55.51 3.74 16.27
CA LYS A 711 -56.34 4.84 15.79
C LYS A 711 -56.38 4.81 14.27
N ASP A 712 -57.53 5.20 13.71
CA ASP A 712 -57.73 5.15 12.26
C ASP A 712 -57.20 6.43 11.64
N VAL A 713 -55.87 6.48 11.52
CA VAL A 713 -55.18 7.61 10.90
C VAL A 713 -53.97 7.10 10.14
N ASP A 714 -53.66 7.76 9.04
CA ASP A 714 -52.52 7.43 8.20
C ASP A 714 -51.30 8.23 8.63
N MET A 715 -50.13 7.59 8.59
CA MET A 715 -48.90 8.19 9.07
C MET A 715 -47.84 8.25 7.96
N SER A 716 -48.25 8.28 6.69
CA SER A 716 -47.29 8.34 5.60
C SER A 716 -46.52 9.65 5.57
N GLU A 717 -47.01 10.69 6.26
CA GLU A 717 -46.39 12.00 6.25
C GLU A 717 -45.80 12.40 7.60
N MET A 718 -45.87 11.54 8.62
CA MET A 718 -45.34 11.87 9.92
C MET A 718 -43.82 11.79 9.92
N VAL A 719 -43.22 12.47 10.88
CA VAL A 719 -41.76 12.55 11.01
C VAL A 719 -41.37 12.24 12.45
N MET A 720 -40.14 11.75 12.62
CA MET A 720 -39.64 11.43 13.94
C MET A 720 -39.35 12.70 14.74
N LYS A 721 -39.48 12.58 16.05
CA LYS A 721 -39.13 13.70 16.93
C LYS A 721 -37.66 14.06 16.79
N ARG A 722 -36.79 13.06 16.73
CA ARG A 722 -35.37 13.24 16.47
C ARG A 722 -35.02 12.49 15.19
N ASP A 723 -34.25 13.14 14.31
CA ASP A 723 -34.03 12.63 12.97
C ASP A 723 -33.14 11.39 12.92
N ASP A 724 -32.50 11.03 14.02
CA ASP A 724 -31.59 9.88 14.05
C ASP A 724 -32.26 8.62 14.58
N LEU A 725 -33.56 8.66 14.85
CA LEU A 725 -34.26 7.49 15.34
C LEU A 725 -34.53 6.51 14.20
N THR A 726 -34.73 5.24 14.57
CA THR A 726 -34.86 4.15 13.62
C THR A 726 -36.30 3.66 13.58
N TYR A 727 -36.52 2.60 12.78
CA TYR A 727 -37.85 2.02 12.64
C TYR A 727 -38.35 1.39 13.94
N LEU A 728 -37.45 1.11 14.89
CA LEU A 728 -37.84 0.54 16.17
C LEU A 728 -38.42 1.57 17.13
N ASP A 729 -38.54 2.83 16.71
CA ASP A 729 -39.02 3.92 17.56
C ASP A 729 -40.23 4.59 16.93
N LYS A 730 -41.14 3.79 16.35
CA LYS A 730 -42.32 4.35 15.71
C LYS A 730 -43.21 5.13 16.67
N ASP A 731 -43.08 4.90 17.98
CA ASP A 731 -43.84 5.66 18.97
C ASP A 731 -43.36 7.09 19.12
N MET A 732 -42.21 7.43 18.52
CA MET A 732 -41.69 8.80 18.57
C MET A 732 -42.08 9.61 17.34
N LEU A 733 -42.90 9.06 16.45
CA LEU A 733 -43.35 9.78 15.27
C LEU A 733 -44.36 10.85 15.66
N VAL A 734 -44.14 12.08 15.18
CA VAL A 734 -45.03 13.20 15.43
C VAL A 734 -45.36 13.84 14.10
N LYS A 735 -46.65 14.11 13.88
CA LYS A 735 -47.08 14.72 12.63
C LYS A 735 -46.46 16.10 12.47
N ARG A 736 -46.07 16.42 11.24
CA ARG A 736 -45.44 17.70 10.97
C ARG A 736 -46.35 18.85 11.37
N SER A 737 -45.89 19.65 12.33
CA SER A 737 -46.65 20.77 12.87
C SER A 737 -46.13 22.09 12.31
N TYR A 738 -46.88 23.16 12.58
CA TYR A 738 -46.53 24.51 12.16
C TYR A 738 -46.55 25.42 13.37
N LYS A 739 -45.40 26.00 13.69
CA LYS A 739 -45.28 26.89 14.85
C LYS A 739 -45.75 28.30 14.50
N GLU B 34 -20.73 -55.36 -19.77
CA GLU B 34 -20.24 -56.43 -18.92
C GLU B 34 -18.70 -56.42 -18.87
N PRO B 35 -18.13 -56.96 -17.80
CA PRO B 35 -16.66 -57.03 -17.72
C PRO B 35 -16.10 -58.09 -18.66
N MET B 36 -15.38 -57.65 -19.70
CA MET B 36 -14.81 -58.57 -20.68
C MET B 36 -13.90 -59.56 -19.97
N LYS B 37 -13.97 -60.83 -20.40
CA LYS B 37 -13.19 -61.89 -19.78
C LYS B 37 -11.70 -61.68 -20.02
N ASN B 38 -10.89 -62.19 -19.08
CA ASN B 38 -9.44 -62.09 -19.13
C ASN B 38 -8.86 -63.47 -19.37
N MET B 39 -8.06 -63.60 -20.42
CA MET B 39 -7.33 -64.83 -20.72
C MET B 39 -5.83 -64.63 -20.70
N ASP B 40 -5.33 -63.56 -21.31
CA ASP B 40 -3.91 -63.26 -21.34
C ASP B 40 -3.73 -61.75 -21.22
N MET B 41 -2.48 -61.31 -21.20
CA MET B 41 -2.19 -59.88 -21.03
C MET B 41 -2.81 -59.05 -22.14
N LYS B 42 -2.86 -59.57 -23.36
CA LYS B 42 -3.53 -58.86 -24.45
C LYS B 42 -5.01 -58.68 -24.15
N SER B 43 -5.65 -59.73 -23.62
CA SER B 43 -7.04 -59.61 -23.20
C SER B 43 -7.19 -58.61 -22.07
N LYS B 44 -6.23 -58.57 -21.15
CA LYS B 44 -6.26 -57.58 -20.07
C LYS B 44 -6.21 -56.17 -20.64
N GLU B 45 -5.32 -55.94 -21.61
CA GLU B 45 -5.23 -54.62 -22.25
C GLU B 45 -6.54 -54.27 -22.95
N MET B 46 -7.14 -55.23 -23.65
CA MET B 46 -8.41 -54.98 -24.31
C MET B 46 -9.50 -54.61 -23.30
N CYS B 47 -9.56 -55.33 -22.18
CA CYS B 47 -10.54 -55.03 -21.15
C CYS B 47 -10.33 -53.62 -20.59
N ILE B 48 -9.09 -53.27 -20.29
CA ILE B 48 -8.80 -51.95 -19.74
C ILE B 48 -9.18 -50.87 -20.74
N LEU B 49 -8.84 -51.08 -22.01
CA LEU B 49 -9.20 -50.09 -23.03
C LEU B 49 -10.71 -49.94 -23.14
N LYS B 50 -11.45 -51.05 -23.06
CA LYS B 50 -12.91 -50.98 -23.05
C LYS B 50 -13.41 -50.16 -21.87
N LEU B 51 -12.82 -50.37 -20.69
CA LEU B 51 -13.23 -49.62 -19.50
C LEU B 51 -12.94 -48.13 -19.63
N MET B 52 -11.97 -47.75 -20.45
CA MET B 52 -11.56 -46.35 -20.59
C MET B 52 -12.18 -45.65 -21.79
N ASN B 53 -13.10 -46.31 -22.51
CA ASN B 53 -13.61 -45.79 -23.76
C ASN B 53 -14.90 -45.00 -23.54
N HIS B 54 -14.95 -43.80 -24.14
CA HIS B 54 -16.09 -42.89 -24.03
C HIS B 54 -16.65 -42.86 -22.62
N ILE B 55 -15.80 -42.41 -21.69
CA ILE B 55 -16.16 -42.38 -20.29
C ILE B 55 -17.33 -41.45 -20.04
N LEU B 56 -17.52 -40.45 -20.92
CA LEU B 56 -18.63 -39.51 -20.73
C LEU B 56 -19.97 -40.21 -20.81
N GLN B 57 -20.05 -41.32 -21.54
CA GLN B 57 -21.27 -42.08 -21.76
C GLN B 57 -21.03 -43.53 -21.35
N PRO B 58 -21.01 -43.81 -20.05
CA PRO B 58 -20.74 -45.18 -19.60
C PRO B 58 -21.96 -46.08 -19.73
N THR B 59 -21.86 -47.05 -20.63
CA THR B 59 -22.93 -48.04 -20.82
C THR B 59 -22.53 -49.05 -21.89
N LYS B 69 -25.10 -54.24 -11.90
CA LYS B 69 -25.18 -55.28 -12.92
C LYS B 69 -25.42 -56.64 -12.27
N ALA B 70 -25.23 -57.71 -13.05
CA ALA B 70 -25.52 -59.05 -12.56
C ALA B 70 -24.62 -59.48 -11.41
N TRP B 71 -23.51 -58.78 -11.18
CA TRP B 71 -22.56 -59.12 -10.11
C TRP B 71 -22.83 -58.20 -8.94
N VAL B 72 -23.60 -58.70 -7.96
CA VAL B 72 -23.95 -57.91 -6.80
C VAL B 72 -22.69 -57.65 -5.97
N LEU B 73 -22.49 -56.38 -5.58
CA LEU B 73 -21.31 -56.01 -4.82
C LEU B 73 -21.46 -56.39 -3.35
N GLU B 74 -22.62 -56.12 -2.75
CA GLU B 74 -22.81 -56.36 -1.32
C GLU B 74 -22.78 -57.84 -0.97
N GLU B 75 -23.04 -58.73 -1.93
CA GLU B 75 -23.08 -60.16 -1.68
C GLU B 75 -21.75 -60.85 -1.99
N ASN B 76 -20.71 -60.08 -2.33
CA ASN B 76 -19.40 -60.62 -2.64
C ASN B 76 -18.34 -59.98 -1.77
N GLU B 77 -18.64 -59.83 -0.47
CA GLU B 77 -17.67 -59.25 0.45
C GLU B 77 -16.43 -60.11 0.60
N ASP B 78 -16.60 -61.44 0.57
CA ASP B 78 -15.47 -62.35 0.73
C ASP B 78 -14.48 -62.28 -0.44
N LYS B 79 -14.85 -61.64 -1.54
CA LYS B 79 -13.98 -61.52 -2.70
C LYS B 79 -12.89 -60.47 -2.53
N TYR B 80 -12.76 -59.88 -1.34
CA TYR B 80 -11.77 -58.85 -1.09
C TYR B 80 -10.94 -59.21 0.14
N MET B 81 -9.69 -58.75 0.15
CA MET B 81 -8.79 -59.08 1.25
C MET B 81 -9.19 -58.35 2.52
N LYS B 82 -9.67 -57.11 2.42
CA LYS B 82 -10.03 -56.29 3.57
C LYS B 82 -11.54 -56.09 3.58
N MET B 83 -12.18 -56.53 4.68
CA MET B 83 -13.62 -56.32 4.83
C MET B 83 -13.94 -54.87 5.15
N GLU B 84 -13.07 -54.20 5.90
CA GLU B 84 -13.33 -52.84 6.31
C GLU B 84 -13.46 -51.92 5.11
N ALA B 85 -12.58 -52.08 4.11
CA ALA B 85 -12.62 -51.21 2.95
C ALA B 85 -13.94 -51.37 2.19
N VAL B 86 -14.37 -52.61 1.96
CA VAL B 86 -15.59 -52.83 1.20
C VAL B 86 -16.80 -52.32 1.98
N LYS B 87 -16.84 -52.56 3.29
CA LYS B 87 -17.95 -52.05 4.09
C LYS B 87 -17.99 -50.53 4.06
N GLU B 88 -16.83 -49.88 4.20
CA GLU B 88 -16.79 -48.42 4.16
C GLU B 88 -17.27 -47.89 2.81
N PHE B 89 -16.81 -48.52 1.72
CA PHE B 89 -17.25 -48.09 0.40
C PHE B 89 -18.75 -48.25 0.25
N ILE B 90 -19.30 -49.38 0.71
CA ILE B 90 -20.74 -49.60 0.57
C ILE B 90 -21.52 -48.55 1.35
N ASN B 91 -21.10 -48.26 2.58
CA ASN B 91 -21.78 -47.24 3.37
C ASN B 91 -21.72 -45.88 2.69
N THR B 92 -20.52 -45.50 2.21
CA THR B 92 -20.37 -44.20 1.57
C THR B 92 -21.23 -44.11 0.31
N TYR B 93 -21.24 -45.18 -0.50
CA TYR B 93 -22.04 -45.17 -1.72
C TYR B 93 -23.53 -45.06 -1.39
N LYS B 94 -23.99 -45.79 -0.37
CA LYS B 94 -25.39 -45.68 0.04
C LYS B 94 -25.71 -44.27 0.51
N MET B 95 -24.73 -43.58 1.13
CA MET B 95 -24.94 -42.21 1.55
C MET B 95 -24.81 -41.20 0.41
N GLY B 96 -24.37 -41.64 -0.77
CA GLY B 96 -24.24 -40.74 -1.90
C GLY B 96 -22.82 -40.26 -2.12
N MET B 97 -22.41 -40.15 -3.39
CA MET B 97 -21.07 -39.74 -3.75
C MET B 97 -21.15 -38.63 -4.81
N LEU B 98 -20.00 -38.29 -5.36
CA LEU B 98 -19.91 -37.22 -6.36
C LEU B 98 -20.74 -37.59 -7.59
N PRO B 99 -21.69 -36.75 -8.02
CA PRO B 99 -22.47 -37.09 -9.22
C PRO B 99 -21.59 -37.12 -10.46
N ARG B 100 -22.00 -37.95 -11.43
CA ARG B 100 -21.27 -38.04 -12.68
C ARG B 100 -21.35 -36.74 -13.48
N GLY B 101 -22.29 -35.86 -13.17
CA GLY B 101 -22.43 -34.59 -13.84
C GLY B 101 -21.58 -33.47 -13.28
N GLU B 102 -20.72 -33.74 -12.30
CA GLU B 102 -19.81 -32.78 -11.73
C GLU B 102 -18.38 -33.12 -12.13
N VAL B 103 -17.44 -32.28 -11.69
CA VAL B 103 -16.03 -32.42 -12.02
CA VAL B 103 -16.03 -32.42 -12.02
C VAL B 103 -15.28 -32.90 -10.79
N PHE B 104 -14.41 -33.90 -10.99
CA PHE B 104 -13.59 -34.44 -9.93
C PHE B 104 -12.32 -33.61 -9.82
N VAL B 105 -12.05 -33.10 -8.61
CA VAL B 105 -10.94 -32.20 -8.35
C VAL B 105 -9.86 -32.95 -7.58
N HIS B 106 -8.63 -32.90 -8.09
CA HIS B 106 -7.55 -33.70 -7.51
C HIS B 106 -7.20 -33.22 -6.11
N MET B 107 -7.26 -31.91 -5.86
CA MET B 107 -6.81 -31.33 -4.61
C MET B 107 -7.97 -30.91 -3.70
N ASP B 108 -9.09 -31.61 -3.79
CA ASP B 108 -10.23 -31.38 -2.89
C ASP B 108 -10.31 -32.53 -1.89
N HIS B 109 -10.36 -32.19 -0.60
CA HIS B 109 -10.25 -33.20 0.44
C HIS B 109 -11.37 -34.23 0.36
N LYS B 110 -12.60 -33.77 0.16
CA LYS B 110 -13.73 -34.69 0.04
C LYS B 110 -13.57 -35.59 -1.18
N HIS B 111 -13.21 -34.99 -2.32
CA HIS B 111 -13.06 -35.76 -3.55
C HIS B 111 -11.96 -36.80 -3.42
N VAL B 112 -10.82 -36.41 -2.84
CA VAL B 112 -9.73 -37.36 -2.70
CA VAL B 112 -9.71 -37.35 -2.67
C VAL B 112 -10.09 -38.45 -1.68
N GLU B 113 -10.87 -38.11 -0.66
CA GLU B 113 -11.33 -39.13 0.28
C GLU B 113 -12.16 -40.18 -0.43
N GLU B 114 -13.12 -39.74 -1.23
CA GLU B 114 -13.94 -40.70 -1.98
C GLU B 114 -13.09 -41.50 -2.96
N ALA B 115 -12.15 -40.84 -3.64
CA ALA B 115 -11.29 -41.53 -4.59
C ALA B 115 -10.44 -42.58 -3.89
N VAL B 116 -9.96 -42.27 -2.69
CA VAL B 116 -9.14 -43.23 -1.94
C VAL B 116 -10.00 -44.41 -1.50
N LYS B 117 -11.25 -44.17 -1.13
CA LYS B 117 -12.14 -45.29 -0.83
C LYS B 117 -12.32 -46.19 -2.04
N VAL B 118 -12.54 -45.59 -3.22
CA VAL B 118 -12.68 -46.38 -4.44
C VAL B 118 -11.39 -47.16 -4.74
N PHE B 119 -10.25 -46.50 -4.56
CA PHE B 119 -8.97 -47.15 -4.82
C PHE B 119 -8.76 -48.33 -3.87
N LYS B 120 -9.12 -48.17 -2.60
CA LYS B 120 -9.02 -49.27 -1.66
C LYS B 120 -9.93 -50.42 -2.08
N LEU B 121 -11.13 -50.10 -2.54
CA LEU B 121 -12.02 -51.15 -3.03
C LEU B 121 -11.39 -51.92 -4.18
N LEU B 122 -10.78 -51.21 -5.13
CA LEU B 122 -10.19 -51.86 -6.29
C LEU B 122 -8.93 -52.65 -5.94
N TYR B 123 -8.11 -52.10 -5.05
CA TYR B 123 -6.77 -52.65 -4.81
C TYR B 123 -6.84 -54.02 -4.14
N PHE B 124 -7.76 -54.20 -3.20
CA PHE B 124 -7.80 -55.41 -2.38
C PHE B 124 -8.62 -56.53 -3.01
N ALA B 125 -8.88 -56.46 -4.31
CA ALA B 125 -9.51 -57.58 -4.99
C ALA B 125 -8.57 -58.78 -4.99
N ASN B 126 -9.13 -59.97 -4.75
CA ASN B 126 -8.30 -61.16 -4.60
C ASN B 126 -7.50 -61.45 -5.87
N ASP B 127 -8.16 -61.40 -7.02
CA ASP B 127 -7.55 -61.76 -8.29
C ASP B 127 -7.99 -60.78 -9.37
N PHE B 128 -7.47 -61.01 -10.58
CA PHE B 128 -7.73 -60.08 -11.67
C PHE B 128 -9.18 -60.13 -12.14
N ASP B 129 -9.82 -61.29 -12.07
CA ASP B 129 -11.22 -61.38 -12.47
C ASP B 129 -12.11 -60.53 -11.57
N VAL B 130 -11.91 -60.63 -10.26
CA VAL B 130 -12.67 -59.79 -9.32
C VAL B 130 -12.36 -58.32 -9.56
N PHE B 131 -11.10 -58.01 -9.86
CA PHE B 131 -10.73 -56.62 -10.14
C PHE B 131 -11.48 -56.10 -11.35
N LEU B 132 -11.54 -56.89 -12.42
CA LEU B 132 -12.25 -56.47 -13.63
C LEU B 132 -13.74 -56.30 -13.36
N LYS B 133 -14.34 -57.24 -12.62
CA LYS B 133 -15.76 -57.14 -12.34
C LYS B 133 -16.07 -55.92 -11.47
N THR B 134 -15.24 -55.65 -10.47
CA THR B 134 -15.44 -54.45 -9.65
C THR B 134 -15.27 -53.19 -10.48
N ALA B 135 -14.27 -53.15 -11.37
CA ALA B 135 -14.09 -51.98 -12.22
C ALA B 135 -15.29 -51.76 -13.13
N CYS B 136 -15.83 -52.84 -13.71
CA CYS B 136 -17.01 -52.71 -14.55
C CYS B 136 -18.21 -52.22 -13.74
N TRP B 137 -18.36 -52.72 -12.51
CA TRP B 137 -19.45 -52.25 -11.66
C TRP B 137 -19.30 -50.76 -11.37
N LEU B 138 -18.07 -50.31 -11.08
CA LEU B 138 -17.86 -48.90 -10.76
C LEU B 138 -18.06 -48.01 -11.97
N ARG B 139 -17.68 -48.48 -13.15
CA ARG B 139 -17.68 -47.63 -14.35
C ARG B 139 -19.03 -46.96 -14.56
N GLU B 140 -20.12 -47.68 -14.30
CA GLU B 140 -21.46 -47.19 -14.56
C GLU B 140 -22.19 -46.76 -13.30
N ARG B 141 -21.45 -46.45 -12.23
CA ARG B 141 -22.05 -46.04 -10.97
C ARG B 141 -21.49 -44.73 -10.43
N ILE B 142 -20.19 -44.48 -10.59
CA ILE B 142 -19.55 -43.33 -9.95
C ILE B 142 -19.05 -42.34 -11.00
N ASN B 143 -18.50 -41.22 -10.53
CA ASN B 143 -17.99 -40.19 -11.42
C ASN B 143 -16.88 -40.75 -12.31
N GLY B 144 -16.88 -40.31 -13.58
CA GLY B 144 -15.91 -40.84 -14.53
C GLY B 144 -14.49 -40.47 -14.17
N GLY B 145 -14.25 -39.21 -13.81
CA GLY B 145 -12.90 -38.79 -13.48
C GLY B 145 -12.36 -39.50 -12.27
N MET B 146 -13.17 -39.62 -11.21
CA MET B 146 -12.74 -40.34 -10.02
C MET B 146 -12.47 -41.80 -10.33
N PHE B 147 -13.32 -42.41 -11.15
CA PHE B 147 -13.12 -43.80 -11.53
C PHE B 147 -11.81 -43.99 -12.28
N VAL B 148 -11.52 -43.09 -13.23
CA VAL B 148 -10.28 -43.17 -13.98
C VAL B 148 -9.08 -42.99 -13.06
N TYR B 149 -9.16 -42.02 -12.15
CA TYR B 149 -8.07 -41.80 -11.20
C TYR B 149 -7.80 -43.06 -10.38
N ALA B 150 -8.84 -43.63 -9.79
CA ALA B 150 -8.67 -44.82 -8.95
C ALA B 150 -8.15 -46.00 -9.77
N LEU B 151 -8.70 -46.20 -10.96
CA LEU B 151 -8.27 -47.32 -11.79
C LEU B 151 -6.81 -47.19 -12.20
N THR B 152 -6.40 -45.98 -12.58
CA THR B 152 -5.01 -45.76 -12.94
C THR B 152 -4.09 -46.02 -11.75
N ALA B 153 -4.47 -45.55 -10.56
CA ALA B 153 -3.66 -45.81 -9.38
C ALA B 153 -3.54 -47.31 -9.11
N ALA B 154 -4.67 -48.02 -9.21
CA ALA B 154 -4.65 -49.46 -8.96
C ALA B 154 -3.77 -50.18 -9.97
N ILE B 155 -3.88 -49.81 -11.25
CA ILE B 155 -3.05 -50.44 -12.28
C ILE B 155 -1.57 -50.17 -12.01
N PHE B 156 -1.25 -48.94 -11.58
CA PHE B 156 0.13 -48.60 -11.27
C PHE B 156 0.65 -49.41 -10.09
N HIS B 157 -0.19 -49.70 -9.10
CA HIS B 157 0.26 -50.32 -7.87
C HIS B 157 -0.19 -51.76 -7.68
N ARG B 158 -0.98 -52.33 -8.59
CA ARG B 158 -1.33 -53.74 -8.50
C ARG B 158 -0.22 -54.59 -9.11
N SER B 159 0.17 -55.64 -8.39
CA SER B 159 1.26 -56.49 -8.85
C SER B 159 0.87 -57.32 -10.07
N ASP B 160 -0.41 -57.67 -10.19
CA ASP B 160 -0.88 -58.51 -11.29
C ASP B 160 -1.24 -57.71 -12.54
N CYS B 161 -1.07 -56.38 -12.52
CA CYS B 161 -1.34 -55.54 -13.67
C CYS B 161 -0.10 -55.29 -14.52
N SER B 162 1.00 -55.97 -14.22
CA SER B 162 2.22 -55.80 -15.00
C SER B 162 1.99 -56.21 -16.45
N GLY B 163 2.65 -55.47 -17.37
CA GLY B 163 2.53 -55.76 -18.77
C GLY B 163 1.26 -55.26 -19.43
N ILE B 164 0.62 -54.23 -18.87
CA ILE B 164 -0.62 -53.68 -19.39
C ILE B 164 -0.37 -52.24 -19.82
N LYS B 165 -0.72 -51.93 -21.06
CA LYS B 165 -0.62 -50.57 -21.59
C LYS B 165 -1.97 -49.89 -21.47
N ILE B 166 -1.94 -48.59 -21.15
CA ILE B 166 -3.17 -47.81 -21.00
C ILE B 166 -3.08 -46.56 -21.87
N PRO B 167 -4.20 -46.01 -22.32
CA PRO B 167 -4.15 -44.80 -23.14
C PRO B 167 -3.68 -43.59 -22.33
N ALA B 168 -3.12 -42.62 -23.06
CA ALA B 168 -2.61 -41.43 -22.41
C ALA B 168 -3.77 -40.65 -21.78
N PRO B 169 -3.50 -39.90 -20.71
CA PRO B 169 -4.61 -39.19 -20.04
C PRO B 169 -5.34 -38.23 -20.95
N TYR B 170 -4.64 -37.57 -21.87
CA TYR B 170 -5.31 -36.65 -22.79
C TYR B 170 -6.22 -37.37 -23.77
N GLU B 171 -5.94 -38.65 -24.06
CA GLU B 171 -6.86 -39.43 -24.90
C GLU B 171 -8.14 -39.74 -24.14
N ILE B 172 -8.03 -40.11 -22.86
CA ILE B 172 -9.21 -40.46 -22.08
C ILE B 172 -10.08 -39.23 -21.85
N TYR B 173 -9.47 -38.13 -21.41
CA TYR B 173 -10.18 -36.90 -21.03
C TYR B 173 -9.47 -35.72 -21.66
N PRO B 174 -9.70 -35.46 -22.95
CA PRO B 174 -8.99 -34.35 -23.62
C PRO B 174 -9.30 -32.99 -23.03
N TYR B 175 -10.38 -32.85 -22.27
CA TYR B 175 -10.78 -31.54 -21.76
C TYR B 175 -9.66 -30.86 -20.97
N LEU B 176 -8.88 -31.65 -20.22
CA LEU B 176 -7.85 -31.08 -19.36
C LEU B 176 -6.54 -30.82 -20.08
N PHE B 177 -6.44 -31.12 -21.38
CA PHE B 177 -5.20 -30.94 -22.12
C PHE B 177 -5.35 -30.17 -23.42
N VAL B 178 -6.55 -30.05 -23.97
CA VAL B 178 -6.78 -29.40 -25.26
C VAL B 178 -7.51 -28.08 -25.03
N ASP B 179 -7.09 -27.05 -25.77
CA ASP B 179 -7.69 -25.74 -25.62
C ASP B 179 -9.19 -25.79 -25.92
N SER B 180 -9.92 -24.88 -25.27
CA SER B 180 -11.38 -24.90 -25.36
C SER B 180 -11.87 -24.67 -26.78
N ASN B 181 -11.22 -23.76 -27.52
CA ASN B 181 -11.70 -23.41 -28.86
C ASN B 181 -11.62 -24.61 -29.79
N ILE B 182 -10.57 -25.42 -29.67
CA ILE B 182 -10.46 -26.61 -30.52
C ILE B 182 -11.61 -27.56 -30.25
N LEU B 183 -11.93 -27.80 -28.98
CA LEU B 183 -13.05 -28.67 -28.65
C LEU B 183 -14.37 -28.08 -29.12
N HIS B 184 -14.51 -26.75 -29.07
CA HIS B 184 -15.72 -26.12 -29.57
C HIS B 184 -15.86 -26.34 -31.08
N LYS B 185 -14.77 -26.22 -31.81
CA LYS B 185 -14.80 -26.50 -33.25
C LYS B 185 -15.14 -27.97 -33.52
N ALA B 186 -14.59 -28.88 -32.71
CA ALA B 186 -14.93 -30.29 -32.85
C ALA B 186 -16.42 -30.52 -32.62
N PHE B 187 -16.97 -29.86 -31.59
CA PHE B 187 -18.41 -29.97 -31.33
C PHE B 187 -19.22 -29.43 -32.49
N MET B 188 -18.79 -28.32 -33.07
CA MET B 188 -19.49 -27.76 -34.22
C MET B 188 -19.50 -28.74 -35.39
N MET B 189 -18.34 -29.34 -35.67
CA MET B 189 -18.27 -30.32 -36.75
C MET B 189 -19.15 -31.54 -36.47
N LYS B 190 -19.15 -32.00 -35.22
CA LYS B 190 -20.01 -33.13 -34.86
C LYS B 190 -21.48 -32.79 -35.04
N MET B 191 -21.89 -31.60 -34.59
CA MET B 191 -23.29 -31.20 -34.72
C MET B 191 -23.70 -31.06 -36.18
N SER B 192 -22.84 -30.46 -37.00
CA SER B 192 -23.14 -30.24 -38.41
C SER B 192 -22.76 -31.42 -39.28
N LYS B 193 -22.16 -32.46 -38.71
CA LYS B 193 -21.70 -33.63 -39.47
C LYS B 193 -20.84 -33.19 -40.65
N ALA B 194 -19.92 -32.26 -40.37
CA ALA B 194 -18.96 -31.77 -41.36
C ALA B 194 -19.68 -31.07 -42.52
N ALA B 195 -20.47 -30.06 -42.17
CA ALA B 195 -21.15 -29.22 -43.15
C ALA B 195 -20.66 -27.78 -43.13
N MET B 196 -19.52 -27.52 -42.48
CA MET B 196 -19.00 -26.17 -42.40
C MET B 196 -18.63 -25.64 -43.78
N ASP B 197 -18.90 -24.36 -44.00
CA ASP B 197 -18.65 -23.76 -45.30
C ASP B 197 -17.15 -23.61 -45.55
N PRO B 198 -16.73 -23.54 -46.82
CA PRO B 198 -15.29 -23.48 -47.11
C PRO B 198 -14.57 -22.31 -46.45
N VAL B 199 -15.20 -21.14 -46.37
CA VAL B 199 -14.53 -19.98 -45.82
C VAL B 199 -14.17 -20.21 -44.36
N MET B 200 -15.13 -20.71 -43.58
CA MET B 200 -14.88 -20.94 -42.15
C MET B 200 -13.81 -22.00 -41.95
N LYS B 201 -13.86 -23.09 -42.72
CA LYS B 201 -12.85 -24.14 -42.59
C LYS B 201 -11.47 -23.61 -42.94
N ASN B 202 -11.36 -22.83 -44.01
CA ASN B 202 -10.06 -22.26 -44.38
C ASN B 202 -9.54 -21.33 -43.30
N TYR B 203 -10.42 -20.48 -42.73
CA TYR B 203 -9.98 -19.57 -41.68
C TYR B 203 -9.51 -20.34 -40.45
N TYR B 204 -10.26 -21.37 -40.06
CA TYR B 204 -9.91 -22.17 -38.88
C TYR B 204 -8.92 -23.28 -39.19
N GLY B 205 -8.63 -23.55 -40.46
CA GLY B 205 -7.71 -24.62 -40.79
C GLY B 205 -8.26 -26.00 -40.58
N ILE B 206 -9.58 -26.17 -40.67
CA ILE B 206 -10.23 -27.45 -40.48
C ILE B 206 -10.37 -28.14 -41.84
N LYS B 207 -10.09 -29.44 -41.86
CA LYS B 207 -10.24 -30.23 -43.08
C LYS B 207 -10.84 -31.59 -42.74
N VAL B 208 -11.37 -32.24 -43.77
CA VAL B 208 -11.91 -33.60 -43.67
C VAL B 208 -11.10 -34.49 -44.60
N LYS B 209 -10.47 -35.51 -44.04
CA LYS B 209 -9.63 -36.44 -44.79
C LYS B 209 -10.39 -37.75 -44.97
N ASP B 210 -10.50 -38.19 -46.22
CA ASP B 210 -11.11 -39.46 -46.61
C ASP B 210 -12.57 -39.55 -46.18
N ASN B 211 -13.22 -38.44 -45.88
CA ASN B 211 -14.58 -38.43 -45.35
C ASN B 211 -14.70 -39.30 -44.10
N SER B 212 -13.58 -39.53 -43.40
CA SER B 212 -13.56 -40.35 -42.22
C SER B 212 -12.83 -39.73 -41.05
N MET B 213 -11.98 -38.72 -41.27
CA MET B 213 -11.26 -38.04 -40.20
C MET B 213 -11.49 -36.54 -40.33
N VAL B 214 -11.61 -35.88 -39.18
CA VAL B 214 -11.72 -34.42 -39.11
C VAL B 214 -10.47 -33.90 -38.42
N ILE B 215 -9.72 -33.04 -39.11
CA ILE B 215 -8.45 -32.52 -38.60
C ILE B 215 -8.62 -31.02 -38.38
N ILE B 216 -8.37 -30.58 -37.15
CA ILE B 216 -8.47 -29.17 -36.76
C ILE B 216 -7.07 -28.69 -36.40
N ASP B 217 -6.58 -27.70 -37.12
CA ASP B 217 -5.27 -27.14 -36.82
C ASP B 217 -5.30 -26.43 -35.47
N TRP B 218 -4.24 -26.62 -34.69
CA TRP B 218 -4.15 -26.10 -33.33
C TRP B 218 -2.87 -25.26 -33.22
N ARG B 219 -3.05 -23.95 -33.12
CA ARG B 219 -1.94 -23.02 -32.92
C ARG B 219 -2.26 -22.14 -31.72
N LYS B 220 -1.28 -21.97 -30.82
CA LYS B 220 -1.52 -21.28 -29.57
C LYS B 220 -2.00 -19.85 -29.81
N GLY B 221 -1.17 -19.03 -30.46
CA GLY B 221 -1.51 -17.64 -30.68
C GLY B 221 -1.13 -16.77 -29.50
N LEU B 222 -1.54 -15.50 -29.59
CA LEU B 222 -1.21 -14.50 -28.58
C LEU B 222 -2.43 -13.76 -28.05
N ARG B 223 -3.64 -14.19 -28.41
CA ARG B 223 -4.85 -13.50 -27.95
C ARG B 223 -5.12 -13.70 -26.46
N HIS B 224 -4.49 -14.69 -25.84
CA HIS B 224 -4.65 -14.94 -24.40
C HIS B 224 -3.43 -14.47 -23.60
N THR B 225 -2.57 -13.66 -24.20
CA THR B 225 -1.34 -13.23 -23.52
C THR B 225 -1.68 -12.44 -22.26
N MET B 226 -0.95 -12.74 -21.19
CA MET B 226 -1.04 -12.00 -19.93
C MET B 226 0.28 -11.45 -19.45
N SER B 227 1.40 -12.10 -19.76
CA SER B 227 2.72 -11.63 -19.35
C SER B 227 3.77 -12.29 -20.24
N GLU B 228 5.02 -11.86 -20.07
CA GLU B 228 6.12 -12.41 -20.85
C GLU B 228 6.32 -13.90 -20.59
N PHE B 229 5.87 -14.40 -19.44
CA PHE B 229 6.01 -15.82 -19.13
C PHE B 229 5.43 -16.69 -20.24
N ASP B 230 4.30 -16.26 -20.81
CA ASP B 230 3.64 -17.03 -21.86
C ASP B 230 4.53 -17.27 -23.07
N ARG B 231 5.66 -16.57 -23.17
CA ARG B 231 6.58 -16.82 -24.27
C ARG B 231 7.14 -18.24 -24.23
N THR B 232 7.05 -18.93 -23.10
CA THR B 232 7.47 -20.32 -23.00
C THR B 232 6.27 -21.28 -22.98
N SER B 233 5.14 -20.83 -23.52
CA SER B 233 3.92 -21.64 -23.45
C SER B 233 4.08 -22.98 -24.17
N TYR B 234 4.93 -23.03 -25.20
CA TYR B 234 5.12 -24.29 -25.92
C TYR B 234 5.75 -25.36 -25.04
N PHE B 235 6.37 -24.97 -23.93
CA PHE B 235 6.96 -25.92 -22.99
C PHE B 235 6.05 -26.21 -21.81
N THR B 236 5.53 -25.17 -21.16
CA THR B 236 4.70 -25.37 -19.97
C THR B 236 3.38 -26.05 -20.30
N GLU B 237 2.78 -25.74 -21.45
CA GLU B 237 1.50 -26.28 -21.84
C GLU B 237 1.62 -27.56 -22.67
N ASP B 238 2.82 -28.09 -22.83
CA ASP B 238 2.98 -29.34 -23.55
C ASP B 238 2.25 -30.46 -22.84
N ILE B 239 1.53 -31.28 -23.60
CA ILE B 239 0.72 -32.34 -23.01
C ILE B 239 1.60 -33.36 -22.30
N ASP B 240 2.78 -33.64 -22.86
CA ASP B 240 3.65 -34.67 -22.29
C ASP B 240 4.21 -34.25 -20.95
N LEU B 241 4.51 -32.96 -20.75
CA LEU B 241 5.02 -32.50 -19.46
C LEU B 241 3.98 -32.68 -18.36
N ASN B 242 2.74 -32.28 -18.64
CA ASN B 242 1.66 -32.45 -17.68
C ASN B 242 1.40 -33.93 -17.41
N THR B 243 1.45 -34.76 -18.46
CA THR B 243 1.29 -36.20 -18.26
C THR B 243 2.43 -36.76 -17.40
N TYR B 244 3.64 -36.24 -17.58
CA TYR B 244 4.76 -36.67 -16.77
C TYR B 244 4.54 -36.34 -15.30
N LEU B 245 4.05 -35.13 -15.01
CA LEU B 245 3.75 -34.79 -13.62
C LEU B 245 2.62 -35.68 -13.08
N TYR B 246 1.60 -35.94 -13.90
CA TYR B 246 0.49 -36.78 -13.47
C TYR B 246 0.96 -38.19 -13.12
N TYR B 247 1.84 -38.75 -13.95
CA TYR B 247 2.36 -40.08 -13.68
C TYR B 247 3.36 -40.07 -12.52
N MET B 248 4.05 -38.96 -12.30
CA MET B 248 4.85 -38.82 -11.09
C MET B 248 3.97 -38.90 -9.85
N HIS B 249 2.83 -38.21 -9.87
CA HIS B 249 1.89 -38.30 -8.75
C HIS B 249 1.36 -39.71 -8.59
N MET B 250 1.01 -40.36 -9.70
CA MET B 250 0.45 -41.71 -9.62
C MET B 250 1.48 -42.70 -9.07
N SER B 251 2.75 -42.53 -9.45
CA SER B 251 3.78 -43.45 -8.98
C SER B 251 3.94 -43.39 -7.47
N TYR B 252 3.90 -42.18 -6.90
CA TYR B 252 4.10 -41.96 -5.47
C TYR B 252 2.98 -41.07 -4.93
N PRO B 253 1.78 -41.61 -4.79
CA PRO B 253 0.69 -40.82 -4.21
C PRO B 253 1.00 -40.39 -2.79
N TYR B 254 0.58 -39.18 -2.44
CA TYR B 254 0.81 -38.68 -1.08
C TYR B 254 -0.11 -39.34 -0.07
N TRP B 255 -1.26 -39.82 -0.50
CA TRP B 255 -2.22 -40.46 0.40
C TRP B 255 -1.92 -41.94 0.62
N MET B 256 -0.88 -42.48 -0.01
CA MET B 256 -0.45 -43.87 0.20
C MET B 256 0.68 -43.84 1.20
N ASN B 257 0.35 -44.04 2.47
CA ASN B 257 1.33 -43.93 3.56
C ASN B 257 1.16 -45.10 4.54
N GLU B 258 1.02 -46.31 4.01
CA GLU B 258 0.86 -47.50 4.83
C GLU B 258 1.96 -48.51 4.49
N ASP B 259 2.36 -49.28 5.51
CA ASP B 259 3.47 -50.20 5.36
C ASP B 259 3.17 -51.31 4.36
N MET B 260 1.89 -51.67 4.21
CA MET B 260 1.55 -52.80 3.34
C MET B 260 1.96 -52.55 1.90
N TYR B 261 1.78 -51.33 1.41
CA TYR B 261 2.11 -51.04 0.02
C TYR B 261 3.61 -51.21 -0.23
N ARG B 262 3.94 -51.77 -1.40
CA ARG B 262 5.33 -52.03 -1.73
C ARG B 262 6.12 -50.76 -1.97
N VAL B 263 5.47 -49.69 -2.43
CA VAL B 263 6.17 -48.45 -2.75
C VAL B 263 6.85 -47.88 -1.52
N ASN B 264 6.41 -48.25 -0.33
CA ASN B 264 7.04 -47.77 0.89
C ASN B 264 8.50 -48.22 0.98
N LYS B 265 8.89 -49.25 0.24
CA LYS B 265 10.25 -49.77 0.25
C LYS B 265 11.11 -49.19 -0.86
N GLU B 266 10.63 -48.19 -1.57
CA GLU B 266 11.38 -47.53 -2.63
C GLU B 266 11.82 -46.13 -2.19
N ARG B 267 12.65 -45.51 -3.02
CA ARG B 267 13.12 -44.14 -2.79
C ARG B 267 12.13 -43.14 -3.37
N ARG B 268 10.90 -43.19 -2.85
CA ARG B 268 9.80 -42.41 -3.42
C ARG B 268 9.99 -40.92 -3.18
N GLY B 269 10.28 -40.52 -1.95
CA GLY B 269 10.37 -39.11 -1.64
C GLY B 269 11.49 -38.41 -2.39
N GLU B 270 12.67 -39.02 -2.39
CA GLU B 270 13.81 -38.43 -3.10
C GLU B 270 13.54 -38.38 -4.59
N ALA B 271 12.90 -39.41 -5.14
CA ALA B 271 12.57 -39.40 -6.56
C ALA B 271 11.61 -38.27 -6.89
N MET B 272 10.58 -38.07 -6.08
CA MET B 272 9.63 -36.99 -6.32
C MET B 272 10.32 -35.63 -6.24
N TRP B 273 11.13 -35.43 -5.20
CA TRP B 273 11.82 -34.16 -5.05
C TRP B 273 12.76 -33.89 -6.22
N TYR B 274 13.50 -34.92 -6.65
CA TYR B 274 14.41 -34.74 -7.77
C TYR B 274 13.67 -34.49 -9.06
N GLY B 275 12.49 -35.09 -9.23
CA GLY B 275 11.66 -34.77 -10.39
C GLY B 275 11.26 -33.30 -10.41
N TYR B 276 10.80 -32.80 -9.27
CA TYR B 276 10.46 -31.37 -9.20
C TYR B 276 11.67 -30.49 -9.48
N GLN B 277 12.81 -30.83 -8.89
CA GLN B 277 14.02 -30.04 -9.08
C GLN B 277 14.46 -30.02 -10.54
N GLN B 278 14.41 -31.19 -11.20
CA GLN B 278 14.80 -31.27 -12.59
C GLN B 278 13.83 -30.51 -13.48
N LEU B 279 12.54 -30.56 -13.17
CA LEU B 279 11.58 -29.74 -13.91
C LEU B 279 11.90 -28.26 -13.79
N GLN B 280 12.22 -27.82 -12.58
CA GLN B 280 12.58 -26.41 -12.39
C GLN B 280 13.84 -26.05 -13.17
N ALA B 281 14.85 -26.92 -13.16
CA ALA B 281 16.07 -26.65 -13.90
C ALA B 281 15.80 -26.59 -15.41
N ARG B 282 14.96 -27.50 -15.90
CA ARG B 282 14.62 -27.49 -17.33
C ARG B 282 13.90 -26.21 -17.71
N LEU B 283 12.97 -25.75 -16.87
CA LEU B 283 12.30 -24.48 -17.14
C LEU B 283 13.30 -23.34 -17.11
N ARG B 284 14.28 -23.39 -16.20
CA ARG B 284 15.32 -22.37 -16.16
C ARG B 284 16.08 -22.31 -17.48
N LEU B 285 16.47 -23.47 -18.00
CA LEU B 285 17.17 -23.50 -19.28
C LEU B 285 16.28 -22.95 -20.40
N GLU B 286 15.01 -23.35 -20.42
CA GLU B 286 14.11 -22.88 -21.47
C GLU B 286 13.95 -21.37 -21.42
N ARG B 287 13.82 -20.81 -20.21
CA ARG B 287 13.72 -19.36 -20.08
C ARG B 287 15.01 -18.66 -20.52
N LEU B 288 16.16 -19.23 -20.16
CA LEU B 288 17.42 -18.66 -20.62
C LEU B 288 17.49 -18.64 -22.14
N SER B 289 16.91 -19.65 -22.80
CA SER B 289 16.87 -19.63 -24.26
C SER B 289 16.18 -18.38 -24.78
N HIS B 290 15.27 -17.80 -24.00
CA HIS B 290 14.56 -16.58 -24.38
C HIS B 290 15.12 -15.34 -23.69
N HIS B 291 16.32 -15.43 -23.12
CA HIS B 291 16.98 -14.28 -22.49
C HIS B 291 16.17 -13.75 -21.31
N MET B 292 15.58 -14.67 -20.54
CA MET B 292 14.82 -14.33 -19.34
C MET B 292 15.51 -14.90 -18.11
N CYS B 293 15.48 -14.12 -17.02
CA CYS B 293 16.16 -14.51 -15.80
C CYS B 293 15.38 -15.59 -15.05
N ASP B 294 16.03 -16.18 -14.05
CA ASP B 294 15.41 -17.24 -13.27
C ASP B 294 14.24 -16.71 -12.45
N LEU B 295 13.26 -17.57 -12.23
CA LEU B 295 12.08 -17.20 -11.47
C LEU B 295 12.43 -16.93 -10.01
N LYS B 296 11.66 -16.03 -9.39
CA LYS B 296 11.83 -15.68 -7.99
C LYS B 296 10.76 -16.34 -7.13
N PRO B 297 11.06 -16.66 -5.87
CA PRO B 297 10.02 -17.23 -5.00
C PRO B 297 8.87 -16.25 -4.81
N LEU B 298 7.65 -16.80 -4.75
CA LEU B 298 6.48 -15.96 -4.55
C LEU B 298 6.46 -15.45 -3.11
N ASP B 299 6.06 -14.19 -2.94
CA ASP B 299 5.97 -13.56 -1.63
C ASP B 299 4.49 -13.56 -1.22
N LEU B 300 4.15 -14.46 -0.30
CA LEU B 300 2.77 -14.55 0.16
C LEU B 300 2.29 -13.26 0.82
N ASP B 301 3.22 -12.43 1.30
CA ASP B 301 2.87 -11.13 1.87
C ASP B 301 2.75 -10.05 0.81
N GLY B 302 3.02 -10.37 -0.46
CA GLY B 302 2.96 -9.38 -1.53
C GLY B 302 1.95 -9.75 -2.60
N THR B 303 2.30 -9.51 -3.86
CA THR B 303 1.42 -9.73 -4.99
C THR B 303 2.08 -10.66 -6.00
N LEU B 304 1.24 -11.36 -6.76
CA LEU B 304 1.68 -12.23 -7.85
C LEU B 304 1.55 -11.45 -9.16
N ASP B 305 2.69 -11.04 -9.72
CA ASP B 305 2.65 -10.20 -10.91
C ASP B 305 2.08 -10.94 -12.11
N GLU B 306 2.43 -12.22 -12.26
CA GLU B 306 2.10 -12.96 -13.47
C GLU B 306 0.69 -13.55 -13.37
N GLY B 307 -0.21 -13.08 -14.22
CA GLY B 307 -1.50 -13.72 -14.39
C GLY B 307 -1.41 -14.87 -15.38
N TYR B 308 -2.56 -15.52 -15.59
CA TYR B 308 -2.60 -16.65 -16.50
C TYR B 308 -4.01 -16.87 -17.01
N TRP B 309 -4.11 -17.32 -18.27
CA TRP B 309 -5.38 -17.65 -18.92
C TRP B 309 -5.44 -19.16 -19.15
N PRO B 310 -6.22 -19.91 -18.38
CA PRO B 310 -6.16 -21.39 -18.52
C PRO B 310 -6.51 -21.89 -19.92
N LYS B 311 -7.60 -21.39 -20.52
CA LYS B 311 -8.09 -21.91 -21.80
C LYS B 311 -8.49 -23.38 -21.67
N ILE B 312 -9.08 -23.74 -20.55
CA ILE B 312 -9.46 -25.12 -20.26
C ILE B 312 -10.98 -25.17 -20.10
N LEU B 313 -11.60 -26.08 -20.84
CA LEU B 313 -13.04 -26.32 -20.75
C LEU B 313 -13.30 -27.62 -19.99
N LEU B 314 -14.30 -27.58 -19.12
CA LEU B 314 -14.73 -28.75 -18.37
C LEU B 314 -16.01 -29.31 -18.97
N HIS B 315 -16.22 -30.62 -18.79
CA HIS B 315 -17.37 -31.27 -19.40
C HIS B 315 -18.70 -30.77 -18.83
N THR B 316 -18.67 -30.05 -17.71
CA THR B 316 -19.88 -29.45 -17.17
C THR B 316 -20.29 -28.18 -17.91
N GLY B 317 -19.44 -27.65 -18.79
CA GLY B 317 -19.73 -26.46 -19.54
C GLY B 317 -19.08 -25.19 -19.00
N ASP B 318 -18.31 -25.29 -17.93
CA ASP B 318 -17.62 -24.14 -17.34
C ASP B 318 -16.12 -24.25 -17.58
N GLU B 319 -15.49 -23.10 -17.75
CA GLU B 319 -14.04 -23.02 -17.97
C GLU B 319 -13.34 -22.61 -16.69
N MET B 320 -12.07 -22.97 -16.58
CA MET B 320 -11.27 -22.56 -15.44
C MET B 320 -11.14 -21.04 -15.43
N PRO B 321 -11.33 -20.38 -14.30
CA PRO B 321 -11.32 -18.91 -14.28
C PRO B 321 -9.95 -18.34 -14.60
N VAL B 322 -9.96 -17.15 -15.19
CA VAL B 322 -8.74 -16.41 -15.51
C VAL B 322 -8.35 -15.57 -14.30
N ARG B 323 -7.04 -15.49 -14.05
CA ARG B 323 -6.50 -14.67 -12.97
C ARG B 323 -5.79 -13.47 -13.58
N TYR B 324 -6.22 -12.27 -13.18
CA TYR B 324 -5.60 -11.05 -13.67
C TYR B 324 -4.21 -10.86 -13.06
N ASN B 325 -3.43 -9.98 -13.68
CA ASN B 325 -2.11 -9.66 -13.18
C ASN B 325 -2.20 -8.83 -11.90
N LYS B 326 -1.12 -8.87 -11.12
CA LYS B 326 -0.98 -8.06 -9.91
C LYS B 326 -2.07 -8.41 -8.89
N MET B 327 -2.13 -9.68 -8.51
CA MET B 327 -3.09 -10.13 -7.50
C MET B 327 -2.39 -10.27 -6.15
N LYS B 328 -3.03 -9.75 -5.11
CA LYS B 328 -2.53 -9.90 -3.75
C LYS B 328 -2.87 -11.29 -3.25
N LEU B 329 -1.85 -12.06 -2.87
CA LEU B 329 -2.04 -13.47 -2.56
C LEU B 329 -2.88 -13.65 -1.30
N THR B 330 -2.54 -12.94 -0.23
CA THR B 330 -3.23 -13.09 1.05
C THR B 330 -4.34 -12.06 1.17
N ASN B 331 -5.54 -12.53 1.50
CA ASN B 331 -6.71 -11.67 1.66
C ASN B 331 -7.56 -12.20 2.82
N GLU B 332 -8.66 -11.51 3.08
CA GLU B 332 -9.51 -11.85 4.22
C GLU B 332 -10.19 -13.20 4.05
N ASN B 333 -10.45 -13.60 2.80
CA ASN B 333 -11.20 -14.83 2.55
C ASN B 333 -10.35 -16.10 2.70
N ASN B 334 -9.01 -15.97 2.79
CA ASN B 334 -8.15 -17.14 2.90
C ASN B 334 -7.18 -17.06 4.08
N ILE B 335 -7.35 -16.08 4.97
CA ILE B 335 -6.39 -15.89 6.06
C ILE B 335 -6.22 -17.18 6.84
N LYS B 336 -7.33 -17.83 7.19
CA LYS B 336 -7.29 -19.12 7.85
C LYS B 336 -6.25 -20.02 7.20
N TYR B 337 -6.44 -20.30 5.90
CA TYR B 337 -5.55 -21.22 5.21
C TYR B 337 -4.11 -20.73 5.26
N ARG B 338 -3.91 -19.42 5.09
CA ARG B 338 -2.56 -18.87 5.19
C ARG B 338 -1.91 -19.33 6.49
N LEU B 339 -2.61 -19.14 7.61
CA LEU B 339 -2.05 -19.56 8.89
C LEU B 339 -1.62 -21.03 8.83
N LEU B 340 -2.50 -21.89 8.32
CA LEU B 340 -2.17 -23.30 8.23
C LEU B 340 -0.87 -23.50 7.46
N LEU B 341 -0.74 -22.83 6.30
CA LEU B 341 0.49 -22.96 5.53
C LEU B 341 1.69 -22.60 6.39
N GLU B 342 1.60 -21.48 7.11
CA GLU B 342 2.70 -21.08 7.98
C GLU B 342 3.06 -22.19 8.95
N ASP B 343 2.03 -22.83 9.54
CA ASP B 343 2.29 -23.89 10.50
C ASP B 343 3.22 -24.96 9.91
N ASN B 344 3.01 -25.31 8.64
CA ASN B 344 3.90 -26.28 8.00
C ASN B 344 5.32 -25.74 7.94
N LYS B 345 5.48 -24.52 7.40
CA LYS B 345 6.82 -23.99 7.18
C LYS B 345 7.62 -23.98 8.47
N ARG B 346 7.06 -23.37 9.52
CA ARG B 346 7.77 -23.32 10.80
C ARG B 346 8.16 -24.71 11.27
N LEU B 347 7.27 -25.69 11.10
CA LEU B 347 7.58 -27.04 11.55
C LEU B 347 8.74 -27.63 10.77
N ILE B 348 8.82 -27.34 9.47
CA ILE B 348 9.86 -27.96 8.64
C ILE B 348 11.19 -27.25 8.85
N ARG B 349 11.25 -25.96 8.52
CA ARG B 349 12.52 -25.23 8.56
C ARG B 349 13.17 -25.35 9.93
N ASP B 350 12.42 -25.04 10.99
CA ASP B 350 12.98 -25.15 12.33
C ASP B 350 13.57 -26.54 12.56
N GLY B 351 12.84 -27.59 12.18
CA GLY B 351 13.36 -28.93 12.34
C GLY B 351 14.69 -29.11 11.65
N ILE B 352 14.79 -28.64 10.41
CA ILE B 352 16.05 -28.74 9.67
C ILE B 352 17.15 -28.03 10.43
N LYS B 353 16.83 -26.88 11.03
CA LYS B 353 17.84 -26.17 11.82
C LYS B 353 18.17 -26.91 13.10
N LYS B 354 17.21 -27.61 13.69
CA LYS B 354 17.44 -28.31 14.95
C LYS B 354 17.88 -29.75 14.77
N GLY B 355 17.85 -30.27 13.55
CA GLY B 355 18.33 -31.60 13.27
C GLY B 355 17.35 -32.72 13.57
N HIS B 356 16.15 -32.41 14.05
CA HIS B 356 15.16 -33.44 14.32
C HIS B 356 13.78 -32.81 14.31
N MET B 357 12.77 -33.67 14.11
CA MET B 357 11.37 -33.25 14.12
C MET B 357 10.56 -34.19 14.99
N ALA B 358 9.68 -33.62 15.81
CA ALA B 358 8.77 -34.38 16.64
C ALA B 358 7.42 -34.49 15.94
N MET B 359 6.94 -35.72 15.79
CA MET B 359 5.72 -36.01 15.05
C MET B 359 4.55 -36.23 16.01
N HIS B 360 3.34 -36.01 15.50
CA HIS B 360 2.15 -36.11 16.33
C HIS B 360 1.93 -37.54 16.82
N ASP B 361 2.37 -38.54 16.06
CA ASP B 361 2.20 -39.92 16.46
C ASP B 361 3.09 -40.32 17.62
N GLY B 362 4.04 -39.47 18.00
CA GLY B 362 4.93 -39.74 19.11
C GLY B 362 6.32 -40.23 18.75
N THR B 363 6.72 -40.08 17.49
CA THR B 363 8.03 -40.50 17.03
C THR B 363 8.87 -39.30 16.65
N THR B 364 10.19 -39.41 16.88
CA THR B 364 11.14 -38.37 16.52
C THR B 364 11.92 -38.82 15.29
N VAL B 365 11.98 -37.95 14.29
CA VAL B 365 12.66 -38.23 13.03
C VAL B 365 13.92 -37.38 12.98
N SER B 366 15.07 -38.04 12.80
CA SER B 366 16.35 -37.36 12.73
C SER B 366 16.52 -36.70 11.38
N LEU B 367 17.18 -35.54 11.38
CA LEU B 367 17.46 -34.79 10.16
C LEU B 367 18.90 -34.29 10.16
N LYS B 368 19.83 -35.15 10.57
CA LYS B 368 21.25 -34.81 10.65
C LYS B 368 22.09 -35.48 9.58
N LYS B 369 21.86 -36.77 9.31
CA LYS B 369 22.66 -37.51 8.34
C LYS B 369 22.16 -37.26 6.93
N PRO B 370 23.04 -37.36 5.93
CA PRO B 370 22.58 -37.18 4.54
C PRO B 370 21.46 -38.14 4.15
N ASP B 371 21.58 -39.41 4.55
CA ASP B 371 20.58 -40.41 4.17
C ASP B 371 19.21 -40.11 4.75
N ASP B 372 19.12 -39.23 5.75
CA ASP B 372 17.83 -38.82 6.28
C ASP B 372 17.01 -38.02 5.26
N ILE B 373 17.64 -37.56 4.17
CA ILE B 373 16.92 -36.79 3.17
C ILE B 373 15.60 -37.47 2.82
N GLU B 374 15.63 -38.79 2.61
CA GLU B 374 14.42 -39.50 2.23
C GLU B 374 13.29 -39.20 3.20
N ASN B 375 13.55 -39.39 4.51
CA ASN B 375 12.52 -39.09 5.50
C ASN B 375 12.01 -37.67 5.32
N LEU B 376 12.92 -36.70 5.22
CA LEU B 376 12.51 -35.32 5.03
C LEU B 376 11.53 -35.22 3.86
N CYS B 377 11.88 -35.82 2.73
CA CYS B 377 11.01 -35.75 1.57
C CYS B 377 9.65 -36.33 1.88
N ARG B 378 9.62 -37.50 2.55
CA ARG B 378 8.35 -38.11 2.90
C ARG B 378 7.54 -37.20 3.81
N ILE B 379 8.21 -36.41 4.65
CA ILE B 379 7.50 -35.46 5.50
C ILE B 379 6.92 -34.33 4.66
N VAL B 380 7.66 -33.88 3.64
CA VAL B 380 7.23 -32.74 2.84
C VAL B 380 6.29 -33.16 1.71
N LEU B 381 6.65 -34.19 0.96
CA LEU B 381 5.88 -34.61 -0.20
C LEU B 381 4.96 -35.79 0.07
N GLY B 382 4.85 -36.22 1.32
CA GLY B 382 3.96 -37.31 1.67
C GLY B 382 4.63 -38.67 1.59
N GLY B 383 3.92 -39.67 2.13
CA GLY B 383 4.41 -41.03 2.18
C GLY B 383 5.01 -41.47 3.50
N PHE B 384 5.03 -40.59 4.49
CA PHE B 384 5.58 -40.95 5.79
C PHE B 384 4.63 -41.90 6.51
N VAL B 385 5.18 -42.99 7.03
CA VAL B 385 4.40 -44.03 7.71
C VAL B 385 4.49 -43.79 9.21
N SER B 386 3.34 -43.59 9.85
CA SER B 386 3.26 -43.39 11.28
C SER B 386 3.06 -44.72 11.99
N LYS B 387 2.76 -44.67 13.28
CA LYS B 387 2.53 -45.90 14.03
C LYS B 387 1.29 -46.62 13.51
N ASP B 388 1.28 -47.94 13.64
CA ASP B 388 0.21 -48.74 13.07
C ASP B 388 -1.14 -48.37 13.65
N ASP B 389 -1.22 -48.17 14.96
CA ASP B 389 -2.47 -47.81 15.61
C ASP B 389 -2.85 -46.35 15.43
N HIS B 390 -1.93 -45.51 14.97
CA HIS B 390 -2.22 -44.09 14.80
C HIS B 390 -3.20 -43.89 13.65
N LYS B 391 -4.10 -42.93 13.81
CA LYS B 391 -5.05 -42.57 12.77
C LYS B 391 -5.30 -41.07 12.82
N GLY B 392 -5.75 -40.53 11.69
CA GLY B 392 -6.07 -39.11 11.58
C GLY B 392 -4.97 -38.32 10.90
N LYS B 393 -5.17 -37.01 10.90
CA LYS B 393 -4.22 -36.11 10.27
C LYS B 393 -2.89 -36.12 11.02
N SER B 394 -1.82 -35.88 10.28
CA SER B 394 -0.47 -35.83 10.82
C SER B 394 -0.10 -34.39 11.14
N SER B 395 1.17 -34.17 11.48
CA SER B 395 1.62 -32.82 11.83
C SER B 395 1.54 -31.88 10.62
N ILE B 396 1.86 -32.39 9.43
CA ILE B 396 1.90 -31.58 8.22
C ILE B 396 0.62 -31.83 7.44
N TRP B 397 -0.12 -30.76 7.15
CA TRP B 397 -1.32 -30.84 6.34
C TRP B 397 -0.99 -30.60 4.87
N ARG B 398 -1.83 -31.12 4.00
CA ARG B 398 -1.59 -31.09 2.56
C ARG B 398 -2.76 -30.43 1.84
N ASN B 399 -2.53 -30.11 0.57
CA ASN B 399 -3.52 -29.47 -0.28
C ASN B 399 -3.95 -28.12 0.31
N LEU B 400 -2.95 -27.26 0.52
CA LEU B 400 -3.16 -25.93 1.07
C LEU B 400 -2.62 -24.81 0.19
N ALA B 401 -1.60 -25.08 -0.63
CA ALA B 401 -0.99 -24.03 -1.43
C ALA B 401 -1.99 -23.44 -2.43
N LYS B 402 -2.83 -24.30 -3.03
CA LYS B 402 -3.76 -23.83 -4.05
C LYS B 402 -4.64 -22.69 -3.56
N THR B 403 -4.94 -22.67 -2.25
CA THR B 403 -5.81 -21.63 -1.71
C THR B 403 -5.23 -20.24 -1.89
N MET B 404 -3.91 -20.12 -2.01
CA MET B 404 -3.28 -18.82 -2.22
C MET B 404 -3.47 -18.29 -3.63
N LEU B 405 -3.84 -19.14 -4.58
CA LEU B 405 -4.05 -18.73 -5.97
C LEU B 405 -5.50 -18.85 -6.41
N SER B 406 -6.41 -19.27 -5.54
CA SER B 406 -7.79 -19.51 -5.92
C SER B 406 -8.58 -18.20 -5.94
N TYR B 407 -9.74 -18.26 -6.60
CA TYR B 407 -10.65 -17.13 -6.67
C TYR B 407 -11.47 -16.96 -5.39
N GLY B 408 -11.52 -17.97 -4.53
CA GLY B 408 -12.28 -17.89 -3.29
C GLY B 408 -12.42 -19.22 -2.60
N THR B 409 -12.78 -19.19 -1.32
CA THR B 409 -12.95 -20.40 -0.51
C THR B 409 -14.40 -20.68 -0.18
N TYR B 410 -15.34 -19.94 -0.78
CA TYR B 410 -16.74 -20.08 -0.41
C TYR B 410 -17.27 -21.48 -0.73
N ASN B 411 -16.91 -22.02 -1.90
CA ASN B 411 -17.47 -23.28 -2.37
C ASN B 411 -16.51 -24.46 -2.20
N MET B 412 -15.45 -24.29 -1.41
CA MET B 412 -14.51 -25.39 -1.19
C MET B 412 -15.19 -26.53 -0.45
N GLY B 413 -14.78 -27.75 -0.77
CA GLY B 413 -15.34 -28.93 -0.14
C GLY B 413 -16.73 -29.28 -0.60
N LYS B 414 -17.12 -28.85 -1.80
CA LYS B 414 -18.45 -29.11 -2.35
C LYS B 414 -18.33 -29.79 -3.70
N TYR B 415 -19.39 -30.53 -4.07
CA TYR B 415 -19.42 -31.22 -5.34
C TYR B 415 -19.46 -30.28 -6.54
N THR B 416 -19.77 -29.00 -6.33
CA THR B 416 -19.91 -28.04 -7.41
C THR B 416 -18.72 -27.08 -7.52
N TYR B 417 -17.63 -27.37 -6.82
CA TYR B 417 -16.47 -26.49 -6.86
C TYR B 417 -15.84 -26.50 -8.24
N ILE B 418 -15.61 -25.32 -8.80
CA ILE B 418 -14.98 -25.17 -10.11
C ILE B 418 -13.48 -25.07 -9.88
N PRO B 419 -12.68 -26.02 -10.37
CA PRO B 419 -11.24 -26.00 -10.07
C PRO B 419 -10.50 -24.93 -10.87
N THR B 420 -9.33 -24.56 -10.35
CA THR B 420 -8.39 -23.71 -11.04
C THR B 420 -7.29 -24.57 -11.66
N ALA B 421 -6.30 -23.92 -12.27
CA ALA B 421 -5.19 -24.66 -12.87
C ALA B 421 -4.40 -25.40 -11.80
N ALA B 422 -4.20 -24.78 -10.63
CA ALA B 422 -3.45 -25.41 -9.56
C ALA B 422 -4.20 -26.54 -8.89
N ASP B 423 -5.49 -26.72 -9.18
CA ASP B 423 -6.30 -27.75 -8.54
C ASP B 423 -6.07 -29.14 -9.10
N MET B 424 -5.36 -29.26 -10.24
CA MET B 424 -5.18 -30.54 -10.91
C MET B 424 -3.70 -30.78 -11.18
N TYR B 425 -3.25 -32.01 -10.96
CA TYR B 425 -1.88 -32.36 -11.28
C TYR B 425 -1.62 -32.28 -12.77
N SER B 426 -2.65 -32.41 -13.59
CA SER B 426 -2.51 -32.37 -15.04
C SER B 426 -2.51 -30.96 -15.62
N THR B 427 -2.72 -29.94 -14.77
CA THR B 427 -2.71 -28.56 -15.22
C THR B 427 -1.88 -27.64 -14.32
N ALA B 428 -1.25 -28.16 -13.27
CA ALA B 428 -0.52 -27.31 -12.35
C ALA B 428 0.65 -26.61 -13.03
N LEU B 429 1.38 -27.34 -13.87
CA LEU B 429 2.58 -26.77 -14.50
C LEU B 429 2.25 -25.66 -15.49
N ARG B 430 0.99 -25.49 -15.86
CA ARG B 430 0.60 -24.41 -16.76
C ARG B 430 0.60 -23.04 -16.09
N ASP B 431 0.52 -23.01 -14.76
CA ASP B 431 0.37 -21.75 -14.03
C ASP B 431 1.72 -21.31 -13.49
N PRO B 432 2.22 -20.11 -13.83
CA PRO B 432 3.50 -19.67 -13.25
C PRO B 432 3.49 -19.59 -11.74
N GLY B 433 2.32 -19.35 -11.13
CA GLY B 433 2.25 -19.34 -9.68
C GLY B 433 2.70 -20.65 -9.06
N MET B 434 2.36 -21.77 -9.69
CA MET B 434 2.82 -23.07 -9.21
C MET B 434 4.33 -23.19 -9.28
N TRP B 435 4.94 -22.69 -10.36
CA TRP B 435 6.39 -22.71 -10.47
C TRP B 435 7.04 -21.87 -9.37
N LYS B 436 6.46 -20.70 -9.08
CA LYS B 436 6.99 -19.87 -8.00
C LYS B 436 6.83 -20.56 -6.66
N MET B 437 5.71 -21.27 -6.46
CA MET B 437 5.52 -22.04 -5.23
C MET B 437 6.57 -23.14 -5.10
N LEU B 438 6.87 -23.82 -6.21
CA LEU B 438 7.92 -24.84 -6.18
C LEU B 438 9.27 -24.21 -5.84
N LYS B 439 9.55 -23.03 -6.39
CA LYS B 439 10.80 -22.34 -6.06
C LYS B 439 10.86 -22.03 -4.58
N LEU B 440 9.74 -21.58 -3.99
CA LEU B 440 9.69 -21.32 -2.56
C LEU B 440 9.93 -22.60 -1.77
N ILE B 441 9.31 -23.71 -2.18
CA ILE B 441 9.44 -24.96 -1.45
C ILE B 441 10.86 -25.51 -1.53
N SER B 442 11.56 -25.26 -2.64
CA SER B 442 12.92 -25.78 -2.80
C SER B 442 13.87 -25.28 -1.72
N GLU B 443 13.51 -24.19 -1.04
CA GLU B 443 14.37 -23.64 0.01
C GLU B 443 14.59 -24.65 1.12
N TYR B 444 13.58 -25.46 1.44
CA TYR B 444 13.76 -26.47 2.49
C TYR B 444 14.91 -27.41 2.15
N PHE B 445 14.89 -27.98 0.95
CA PHE B 445 15.93 -28.93 0.56
C PHE B 445 17.27 -28.24 0.38
N ILE B 446 17.28 -27.00 -0.11
CA ILE B 446 18.53 -26.26 -0.23
C ILE B 446 19.16 -26.07 1.14
N MET B 447 18.35 -25.67 2.13
CA MET B 447 18.85 -25.51 3.49
C MET B 447 19.37 -26.83 4.04
N PHE B 448 18.60 -27.91 3.85
CA PHE B 448 19.02 -29.20 4.39
C PHE B 448 20.36 -29.64 3.80
N LYS B 449 20.52 -29.47 2.49
CA LYS B 449 21.79 -29.86 1.86
C LYS B 449 22.92 -28.93 2.28
N GLU B 450 22.64 -27.65 2.50
CA GLU B 450 23.68 -26.74 2.98
C GLU B 450 24.13 -27.09 4.39
N MET B 451 23.23 -27.65 5.20
CA MET B 451 23.62 -28.07 6.54
C MET B 451 24.56 -29.27 6.52
N LEU B 452 24.57 -30.04 5.44
CA LEU B 452 25.41 -31.22 5.34
C LEU B 452 26.85 -30.84 4.99
N PRO B 453 27.82 -31.69 5.31
CA PRO B 453 29.19 -31.45 4.88
C PRO B 453 29.33 -31.55 3.37
N LYS B 454 30.28 -30.78 2.83
CA LYS B 454 30.51 -30.78 1.39
C LYS B 454 31.13 -32.11 0.95
N TYR B 455 30.92 -32.45 -0.31
CA TYR B 455 31.52 -33.65 -0.87
C TYR B 455 33.03 -33.56 -0.80
N THR B 456 33.66 -34.64 -0.34
CA THR B 456 35.11 -34.69 -0.26
C THR B 456 35.70 -35.12 -1.60
N ARG B 457 36.99 -34.80 -1.79
CA ARG B 457 37.66 -35.15 -3.04
C ARG B 457 37.69 -36.67 -3.23
N GLU B 458 37.72 -37.43 -2.13
CA GLU B 458 37.71 -38.88 -2.24
C GLU B 458 36.41 -39.38 -2.85
N GLU B 459 35.28 -38.81 -2.41
CA GLU B 459 33.98 -39.22 -2.96
C GLU B 459 33.85 -38.83 -4.42
N LEU B 460 34.39 -37.68 -4.81
CA LEU B 460 34.27 -37.17 -6.18
C LEU B 460 35.29 -37.77 -7.13
N ASP B 461 36.29 -38.49 -6.64
CA ASP B 461 37.39 -38.96 -7.45
C ASP B 461 37.25 -40.45 -7.76
N PHE B 462 37.70 -40.84 -8.94
CA PHE B 462 37.76 -42.23 -9.39
C PHE B 462 39.21 -42.52 -9.72
N PRO B 463 39.99 -43.04 -8.77
CA PRO B 463 41.43 -43.26 -9.02
C PRO B 463 41.65 -44.16 -10.23
N GLY B 464 42.62 -43.78 -11.06
CA GLY B 464 42.97 -44.56 -12.23
C GLY B 464 42.09 -44.35 -13.43
N VAL B 465 41.08 -43.48 -13.34
CA VAL B 465 40.14 -43.22 -14.43
C VAL B 465 40.10 -41.73 -14.70
N LYS B 466 40.30 -41.36 -15.97
CA LYS B 466 40.21 -39.97 -16.39
C LYS B 466 39.49 -39.89 -17.73
N ILE B 467 38.83 -38.76 -17.96
CA ILE B 467 38.12 -38.50 -19.20
C ILE B 467 39.05 -37.75 -20.14
N GLU B 468 39.31 -38.33 -21.32
CA GLU B 468 40.20 -37.68 -22.28
C GLU B 468 39.51 -36.51 -22.97
N GLN B 469 38.36 -36.75 -23.60
CA GLN B 469 37.62 -35.69 -24.25
C GLN B 469 36.17 -36.11 -24.41
N VAL B 470 35.31 -35.11 -24.65
CA VAL B 470 33.89 -35.29 -24.89
C VAL B 470 33.52 -34.50 -26.14
N THR B 471 32.78 -35.14 -27.05
CA THR B 471 32.35 -34.50 -28.28
C THR B 471 30.89 -34.83 -28.53
N THR B 472 30.23 -33.98 -29.31
CA THR B 472 28.83 -34.18 -29.64
C THR B 472 28.57 -33.70 -31.06
N ASP B 473 27.53 -34.26 -31.67
CA ASP B 473 27.07 -33.78 -32.97
C ASP B 473 26.27 -32.50 -32.80
N LYS B 474 25.94 -31.87 -33.92
CA LYS B 474 25.22 -30.61 -33.88
C LYS B 474 23.86 -30.80 -33.22
N LEU B 475 23.53 -29.89 -32.30
CA LEU B 475 22.25 -29.92 -31.60
C LEU B 475 21.32 -28.92 -32.26
N VAL B 476 20.21 -29.42 -32.82
CA VAL B 476 19.28 -28.61 -33.58
C VAL B 476 17.85 -28.93 -33.13
N THR B 477 17.03 -27.88 -33.01
CA THR B 477 15.64 -28.01 -32.64
C THR B 477 14.75 -27.36 -33.69
N PHE B 478 13.49 -27.80 -33.73
CA PHE B 478 12.52 -27.29 -34.69
C PHE B 478 11.13 -27.66 -34.23
N MET B 479 10.13 -26.96 -34.77
CA MET B 479 8.73 -27.21 -34.47
C MET B 479 8.12 -28.08 -35.56
N ASP B 480 7.31 -29.06 -35.14
CA ASP B 480 6.68 -29.98 -36.08
C ASP B 480 5.31 -30.38 -35.55
N GLU B 481 4.52 -30.99 -36.43
CA GLU B 481 3.13 -31.31 -36.14
C GLU B 481 2.99 -32.66 -35.46
N TYR B 482 1.94 -32.80 -34.66
CA TYR B 482 1.61 -34.04 -33.98
C TYR B 482 0.10 -34.13 -33.84
N ASP B 483 -0.45 -35.32 -34.12
CA ASP B 483 -1.89 -35.52 -34.11
C ASP B 483 -2.34 -36.07 -32.76
N VAL B 484 -3.36 -35.46 -32.17
CA VAL B 484 -3.93 -35.87 -30.90
C VAL B 484 -5.37 -36.31 -31.16
N ASP B 485 -5.70 -37.52 -30.69
CA ASP B 485 -7.05 -38.05 -30.84
C ASP B 485 -7.94 -37.50 -29.73
N ILE B 486 -8.97 -36.74 -30.11
CA ILE B 486 -9.87 -36.12 -29.16
C ILE B 486 -11.29 -36.63 -29.38
N THR B 487 -11.41 -37.84 -29.93
CA THR B 487 -12.73 -38.40 -30.23
C THR B 487 -13.56 -38.60 -28.97
N ASN B 488 -12.91 -38.88 -27.84
CA ASN B 488 -13.64 -39.10 -26.59
C ASN B 488 -14.28 -37.84 -26.04
N ALA B 489 -13.94 -36.66 -26.58
CA ALA B 489 -14.52 -35.42 -26.09
C ALA B 489 -15.96 -35.23 -26.57
N VAL B 490 -16.30 -35.74 -27.75
CA VAL B 490 -17.63 -35.55 -28.31
C VAL B 490 -18.57 -36.62 -27.76
N TYR B 491 -19.87 -36.37 -27.91
CA TYR B 491 -20.91 -37.27 -27.45
C TYR B 491 -21.49 -38.04 -28.62
N LEU B 492 -21.74 -39.33 -28.41
CA LEU B 492 -22.17 -40.24 -29.47
C LEU B 492 -23.68 -40.42 -29.45
N ASP B 493 -24.24 -40.67 -30.63
CA ASP B 493 -25.65 -40.99 -30.78
C ASP B 493 -25.86 -42.49 -30.53
N HIS B 494 -27.13 -42.91 -30.58
CA HIS B 494 -27.44 -44.30 -30.29
C HIS B 494 -26.74 -45.25 -31.26
N ASP B 495 -26.78 -44.95 -32.55
CA ASP B 495 -26.15 -45.81 -33.54
C ASP B 495 -24.66 -45.89 -33.31
N GLU B 496 -24.02 -44.75 -33.02
CA GLU B 496 -22.59 -44.76 -32.71
C GLU B 496 -22.31 -45.54 -31.43
N MET B 497 -23.18 -45.41 -30.43
CA MET B 497 -22.99 -46.12 -29.18
C MET B 497 -23.04 -47.63 -29.40
N GLN B 498 -23.96 -48.10 -30.24
CA GLN B 498 -24.05 -49.53 -30.49
C GLN B 498 -22.76 -50.07 -31.10
N LYS B 499 -22.15 -49.30 -32.00
CA LYS B 499 -20.90 -49.71 -32.64
C LYS B 499 -19.67 -49.39 -31.78
N HIS B 500 -19.84 -48.73 -30.64
CA HIS B 500 -18.73 -48.40 -29.75
C HIS B 500 -17.65 -47.61 -30.49
N ARG B 501 -18.08 -46.70 -31.37
CA ARG B 501 -17.14 -45.89 -32.14
C ARG B 501 -17.91 -44.77 -32.83
N SER B 502 -17.24 -43.63 -32.97
CA SER B 502 -17.79 -42.51 -33.73
C SER B 502 -17.53 -42.73 -35.21
N ASP B 503 -18.54 -42.48 -36.04
CA ASP B 503 -18.39 -42.69 -37.47
C ASP B 503 -17.28 -41.83 -38.07
N MET B 504 -16.92 -40.73 -37.41
CA MET B 504 -15.85 -39.86 -37.86
C MET B 504 -14.86 -39.64 -36.72
N MET B 505 -13.57 -39.69 -37.05
CA MET B 505 -12.51 -39.42 -36.09
C MET B 505 -12.19 -37.93 -36.07
N TYR B 506 -11.97 -37.40 -34.87
CA TYR B 506 -11.64 -35.99 -34.68
C TYR B 506 -10.23 -35.88 -34.13
N VAL B 507 -9.40 -35.10 -34.81
CA VAL B 507 -7.97 -35.01 -34.51
C VAL B 507 -7.58 -33.54 -34.38
N ALA B 508 -6.80 -33.24 -33.36
CA ALA B 508 -6.21 -31.92 -33.17
C ALA B 508 -4.75 -31.98 -33.63
N ARG B 509 -4.40 -31.11 -34.58
CA ARG B 509 -3.05 -31.09 -35.16
C ARG B 509 -2.24 -30.04 -34.42
N MET B 510 -1.62 -30.45 -33.32
CA MET B 510 -0.84 -29.56 -32.48
C MET B 510 0.55 -29.35 -33.07
N HIS B 511 1.16 -28.21 -32.74
CA HIS B 511 2.53 -27.90 -33.11
C HIS B 511 3.40 -27.96 -31.86
N ARG B 512 4.44 -28.79 -31.90
CA ARG B 512 5.24 -29.08 -30.72
C ARG B 512 6.72 -29.03 -31.07
N LEU B 513 7.54 -28.85 -30.04
CA LEU B 513 8.98 -28.84 -30.19
C LEU B 513 9.49 -30.24 -30.55
N ASN B 514 10.68 -30.28 -31.13
CA ASN B 514 11.34 -31.55 -31.46
C ASN B 514 12.80 -31.22 -31.76
N HIS B 515 13.63 -32.27 -31.77
CA HIS B 515 15.05 -32.11 -32.03
C HIS B 515 15.53 -33.24 -32.91
N GLN B 516 16.64 -32.99 -33.62
CA GLN B 516 17.24 -34.00 -34.47
C GLN B 516 18.09 -34.97 -33.65
N PRO B 517 18.29 -36.19 -34.13
CA PRO B 517 19.15 -37.13 -33.41
C PRO B 517 20.58 -36.62 -33.33
N PHE B 518 21.26 -36.98 -32.24
CA PHE B 518 22.65 -36.60 -32.03
C PHE B 518 23.34 -37.67 -31.21
N LYS B 519 24.67 -37.68 -31.29
CA LYS B 519 25.52 -38.63 -30.59
C LYS B 519 26.43 -37.91 -29.61
N ILE B 520 26.75 -38.60 -28.51
CA ILE B 520 27.72 -38.12 -27.54
C ILE B 520 28.84 -39.15 -27.48
N THR B 521 30.08 -38.69 -27.70
CA THR B 521 31.26 -39.55 -27.69
C THR B 521 32.17 -39.13 -26.56
N ILE B 522 32.58 -40.10 -25.75
CA ILE B 522 33.43 -39.86 -24.58
C ILE B 522 34.63 -40.77 -24.66
N ASP B 523 35.82 -40.22 -24.45
CA ASP B 523 37.06 -40.99 -24.42
C ASP B 523 37.55 -41.08 -22.98
N VAL B 524 37.74 -42.30 -22.48
CA VAL B 524 38.10 -42.54 -21.09
C VAL B 524 39.33 -43.43 -21.03
N ALA B 525 40.31 -43.06 -20.20
CA ALA B 525 41.48 -43.88 -19.97
C ALA B 525 41.37 -44.55 -18.61
N SER B 526 41.53 -45.87 -18.57
CA SER B 526 41.35 -46.65 -17.36
C SER B 526 42.55 -47.58 -17.17
N ASP B 527 43.08 -47.59 -15.94
CA ASP B 527 44.18 -48.50 -15.63
C ASP B 527 43.69 -49.93 -15.41
N LYS B 528 42.46 -50.11 -14.94
CA LYS B 528 41.92 -51.41 -14.60
C LYS B 528 40.58 -51.62 -15.31
N ALA B 529 40.12 -52.86 -15.30
CA ALA B 529 38.81 -53.21 -15.82
C ALA B 529 37.81 -53.23 -14.68
N VAL B 530 36.77 -52.39 -14.78
CA VAL B 530 35.85 -52.19 -13.66
C VAL B 530 34.52 -51.67 -14.19
N GLU B 531 33.46 -51.96 -13.44
CA GLU B 531 32.14 -51.41 -13.72
C GLU B 531 32.06 -49.98 -13.22
N CYS B 532 31.40 -49.12 -13.99
CA CYS B 532 31.30 -47.70 -13.68
C CYS B 532 29.92 -47.17 -14.04
N VAL B 533 29.57 -46.05 -13.42
CA VAL B 533 28.35 -45.32 -13.71
C VAL B 533 28.75 -44.00 -14.34
N VAL B 534 28.13 -43.67 -15.48
CA VAL B 534 28.41 -42.45 -16.23
C VAL B 534 27.17 -41.57 -16.18
N ARG B 535 27.35 -40.31 -15.81
CA ARG B 535 26.29 -39.32 -15.74
C ARG B 535 26.63 -38.16 -16.67
N VAL B 536 25.63 -37.71 -17.43
CA VAL B 536 25.77 -36.61 -18.38
C VAL B 536 24.68 -35.59 -18.07
N PHE B 537 25.09 -34.36 -17.78
CA PHE B 537 24.21 -33.24 -17.44
C PHE B 537 24.33 -32.15 -18.50
N LEU B 538 23.27 -31.35 -18.62
CA LEU B 538 23.26 -30.16 -19.45
C LEU B 538 22.85 -28.97 -18.58
N GLY B 539 23.54 -27.85 -18.75
CA GLY B 539 23.29 -26.68 -17.92
C GLY B 539 23.66 -25.38 -18.61
N PRO B 540 23.41 -24.27 -17.91
CA PRO B 540 23.63 -22.95 -18.52
C PRO B 540 25.11 -22.61 -18.64
N LYS B 541 25.39 -21.71 -19.58
CA LYS B 541 26.71 -21.13 -19.78
C LYS B 541 26.78 -19.68 -19.36
N LEU B 542 25.71 -18.92 -19.56
CA LEU B 542 25.64 -17.51 -19.20
C LEU B 542 24.32 -17.24 -18.50
N ASP B 543 24.32 -16.20 -17.66
CA ASP B 543 23.09 -15.74 -17.02
C ASP B 543 22.36 -14.78 -17.95
N CYS B 544 21.20 -14.29 -17.48
CA CYS B 544 20.42 -13.37 -18.31
C CYS B 544 21.12 -12.04 -18.53
N MET B 545 22.12 -11.71 -17.72
CA MET B 545 22.90 -10.49 -17.87
C MET B 545 24.18 -10.71 -18.66
N GLY B 546 24.44 -11.92 -19.14
CA GLY B 546 25.61 -12.21 -19.93
C GLY B 546 26.86 -12.55 -19.14
N ARG B 547 26.78 -12.65 -17.82
CA ARG B 547 27.93 -13.01 -17.01
C ARG B 547 28.28 -14.48 -17.18
N PHE B 548 29.57 -14.79 -17.05
CA PHE B 548 30.04 -16.18 -17.06
C PHE B 548 29.72 -16.80 -15.71
N THR B 549 28.79 -17.75 -15.71
CA THR B 549 28.29 -18.32 -14.46
C THR B 549 29.32 -19.26 -13.84
N SER B 550 29.43 -19.21 -12.51
CA SER B 550 30.30 -20.09 -11.76
C SER B 550 29.59 -21.40 -11.45
N VAL B 551 30.35 -22.36 -10.91
CA VAL B 551 29.80 -23.69 -10.68
C VAL B 551 28.76 -23.66 -9.56
N ASN B 552 28.99 -22.84 -8.53
CA ASN B 552 28.05 -22.80 -7.41
C ASN B 552 26.69 -22.27 -7.84
N ASP B 553 26.66 -21.25 -8.69
CA ASP B 553 25.40 -20.73 -9.19
C ASP B 553 24.86 -21.51 -10.38
N LYS B 554 25.61 -22.50 -10.87
CA LYS B 554 25.15 -23.41 -11.92
C LYS B 554 24.59 -24.72 -11.39
N ARG B 555 25.01 -25.13 -10.20
CA ARG B 555 24.74 -26.49 -9.75
C ARG B 555 23.25 -26.78 -9.66
N ASN B 556 22.44 -25.80 -9.27
CA ASN B 556 21.00 -26.01 -9.15
C ASN B 556 20.29 -25.99 -10.49
N ASP B 557 20.99 -25.64 -11.58
CA ASP B 557 20.39 -25.57 -12.91
C ASP B 557 20.87 -26.68 -13.83
N MET B 558 21.56 -27.68 -13.29
CA MET B 558 22.06 -28.78 -14.12
C MET B 558 20.99 -29.85 -14.27
N VAL B 559 20.71 -30.24 -15.51
CA VAL B 559 19.70 -31.23 -15.84
C VAL B 559 20.42 -32.53 -16.20
N GLU B 560 20.13 -33.60 -15.46
CA GLU B 560 20.75 -34.90 -15.70
C GLU B 560 20.08 -35.53 -16.92
N ILE B 561 20.68 -35.30 -18.09
CA ILE B 561 20.06 -35.77 -19.32
C ILE B 561 20.35 -37.24 -19.59
N ASP B 562 21.39 -37.82 -19.01
CA ASP B 562 21.66 -39.23 -19.25
C ASP B 562 22.40 -39.83 -18.06
N SER B 563 22.19 -41.13 -17.85
CA SER B 563 22.88 -41.88 -16.82
C SER B 563 22.83 -43.36 -17.18
N PHE B 564 23.98 -44.03 -17.15
CA PHE B 564 24.02 -45.42 -17.58
C PHE B 564 25.23 -46.13 -17.00
N LEU B 565 25.13 -47.46 -16.95
CA LEU B 565 26.24 -48.30 -16.53
C LEU B 565 27.16 -48.60 -17.71
N TYR B 566 28.42 -48.91 -17.40
CA TYR B 566 29.38 -49.25 -18.44
C TYR B 566 30.48 -50.10 -17.81
N LYS B 567 31.24 -50.79 -18.66
CA LYS B 567 32.35 -51.63 -18.24
C LYS B 567 33.63 -51.09 -18.88
N LEU B 568 34.47 -50.46 -18.06
CA LEU B 568 35.76 -49.95 -18.52
C LEU B 568 36.77 -51.09 -18.53
N GLU B 569 37.68 -51.04 -19.50
CA GLU B 569 38.76 -52.01 -19.65
C GLU B 569 40.09 -51.29 -19.67
N THR B 570 41.17 -52.05 -19.49
CA THR B 570 42.50 -51.47 -19.48
C THR B 570 42.77 -50.74 -20.79
N GLY B 571 43.31 -49.53 -20.68
CA GLY B 571 43.62 -48.72 -21.83
C GLY B 571 42.58 -47.66 -22.12
N LYS B 572 42.27 -47.46 -23.40
CA LYS B 572 41.36 -46.43 -23.85
C LYS B 572 40.01 -47.04 -24.21
N ASN B 573 38.94 -46.34 -23.84
CA ASN B 573 37.57 -46.77 -24.11
C ASN B 573 36.81 -45.61 -24.74
N THR B 574 36.09 -45.90 -25.82
CA THR B 574 35.27 -44.92 -26.54
C THR B 574 33.81 -45.27 -26.32
N ILE B 575 33.12 -44.45 -25.53
CA ILE B 575 31.71 -44.64 -25.22
C ILE B 575 30.90 -43.76 -26.18
N VAL B 576 30.04 -44.39 -26.97
CA VAL B 576 29.17 -43.68 -27.91
C VAL B 576 27.74 -43.89 -27.46
N ARG B 577 27.04 -42.79 -27.18
CA ARG B 577 25.66 -42.82 -26.71
C ARG B 577 24.79 -42.07 -27.71
N ASP B 578 23.78 -42.74 -28.24
CA ASP B 578 22.81 -42.12 -29.13
C ASP B 578 21.66 -41.55 -28.31
N SER B 579 21.11 -40.44 -28.80
CA SER B 579 19.99 -39.82 -28.11
C SER B 579 18.79 -40.75 -28.01
N LEU B 580 18.62 -41.67 -28.97
CA LEU B 580 17.48 -42.57 -28.95
C LEU B 580 17.50 -43.50 -27.74
N GLU B 581 18.69 -43.81 -27.22
CA GLU B 581 18.84 -44.79 -26.14
C GLU B 581 19.07 -44.14 -24.78
N MET B 582 18.86 -42.82 -24.67
CA MET B 582 19.04 -42.16 -23.38
C MET B 582 18.00 -42.66 -22.38
N ASN B 583 18.44 -42.75 -21.12
CA ASN B 583 17.62 -43.40 -20.10
C ASN B 583 16.29 -42.69 -19.90
N ASN B 584 15.21 -43.46 -19.90
CA ASN B 584 13.88 -42.97 -19.58
C ASN B 584 13.48 -41.80 -20.46
N VAL B 585 13.81 -41.84 -21.74
CA VAL B 585 13.36 -40.88 -22.73
C VAL B 585 12.53 -41.64 -23.76
N ILE B 586 11.27 -41.24 -23.92
CA ILE B 586 10.31 -41.98 -24.73
C ILE B 586 9.89 -41.14 -25.93
N LYS B 587 9.50 -41.83 -27.00
CA LYS B 587 8.99 -41.16 -28.18
C LYS B 587 7.56 -40.67 -27.93
N GLU B 588 6.99 -40.03 -28.95
CA GLU B 588 5.61 -39.57 -28.85
C GLU B 588 4.67 -40.75 -28.66
N ARG B 589 3.70 -40.59 -27.77
CA ARG B 589 2.83 -41.69 -27.40
C ARG B 589 1.96 -42.08 -28.60
N PRO B 590 1.88 -43.37 -28.95
CA PRO B 590 1.04 -43.78 -30.08
C PRO B 590 -0.44 -43.81 -29.71
N TRP B 591 -1.28 -43.79 -30.75
CA TRP B 591 -2.71 -43.86 -30.55
C TRP B 591 -3.10 -45.22 -29.96
N SER B 592 -3.98 -45.18 -28.95
CA SER B 592 -4.45 -46.41 -28.33
C SER B 592 -5.46 -47.15 -29.20
N ARG B 593 -6.21 -46.44 -30.03
CA ARG B 593 -7.21 -47.10 -30.88
C ARG B 593 -6.56 -48.08 -31.85
N ASN B 594 -5.30 -47.84 -32.23
CA ASN B 594 -4.56 -48.73 -33.11
C ASN B 594 -3.72 -49.75 -32.34
N ASN B 595 -4.09 -50.05 -31.10
CA ASN B 595 -3.38 -51.02 -30.28
C ASN B 595 -1.91 -50.64 -30.13
N TRP B 596 -1.65 -49.34 -29.98
CA TRP B 596 -0.30 -48.82 -29.74
C TRP B 596 0.67 -49.32 -30.80
N ALA B 597 0.40 -48.95 -32.04
CA ALA B 597 1.25 -49.35 -33.17
C ALA B 597 2.66 -48.82 -32.99
N GLN B 607 6.71 -51.74 -29.25
CA GLN B 607 7.70 -52.53 -28.53
C GLN B 607 7.07 -53.19 -27.31
N ASP B 608 7.69 -54.25 -26.82
CA ASP B 608 7.16 -55.03 -25.70
C ASP B 608 7.50 -54.41 -24.35
N ASN B 609 8.32 -53.37 -24.31
CA ASN B 609 8.68 -52.70 -23.07
C ASN B 609 8.01 -51.34 -22.90
N TRP B 610 7.08 -50.99 -23.79
CA TRP B 610 6.44 -49.68 -23.72
C TRP B 610 5.56 -49.55 -22.49
N TRP B 611 5.06 -50.67 -21.95
CA TRP B 611 4.07 -50.59 -20.88
C TRP B 611 4.64 -49.88 -19.65
N TYR B 612 5.89 -50.17 -19.29
CA TYR B 612 6.51 -49.51 -18.15
C TYR B 612 7.32 -48.28 -18.55
N LYS B 613 7.83 -48.21 -19.78
CA LYS B 613 8.53 -47.01 -20.22
C LYS B 613 7.59 -45.81 -20.26
N SER B 614 6.36 -46.02 -20.72
CA SER B 614 5.40 -44.92 -20.81
C SER B 614 5.03 -44.35 -19.44
N ARG B 615 5.16 -45.14 -18.37
CA ARG B 615 4.75 -44.69 -17.06
C ARG B 615 5.75 -43.72 -16.44
N ILE B 616 7.04 -43.89 -16.72
CA ILE B 616 8.09 -43.09 -16.10
C ILE B 616 8.96 -42.38 -17.13
N GLY B 617 8.49 -42.24 -18.37
CA GLY B 617 9.30 -41.69 -19.44
C GLY B 617 9.12 -40.18 -19.58
N PHE B 618 10.21 -39.52 -19.97
CA PHE B 618 10.24 -38.09 -20.29
C PHE B 618 10.23 -37.91 -21.81
N PRO B 619 9.42 -36.99 -22.34
CA PRO B 619 9.30 -36.89 -23.80
C PRO B 619 10.62 -36.58 -24.48
N HIS B 620 10.84 -37.21 -25.63
CA HIS B 620 12.01 -36.88 -26.46
C HIS B 620 11.94 -35.45 -26.97
N ARG B 621 10.73 -34.99 -27.32
CA ARG B 621 10.57 -33.68 -27.93
C ARG B 621 11.13 -32.57 -27.05
N LEU B 622 11.12 -32.75 -25.74
CA LEU B 622 11.58 -31.73 -24.80
C LEU B 622 12.96 -32.05 -24.23
N LEU B 623 13.73 -32.91 -24.91
CA LEU B 623 15.05 -33.28 -24.41
C LEU B 623 15.98 -32.06 -24.36
N LEU B 624 15.95 -31.23 -25.40
CA LEU B 624 16.81 -30.07 -25.49
C LEU B 624 15.99 -28.79 -25.47
N PRO B 625 16.50 -27.72 -24.86
CA PRO B 625 15.80 -26.43 -24.92
C PRO B 625 15.86 -25.84 -26.32
N MET B 626 14.85 -25.02 -26.63
CA MET B 626 14.86 -24.31 -27.91
C MET B 626 16.10 -23.44 -28.00
N GLY B 627 16.79 -23.53 -29.13
CA GLY B 627 18.00 -22.77 -29.36
C GLY B 627 17.72 -21.45 -30.03
N SER B 628 18.75 -20.92 -30.69
CA SER B 628 18.66 -19.70 -31.47
C SER B 628 19.23 -19.94 -32.85
N HIS B 629 18.77 -19.16 -33.82
CA HIS B 629 19.23 -19.33 -35.20
C HIS B 629 20.75 -19.19 -35.29
N GLY B 630 21.35 -18.37 -34.43
CA GLY B 630 22.80 -18.23 -34.39
C GLY B 630 23.51 -19.16 -33.44
N GLY B 631 22.76 -19.84 -32.57
CA GLY B 631 23.35 -20.78 -31.63
C GLY B 631 23.35 -20.27 -30.20
N MET B 632 22.60 -20.94 -29.33
CA MET B 632 22.55 -20.58 -27.92
C MET B 632 23.59 -21.40 -27.17
N PRO B 633 24.50 -20.77 -26.41
CA PRO B 633 25.54 -21.54 -25.71
C PRO B 633 25.02 -22.19 -24.43
N TYR B 634 25.40 -23.45 -24.25
CA TYR B 634 25.15 -24.19 -23.02
C TYR B 634 26.40 -24.99 -22.71
N GLN B 635 26.39 -25.69 -21.57
CA GLN B 635 27.56 -26.46 -21.13
C GLN B 635 27.11 -27.85 -20.70
N MET B 636 27.78 -28.87 -21.23
CA MET B 636 27.56 -30.26 -20.84
C MET B 636 28.62 -30.69 -19.85
N PHE B 637 28.23 -31.58 -18.94
CA PHE B 637 29.11 -32.08 -17.89
C PHE B 637 29.03 -33.60 -17.87
N VAL B 638 30.18 -34.25 -17.82
CA VAL B 638 30.27 -35.71 -17.83
C VAL B 638 31.09 -36.15 -16.62
N ILE B 639 30.57 -37.13 -15.88
CA ILE B 639 31.29 -37.68 -14.72
C ILE B 639 31.14 -39.19 -14.71
N VAL B 640 32.24 -39.88 -14.42
CA VAL B 640 32.28 -41.33 -14.33
CA VAL B 640 32.28 -41.33 -14.33
C VAL B 640 32.74 -41.69 -12.92
N THR B 641 31.99 -42.56 -12.25
CA THR B 641 32.26 -42.93 -10.88
C THR B 641 32.13 -44.44 -10.72
N PRO B 642 32.67 -45.00 -9.63
CA PRO B 642 32.46 -46.42 -9.37
C PRO B 642 31.06 -46.71 -8.87
N VAL B 643 30.67 -47.98 -8.92
CA VAL B 643 29.40 -48.43 -8.37
C VAL B 643 29.54 -48.55 -6.86
N ARG B 644 28.66 -47.87 -6.13
CA ARG B 644 28.73 -47.81 -4.69
C ARG B 644 27.60 -48.63 -4.06
N ALA B 645 27.97 -49.46 -3.08
CA ALA B 645 27.00 -50.29 -2.37
C ALA B 645 26.22 -51.16 -3.35
N SER B 651 14.09 -49.04 5.90
CA SER B 651 14.94 -49.80 5.00
C SER B 651 14.40 -49.76 3.57
N ILE B 652 15.30 -49.63 2.60
CA ILE B 652 14.95 -49.55 1.19
C ILE B 652 15.63 -50.70 0.45
N ASP B 653 14.88 -51.38 -0.39
CA ASP B 653 15.38 -52.49 -1.19
C ASP B 653 15.33 -52.10 -2.67
N MET B 654 16.47 -52.21 -3.35
CA MET B 654 16.52 -51.92 -4.78
C MET B 654 15.80 -52.98 -5.61
N ASN B 655 15.67 -54.20 -5.08
CA ASN B 655 14.97 -55.25 -5.82
C ASN B 655 13.50 -54.90 -6.01
N THR B 656 12.87 -54.23 -5.02
CA THR B 656 11.49 -53.82 -5.18
C THR B 656 11.34 -52.85 -6.36
N ALA B 657 12.24 -51.88 -6.46
CA ALA B 657 12.19 -50.96 -7.60
C ALA B 657 12.46 -51.68 -8.91
N LYS B 658 13.41 -52.61 -8.91
CA LYS B 658 13.71 -53.34 -10.14
C LYS B 658 12.52 -54.17 -10.61
N GLU B 659 11.82 -54.81 -9.68
CA GLU B 659 10.72 -55.69 -10.05
C GLU B 659 9.53 -54.92 -10.62
N ARG B 660 9.25 -53.74 -10.09
CA ARG B 660 8.12 -52.94 -10.56
C ARG B 660 8.46 -52.08 -11.76
N LYS B 661 9.69 -52.12 -12.26
CA LYS B 661 10.11 -51.33 -13.40
C LYS B 661 9.85 -49.84 -13.17
N ALA B 662 10.30 -49.36 -12.01
CA ALA B 662 10.20 -47.96 -11.64
C ALA B 662 11.59 -47.37 -11.43
N CYS B 663 12.49 -47.64 -12.37
CA CYS B 663 13.89 -47.24 -12.26
C CYS B 663 14.08 -45.85 -12.87
N ARG B 664 13.72 -44.83 -12.09
CA ARG B 664 13.97 -43.45 -12.48
C ARG B 664 15.39 -43.06 -12.11
N TRP B 665 16.06 -42.35 -13.02
CA TRP B 665 17.43 -41.87 -12.82
C TRP B 665 18.30 -43.08 -12.49
N THR B 666 19.09 -43.04 -11.41
CA THR B 666 20.03 -44.12 -11.08
C THR B 666 19.62 -44.87 -9.82
N VAL B 667 18.33 -44.90 -9.49
CA VAL B 667 17.89 -45.57 -8.28
C VAL B 667 18.18 -47.07 -8.35
N CYS B 668 18.15 -47.63 -9.56
CA CYS B 668 18.43 -49.05 -9.76
C CYS B 668 19.88 -49.31 -10.16
N MET B 669 20.73 -48.28 -10.17
CA MET B 669 22.12 -48.41 -10.57
C MET B 669 23.09 -48.30 -9.41
N ASP B 670 23.00 -47.23 -8.61
CA ASP B 670 23.88 -47.03 -7.46
C ASP B 670 23.06 -46.43 -6.33
N THR B 671 23.74 -46.11 -5.23
CA THR B 671 23.08 -45.59 -4.03
C THR B 671 23.46 -44.14 -3.72
N MET B 672 24.11 -43.44 -4.66
CA MET B 672 24.49 -42.06 -4.41
C MET B 672 23.24 -41.17 -4.37
N PRO B 673 23.29 -40.06 -3.66
CA PRO B 673 22.12 -39.16 -3.61
C PRO B 673 21.77 -38.65 -4.99
N LEU B 674 20.46 -38.53 -5.24
CA LEU B 674 20.00 -37.96 -6.49
C LEU B 674 20.39 -36.48 -6.56
N GLY B 675 20.95 -36.07 -7.70
CA GLY B 675 21.50 -34.74 -7.85
C GLY B 675 23.01 -34.69 -7.71
N PHE B 676 23.63 -35.78 -7.26
CA PHE B 676 25.07 -35.83 -7.15
C PHE B 676 25.70 -35.60 -8.53
N PRO B 677 26.82 -34.86 -8.62
CA PRO B 677 27.56 -34.16 -7.56
C PRO B 677 27.20 -32.69 -7.42
N PHE B 678 25.95 -32.30 -7.69
CA PHE B 678 25.54 -30.91 -7.69
C PHE B 678 24.53 -30.57 -6.61
N ASP B 679 24.16 -31.52 -5.75
CA ASP B 679 23.10 -31.28 -4.77
C ASP B 679 23.58 -30.59 -3.50
N ARG B 680 24.88 -30.37 -3.34
CA ARG B 680 25.45 -29.72 -2.18
C ARG B 680 26.33 -28.55 -2.60
N PRO B 681 26.57 -27.59 -1.71
CA PRO B 681 27.53 -26.53 -2.03
C PRO B 681 28.90 -27.12 -2.36
N ILE B 682 29.56 -26.52 -3.34
CA ILE B 682 30.79 -27.06 -3.92
C ILE B 682 31.98 -26.26 -3.41
N ASP B 683 32.98 -26.97 -2.90
CA ASP B 683 34.26 -26.37 -2.55
C ASP B 683 35.19 -26.51 -3.75
N GLU B 684 35.62 -25.38 -4.31
CA GLU B 684 36.41 -25.41 -5.53
C GLU B 684 37.73 -26.15 -5.35
N THR B 685 38.24 -26.24 -4.12
CA THR B 685 39.51 -26.92 -3.90
C THR B 685 39.40 -28.43 -4.04
N ASN B 686 38.27 -29.01 -3.64
CA ASN B 686 38.05 -30.44 -3.70
C ASN B 686 37.35 -30.90 -4.96
N PHE B 687 37.03 -29.98 -5.87
CA PHE B 687 36.28 -30.29 -7.07
C PHE B 687 37.23 -30.33 -8.27
N TYR B 688 36.65 -30.62 -9.44
CA TYR B 688 37.40 -30.62 -10.71
C TYR B 688 38.46 -31.73 -10.72
N THR B 689 38.01 -32.95 -10.44
CA THR B 689 38.88 -34.12 -10.53
C THR B 689 39.03 -34.54 -11.99
N LYS B 690 39.98 -35.45 -12.23
CA LYS B 690 40.26 -35.91 -13.59
C LYS B 690 39.16 -36.77 -14.18
N ASN B 691 38.22 -37.24 -13.36
CA ASN B 691 37.14 -38.09 -13.83
C ASN B 691 35.90 -37.31 -14.24
N MET B 692 35.97 -35.98 -14.23
CA MET B 692 34.87 -35.13 -14.64
C MET B 692 35.34 -34.17 -15.72
N LYS B 693 34.42 -33.79 -16.60
CA LYS B 693 34.75 -32.96 -17.75
C LYS B 693 33.60 -32.02 -18.08
N PHE B 694 33.95 -30.78 -18.43
CA PHE B 694 33.02 -29.80 -18.96
C PHE B 694 33.27 -29.61 -20.45
N HIS B 695 32.20 -29.27 -21.18
CA HIS B 695 32.29 -29.11 -22.63
C HIS B 695 31.25 -28.11 -23.09
N ASP B 696 31.70 -27.01 -23.70
CA ASP B 696 30.78 -26.02 -24.22
C ASP B 696 30.10 -26.54 -25.49
N VAL B 697 28.81 -26.25 -25.64
CA VAL B 697 28.02 -26.67 -26.79
C VAL B 697 27.13 -25.52 -27.22
N MET B 698 26.64 -25.61 -28.46
CA MET B 698 25.74 -24.62 -29.04
C MET B 698 24.50 -25.33 -29.55
N VAL B 699 23.33 -24.81 -29.19
CA VAL B 699 22.04 -25.37 -29.60
C VAL B 699 21.41 -24.41 -30.60
N TYR B 700 21.16 -24.90 -31.81
CA TYR B 700 20.57 -24.10 -32.88
C TYR B 700 19.09 -24.44 -33.05
N THR B 701 18.37 -23.54 -33.71
CA THR B 701 16.98 -23.76 -34.07
C THR B 701 16.78 -23.39 -35.53
N LYS B 702 15.97 -24.17 -36.23
CA LYS B 702 15.69 -23.96 -37.64
C LYS B 702 14.19 -23.89 -37.86
N ASP B 703 13.80 -23.18 -38.92
CA ASP B 703 12.40 -23.03 -39.32
C ASP B 703 12.18 -23.83 -40.60
N LEU B 704 11.43 -24.93 -40.48
CA LEU B 704 11.12 -25.77 -41.64
C LEU B 704 9.93 -25.27 -42.43
N ALA B 705 9.26 -24.19 -41.98
CA ALA B 705 8.08 -23.70 -42.69
C ALA B 705 8.43 -23.29 -44.11
N MET B 706 9.54 -22.57 -44.29
CA MET B 706 9.96 -22.11 -45.60
C MET B 706 11.14 -22.91 -46.17
N SER B 707 11.68 -23.85 -45.41
CA SER B 707 12.74 -24.70 -45.94
C SER B 707 12.22 -25.56 -47.09
N ASN B 708 11.00 -26.05 -46.99
CA ASN B 708 10.38 -26.83 -48.05
C ASN B 708 9.70 -25.95 -49.10
N MET B 709 9.12 -24.82 -48.68
CA MET B 709 8.47 -23.88 -49.59
C MET B 709 9.54 -22.97 -50.21
N VAL B 710 10.33 -23.56 -51.10
CA VAL B 710 11.46 -22.87 -51.72
C VAL B 710 10.95 -22.28 -53.04
N LYS B 711 10.54 -21.02 -52.99
CA LYS B 711 10.14 -20.27 -54.17
C LYS B 711 10.83 -18.91 -54.14
N ASP B 712 11.17 -18.41 -55.32
CA ASP B 712 11.92 -17.14 -55.45
C ASP B 712 10.92 -15.98 -55.44
N VAL B 713 10.43 -15.67 -54.24
CA VAL B 713 9.51 -14.56 -54.03
C VAL B 713 9.82 -13.91 -52.70
N ASP B 714 9.63 -12.60 -52.64
CA ASP B 714 9.83 -11.82 -51.43
C ASP B 714 8.54 -11.71 -50.65
N MET B 715 8.65 -11.77 -49.32
CA MET B 715 7.48 -11.78 -48.43
C MET B 715 7.52 -10.61 -47.45
N SER B 716 8.19 -9.51 -47.79
CA SER B 716 8.25 -8.37 -46.90
C SER B 716 6.89 -7.70 -46.71
N GLU B 717 5.93 -7.97 -47.60
CA GLU B 717 4.62 -7.34 -47.54
C GLU B 717 3.49 -8.33 -47.20
N MET B 718 3.80 -9.60 -46.97
CA MET B 718 2.77 -10.57 -46.65
C MET B 718 2.28 -10.39 -45.22
N VAL B 719 1.08 -10.90 -44.97
CA VAL B 719 0.43 -10.78 -43.67
C VAL B 719 -0.08 -12.14 -43.23
N MET B 720 -0.20 -12.32 -41.92
CA MET B 720 -0.69 -13.57 -41.37
C MET B 720 -2.17 -13.74 -41.64
N LYS B 721 -2.60 -15.00 -41.75
CA LYS B 721 -4.03 -15.29 -41.91
C LYS B 721 -4.81 -14.82 -40.69
N ARG B 722 -4.28 -15.04 -39.49
CA ARG B 722 -4.84 -14.53 -38.25
C ARG B 722 -3.81 -13.62 -37.59
N ASP B 723 -4.26 -12.46 -37.11
CA ASP B 723 -3.35 -11.42 -36.66
C ASP B 723 -2.63 -11.76 -35.36
N ASP B 724 -3.04 -12.80 -34.66
CA ASP B 724 -2.44 -13.17 -33.38
C ASP B 724 -1.38 -14.26 -33.51
N LEU B 725 -1.05 -14.66 -34.73
CA LEU B 725 -0.02 -15.68 -34.93
C LEU B 725 1.36 -15.08 -34.75
N THR B 726 2.32 -15.95 -34.44
CA THR B 726 3.68 -15.55 -34.10
C THR B 726 4.65 -15.92 -35.23
N TYR B 727 5.94 -15.66 -34.99
CA TYR B 727 6.96 -15.95 -35.97
C TYR B 727 7.11 -17.45 -36.23
N LEU B 728 6.62 -18.29 -35.33
CA LEU B 728 6.68 -19.73 -35.49
C LEU B 728 5.64 -20.26 -36.47
N ASP B 729 4.81 -19.40 -37.06
CA ASP B 729 3.75 -19.80 -37.97
C ASP B 729 3.91 -19.12 -39.32
N LYS B 730 5.14 -19.05 -39.82
CA LYS B 730 5.39 -18.40 -41.10
C LYS B 730 4.66 -19.09 -42.25
N ASP B 731 4.25 -20.35 -42.08
CA ASP B 731 3.49 -21.04 -43.11
C ASP B 731 2.06 -20.53 -43.24
N MET B 732 1.60 -19.70 -42.31
CA MET B 732 0.28 -19.10 -42.36
C MET B 732 0.27 -17.73 -43.01
N LEU B 733 1.41 -17.26 -43.51
CA LEU B 733 1.47 -15.97 -44.17
C LEU B 733 0.80 -16.03 -45.54
N VAL B 734 -0.09 -15.08 -45.80
CA VAL B 734 -0.79 -14.97 -47.07
C VAL B 734 -0.62 -13.55 -47.59
N LYS B 735 -0.28 -13.43 -48.87
CA LYS B 735 -0.08 -12.11 -49.46
C LYS B 735 -1.39 -11.33 -49.44
N ARG B 736 -1.28 -10.03 -49.16
CA ARG B 736 -2.45 -9.17 -49.08
C ARG B 736 -3.23 -9.20 -50.38
N SER B 737 -4.47 -9.68 -50.31
CA SER B 737 -5.34 -9.83 -51.47
C SER B 737 -6.38 -8.72 -51.49
N TYR B 738 -7.10 -8.64 -52.61
CA TYR B 738 -8.17 -7.66 -52.81
C TYR B 738 -9.43 -8.39 -53.23
N LYS B 739 -10.47 -8.29 -52.41
CA LYS B 739 -11.74 -8.95 -52.69
C LYS B 739 -12.59 -8.13 -53.66
N GLU C 34 61.78 -7.40 3.49
CA GLU C 34 62.13 -8.54 4.34
C GLU C 34 61.53 -8.36 5.73
N PRO C 35 61.31 -9.46 6.45
CA PRO C 35 60.79 -9.36 7.82
C PRO C 35 61.84 -8.85 8.79
N MET C 36 61.67 -7.64 9.30
CA MET C 36 62.64 -7.06 10.22
C MET C 36 62.81 -7.95 11.43
N LYS C 37 64.06 -8.08 11.88
CA LYS C 37 64.38 -8.97 12.99
C LYS C 37 63.76 -8.46 14.29
N ASN C 38 63.49 -9.40 15.19
CA ASN C 38 62.89 -9.11 16.49
C ASN C 38 63.91 -9.37 17.59
N MET C 39 64.18 -8.35 18.40
CA MET C 39 65.05 -8.47 19.57
C MET C 39 64.32 -8.21 20.87
N ASP C 40 63.51 -7.15 20.93
CA ASP C 40 62.74 -6.80 22.11
C ASP C 40 61.38 -6.28 21.66
N MET C 41 60.54 -5.94 22.65
CA MET C 41 59.19 -5.48 22.34
C MET C 41 59.20 -4.23 21.47
N LYS C 42 60.18 -3.34 21.68
CA LYS C 42 60.30 -2.16 20.81
C LYS C 42 60.57 -2.58 19.37
N SER C 43 61.45 -3.56 19.19
CA SER C 43 61.69 -4.09 17.86
C SER C 43 60.43 -4.73 17.28
N LYS C 44 59.65 -5.41 18.12
CA LYS C 44 58.39 -5.99 17.66
C LYS C 44 57.45 -4.89 17.17
N GLU C 45 57.35 -3.80 17.92
CA GLU C 45 56.50 -2.69 17.51
C GLU C 45 56.98 -2.08 16.19
N MET C 46 58.30 -1.93 16.04
CA MET C 46 58.84 -1.41 14.80
C MET C 46 58.52 -2.32 13.62
N CYS C 47 58.66 -3.64 13.82
CA CYS C 47 58.33 -4.59 12.76
C CYS C 47 56.85 -4.49 12.38
N ILE C 48 55.97 -4.44 13.38
CA ILE C 48 54.54 -4.38 13.09
C ILE C 48 54.21 -3.09 12.36
N LEU C 49 54.81 -1.97 12.78
CA LEU C 49 54.57 -0.71 12.10
C LEU C 49 55.04 -0.76 10.66
N LYS C 50 56.19 -1.39 10.42
CA LYS C 50 56.67 -1.57 9.05
C LYS C 50 55.67 -2.38 8.23
N LEU C 51 55.13 -3.45 8.81
CA LEU C 51 54.16 -4.27 8.09
C LEU C 51 52.87 -3.53 7.79
N MET C 52 52.55 -2.48 8.55
CA MET C 52 51.31 -1.73 8.38
C MET C 52 51.47 -0.45 7.57
N ASN C 53 52.65 -0.20 7.01
CA ASN C 53 52.96 1.08 6.38
C ASN C 53 52.68 1.01 4.88
N HIS C 54 51.97 2.02 4.38
CA HIS C 54 51.61 2.14 2.96
C HIS C 54 51.17 0.79 2.39
N ILE C 55 50.10 0.25 2.98
CA ILE C 55 49.60 -1.06 2.58
C ILE C 55 49.17 -1.06 1.12
N LEU C 56 48.78 0.11 0.58
CA LEU C 56 48.34 0.16 -0.81
C LEU C 56 49.45 -0.24 -1.76
N GLN C 57 50.71 -0.03 -1.36
CA GLN C 57 51.87 -0.32 -2.20
C GLN C 57 52.81 -1.24 -1.41
N PRO C 58 52.49 -2.53 -1.33
CA PRO C 58 53.32 -3.45 -0.54
C PRO C 58 54.56 -3.87 -1.30
N THR C 59 55.72 -3.43 -0.81
CA THR C 59 57.00 -3.81 -1.39
C THR C 59 58.15 -3.20 -0.58
N LYS C 69 59.13 -14.69 -1.22
CA LYS C 69 60.44 -14.19 -0.86
C LYS C 69 61.38 -15.36 -0.56
N ALA C 70 62.52 -15.06 0.05
CA ALA C 70 63.54 -16.08 0.31
C ALA C 70 63.06 -17.17 1.27
N TRP C 71 61.97 -16.94 2.01
CA TRP C 71 61.45 -17.90 2.98
C TRP C 71 60.28 -18.64 2.32
N VAL C 72 60.57 -19.83 1.78
CA VAL C 72 59.54 -20.61 1.11
C VAL C 72 58.52 -21.08 2.13
N LEU C 73 57.23 -20.89 1.80
CA LEU C 73 56.16 -21.27 2.71
C LEU C 73 55.91 -22.77 2.69
N GLU C 74 55.86 -23.36 1.49
CA GLU C 74 55.52 -24.78 1.36
C GLU C 74 56.58 -25.68 1.96
N GLU C 75 57.82 -25.21 2.11
CA GLU C 75 58.91 -26.02 2.63
C GLU C 75 59.11 -25.84 4.13
N ASN C 76 58.24 -25.07 4.79
CA ASN C 76 58.33 -24.82 6.23
C ASN C 76 57.03 -25.21 6.91
N GLU C 77 56.47 -26.36 6.53
CA GLU C 77 55.24 -26.82 7.16
C GLU C 77 55.43 -27.13 8.64
N ASP C 78 56.60 -27.66 9.01
CA ASP C 78 56.88 -28.01 10.40
C ASP C 78 56.94 -26.79 11.31
N LYS C 79 57.02 -25.59 10.76
CA LYS C 79 57.10 -24.37 11.55
C LYS C 79 55.76 -23.94 12.13
N TYR C 80 54.71 -24.76 11.98
CA TYR C 80 53.38 -24.43 12.48
C TYR C 80 52.85 -25.57 13.33
N MET C 81 52.00 -25.22 14.31
CA MET C 81 51.47 -26.22 15.21
C MET C 81 50.47 -27.14 14.52
N LYS C 82 49.68 -26.61 13.60
CA LYS C 82 48.64 -27.37 12.91
C LYS C 82 49.04 -27.52 11.45
N MET C 83 49.16 -28.77 10.99
CA MET C 83 49.46 -29.03 9.58
C MET C 83 48.25 -28.78 8.70
N GLU C 84 47.05 -29.07 9.22
CA GLU C 84 45.84 -28.92 8.42
C GLU C 84 45.64 -27.47 7.98
N ALA C 85 45.88 -26.53 8.88
CA ALA C 85 45.68 -25.12 8.54
C ALA C 85 46.61 -24.69 7.42
N VAL C 86 47.90 -25.04 7.52
CA VAL C 86 48.86 -24.61 6.51
C VAL C 86 48.55 -25.28 5.18
N LYS C 87 48.20 -26.57 5.20
CA LYS C 87 47.86 -27.24 3.95
C LYS C 87 46.62 -26.61 3.30
N GLU C 88 45.60 -26.30 4.10
CA GLU C 88 44.40 -25.67 3.58
C GLU C 88 44.71 -24.32 2.97
N PHE C 89 45.53 -23.52 3.66
CA PHE C 89 45.90 -22.21 3.14
C PHE C 89 46.66 -22.35 1.83
N ILE C 90 47.59 -23.30 1.76
CA ILE C 90 48.37 -23.47 0.53
C ILE C 90 47.46 -23.86 -0.63
N ASN C 91 46.53 -24.80 -0.40
CA ASN C 91 45.62 -25.20 -1.46
C ASN C 91 44.75 -24.02 -1.91
N THR C 92 44.20 -23.27 -0.95
CA THR C 92 43.35 -22.14 -1.31
C THR C 92 44.13 -21.08 -2.08
N TYR C 93 45.36 -20.79 -1.65
CA TYR C 93 46.17 -19.80 -2.34
C TYR C 93 46.50 -20.25 -3.76
N LYS C 94 46.84 -21.53 -3.93
CA LYS C 94 47.08 -22.06 -5.26
C LYS C 94 45.82 -21.95 -6.13
N MET C 95 44.64 -22.10 -5.53
CA MET C 95 43.41 -21.96 -6.28
C MET C 95 43.01 -20.50 -6.52
N GLY C 96 43.71 -19.56 -5.91
CA GLY C 96 43.40 -18.15 -6.11
C GLY C 96 42.58 -17.55 -4.98
N MET C 97 42.87 -16.31 -4.61
CA MET C 97 42.19 -15.63 -3.53
C MET C 97 41.75 -14.23 -4.00
N LEU C 98 41.28 -13.43 -3.06
CA LEU C 98 40.81 -12.08 -3.38
C LEU C 98 41.94 -11.24 -3.94
N PRO C 99 41.78 -10.65 -5.13
CA PRO C 99 42.85 -9.80 -5.67
C PRO C 99 43.08 -8.57 -4.81
N ARG C 100 44.33 -8.10 -4.83
CA ARG C 100 44.68 -6.89 -4.09
C ARG C 100 43.96 -5.66 -4.63
N GLY C 101 43.46 -5.72 -5.87
CA GLY C 101 42.74 -4.62 -6.47
C GLY C 101 41.26 -4.55 -6.15
N GLU C 102 40.77 -5.43 -5.28
CA GLU C 102 39.38 -5.42 -4.85
C GLU C 102 39.30 -5.00 -3.39
N VAL C 103 38.08 -4.92 -2.87
CA VAL C 103 37.81 -4.48 -1.51
CA VAL C 103 37.81 -4.48 -1.51
C VAL C 103 37.41 -5.68 -0.67
N PHE C 104 38.00 -5.79 0.52
CA PHE C 104 37.68 -6.84 1.46
C PHE C 104 36.47 -6.43 2.29
N VAL C 105 35.44 -7.28 2.30
CA VAL C 105 34.17 -6.99 2.95
C VAL C 105 34.08 -7.84 4.21
N HIS C 106 33.79 -7.18 5.34
CA HIS C 106 33.80 -7.88 6.62
C HIS C 106 32.68 -8.91 6.72
N MET C 107 31.51 -8.61 6.14
CA MET C 107 30.33 -9.45 6.28
C MET C 107 30.03 -10.26 5.02
N ASP C 108 31.06 -10.63 4.25
CA ASP C 108 30.91 -11.50 3.10
C ASP C 108 31.46 -12.88 3.45
N HIS C 109 30.64 -13.92 3.23
CA HIS C 109 31.00 -15.25 3.69
C HIS C 109 32.31 -15.75 3.07
N LYS C 110 32.46 -15.56 1.76
CA LYS C 110 33.69 -15.98 1.09
C LYS C 110 34.90 -15.21 1.64
N HIS C 111 34.75 -13.90 1.77
CA HIS C 111 35.85 -13.07 2.25
C HIS C 111 36.24 -13.46 3.66
N VAL C 112 35.27 -13.65 4.55
CA VAL C 112 35.58 -14.02 5.92
CA VAL C 112 35.55 -14.04 5.92
C VAL C 112 36.18 -15.42 5.97
N GLU C 113 35.74 -16.33 5.09
CA GLU C 113 36.36 -17.65 5.04
C GLU C 113 37.84 -17.55 4.72
N GLU C 114 38.18 -16.78 3.68
CA GLU C 114 39.59 -16.61 3.34
C GLU C 114 40.35 -15.92 4.47
N ALA C 115 39.75 -14.92 5.09
CA ALA C 115 40.41 -14.21 6.19
C ALA C 115 40.65 -15.14 7.37
N VAL C 116 39.71 -16.05 7.64
CA VAL C 116 39.88 -17.00 8.73
C VAL C 116 40.99 -17.99 8.41
N LYS C 117 41.10 -18.40 7.15
CA LYS C 117 42.22 -19.25 6.77
C LYS C 117 43.55 -18.54 7.01
N VAL C 118 43.63 -17.26 6.61
CA VAL C 118 44.87 -16.50 6.82
C VAL C 118 45.15 -16.36 8.32
N PHE C 119 44.11 -16.09 9.11
CA PHE C 119 44.29 -15.95 10.55
C PHE C 119 44.77 -17.25 11.18
N LYS C 120 44.23 -18.39 10.73
CA LYS C 120 44.70 -19.67 11.23
C LYS C 120 46.17 -19.89 10.87
N LEU C 121 46.55 -19.50 9.65
CA LEU C 121 47.96 -19.61 9.26
C LEU C 121 48.85 -18.79 10.20
N LEU C 122 48.43 -17.56 10.50
CA LEU C 122 49.26 -16.69 11.33
C LEU C 122 49.28 -17.15 12.79
N TYR C 123 48.14 -17.61 13.30
CA TYR C 123 48.01 -17.87 14.73
C TYR C 123 48.87 -19.03 15.20
N PHE C 124 48.96 -20.09 14.39
CA PHE C 124 49.62 -21.32 14.80
C PHE C 124 51.11 -21.32 14.51
N ALA C 125 51.71 -20.16 14.28
CA ALA C 125 53.17 -20.08 14.18
C ALA C 125 53.80 -20.44 15.52
N ASN C 126 54.89 -21.21 15.46
CA ASN C 126 55.50 -21.71 16.68
C ASN C 126 55.99 -20.57 17.57
N ASP C 127 56.68 -19.59 16.98
CA ASP C 127 57.30 -18.52 17.74
C ASP C 127 57.11 -17.20 16.99
N PHE C 128 57.61 -16.12 17.59
CA PHE C 128 57.41 -14.79 17.02
C PHE C 128 58.19 -14.59 15.72
N ASP C 129 59.36 -15.23 15.59
CA ASP C 129 60.12 -15.10 14.36
C ASP C 129 59.36 -15.69 13.17
N VAL C 130 58.80 -16.89 13.36
CA VAL C 130 58.01 -17.50 12.30
C VAL C 130 56.78 -16.65 12.01
N PHE C 131 56.17 -16.08 13.05
CA PHE C 131 55.02 -15.21 12.85
C PHE C 131 55.39 -14.01 12.00
N LEU C 132 56.52 -13.37 12.28
CA LEU C 132 56.95 -12.20 11.51
C LEU C 132 57.24 -12.60 10.07
N LYS C 133 57.92 -13.72 9.87
CA LYS C 133 58.25 -14.14 8.50
C LYS C 133 56.99 -14.47 7.71
N THR C 134 56.02 -15.15 8.34
CA THR C 134 54.77 -15.44 7.67
C THR C 134 54.01 -14.15 7.33
N ALA C 135 54.00 -13.20 8.26
CA ALA C 135 53.32 -11.93 8.01
C ALA C 135 53.96 -11.19 6.84
N CYS C 136 55.30 -11.18 6.79
CA CYS C 136 55.99 -10.53 5.69
C CYS C 136 55.68 -11.23 4.36
N TRP C 137 55.64 -12.56 4.38
CA TRP C 137 55.28 -13.30 3.17
C TRP C 137 53.88 -12.94 2.71
N LEU C 138 52.94 -12.84 3.64
CA LEU C 138 51.55 -12.54 3.28
C LEU C 138 51.40 -11.11 2.78
N ARG C 139 52.17 -10.18 3.35
CA ARG C 139 51.96 -8.75 3.06
C ARG C 139 52.01 -8.48 1.56
N GLU C 140 52.90 -9.16 0.83
CA GLU C 140 53.10 -8.91 -0.58
C GLU C 140 52.47 -9.99 -1.46
N ARG C 141 51.49 -10.72 -0.94
CA ARG C 141 50.83 -11.79 -1.70
C ARG C 141 49.31 -11.67 -1.72
N ILE C 142 48.69 -11.23 -0.62
CA ILE C 142 47.24 -11.26 -0.51
C ILE C 142 46.68 -9.84 -0.41
N ASN C 143 45.36 -9.73 -0.35
CA ASN C 143 44.69 -8.44 -0.26
C ASN C 143 45.12 -7.70 1.00
N GLY C 144 45.31 -6.39 0.87
CA GLY C 144 45.78 -5.60 2.00
C GLY C 144 44.80 -5.57 3.15
N GLY C 145 43.52 -5.35 2.86
CA GLY C 145 42.53 -5.30 3.92
C GLY C 145 42.39 -6.61 4.66
N MET C 146 42.34 -7.72 3.93
CA MET C 146 42.27 -9.03 4.56
C MET C 146 43.51 -9.29 5.41
N PHE C 147 44.68 -8.93 4.89
CA PHE C 147 45.92 -9.11 5.64
C PHE C 147 45.90 -8.33 6.93
N VAL C 148 45.46 -7.07 6.87
CA VAL C 148 45.40 -6.24 8.08
C VAL C 148 44.41 -6.84 9.07
N TYR C 149 43.24 -7.28 8.59
CA TYR C 149 42.26 -7.89 9.47
C TYR C 149 42.84 -9.10 10.19
N ALA C 150 43.45 -10.02 9.44
CA ALA C 150 44.00 -11.23 10.04
C ALA C 150 45.14 -10.90 11.01
N LEU C 151 46.01 -9.97 10.63
CA LEU C 151 47.14 -9.62 11.49
C LEU C 151 46.66 -8.98 12.79
N THR C 152 45.67 -8.10 12.71
CA THR C 152 45.13 -7.48 13.91
C THR C 152 44.50 -8.54 14.82
N ALA C 153 43.74 -9.47 14.23
CA ALA C 153 43.15 -10.53 15.05
C ALA C 153 44.24 -11.37 15.73
N ALA C 154 45.28 -11.73 14.99
CA ALA C 154 46.36 -12.52 15.57
C ALA C 154 47.05 -11.78 16.69
N ILE C 155 47.34 -10.48 16.49
CA ILE C 155 47.98 -9.71 17.54
C ILE C 155 47.09 -9.62 18.77
N PHE C 156 45.78 -9.47 18.56
CA PHE C 156 44.86 -9.42 19.69
C PHE C 156 44.84 -10.74 20.45
N HIS C 157 44.96 -11.87 19.75
CA HIS C 157 44.77 -13.17 20.37
C HIS C 157 46.05 -13.99 20.52
N ARG C 158 47.20 -13.50 20.06
CA ARG C 158 48.45 -14.20 20.28
C ARG C 158 49.01 -13.84 21.66
N SER C 159 49.43 -14.86 22.41
CA SER C 159 49.92 -14.63 23.76
C SER C 159 51.27 -13.92 23.76
N ASP C 160 52.08 -14.13 22.74
CA ASP C 160 53.41 -13.54 22.67
C ASP C 160 53.42 -12.14 22.07
N CYS C 161 52.26 -11.60 21.70
CA CYS C 161 52.16 -10.26 21.16
C CYS C 161 51.84 -9.22 22.23
N SER C 162 51.88 -9.60 23.50
CA SER C 162 51.61 -8.66 24.58
C SER C 162 52.65 -7.54 24.58
N GLY C 163 52.20 -6.34 24.91
CA GLY C 163 53.07 -5.18 24.97
C GLY C 163 53.42 -4.58 23.63
N ILE C 164 52.56 -4.75 22.62
CA ILE C 164 52.80 -4.23 21.28
C ILE C 164 51.70 -3.23 20.96
N LYS C 165 52.09 -2.03 20.55
CA LYS C 165 51.16 -0.99 20.12
C LYS C 165 51.04 -1.01 18.61
N ILE C 166 49.84 -0.77 18.11
CA ILE C 166 49.58 -0.77 16.67
C ILE C 166 48.88 0.53 16.29
N PRO C 167 49.04 1.01 15.05
CA PRO C 167 48.37 2.24 14.65
C PRO C 167 46.85 2.07 14.58
N ALA C 168 46.15 3.18 14.74
CA ALA C 168 44.70 3.16 14.71
C ALA C 168 44.22 2.74 13.32
N PRO C 169 43.05 2.10 13.23
CA PRO C 169 42.58 1.64 11.91
C PRO C 169 42.45 2.74 10.89
N TYR C 170 42.04 3.95 11.31
CA TYR C 170 41.93 5.05 10.35
C TYR C 170 43.28 5.52 9.85
N GLU C 171 44.35 5.31 10.61
CA GLU C 171 45.68 5.62 10.10
C GLU C 171 46.09 4.63 9.02
N ILE C 172 45.82 3.33 9.23
CA ILE C 172 46.20 2.33 8.26
C ILE C 172 45.42 2.49 6.96
N TYR C 173 44.09 2.62 7.07
CA TYR C 173 43.19 2.68 5.93
C TYR C 173 42.21 3.83 6.14
N PRO C 174 42.64 5.07 5.86
CA PRO C 174 41.74 6.21 6.10
C PRO C 174 40.48 6.18 5.26
N TYR C 175 40.44 5.40 4.18
CA TYR C 175 39.30 5.41 3.28
C TYR C 175 37.99 5.13 4.02
N LEU C 176 38.03 4.25 5.02
CA LEU C 176 36.81 3.85 5.71
C LEU C 176 36.41 4.79 6.84
N PHE C 177 37.18 5.84 7.09
CA PHE C 177 36.88 6.77 8.18
C PHE C 177 36.85 8.23 7.78
N VAL C 178 37.44 8.61 6.65
CA VAL C 178 37.54 10.01 6.23
C VAL C 178 36.62 10.23 5.03
N ASP C 179 35.93 11.37 5.03
CA ASP C 179 35.00 11.68 3.95
C ASP C 179 35.73 11.72 2.62
N SER C 180 34.97 11.40 1.55
CA SER C 180 35.57 11.26 0.23
C SER C 180 36.16 12.57 -0.27
N ASN C 181 35.49 13.70 0.00
CA ASN C 181 35.94 14.98 -0.53
C ASN C 181 37.31 15.35 0.04
N ILE C 182 37.55 15.06 1.32
CA ILE C 182 38.83 15.36 1.92
C ILE C 182 39.95 14.57 1.24
N LEU C 183 39.71 13.29 0.99
CA LEU C 183 40.70 12.48 0.29
C LEU C 183 40.90 12.96 -1.14
N HIS C 184 39.84 13.43 -1.79
CA HIS C 184 39.98 13.97 -3.13
C HIS C 184 40.86 15.22 -3.13
N LYS C 185 40.67 16.09 -2.14
CA LYS C 185 41.52 17.26 -2.01
C LYS C 185 42.97 16.87 -1.75
N ALA C 186 43.18 15.86 -0.90
CA ALA C 186 44.53 15.36 -0.66
C ALA C 186 45.16 14.84 -1.94
N PHE C 187 44.39 14.10 -2.75
CA PHE C 187 44.91 13.62 -4.02
C PHE C 187 45.25 14.78 -4.95
N MET C 188 44.42 15.82 -4.97
CA MET C 188 44.72 16.98 -5.80
C MET C 188 46.02 17.64 -5.37
N MET C 189 46.22 17.81 -4.06
CA MET C 189 47.46 18.40 -3.58
C MET C 189 48.66 17.53 -3.92
N LYS C 190 48.52 16.21 -3.78
CA LYS C 190 49.61 15.32 -4.13
C LYS C 190 49.95 15.41 -5.61
N MET C 191 48.93 15.43 -6.47
CA MET C 191 49.17 15.50 -7.90
C MET C 191 49.83 16.83 -8.29
N SER C 192 49.36 17.93 -7.71
CA SER C 192 49.89 19.24 -8.03
C SER C 192 51.11 19.62 -7.18
N LYS C 193 51.50 18.77 -6.24
CA LYS C 193 52.60 19.04 -5.33
C LYS C 193 52.43 20.41 -4.67
N ALA C 194 51.21 20.66 -4.21
CA ALA C 194 50.87 21.88 -3.49
C ALA C 194 51.05 23.11 -4.38
N ALA C 195 50.37 23.09 -5.52
CA ALA C 195 50.34 24.22 -6.45
C ALA C 195 48.96 24.85 -6.56
N MET C 196 48.05 24.54 -5.64
CA MET C 196 46.70 25.08 -5.70
C MET C 196 46.72 26.59 -5.53
N ASP C 197 45.85 27.27 -6.27
CA ASP C 197 45.82 28.73 -6.23
C ASP C 197 45.25 29.22 -4.90
N PRO C 198 45.57 30.46 -4.51
CA PRO C 198 45.12 30.95 -3.19
C PRO C 198 43.61 30.93 -3.02
N VAL C 199 42.84 31.24 -4.07
CA VAL C 199 41.39 31.31 -3.92
C VAL C 199 40.83 29.94 -3.56
N MET C 200 41.27 28.89 -4.26
CA MET C 200 40.76 27.55 -3.99
C MET C 200 41.15 27.09 -2.59
N LYS C 201 42.40 27.35 -2.18
CA LYS C 201 42.83 26.94 -0.85
C LYS C 201 42.04 27.66 0.22
N ASN C 202 41.80 28.97 0.05
CA ASN C 202 41.02 29.71 1.03
C ASN C 202 39.59 29.18 1.10
N TYR C 203 38.98 28.88 -0.05
CA TYR C 203 37.61 28.37 -0.04
C TYR C 203 37.54 27.01 0.64
N TYR C 204 38.51 26.13 0.35
CA TYR C 204 38.53 24.80 0.95
C TYR C 204 39.22 24.76 2.31
N GLY C 205 39.87 25.84 2.73
CA GLY C 205 40.55 25.85 4.00
C GLY C 205 41.81 25.02 4.04
N ILE C 206 42.48 24.85 2.89
CA ILE C 206 43.71 24.07 2.80
C ILE C 206 44.90 24.99 2.99
N LYS C 207 45.88 24.53 3.76
CA LYS C 207 47.10 25.30 3.98
C LYS C 207 48.30 24.36 3.94
N VAL C 208 49.48 24.95 3.75
CA VAL C 208 50.75 24.23 3.78
C VAL C 208 51.58 24.83 4.91
N LYS C 209 51.95 24.00 5.88
CA LYS C 209 52.73 24.42 7.04
C LYS C 209 54.17 23.94 6.87
N ASP C 210 55.11 24.88 6.98
CA ASP C 210 56.55 24.64 6.92
C ASP C 210 56.99 24.00 5.62
N ASN C 211 56.18 24.09 4.57
CA ASN C 211 56.44 23.42 3.30
C ASN C 211 56.68 21.92 3.49
N SER C 212 56.16 21.36 4.59
CA SER C 212 56.32 19.95 4.89
C SER C 212 55.02 19.25 5.28
N MET C 213 53.98 19.99 5.67
CA MET C 213 52.70 19.40 6.02
C MET C 213 51.60 20.07 5.23
N VAL C 214 50.60 19.30 4.82
CA VAL C 214 49.42 19.80 4.14
C VAL C 214 48.23 19.56 5.05
N ILE C 215 47.54 20.63 5.44
CA ILE C 215 46.42 20.57 6.37
C ILE C 215 45.15 20.95 5.62
N ILE C 216 44.17 20.05 5.63
CA ILE C 216 42.88 20.26 4.97
C ILE C 216 41.82 20.32 6.06
N ASP C 217 41.11 21.45 6.13
CA ASP C 217 40.04 21.58 7.11
C ASP C 217 38.89 20.65 6.75
N TRP C 218 38.32 20.01 7.77
CA TRP C 218 37.28 19.01 7.61
C TRP C 218 36.07 19.42 8.44
N ARG C 219 35.01 19.84 7.77
CA ARG C 219 33.74 20.19 8.41
C ARG C 219 32.62 19.40 7.73
N LYS C 220 31.75 18.81 8.53
CA LYS C 220 30.72 17.92 7.99
C LYS C 220 29.83 18.66 7.00
N GLY C 221 29.13 19.68 7.45
CA GLY C 221 28.20 20.40 6.61
C GLY C 221 26.83 19.74 6.57
N LEU C 222 25.97 20.27 5.69
CA LEU C 222 24.60 19.81 5.56
C LEU C 222 24.21 19.46 4.13
N ARG C 223 25.16 19.44 3.21
CA ARG C 223 24.84 19.13 1.81
C ARG C 223 24.48 17.66 1.58
N HIS C 224 24.79 16.79 2.53
CA HIS C 224 24.45 15.37 2.45
C HIS C 224 23.28 15.01 3.35
N THR C 225 22.53 16.00 3.84
CA THR C 225 21.44 15.73 4.78
C THR C 225 20.37 14.86 4.11
N MET C 226 19.89 13.88 4.87
CA MET C 226 18.79 13.02 4.44
C MET C 226 17.63 13.00 5.43
N SER C 227 17.89 13.18 6.72
CA SER C 227 16.83 13.18 7.73
C SER C 227 17.37 13.86 8.98
N GLU C 228 16.48 14.05 9.96
CA GLU C 228 16.86 14.70 11.20
C GLU C 228 17.90 13.89 11.98
N PHE C 229 17.99 12.59 11.72
CA PHE C 229 18.98 11.76 12.41
C PHE C 229 20.39 12.32 12.25
N ASP C 230 20.70 12.85 11.06
CA ASP C 230 22.02 13.39 10.79
C ASP C 230 22.41 14.51 11.75
N ARG C 231 21.45 15.05 12.51
CA ARG C 231 21.79 16.08 13.49
C ARG C 231 22.73 15.55 14.57
N THR C 232 22.85 14.23 14.71
CA THR C 232 23.81 13.64 15.65
C THR C 232 25.02 13.07 14.93
N SER C 233 25.31 13.57 13.72
CA SER C 233 26.39 13.01 12.93
C SER C 233 27.74 13.14 13.63
N TYR C 234 27.92 14.18 14.46
CA TYR C 234 29.19 14.35 15.16
C TYR C 234 29.47 13.21 16.13
N PHE C 235 28.44 12.45 16.51
CA PHE C 235 28.61 11.29 17.39
C PHE C 235 28.68 9.98 16.63
N THR C 236 27.73 9.74 15.72
CA THR C 236 27.70 8.47 15.00
C THR C 236 28.89 8.31 14.07
N GLU C 237 29.34 9.39 13.44
CA GLU C 237 30.44 9.34 12.48
C GLU C 237 31.80 9.59 13.12
N ASP C 238 31.86 9.69 14.44
CA ASP C 238 33.15 9.86 15.12
C ASP C 238 34.04 8.65 14.86
N ILE C 239 35.31 8.92 14.55
CA ILE C 239 36.23 7.84 14.19
C ILE C 239 36.43 6.91 15.40
N ASP C 240 36.47 7.47 16.60
CA ASP C 240 36.75 6.67 17.79
C ASP C 240 35.62 5.70 18.09
N LEU C 241 34.37 6.09 17.85
CA LEU C 241 33.26 5.18 18.10
C LEU C 241 33.32 3.96 17.17
N ASN C 242 33.57 4.21 15.88
CA ASN C 242 33.69 3.11 14.93
C ASN C 242 34.90 2.23 15.26
N THR C 243 36.01 2.86 15.67
CA THR C 243 37.17 2.08 16.09
C THR C 243 36.85 1.23 17.32
N TYR C 244 36.04 1.78 18.24
CA TYR C 244 35.64 1.01 19.42
C TYR C 244 34.82 -0.21 19.03
N LEU C 245 33.89 -0.05 18.09
CA LEU C 245 33.12 -1.21 17.63
C LEU C 245 34.04 -2.21 16.93
N TYR C 246 34.99 -1.72 16.13
CA TYR C 246 35.90 -2.61 15.42
C TYR C 246 36.75 -3.43 16.40
N TYR C 247 37.24 -2.78 17.46
CA TYR C 247 38.03 -3.50 18.45
C TYR C 247 37.15 -4.40 19.32
N MET C 248 35.88 -4.05 19.51
CA MET C 248 34.95 -4.97 20.15
C MET C 248 34.83 -6.25 19.34
N HIS C 249 34.69 -6.11 18.02
CA HIS C 249 34.63 -7.28 17.15
C HIS C 249 35.92 -8.08 17.21
N MET C 250 37.07 -7.39 17.19
CA MET C 250 38.34 -8.08 17.21
C MET C 250 38.55 -8.83 18.53
N SER C 251 38.11 -8.25 19.64
CA SER C 251 38.28 -8.89 20.93
C SER C 251 37.51 -10.21 21.00
N TYR C 252 36.30 -10.25 20.47
CA TYR C 252 35.43 -11.42 20.53
C TYR C 252 34.89 -11.72 19.13
N PRO C 253 35.72 -12.23 18.23
CA PRO C 253 35.22 -12.58 16.89
C PRO C 253 34.15 -13.65 16.96
N TYR C 254 33.15 -13.54 16.08
CA TYR C 254 32.07 -14.52 16.06
C TYR C 254 32.53 -15.84 15.45
N TRP C 255 33.54 -15.80 14.58
CA TRP C 255 34.04 -17.01 13.93
C TRP C 255 35.05 -17.77 14.79
N MET C 256 35.39 -17.26 15.97
CA MET C 256 36.28 -17.96 16.90
C MET C 256 35.40 -18.69 17.90
N ASN C 257 35.15 -19.97 17.64
CA ASN C 257 34.24 -20.77 18.45
C ASN C 257 34.84 -22.15 18.72
N GLU C 258 36.12 -22.19 19.10
CA GLU C 258 36.82 -23.42 19.39
C GLU C 258 37.38 -23.38 20.81
N ASP C 259 37.44 -24.55 21.44
CA ASP C 259 37.85 -24.64 22.84
C ASP C 259 39.30 -24.21 23.02
N MET C 260 40.14 -24.39 22.01
CA MET C 260 41.57 -24.13 22.17
C MET C 260 41.83 -22.66 22.49
N TYR C 261 41.09 -21.75 21.87
CA TYR C 261 41.31 -20.33 22.10
C TYR C 261 41.01 -19.96 23.55
N ARG C 262 41.85 -19.08 24.10
CA ARG C 262 41.70 -18.69 25.50
C ARG C 262 40.45 -17.85 25.73
N VAL C 263 40.02 -17.09 24.73
CA VAL C 263 38.87 -16.21 24.89
C VAL C 263 37.61 -16.99 25.25
N ASN C 264 37.58 -18.28 24.94
CA ASN C 264 36.43 -19.11 25.31
C ASN C 264 36.22 -19.16 26.82
N LYS C 265 37.25 -18.85 27.60
CA LYS C 265 37.16 -18.88 29.06
C LYS C 265 36.84 -17.52 29.65
N GLU C 266 36.49 -16.54 28.84
CA GLU C 266 36.12 -15.21 29.31
C GLU C 266 34.62 -14.98 29.14
N ARG C 267 34.15 -13.86 29.69
CA ARG C 267 32.75 -13.46 29.57
C ARG C 267 32.53 -12.67 28.28
N ARG C 268 32.81 -13.34 27.16
CA ARG C 268 32.82 -12.66 25.87
C ARG C 268 31.42 -12.23 25.44
N GLY C 269 30.45 -13.16 25.52
CA GLY C 269 29.12 -12.85 25.02
C GLY C 269 28.46 -11.73 25.80
N GLU C 270 28.52 -11.80 27.13
CA GLU C 270 27.92 -10.77 27.95
C GLU C 270 28.61 -9.44 27.74
N ALA C 271 29.94 -9.45 27.58
CA ALA C 271 30.66 -8.20 27.32
C ALA C 271 30.21 -7.58 26.00
N MET C 272 30.09 -8.39 24.95
CA MET C 272 29.65 -7.87 23.66
C MET C 272 28.24 -7.30 23.75
N TRP C 273 27.33 -8.04 24.39
CA TRP C 273 25.96 -7.56 24.51
C TRP C 273 25.89 -6.26 25.31
N TYR C 274 26.65 -6.18 26.41
CA TYR C 274 26.64 -4.97 27.22
C TYR C 274 27.26 -3.80 26.47
N GLY C 275 28.26 -4.07 25.63
CA GLY C 275 28.79 -3.00 24.79
C GLY C 275 27.75 -2.45 23.84
N TYR C 276 27.01 -3.34 23.18
CA TYR C 276 25.94 -2.87 22.29
C TYR C 276 24.88 -2.09 23.07
N GLN C 277 24.48 -2.60 24.24
CA GLN C 277 23.45 -1.95 25.04
C GLN C 277 23.91 -0.56 25.49
N GLN C 278 25.17 -0.45 25.92
CA GLN C 278 25.69 0.84 26.36
C GLN C 278 25.80 1.82 25.19
N LEU C 279 26.17 1.33 24.02
CA LEU C 279 26.18 2.20 22.85
C LEU C 279 24.79 2.73 22.54
N GLN C 280 23.78 1.86 22.62
CA GLN C 280 22.41 2.30 22.39
C GLN C 280 21.98 3.34 23.43
N ALA C 281 22.31 3.11 24.70
CA ALA C 281 21.96 4.06 25.74
C ALA C 281 22.65 5.41 25.51
N ARG C 282 23.93 5.39 25.13
CA ARG C 282 24.65 6.62 24.86
C ARG C 282 24.02 7.39 23.70
N LEU C 283 23.63 6.68 22.63
CA LEU C 283 22.94 7.34 21.53
C LEU C 283 21.61 7.92 22.00
N ARG C 284 20.91 7.21 22.88
CA ARG C 284 19.66 7.73 23.44
C ARG C 284 19.90 9.06 24.15
N LEU C 285 20.94 9.12 24.99
CA LEU C 285 21.24 10.36 25.68
C LEU C 285 21.61 11.47 24.70
N GLU C 286 22.41 11.15 23.69
CA GLU C 286 22.80 12.16 22.70
C GLU C 286 21.59 12.70 21.96
N ARG C 287 20.66 11.82 21.58
CA ARG C 287 19.44 12.26 20.91
C ARG C 287 18.59 13.12 21.83
N LEU C 288 18.46 12.74 23.10
CA LEU C 288 17.73 13.55 24.05
C LEU C 288 18.33 14.95 24.16
N SER C 289 19.66 15.05 24.05
CA SER C 289 20.28 16.38 24.06
C SER C 289 19.74 17.26 22.94
N HIS C 290 19.26 16.66 21.85
CA HIS C 290 18.68 17.40 20.73
C HIS C 290 17.15 17.35 20.72
N HIS C 291 16.54 16.97 21.85
CA HIS C 291 15.08 16.96 21.97
C HIS C 291 14.44 15.99 20.98
N MET C 292 15.08 14.84 20.78
CA MET C 292 14.58 13.79 19.90
C MET C 292 14.25 12.54 20.73
N CYS C 293 13.17 11.86 20.36
CA CYS C 293 12.72 10.70 21.09
C CYS C 293 13.58 9.47 20.78
N ASP C 294 13.39 8.43 21.57
CA ASP C 294 14.17 7.21 21.40
C ASP C 294 13.82 6.52 20.09
N LEU C 295 14.80 5.82 19.52
CA LEU C 295 14.60 5.13 18.27
C LEU C 295 13.63 3.97 18.44
N LYS C 296 12.91 3.66 17.34
CA LYS C 296 11.96 2.56 17.32
C LYS C 296 12.53 1.36 16.57
N PRO C 297 12.15 0.14 16.93
CA PRO C 297 12.62 -1.02 16.17
C PRO C 297 12.18 -0.96 14.72
N LEU C 298 13.05 -1.41 13.82
CA LEU C 298 12.70 -1.43 12.40
C LEU C 298 11.67 -2.52 12.13
N ASP C 299 10.71 -2.22 11.27
CA ASP C 299 9.66 -3.17 10.88
C ASP C 299 10.04 -3.74 9.52
N LEU C 300 10.51 -4.99 9.53
CA LEU C 300 10.91 -5.63 8.28
C LEU C 300 9.74 -5.78 7.32
N ASP C 301 8.50 -5.74 7.82
CA ASP C 301 7.32 -5.78 6.97
C ASP C 301 6.92 -4.40 6.47
N GLY C 302 7.63 -3.34 6.88
CA GLY C 302 7.30 -1.98 6.48
C GLY C 302 8.42 -1.31 5.72
N THR C 303 8.63 -0.03 6.00
CA THR C 303 9.63 0.78 5.31
C THR C 303 10.58 1.41 6.32
N LEU C 304 11.79 1.70 5.85
CA LEU C 304 12.80 2.39 6.64
C LEU C 304 12.77 3.87 6.25
N ASP C 305 12.25 4.70 7.14
CA ASP C 305 12.07 6.12 6.83
C ASP C 305 13.41 6.82 6.63
N GLU C 306 14.41 6.49 7.46
CA GLU C 306 15.66 7.24 7.49
C GLU C 306 16.61 6.72 6.43
N GLY C 307 16.93 7.54 5.44
CA GLY C 307 18.01 7.26 4.52
C GLY C 307 19.34 7.69 5.08
N TYR C 308 20.40 7.47 4.30
CA TYR C 308 21.73 7.83 4.74
C TYR C 308 22.66 8.00 3.54
N TRP C 309 23.60 8.94 3.67
CA TRP C 309 24.61 9.21 2.66
C TRP C 309 25.98 8.81 3.21
N PRO C 310 26.57 7.70 2.77
CA PRO C 310 27.83 7.24 3.40
C PRO C 310 28.96 8.25 3.33
N LYS C 311 29.21 8.84 2.16
CA LYS C 311 30.36 9.72 1.95
C LYS C 311 31.67 8.96 2.16
N ILE C 312 31.70 7.71 1.72
CA ILE C 312 32.86 6.83 1.90
C ILE C 312 33.41 6.46 0.53
N LEU C 313 34.71 6.67 0.33
CA LEU C 313 35.39 6.30 -0.89
C LEU C 313 36.23 5.04 -0.64
N LEU C 314 36.21 4.13 -1.60
CA LEU C 314 37.00 2.92 -1.57
C LEU C 314 38.20 3.06 -2.50
N HIS C 315 39.28 2.34 -2.17
CA HIS C 315 40.50 2.46 -2.95
C HIS C 315 40.34 1.96 -4.38
N THR C 316 39.26 1.24 -4.69
CA THR C 316 38.97 0.82 -6.05
C THR C 316 38.40 1.95 -6.90
N GLY C 317 38.03 3.08 -6.30
CA GLY C 317 37.46 4.19 -7.02
C GLY C 317 35.95 4.31 -6.94
N ASP C 318 35.29 3.42 -6.22
CA ASP C 318 33.84 3.44 -6.07
C ASP C 318 33.48 3.83 -4.64
N GLU C 319 32.36 4.54 -4.50
CA GLU C 319 31.86 4.97 -3.21
C GLU C 319 30.70 4.07 -2.76
N MET C 320 30.50 4.01 -1.46
CA MET C 320 29.37 3.26 -0.92
C MET C 320 28.07 3.89 -1.40
N PRO C 321 27.10 3.09 -1.87
CA PRO C 321 25.88 3.68 -2.44
C PRO C 321 25.05 4.39 -1.40
N VAL C 322 24.31 5.40 -1.87
CA VAL C 322 23.38 6.16 -1.03
C VAL C 322 22.04 5.47 -1.03
N ARG C 323 21.37 5.44 0.12
CA ARG C 323 20.03 4.88 0.26
C ARG C 323 19.04 6.02 0.45
N TYR C 324 18.04 6.07 -0.43
CA TYR C 324 17.02 7.10 -0.33
C TYR C 324 16.09 6.83 0.86
N ASN C 325 15.34 7.85 1.24
CA ASN C 325 14.37 7.72 2.32
C ASN C 325 13.17 6.89 1.87
N LYS C 326 12.47 6.31 2.85
CA LYS C 326 11.24 5.56 2.61
C LYS C 326 11.48 4.34 1.71
N MET C 327 12.40 3.48 2.15
CA MET C 327 12.70 2.26 1.42
C MET C 327 11.98 1.08 2.07
N LYS C 328 11.34 0.25 1.24
CA LYS C 328 10.70 -0.96 1.71
C LYS C 328 11.76 -2.03 1.93
N LEU C 329 11.85 -2.54 3.16
CA LEU C 329 12.96 -3.42 3.52
C LEU C 329 12.88 -4.75 2.79
N THR C 330 11.71 -5.38 2.78
CA THR C 330 11.54 -6.69 2.18
C THR C 330 11.06 -6.54 0.73
N ASN C 331 11.75 -7.20 -0.19
CA ASN C 331 11.40 -7.17 -1.61
C ASN C 331 11.65 -8.54 -2.21
N GLU C 332 11.38 -8.66 -3.51
CA GLU C 332 11.49 -9.94 -4.19
C GLU C 332 12.93 -10.43 -4.28
N ASN C 333 13.89 -9.50 -4.32
CA ASN C 333 15.29 -9.87 -4.50
C ASN C 333 15.96 -10.40 -3.23
N ASN C 334 15.32 -10.25 -2.06
CA ASN C 334 15.92 -10.69 -0.81
C ASN C 334 14.99 -11.59 0.01
N ILE C 335 13.86 -12.03 -0.56
CA ILE C 335 12.89 -12.79 0.21
C ILE C 335 13.56 -14.00 0.85
N LYS C 336 14.35 -14.73 0.07
CA LYS C 336 15.13 -15.85 0.60
C LYS C 336 15.77 -15.47 1.93
N TYR C 337 16.62 -14.44 1.91
CA TYR C 337 17.34 -14.07 3.11
C TYR C 337 16.38 -13.71 4.24
N ARG C 338 15.30 -13.00 3.91
CA ARG C 338 14.30 -12.67 4.93
C ARG C 338 13.89 -13.93 5.67
N LEU C 339 13.51 -14.98 4.91
CA LEU C 339 13.10 -16.22 5.55
C LEU C 339 14.18 -16.70 6.52
N LEU C 340 15.44 -16.71 6.07
CA LEU C 340 16.52 -17.16 6.93
C LEU C 340 16.53 -16.35 8.22
N LEU C 341 16.42 -15.02 8.12
CA LEU C 341 16.40 -14.21 9.32
C LEU C 341 15.29 -14.67 10.26
N GLU C 342 14.09 -14.88 9.71
CA GLU C 342 12.99 -15.34 10.55
C GLU C 342 13.36 -16.62 11.27
N ASP C 343 14.01 -17.55 10.57
CA ASP C 343 14.39 -18.81 11.20
C ASP C 343 15.18 -18.59 12.48
N ASN C 344 16.08 -17.61 12.47
CA ASN C 344 16.82 -17.30 13.69
C ASN C 344 15.88 -16.82 14.79
N LYS C 345 15.05 -15.81 14.47
CA LYS C 345 14.20 -15.22 15.50
C LYS C 345 13.35 -16.27 16.18
N ARG C 346 12.60 -17.05 15.39
CA ARG C 346 11.76 -18.09 15.98
C ARG C 346 12.56 -19.01 16.88
N LEU C 347 13.77 -19.38 16.46
CA LEU C 347 14.57 -20.29 17.25
C LEU C 347 14.97 -19.66 18.58
N ILE C 348 15.25 -18.36 18.58
CA ILE C 348 15.73 -17.71 19.81
C ILE C 348 14.56 -17.43 20.74
N ARG C 349 13.61 -16.61 20.29
CA ARG C 349 12.54 -16.17 21.16
C ARG C 349 11.81 -17.35 21.78
N ASP C 350 11.37 -18.29 20.93
CA ASP C 350 10.68 -19.48 21.44
C ASP C 350 11.52 -20.16 22.53
N GLY C 351 12.81 -20.34 22.28
CA GLY C 351 13.66 -20.96 23.28
C GLY C 351 13.60 -20.21 24.60
N ILE C 352 13.71 -18.88 24.54
CA ILE C 352 13.64 -18.08 25.76
C ILE C 352 12.33 -18.33 26.48
N LYS C 353 11.24 -18.46 25.70
CA LYS C 353 9.95 -18.73 26.32
C LYS C 353 9.89 -20.15 26.88
N LYS C 354 10.56 -21.10 26.25
CA LYS C 354 10.52 -22.49 26.69
C LYS C 354 11.62 -22.84 27.68
N GLY C 355 12.59 -21.96 27.89
CA GLY C 355 13.63 -22.17 28.87
C GLY C 355 14.78 -23.03 28.40
N HIS C 356 14.77 -23.51 27.16
CA HIS C 356 15.87 -24.31 26.64
C HIS C 356 15.87 -24.24 25.13
N MET C 357 17.03 -24.55 24.55
CA MET C 357 17.20 -24.58 23.11
C MET C 357 17.91 -25.87 22.70
N ALA C 358 17.41 -26.50 21.64
CA ALA C 358 18.02 -27.69 21.08
C ALA C 358 18.91 -27.29 19.91
N MET C 359 20.17 -27.72 19.96
CA MET C 359 21.17 -27.34 18.97
C MET C 359 21.38 -28.46 17.96
N HIS C 360 21.86 -28.08 16.77
CA HIS C 360 22.04 -29.04 15.69
C HIS C 360 23.08 -30.09 16.04
N ASP C 361 24.07 -29.74 16.86
CA ASP C 361 25.11 -30.69 17.24
C ASP C 361 24.60 -31.78 18.18
N GLY C 362 23.39 -31.64 18.70
CA GLY C 362 22.82 -32.63 19.58
C GLY C 362 22.85 -32.29 21.06
N THR C 363 23.13 -31.04 21.42
CA THR C 363 23.18 -30.61 22.81
C THR C 363 22.04 -29.66 23.12
N THR C 364 21.55 -29.74 24.35
CA THR C 364 20.49 -28.86 24.84
C THR C 364 21.10 -27.82 25.77
N VAL C 365 20.78 -26.55 25.52
CA VAL C 365 21.29 -25.43 26.28
C VAL C 365 20.16 -24.86 27.11
N SER C 366 20.35 -24.81 28.43
CA SER C 366 19.34 -24.30 29.34
C SER C 366 19.31 -22.77 29.29
N LEU C 367 18.11 -22.21 29.43
CA LEU C 367 17.91 -20.76 29.43
C LEU C 367 16.97 -20.36 30.56
N LYS C 368 17.15 -20.96 31.73
CA LYS C 368 16.31 -20.69 32.90
C LYS C 368 17.01 -19.88 33.97
N LYS C 369 18.26 -20.18 34.29
CA LYS C 369 19.00 -19.50 35.33
C LYS C 369 19.58 -18.18 34.83
N PRO C 370 19.76 -17.20 35.71
CA PRO C 370 20.38 -15.94 35.26
C PRO C 370 21.75 -16.13 34.63
N ASP C 371 22.59 -16.98 35.22
CA ASP C 371 23.94 -17.18 34.72
C ASP C 371 23.96 -17.78 33.32
N ASP C 372 22.84 -18.35 32.85
CA ASP C 372 22.75 -18.83 31.49
C ASP C 372 22.83 -17.71 30.46
N ILE C 373 22.68 -16.45 30.89
CA ILE C 373 22.74 -15.34 29.96
C ILE C 373 23.93 -15.48 29.02
N GLU C 374 25.10 -15.82 29.58
CA GLU C 374 26.30 -15.94 28.76
C GLU C 374 26.05 -16.86 27.58
N ASN C 375 25.56 -18.07 27.85
CA ASN C 375 25.27 -18.99 26.75
C ASN C 375 24.37 -18.33 25.72
N LEU C 376 23.27 -17.71 26.19
CA LEU C 376 22.36 -17.05 25.26
C LEU C 376 23.13 -16.09 24.37
N CYS C 377 23.99 -15.25 24.97
CA CYS C 377 24.75 -14.30 24.18
C CYS C 377 25.60 -15.01 23.15
N ARG C 378 26.29 -16.09 23.56
CA ARG C 378 27.11 -16.83 22.61
C ARG C 378 26.27 -17.41 21.49
N ILE C 379 25.01 -17.74 21.77
CA ILE C 379 24.13 -18.23 20.72
C ILE C 379 23.78 -17.10 19.76
N VAL C 380 23.57 -15.89 20.29
CA VAL C 380 23.12 -14.77 19.47
C VAL C 380 24.29 -14.05 18.81
N LEU C 381 25.34 -13.73 19.58
CA LEU C 381 26.46 -12.96 19.08
C LEU C 381 27.66 -13.82 18.69
N GLY C 382 27.53 -15.14 18.71
CA GLY C 382 28.61 -16.02 18.32
C GLY C 382 29.51 -16.40 19.47
N GLY C 383 30.37 -17.39 19.20
CA GLY C 383 31.29 -17.91 20.18
C GLY C 383 30.87 -19.20 20.85
N PHE C 384 29.70 -19.75 20.50
CA PHE C 384 29.25 -20.99 21.10
C PHE C 384 30.09 -22.15 20.58
N VAL C 385 30.55 -22.99 21.50
CA VAL C 385 31.40 -24.13 21.17
C VAL C 385 30.54 -25.38 21.11
N SER C 386 30.54 -26.03 19.95
CA SER C 386 29.77 -27.26 19.75
C SER C 386 30.65 -28.47 20.07
N LYS C 387 30.17 -29.66 19.74
CA LYS C 387 30.95 -30.87 19.98
C LYS C 387 32.22 -30.86 19.14
N ASP C 388 33.26 -31.51 19.66
CA ASP C 388 34.57 -31.46 19.01
C ASP C 388 34.52 -32.03 17.60
N ASP C 389 33.81 -33.15 17.41
CA ASP C 389 33.72 -33.76 16.09
C ASP C 389 32.72 -33.07 15.18
N HIS C 390 31.88 -32.18 15.71
CA HIS C 390 30.91 -31.50 14.88
C HIS C 390 31.58 -30.51 13.94
N LYS C 391 31.06 -30.39 12.73
CA LYS C 391 31.55 -29.45 11.74
C LYS C 391 30.39 -28.92 10.92
N GLY C 392 30.59 -27.74 10.33
CA GLY C 392 29.59 -27.11 9.49
C GLY C 392 28.81 -26.03 10.21
N LYS C 393 27.80 -25.52 9.51
CA LYS C 393 26.97 -24.46 10.05
C LYS C 393 26.17 -24.95 11.25
N SER C 394 25.90 -24.03 12.16
CA SER C 394 25.13 -24.31 13.36
C SER C 394 23.66 -23.97 13.12
N SER C 395 22.86 -24.02 14.18
CA SER C 395 21.44 -23.72 14.05
C SER C 395 21.21 -22.26 13.65
N ILE C 396 22.01 -21.34 14.19
CA ILE C 396 21.85 -19.91 13.94
C ILE C 396 22.86 -19.49 12.89
N TRP C 397 22.37 -18.90 11.80
CA TRP C 397 23.23 -18.37 10.76
C TRP C 397 23.53 -16.90 11.02
N ARG C 398 24.65 -16.44 10.48
CA ARG C 398 25.15 -15.10 10.74
C ARG C 398 25.34 -14.34 9.43
N ASN C 399 25.54 -13.03 9.56
CA ASN C 399 25.74 -12.14 8.41
C ASN C 399 24.54 -12.19 7.47
N LEU C 400 23.37 -11.89 8.05
CA LEU C 400 22.11 -11.89 7.31
C LEU C 400 21.36 -10.56 7.39
N ALA C 401 21.56 -9.78 8.46
CA ALA C 401 20.80 -8.55 8.62
C ALA C 401 21.11 -7.55 7.52
N LYS C 402 22.39 -7.47 7.10
CA LYS C 402 22.78 -6.49 6.10
C LYS C 402 21.96 -6.60 4.82
N THR C 403 21.48 -7.81 4.50
CA THR C 403 20.73 -8.00 3.27
C THR C 403 19.44 -7.20 3.25
N MET C 404 18.90 -6.86 4.43
CA MET C 404 17.68 -6.06 4.49
C MET C 404 17.92 -4.58 4.16
N LEU C 405 19.17 -4.12 4.18
CA LEU C 405 19.50 -2.74 3.87
C LEU C 405 20.33 -2.59 2.61
N SER C 406 20.63 -3.68 1.92
CA SER C 406 21.51 -3.63 0.75
C SER C 406 20.73 -3.19 -0.49
N TYR C 407 21.49 -2.78 -1.52
CA TYR C 407 20.92 -2.40 -2.80
C TYR C 407 20.53 -3.59 -3.65
N GLY C 408 21.03 -4.79 -3.33
CA GLY C 408 20.70 -5.98 -4.10
C GLY C 408 21.57 -7.16 -3.73
N THR C 409 21.13 -8.36 -4.11
CA THR C 409 21.85 -9.60 -3.81
C THR C 409 22.47 -10.22 -5.05
N TYR C 410 22.46 -9.51 -6.18
CA TYR C 410 22.94 -10.10 -7.43
C TYR C 410 24.43 -10.45 -7.35
N ASN C 411 25.24 -9.57 -6.77
CA ASN C 411 26.69 -9.72 -6.76
C ASN C 411 27.23 -10.22 -5.42
N MET C 412 26.37 -10.70 -4.54
CA MET C 412 26.83 -11.22 -3.25
C MET C 412 27.70 -12.45 -3.46
N GLY C 413 28.70 -12.59 -2.58
CA GLY C 413 29.61 -13.72 -2.66
C GLY C 413 30.61 -13.64 -3.78
N LYS C 414 30.91 -12.44 -4.26
CA LYS C 414 31.85 -12.23 -5.37
C LYS C 414 32.94 -11.27 -4.94
N TYR C 415 34.10 -11.38 -5.60
CA TYR C 415 35.23 -10.51 -5.32
C TYR C 415 34.98 -9.06 -5.69
N THR C 416 33.95 -8.77 -6.48
CA THR C 416 33.67 -7.43 -6.96
C THR C 416 32.49 -6.78 -6.24
N TYR C 417 32.02 -7.37 -5.15
CA TYR C 417 30.88 -6.82 -4.43
C TYR C 417 31.25 -5.48 -3.80
N ILE C 418 30.42 -4.47 -4.04
CA ILE C 418 30.62 -3.14 -3.48
C ILE C 418 29.89 -3.09 -2.14
N PRO C 419 30.58 -2.92 -1.01
CA PRO C 419 29.91 -2.98 0.28
C PRO C 419 29.10 -1.72 0.57
N THR C 420 28.13 -1.88 1.47
CA THR C 420 27.37 -0.78 2.03
C THR C 420 27.94 -0.41 3.40
N ALA C 421 27.30 0.55 4.07
CA ALA C 421 27.75 0.94 5.40
C ALA C 421 27.62 -0.22 6.38
N ALA C 422 26.53 -0.99 6.29
CA ALA C 422 26.31 -2.11 7.19
C ALA C 422 27.24 -3.28 6.91
N ASP C 423 27.99 -3.27 5.82
CA ASP C 423 28.86 -4.38 5.46
C ASP C 423 30.17 -4.39 6.24
N MET C 424 30.49 -3.32 6.97
CA MET C 424 31.76 -3.20 7.67
C MET C 424 31.53 -2.85 9.13
N TYR C 425 32.29 -3.48 10.02
CA TYR C 425 32.21 -3.13 11.44
C TYR C 425 32.68 -1.71 11.70
N SER C 426 33.52 -1.18 10.81
CA SER C 426 34.06 0.17 10.98
C SER C 426 33.12 1.26 10.44
N THR C 427 32.00 0.88 9.82
CA THR C 427 31.05 1.85 9.30
C THR C 427 29.61 1.53 9.66
N ALA C 428 29.37 0.45 10.41
CA ALA C 428 27.99 0.05 10.72
C ALA C 428 27.27 1.13 11.54
N LEU C 429 27.95 1.69 12.53
CA LEU C 429 27.31 2.66 13.42
C LEU C 429 26.94 3.96 12.72
N ARG C 430 27.43 4.18 11.50
CA ARG C 430 27.06 5.38 10.76
C ARG C 430 25.65 5.32 10.19
N ASP C 431 25.08 4.12 10.05
CA ASP C 431 23.79 3.95 9.40
C ASP C 431 22.69 3.84 10.45
N PRO C 432 21.67 4.69 10.43
CA PRO C 432 20.58 4.53 11.42
C PRO C 432 19.88 3.18 11.33
N GLY C 433 19.86 2.57 10.14
CA GLY C 433 19.26 1.26 10.03
C GLY C 433 19.90 0.24 10.94
N MET C 434 21.22 0.30 11.09
CA MET C 434 21.91 -0.60 12.00
C MET C 434 21.48 -0.37 13.45
N TRP C 435 21.31 0.90 13.83
CA TRP C 435 20.83 1.19 15.18
C TRP C 435 19.43 0.63 15.41
N LYS C 436 18.55 0.76 14.41
CA LYS C 436 17.21 0.19 14.54
C LYS C 436 17.27 -1.33 14.61
N MET C 437 18.19 -1.95 13.85
CA MET C 437 18.36 -3.39 13.95
C MET C 437 18.83 -3.81 15.34
N LEU C 438 19.75 -3.04 15.92
CA LEU C 438 20.19 -3.32 17.29
C LEU C 438 19.03 -3.19 18.27
N LYS C 439 18.19 -2.17 18.08
CA LYS C 439 17.02 -2.02 18.93
C LYS C 439 16.10 -3.23 18.82
N LEU C 440 15.90 -3.73 17.60
CA LEU C 440 15.09 -4.92 17.41
C LEU C 440 15.71 -6.13 18.11
N ILE C 441 17.04 -6.28 17.98
CA ILE C 441 17.71 -7.44 18.57
C ILE C 441 17.68 -7.39 20.09
N SER C 442 17.68 -6.18 20.68
CA SER C 442 17.68 -6.06 22.13
C SER C 442 16.45 -6.70 22.77
N GLU C 443 15.39 -6.93 21.99
CA GLU C 443 14.18 -7.52 22.54
C GLU C 443 14.45 -8.91 23.10
N TYR C 444 15.36 -9.67 22.48
CA TYR C 444 15.69 -11.00 23.00
C TYR C 444 16.18 -10.91 24.44
N PHE C 445 17.16 -10.05 24.69
CA PHE C 445 17.72 -9.95 26.03
C PHE C 445 16.73 -9.31 27.00
N ILE C 446 15.92 -8.36 26.53
CA ILE C 446 14.90 -7.78 27.39
C ILE C 446 13.92 -8.85 27.85
N MET C 447 13.47 -9.70 26.92
CA MET C 447 12.58 -10.80 27.27
C MET C 447 13.24 -11.75 28.24
N PHE C 448 14.50 -12.13 27.98
CA PHE C 448 15.18 -13.07 28.85
C PHE C 448 15.29 -12.54 30.26
N LYS C 449 15.65 -11.26 30.41
CA LYS C 449 15.77 -10.68 31.74
C LYS C 449 14.41 -10.52 32.40
N GLU C 450 13.36 -10.23 31.62
CA GLU C 450 12.03 -10.15 32.20
C GLU C 450 11.54 -11.51 32.70
N MET C 451 11.98 -12.59 32.08
CA MET C 451 11.62 -13.92 32.55
C MET C 451 12.28 -14.26 33.89
N LEU C 452 13.36 -13.58 34.24
CA LEU C 452 14.06 -13.85 35.49
C LEU C 452 13.37 -13.18 36.66
N PRO C 453 13.58 -13.68 37.88
CA PRO C 453 13.06 -12.99 39.06
C PRO C 453 13.73 -11.65 39.28
N LYS C 454 12.98 -10.72 39.86
CA LYS C 454 13.50 -9.39 40.12
C LYS C 454 14.55 -9.44 41.24
N TYR C 455 15.45 -8.46 41.21
CA TYR C 455 16.47 -8.36 42.25
C TYR C 455 15.80 -8.17 43.61
N THR C 456 16.25 -8.93 44.60
CA THR C 456 15.72 -8.82 45.95
C THR C 456 16.43 -7.70 46.70
N ARG C 457 15.77 -7.22 47.76
CA ARG C 457 16.35 -6.14 48.56
C ARG C 457 17.66 -6.58 49.20
N GLU C 458 17.81 -7.87 49.48
CA GLU C 458 19.07 -8.36 50.06
C GLU C 458 20.22 -8.19 49.08
N GLU C 459 19.98 -8.52 47.80
CA GLU C 459 21.03 -8.37 46.79
C GLU C 459 21.39 -6.91 46.57
N LEU C 460 20.40 -6.01 46.62
CA LEU C 460 20.61 -4.60 46.34
C LEU C 460 21.13 -3.83 47.55
N ASP C 461 21.14 -4.43 48.74
CA ASP C 461 21.48 -3.74 49.97
C ASP C 461 22.88 -4.07 50.43
N PHE C 462 23.55 -3.09 51.04
CA PHE C 462 24.86 -3.24 51.66
C PHE C 462 24.70 -2.85 53.12
N PRO C 463 24.43 -3.82 54.01
CA PRO C 463 24.20 -3.47 55.41
C PRO C 463 25.37 -2.71 56.02
N GLY C 464 25.06 -1.68 56.79
CA GLY C 464 26.06 -0.87 57.46
C GLY C 464 26.73 0.17 56.60
N VAL C 465 26.34 0.30 55.34
CA VAL C 465 26.95 1.25 54.41
C VAL C 465 25.85 2.10 53.79
N LYS C 466 26.01 3.41 53.86
CA LYS C 466 25.07 4.34 53.24
C LYS C 466 25.85 5.48 52.59
N ILE C 467 25.25 6.06 51.56
CA ILE C 467 25.84 7.19 50.85
C ILE C 467 25.26 8.47 51.44
N GLU C 468 26.15 9.33 51.93
CA GLU C 468 25.69 10.59 52.52
C GLU C 468 25.28 11.59 51.45
N GLN C 469 26.18 11.90 50.52
CA GLN C 469 25.85 12.81 49.44
C GLN C 469 26.80 12.58 48.27
N VAL C 470 26.39 13.09 47.11
CA VAL C 470 27.18 13.03 45.88
C VAL C 470 27.19 14.42 45.27
N THR C 471 28.37 14.88 44.87
CA THR C 471 28.53 16.20 44.27
C THR C 471 29.46 16.08 43.06
N THR C 472 29.33 17.04 42.15
CA THR C 472 30.15 17.06 40.95
C THR C 472 30.47 18.50 40.58
N ASP C 473 31.57 18.67 39.86
CA ASP C 473 31.90 19.97 39.29
C ASP C 473 31.06 20.23 38.04
N LYS C 474 31.15 21.45 37.53
CA LYS C 474 30.36 21.83 36.37
C LYS C 474 30.73 20.96 35.18
N LEU C 475 29.72 20.45 34.48
CA LEU C 475 29.91 19.62 33.30
C LEU C 475 29.72 20.49 32.06
N VAL C 476 30.78 20.63 31.27
CA VAL C 476 30.79 21.52 30.11
C VAL C 476 31.38 20.79 28.92
N THR C 477 30.76 20.98 27.75
CA THR C 477 31.22 20.39 26.51
C THR C 477 31.47 21.49 25.47
N PHE C 478 32.31 21.16 24.48
CA PHE C 478 32.65 22.11 23.43
C PHE C 478 33.30 21.34 22.28
N MET C 479 33.31 21.98 21.11
CA MET C 479 33.91 21.40 19.91
C MET C 479 35.33 21.94 19.73
N ASP C 480 36.25 21.07 19.35
CA ASP C 480 37.64 21.45 19.18
C ASP C 480 38.26 20.62 18.05
N GLU C 481 39.43 21.06 17.59
CA GLU C 481 40.08 20.47 16.43
C GLU C 481 40.96 19.29 16.82
N TYR C 482 41.12 18.36 15.88
CA TYR C 482 41.98 17.20 16.05
C TYR C 482 42.56 16.82 14.69
N ASP C 483 43.85 16.52 14.67
CA ASP C 483 44.56 16.23 13.43
C ASP C 483 44.60 14.71 13.19
N VAL C 484 44.22 14.30 11.99
CA VAL C 484 44.23 12.90 11.59
C VAL C 484 45.24 12.74 10.45
N ASP C 485 46.15 11.79 10.60
CA ASP C 485 47.16 11.52 9.58
C ASP C 485 46.56 10.62 8.51
N ILE C 486 46.48 11.12 7.28
CA ILE C 486 45.89 10.38 6.17
C ILE C 486 46.93 10.17 5.08
N THR C 487 48.21 10.16 5.47
CA THR C 487 49.28 10.03 4.49
C THR C 487 49.22 8.69 3.76
N ASN C 488 48.73 7.65 4.43
CA ASN C 488 48.65 6.33 3.81
C ASN C 488 47.61 6.25 2.71
N ALA C 489 46.74 7.26 2.57
CA ALA C 489 45.72 7.24 1.53
C ALA C 489 46.30 7.54 0.14
N VAL C 490 47.35 8.36 0.07
CA VAL C 490 47.93 8.76 -1.21
C VAL C 490 48.92 7.69 -1.66
N TYR C 491 49.26 7.75 -2.95
CA TYR C 491 50.20 6.82 -3.56
C TYR C 491 51.55 7.49 -3.75
N LEU C 492 52.62 6.74 -3.49
CA LEU C 492 53.97 7.26 -3.48
C LEU C 492 54.68 6.96 -4.80
N ASP C 493 55.60 7.86 -5.17
CA ASP C 493 56.44 7.66 -6.34
C ASP C 493 57.65 6.79 -5.95
N HIS C 494 58.49 6.49 -6.94
CA HIS C 494 59.64 5.62 -6.68
C HIS C 494 60.57 6.22 -5.64
N ASP C 495 60.89 7.50 -5.76
CA ASP C 495 61.79 8.13 -4.80
C ASP C 495 61.19 8.09 -3.39
N GLU C 496 59.90 8.40 -3.28
CA GLU C 496 59.24 8.31 -1.98
C GLU C 496 59.24 6.88 -1.46
N MET C 497 59.02 5.90 -2.34
CA MET C 497 59.01 4.51 -1.92
C MET C 497 60.37 4.09 -1.36
N GLN C 498 61.46 4.53 -1.99
CA GLN C 498 62.78 4.17 -1.51
C GLN C 498 63.01 4.69 -0.09
N LYS C 499 62.52 5.90 0.20
CA LYS C 499 62.67 6.49 1.53
C LYS C 499 61.60 6.02 2.51
N HIS C 500 60.62 5.23 2.05
CA HIS C 500 59.57 4.72 2.91
C HIS C 500 58.82 5.85 3.61
N ARG C 501 58.61 6.95 2.89
CA ARG C 501 57.92 8.10 3.45
C ARG C 501 57.57 9.07 2.33
N SER C 502 56.44 9.75 2.50
CA SER C 502 56.05 10.81 1.58
C SER C 502 56.76 12.10 1.96
N ASP C 503 57.28 12.81 0.95
CA ASP C 503 58.01 14.04 1.22
C ASP C 503 57.14 15.08 1.92
N MET C 504 55.82 14.99 1.80
CA MET C 504 54.89 15.89 2.46
C MET C 504 53.87 15.09 3.23
N MET C 505 53.56 15.55 4.44
CA MET C 505 52.54 14.94 5.28
C MET C 505 51.19 15.57 4.99
N TYR C 506 50.15 14.73 4.93
CA TYR C 506 48.79 15.18 4.68
C TYR C 506 47.95 14.92 5.91
N VAL C 507 47.29 15.97 6.39
CA VAL C 507 46.55 15.94 7.65
C VAL C 507 45.14 16.47 7.43
N ALA C 508 44.16 15.77 8.00
CA ALA C 508 42.78 16.23 8.01
C ALA C 508 42.48 16.82 9.39
N ARG C 509 42.04 18.08 9.40
CA ARG C 509 41.77 18.79 10.66
C ARG C 509 40.29 18.66 10.96
N MET C 510 39.93 17.60 11.66
CA MET C 510 38.55 17.31 11.99
C MET C 510 38.11 18.12 13.20
N HIS C 511 36.80 18.36 13.29
CA HIS C 511 36.20 19.02 14.45
C HIS C 511 35.39 17.99 15.22
N ARG C 512 35.71 17.83 16.50
CA ARG C 512 35.16 16.77 17.32
C ARG C 512 34.72 17.31 18.67
N LEU C 513 33.81 16.57 19.31
CA LEU C 513 33.34 16.92 20.64
C LEU C 513 34.46 16.74 21.67
N ASN C 514 34.30 17.41 22.81
CA ASN C 514 35.23 17.29 23.91
C ASN C 514 34.56 17.91 25.14
N HIS C 515 35.12 17.61 26.31
CA HIS C 515 34.57 18.10 27.56
C HIS C 515 35.70 18.51 28.49
N GLN C 516 35.38 19.42 29.42
CA GLN C 516 36.36 19.86 30.40
C GLN C 516 36.49 18.85 31.53
N PRO C 517 37.64 18.81 32.21
CA PRO C 517 37.79 17.91 33.36
C PRO C 517 36.80 18.24 34.47
N PHE C 518 36.38 17.21 35.19
CA PHE C 518 35.47 17.37 36.31
C PHE C 518 35.74 16.30 37.35
N LYS C 519 35.28 16.55 38.57
CA LYS C 519 35.47 15.66 39.70
C LYS C 519 34.12 15.18 40.22
N ILE C 520 34.10 13.96 40.75
CA ILE C 520 32.93 13.40 41.43
C ILE C 520 33.33 13.10 42.86
N THR C 521 32.60 13.65 43.81
CA THR C 521 32.86 13.47 45.24
C THR C 521 31.69 12.74 45.88
N ILE C 522 31.99 11.68 46.61
CA ILE C 522 30.98 10.84 47.25
C ILE C 522 31.33 10.71 48.72
N ASP C 523 30.33 10.90 49.59
CA ASP C 523 30.51 10.74 51.03
C ASP C 523 29.78 9.47 51.46
N VAL C 524 30.50 8.56 52.11
CA VAL C 524 29.97 7.26 52.49
C VAL C 524 30.23 7.02 53.96
N ALA C 525 29.21 6.56 54.68
CA ALA C 525 29.35 6.17 56.08
C ALA C 525 29.36 4.66 56.20
N SER C 526 30.39 4.12 56.85
CA SER C 526 30.58 2.69 56.97
C SER C 526 30.81 2.30 58.42
N ASP C 527 30.11 1.27 58.88
CA ASP C 527 30.31 0.77 60.23
C ASP C 527 31.58 -0.07 60.35
N LYS C 528 31.98 -0.74 59.28
CA LYS C 528 33.12 -1.65 59.28
C LYS C 528 34.09 -1.28 58.16
N ALA C 529 35.28 -1.87 58.23
CA ALA C 529 36.28 -1.71 57.18
C ALA C 529 36.17 -2.89 56.22
N VAL C 530 35.91 -2.61 54.94
CA VAL C 530 35.61 -3.67 53.98
C VAL C 530 35.90 -3.18 52.58
N GLU C 531 36.21 -4.13 51.69
CA GLU C 531 36.36 -3.82 50.27
C GLU C 531 34.99 -3.71 49.61
N CYS C 532 34.87 -2.75 48.69
CA CYS C 532 33.59 -2.49 48.03
C CYS C 532 33.83 -2.15 46.57
N VAL C 533 32.76 -2.29 45.78
CA VAL C 533 32.74 -1.91 44.38
C VAL C 533 31.76 -0.75 44.24
N VAL C 534 32.22 0.32 43.59
CA VAL C 534 31.43 1.53 43.40
C VAL C 534 31.14 1.67 41.90
N ARG C 535 29.86 1.86 41.56
CA ARG C 535 29.41 2.06 40.20
C ARG C 535 28.72 3.41 40.07
N VAL C 536 29.05 4.14 39.01
CA VAL C 536 28.49 5.46 38.72
C VAL C 536 27.92 5.44 37.32
N PHE C 537 26.64 5.73 37.20
CA PHE C 537 25.90 5.75 35.94
C PHE C 537 25.39 7.16 35.65
N LEU C 538 25.19 7.46 34.37
CA LEU C 538 24.55 8.68 33.92
C LEU C 538 23.35 8.32 33.05
N GLY C 539 22.24 9.02 33.24
CA GLY C 539 21.03 8.71 32.52
C GLY C 539 20.10 9.91 32.36
N PRO C 540 18.99 9.69 31.68
CA PRO C 540 18.08 10.81 31.38
C PRO C 540 17.30 11.26 32.60
N LYS C 541 16.85 12.51 32.54
CA LYS C 541 15.97 13.10 33.53
C LYS C 541 14.56 13.32 33.00
N LEU C 542 14.42 13.67 31.73
CA LEU C 542 13.13 13.90 31.10
C LEU C 542 13.10 13.19 29.75
N ASP C 543 11.88 12.85 29.31
CA ASP C 543 11.69 12.28 27.99
C ASP C 543 11.56 13.41 26.96
N CYS C 544 11.38 13.02 25.69
CA CYS C 544 11.27 14.03 24.64
C CYS C 544 10.01 14.87 24.77
N MET C 545 9.02 14.40 25.52
CA MET C 545 7.79 15.15 25.77
C MET C 545 7.83 15.96 27.06
N GLY C 546 8.94 15.93 27.78
CA GLY C 546 9.08 16.70 29.01
C GLY C 546 8.56 16.02 30.26
N ARG C 547 8.11 14.77 30.17
CA ARG C 547 7.63 14.06 31.34
C ARG C 547 8.80 13.67 32.25
N PHE C 548 8.51 13.60 33.55
CA PHE C 548 9.49 13.12 34.53
C PHE C 548 9.55 11.59 34.44
N THR C 549 10.67 11.08 33.96
CA THR C 549 10.81 9.66 33.68
C THR C 549 10.92 8.86 34.99
N SER C 550 10.27 7.70 35.02
CA SER C 550 10.37 6.79 36.15
C SER C 550 11.57 5.88 35.99
N VAL C 551 11.85 5.11 37.06
CA VAL C 551 13.05 4.28 37.08
C VAL C 551 12.94 3.15 36.06
N ASN C 552 11.74 2.57 35.93
CA ASN C 552 11.57 1.44 35.00
C ASN C 552 11.83 1.86 33.56
N ASP C 553 11.36 3.04 33.16
CA ASP C 553 11.60 3.52 31.82
C ASP C 553 12.96 4.20 31.67
N LYS C 554 13.72 4.34 32.76
CA LYS C 554 15.08 4.87 32.72
C LYS C 554 16.14 3.78 32.72
N ARG C 555 15.81 2.58 33.23
CA ARG C 555 16.85 1.60 33.50
C ARG C 555 17.60 1.20 32.24
N ASN C 556 16.92 1.12 31.10
CA ASN C 556 17.57 0.73 29.86
C ASN C 556 18.39 1.85 29.24
N ASP C 557 18.31 3.07 29.78
CA ASP C 557 19.04 4.21 29.25
C ASP C 557 20.17 4.67 30.16
N MET C 558 20.52 3.87 31.17
CA MET C 558 21.59 4.24 32.09
C MET C 558 22.93 3.80 31.53
N VAL C 559 23.88 4.73 31.48
CA VAL C 559 25.22 4.48 30.95
C VAL C 559 26.18 4.39 32.13
N GLU C 560 26.86 3.25 32.27
CA GLU C 560 27.80 3.02 33.35
C GLU C 560 29.08 3.78 33.03
N ILE C 561 29.18 5.01 33.53
CA ILE C 561 30.32 5.86 33.19
C ILE C 561 31.55 5.54 34.04
N ASP C 562 31.39 4.93 35.20
CA ASP C 562 32.55 4.61 36.02
C ASP C 562 32.27 3.40 36.90
N SER C 563 33.33 2.66 37.21
CA SER C 563 33.25 1.51 38.11
C SER C 563 34.64 1.24 38.66
N PHE C 564 34.75 1.10 39.98
CA PHE C 564 36.07 0.93 40.57
C PHE C 564 35.97 0.30 41.95
N LEU C 565 37.07 -0.30 42.38
CA LEU C 565 37.18 -0.85 43.72
C LEU C 565 37.59 0.21 44.72
N TYR C 566 37.25 -0.01 45.98
CA TYR C 566 37.62 0.91 47.04
C TYR C 566 37.63 0.17 48.36
N LYS C 567 38.29 0.77 49.35
CA LYS C 567 38.40 0.20 50.70
C LYS C 567 37.74 1.17 51.68
N LEU C 568 36.57 0.81 52.17
CA LEU C 568 35.87 1.62 53.17
C LEU C 568 36.43 1.30 54.55
N GLU C 569 36.47 2.33 55.41
CA GLU C 569 36.93 2.22 56.77
C GLU C 569 35.85 2.73 57.72
N THR C 570 36.01 2.40 59.00
CA THR C 570 35.04 2.82 60.00
C THR C 570 34.88 4.33 60.00
N GLY C 571 33.64 4.80 60.01
CA GLY C 571 33.35 6.21 60.01
C GLY C 571 32.98 6.75 58.65
N LYS C 572 33.47 7.95 58.33
CA LYS C 572 33.15 8.63 57.09
C LYS C 572 34.31 8.52 56.11
N ASN C 573 33.97 8.33 54.84
CA ASN C 573 34.95 8.21 53.76
C ASN C 573 34.55 9.14 52.64
N THR C 574 35.51 9.90 52.12
CA THR C 574 35.31 10.83 51.01
C THR C 574 36.05 10.27 49.79
N ILE C 575 35.29 9.80 48.81
CA ILE C 575 35.84 9.25 47.58
C ILE C 575 35.82 10.35 46.53
N VAL C 576 36.99 10.69 46.00
CA VAL C 576 37.13 11.70 44.96
C VAL C 576 37.64 11.01 43.71
N ARG C 577 36.87 11.10 42.63
CA ARG C 577 37.22 10.47 41.36
C ARG C 577 37.34 11.56 40.30
N ASP C 578 38.51 11.62 39.66
CA ASP C 578 38.72 12.54 38.55
C ASP C 578 38.33 11.86 37.24
N SER C 579 37.82 12.68 36.31
CA SER C 579 37.43 12.15 35.00
C SER C 579 38.61 11.50 34.28
N LEU C 580 39.83 11.98 34.53
CA LEU C 580 40.99 11.44 33.83
C LEU C 580 41.23 9.97 34.17
N GLU C 581 40.84 9.55 35.37
CA GLU C 581 41.12 8.20 35.85
C GLU C 581 39.92 7.27 35.76
N MET C 582 38.86 7.67 35.04
CA MET C 582 37.70 6.80 34.92
C MET C 582 38.06 5.54 34.12
N ASN C 583 37.44 4.43 34.51
CA ASN C 583 37.85 3.13 33.99
C ASN C 583 37.67 3.05 32.48
N ASN C 584 38.71 2.57 31.80
CA ASN C 584 38.67 2.31 30.36
C ASN C 584 38.21 3.52 29.56
N VAL C 585 38.68 4.70 29.93
CA VAL C 585 38.48 5.92 29.16
C VAL C 585 39.84 6.43 28.74
N ILE C 586 40.05 6.56 27.43
CA ILE C 586 41.36 6.85 26.87
C ILE C 586 41.33 8.22 26.19
N LYS C 587 42.50 8.86 26.14
CA LYS C 587 42.64 10.13 25.45
C LYS C 587 42.66 9.89 23.93
N GLU C 588 42.78 10.99 23.19
CA GLU C 588 42.86 10.89 21.74
C GLU C 588 44.12 10.11 21.33
N ARG C 589 43.96 9.23 20.35
CA ARG C 589 45.05 8.34 19.97
C ARG C 589 46.20 9.13 19.37
N PRO C 590 47.43 8.92 19.82
CA PRO C 590 48.56 9.66 19.24
C PRO C 590 48.98 9.10 17.89
N TRP C 591 49.71 9.93 17.16
CA TRP C 591 50.23 9.52 15.86
C TRP C 591 51.22 8.38 16.01
N SER C 592 51.10 7.37 15.15
CA SER C 592 52.02 6.24 15.19
C SER C 592 53.37 6.58 14.58
N ARG C 593 53.42 7.53 13.64
CA ARG C 593 54.70 7.88 13.01
C ARG C 593 55.68 8.44 14.03
N ASN C 594 55.18 9.07 15.10
CA ASN C 594 56.01 9.62 16.16
C ASN C 594 56.22 8.63 17.31
N ASN C 595 56.07 7.33 17.04
CA ASN C 595 56.26 6.30 18.06
C ASN C 595 55.33 6.52 19.26
N TRP C 596 54.10 6.95 18.97
CA TRP C 596 53.07 7.13 19.99
C TRP C 596 53.58 8.02 21.13
N ALA C 597 53.90 9.26 20.76
CA ALA C 597 54.40 10.23 21.73
C ALA C 597 53.36 10.48 22.82
N GLN C 607 52.67 6.49 27.57
CA GLN C 607 52.66 5.67 28.76
C GLN C 607 52.91 4.20 28.40
N ASP C 608 53.35 3.43 29.38
CA ASP C 608 53.70 2.02 29.16
C ASP C 608 52.50 1.09 29.18
N ASN C 609 51.31 1.59 29.52
CA ASN C 609 50.09 0.79 29.55
C ASN C 609 49.16 1.10 28.39
N TRP C 610 49.59 1.92 27.43
CA TRP C 610 48.72 2.29 26.33
C TRP C 610 48.41 1.11 25.42
N TRP C 611 49.29 0.10 25.39
CA TRP C 611 49.13 -0.98 24.42
C TRP C 611 47.82 -1.73 24.62
N TYR C 612 47.44 -1.99 25.86
CA TYR C 612 46.18 -2.66 26.14
C TYR C 612 45.03 -1.70 26.40
N LYS C 613 45.32 -0.49 26.89
CA LYS C 613 44.26 0.50 27.07
C LYS C 613 43.63 0.89 25.73
N SER C 614 44.45 1.04 24.70
CA SER C 614 43.93 1.43 23.39
C SER C 614 43.02 0.38 22.79
N ARG C 615 43.18 -0.89 23.18
CA ARG C 615 42.38 -1.96 22.58
C ARG C 615 40.95 -1.98 23.10
N ILE C 616 40.73 -1.61 24.36
CA ILE C 616 39.42 -1.70 24.99
C ILE C 616 38.95 -0.37 25.54
N GLY C 617 39.54 0.74 25.09
CA GLY C 617 39.24 2.05 25.65
C GLY C 617 38.12 2.76 24.90
N PHE C 618 37.33 3.53 25.65
CA PHE C 618 36.29 4.40 25.11
C PHE C 618 36.79 5.85 25.09
N PRO C 619 36.55 6.59 24.00
CA PRO C 619 37.15 7.93 23.90
C PRO C 619 36.68 8.86 25.02
N HIS C 620 37.61 9.68 25.51
CA HIS C 620 37.26 10.72 26.47
C HIS C 620 36.33 11.75 25.85
N ARG C 621 36.54 12.07 24.58
CA ARG C 621 35.78 13.14 23.94
C ARG C 621 34.28 12.88 23.98
N LEU C 622 33.87 11.61 23.99
CA LEU C 622 32.46 11.24 23.99
C LEU C 622 31.97 10.79 25.36
N LEU C 623 32.69 11.16 26.43
CA LEU C 623 32.28 10.75 27.77
C LEU C 623 30.92 11.33 28.14
N LEU C 624 30.69 12.60 27.82
CA LEU C 624 29.45 13.27 28.16
C LEU C 624 28.69 13.65 26.89
N PRO C 625 27.35 13.61 26.93
CA PRO C 625 26.58 14.08 25.77
C PRO C 625 26.67 15.59 25.63
N MET C 626 26.50 16.07 24.40
CA MET C 626 26.46 17.50 24.17
C MET C 626 25.32 18.12 24.97
N GLY C 627 25.62 19.20 25.67
CA GLY C 627 24.64 19.88 26.49
C GLY C 627 23.93 20.99 25.73
N SER C 628 23.39 21.93 26.49
CA SER C 628 22.75 23.12 25.95
C SER C 628 23.33 24.35 26.63
N HIS C 629 23.28 25.49 25.92
CA HIS C 629 23.82 26.71 26.46
C HIS C 629 23.19 27.07 27.80
N GLY C 630 21.93 26.72 28.00
CA GLY C 630 21.26 26.94 29.27
C GLY C 630 21.35 25.80 30.26
N GLY C 631 21.82 24.63 29.82
CA GLY C 631 21.97 23.49 30.70
C GLY C 631 20.94 22.41 30.45
N MET C 632 21.41 21.24 30.00
CA MET C 632 20.53 20.10 29.76
C MET C 632 20.49 19.24 31.02
N PRO C 633 19.31 18.94 31.57
CA PRO C 633 19.27 18.15 32.80
C PRO C 633 19.45 16.65 32.55
N TYR C 634 20.29 16.03 33.38
CA TYR C 634 20.46 14.59 33.41
C TYR C 634 20.51 14.15 34.87
N GLN C 635 20.62 12.85 35.10
CA GLN C 635 20.63 12.30 36.45
C GLN C 635 21.76 11.29 36.58
N MET C 636 22.58 11.45 37.61
CA MET C 636 23.63 10.50 37.94
C MET C 636 23.18 9.59 39.06
N PHE C 637 23.67 8.36 39.02
CA PHE C 637 23.32 7.32 39.99
C PHE C 637 24.58 6.68 40.52
N VAL C 638 24.68 6.53 41.84
CA VAL C 638 25.84 5.96 42.48
C VAL C 638 25.40 4.80 43.37
N ILE C 639 26.08 3.67 43.26
CA ILE C 639 25.78 2.51 44.10
C ILE C 639 27.08 1.86 44.56
N VAL C 640 27.11 1.48 45.84
CA VAL C 640 28.26 0.81 46.43
CA VAL C 640 28.25 0.81 46.44
C VAL C 640 27.78 -0.54 46.96
N THR C 641 28.49 -1.60 46.59
CA THR C 641 28.11 -2.95 46.95
C THR C 641 29.33 -3.73 47.41
N PRO C 642 29.14 -4.86 48.08
CA PRO C 642 30.28 -5.71 48.45
C PRO C 642 30.81 -6.46 47.25
N VAL C 643 32.03 -6.98 47.41
CA VAL C 643 32.64 -7.84 46.40
C VAL C 643 32.04 -9.23 46.53
N ARG C 644 31.49 -9.74 45.43
CA ARG C 644 30.80 -11.03 45.42
C ARG C 644 31.63 -12.07 44.68
N ALA C 645 31.76 -13.24 45.31
CA ALA C 645 32.51 -14.35 44.74
C ALA C 645 33.93 -13.93 44.39
N SER C 651 32.74 -23.15 32.11
CA SER C 651 33.43 -22.52 33.23
C SER C 651 34.20 -21.29 32.76
N ILE C 652 34.17 -20.24 33.57
CA ILE C 652 34.83 -18.98 33.25
C ILE C 652 35.84 -18.68 34.36
N ASP C 653 37.05 -18.29 33.97
CA ASP C 653 38.12 -17.95 34.89
C ASP C 653 38.46 -16.46 34.73
N MET C 654 38.41 -15.73 35.85
CA MET C 654 38.76 -14.31 35.83
C MET C 654 40.26 -14.09 35.62
N ASN C 655 41.08 -15.08 35.96
CA ASN C 655 42.52 -14.94 35.75
C ASN C 655 42.86 -14.83 34.27
N THR C 656 42.13 -15.54 33.41
CA THR C 656 42.36 -15.42 31.98
C THR C 656 42.13 -14.00 31.50
N ALA C 657 41.03 -13.38 31.94
CA ALA C 657 40.76 -11.99 31.58
C ALA C 657 41.83 -11.06 32.15
N LYS C 658 42.24 -11.30 33.39
CA LYS C 658 43.26 -10.43 34.00
C LYS C 658 44.57 -10.52 33.25
N GLU C 659 44.98 -11.71 32.82
CA GLU C 659 46.27 -11.88 32.18
C GLU C 659 46.32 -11.23 30.80
N ARG C 660 45.21 -11.27 30.06
CA ARG C 660 45.17 -10.69 28.71
C ARG C 660 44.85 -9.21 28.72
N LYS C 661 44.64 -8.60 29.89
CA LYS C 661 44.33 -7.18 30.01
C LYS C 661 43.10 -6.83 29.16
N ALA C 662 42.03 -7.62 29.35
CA ALA C 662 40.75 -7.42 28.69
C ALA C 662 39.66 -7.16 29.73
N CYS C 663 39.95 -6.29 30.69
CA CYS C 663 39.05 -6.04 31.83
C CYS C 663 38.10 -4.89 31.47
N ARG C 664 37.06 -5.24 30.70
CA ARG C 664 36.00 -4.29 30.40
C ARG C 664 34.99 -4.27 31.54
N TRP C 665 34.55 -3.07 31.90
CA TRP C 665 33.55 -2.86 32.97
C TRP C 665 34.09 -3.53 34.24
N THR C 666 33.31 -4.38 34.91
CA THR C 666 33.70 -4.98 36.18
C THR C 666 33.94 -6.48 36.06
N VAL C 667 34.30 -6.97 34.87
CA VAL C 667 34.50 -8.40 34.69
C VAL C 667 35.66 -8.89 35.56
N CYS C 668 36.66 -8.04 35.79
CA CYS C 668 37.80 -8.39 36.62
C CYS C 668 37.66 -7.92 38.06
N MET C 669 36.49 -7.39 38.44
CA MET C 669 36.25 -6.87 39.78
C MET C 669 35.31 -7.75 40.58
N ASP C 670 34.12 -8.05 40.06
CA ASP C 670 33.15 -8.88 40.75
C ASP C 670 32.47 -9.78 39.72
N THR C 671 31.48 -10.55 40.17
CA THR C 671 30.78 -11.51 39.33
C THR C 671 29.32 -11.15 39.09
N MET C 672 28.90 -9.93 39.45
CA MET C 672 27.51 -9.55 39.24
C MET C 672 27.23 -9.39 37.75
N PRO C 673 25.98 -9.59 37.32
CA PRO C 673 25.66 -9.44 35.90
C PRO C 673 25.95 -8.03 35.41
N LEU C 674 26.44 -7.94 34.18
CA LEU C 674 26.68 -6.64 33.57
C LEU C 674 25.35 -5.93 33.34
N GLY C 675 25.27 -4.65 33.73
CA GLY C 675 24.05 -3.90 33.73
C GLY C 675 23.38 -3.79 35.09
N PHE C 676 23.86 -4.56 36.07
CA PHE C 676 23.32 -4.47 37.41
C PHE C 676 23.49 -3.04 37.94
N PRO C 677 22.50 -2.50 38.67
CA PRO C 677 21.20 -3.08 39.04
C PRO C 677 20.06 -2.66 38.13
N PHE C 678 20.32 -2.43 36.84
CA PHE C 678 19.32 -1.93 35.91
C PHE C 678 18.95 -2.91 34.81
N ASP C 679 19.50 -4.13 34.81
CA ASP C 679 19.29 -5.06 33.72
C ASP C 679 17.99 -5.86 33.85
N ARG C 680 17.27 -5.73 34.95
CA ARG C 680 16.02 -6.44 35.17
C ARG C 680 14.91 -5.46 35.54
N PRO C 681 13.65 -5.85 35.35
CA PRO C 681 12.55 -5.00 35.82
C PRO C 681 12.68 -4.75 37.32
N ILE C 682 12.35 -3.52 37.72
CA ILE C 682 12.59 -3.05 39.08
C ILE C 682 11.27 -3.01 39.84
N ASP C 683 11.27 -3.62 41.02
CA ASP C 683 10.15 -3.51 41.96
C ASP C 683 10.43 -2.36 42.92
N GLU C 684 9.58 -1.33 42.88
CA GLU C 684 9.83 -0.13 43.65
C GLU C 684 9.87 -0.40 45.15
N THR C 685 9.24 -1.48 45.61
CA THR C 685 9.23 -1.77 47.04
C THR C 685 10.58 -2.27 47.53
N ASN C 686 11.31 -3.03 46.71
CA ASN C 686 12.59 -3.60 47.08
C ASN C 686 13.77 -2.72 46.66
N PHE C 687 13.53 -1.58 46.03
CA PHE C 687 14.57 -0.72 45.51
C PHE C 687 14.76 0.48 46.43
N TYR C 688 15.71 1.34 46.06
CA TYR C 688 15.97 2.59 46.79
C TYR C 688 16.50 2.30 48.20
N THR C 689 17.55 1.49 48.26
CA THR C 689 18.24 1.22 49.51
C THR C 689 19.16 2.39 49.87
N LYS C 690 19.66 2.37 51.11
CA LYS C 690 20.50 3.46 51.60
C LYS C 690 21.87 3.49 50.94
N ASN C 691 22.27 2.43 50.25
CA ASN C 691 23.58 2.35 49.60
C ASN C 691 23.56 2.87 48.18
N MET C 692 22.43 3.40 47.71
CA MET C 692 22.31 3.97 46.38
C MET C 692 21.80 5.40 46.46
N LYS C 693 22.21 6.22 45.49
CA LYS C 693 21.89 7.64 45.52
C LYS C 693 21.68 8.15 44.10
N PHE C 694 20.68 9.02 43.94
CA PHE C 694 20.44 9.76 42.71
C PHE C 694 20.83 11.22 42.91
N HIS C 695 21.25 11.87 41.83
CA HIS C 695 21.70 13.25 41.90
C HIS C 695 21.45 13.93 40.56
N ASP C 696 20.65 14.97 40.56
CA ASP C 696 20.40 15.73 39.34
C ASP C 696 21.61 16.57 38.96
N VAL C 697 21.91 16.64 37.67
CA VAL C 697 23.05 17.41 37.15
C VAL C 697 22.62 18.12 35.89
N MET C 698 23.40 19.14 35.52
CA MET C 698 23.15 19.94 34.32
C MET C 698 24.42 19.94 33.48
N VAL C 699 24.28 19.66 32.18
CA VAL C 699 25.39 19.63 31.25
C VAL C 699 25.26 20.82 30.31
N TYR C 700 26.27 21.69 30.32
CA TYR C 700 26.29 22.89 29.50
C TYR C 700 27.18 22.69 28.28
N THR C 701 26.99 23.55 27.28
CA THR C 701 27.83 23.59 26.10
C THR C 701 28.23 25.04 25.83
N LYS C 702 29.48 25.24 25.41
CA LYS C 702 30.00 26.57 25.12
C LYS C 702 30.59 26.58 23.71
N ASP C 703 30.61 27.77 23.12
CA ASP C 703 31.16 27.99 21.79
C ASP C 703 32.45 28.79 21.93
N LEU C 704 33.60 28.13 21.68
CA LEU C 704 34.88 28.80 21.77
C LEU C 704 35.26 29.56 20.50
N ALA C 705 34.44 29.48 19.45
CA ALA C 705 34.76 30.16 18.20
C ALA C 705 34.91 31.66 18.40
N MET C 706 33.98 32.26 19.15
CA MET C 706 34.00 33.70 19.40
C MET C 706 34.46 34.06 20.80
N SER C 707 34.72 33.06 21.66
CA SER C 707 35.25 33.35 22.99
C SER C 707 36.64 33.98 22.89
N ASN C 708 37.45 33.51 21.94
CA ASN C 708 38.77 34.07 21.72
C ASN C 708 38.74 35.26 20.78
N MET C 709 37.86 35.27 19.80
CA MET C 709 37.71 36.38 18.86
C MET C 709 36.82 37.45 19.50
N VAL C 710 37.40 38.14 20.49
CA VAL C 710 36.67 39.13 21.27
C VAL C 710 36.93 40.49 20.62
N LYS C 711 36.03 40.89 19.74
CA LYS C 711 36.05 42.21 19.12
C LYS C 711 34.67 42.83 19.21
N ASP C 712 34.63 44.16 19.37
CA ASP C 712 33.37 44.89 19.56
C ASP C 712 32.78 45.19 18.18
N VAL C 713 32.19 44.17 17.57
CA VAL C 713 31.53 44.30 16.28
C VAL C 713 30.30 43.39 16.27
N ASP C 714 29.26 43.85 15.56
CA ASP C 714 28.03 43.10 15.41
C ASP C 714 28.10 42.26 14.14
N MET C 715 27.53 41.05 14.23
CA MET C 715 27.59 40.08 13.14
C MET C 715 26.19 39.66 12.68
N SER C 716 25.19 40.52 12.86
CA SER C 716 23.84 40.18 12.44
C SER C 716 23.72 40.08 10.92
N GLU C 717 24.66 40.64 10.17
CA GLU C 717 24.61 40.66 8.71
C GLU C 717 25.69 39.80 8.06
N MET C 718 26.53 39.12 8.85
CA MET C 718 27.58 38.29 8.27
C MET C 718 27.01 37.01 7.70
N VAL C 719 27.76 36.40 6.78
CA VAL C 719 27.34 35.18 6.09
C VAL C 719 28.47 34.17 6.17
N MET C 720 28.11 32.89 6.09
CA MET C 720 29.09 31.82 6.11
C MET C 720 29.90 31.79 4.82
N LYS C 721 31.14 31.32 4.92
CA LYS C 721 31.97 31.14 3.74
C LYS C 721 31.35 30.12 2.79
N ARG C 722 30.83 29.03 3.33
CA ARG C 722 30.09 28.03 2.57
C ARG C 722 28.68 27.94 3.13
N ASP C 723 27.68 27.92 2.25
CA ASP C 723 26.29 28.06 2.65
C ASP C 723 25.75 26.85 3.40
N ASP C 724 26.47 25.73 3.42
CA ASP C 724 26.00 24.51 4.07
C ASP C 724 26.56 24.34 5.48
N LEU C 725 27.29 25.33 5.99
CA LEU C 725 27.83 25.24 7.33
C LEU C 725 26.75 25.51 8.37
N THR C 726 26.98 25.03 9.58
CA THR C 726 26.00 25.07 10.66
C THR C 726 26.43 26.08 11.72
N TYR C 727 25.63 26.14 12.80
CA TYR C 727 25.92 27.06 13.89
C TYR C 727 27.20 26.70 14.63
N LEU C 728 27.70 25.48 14.47
CA LEU C 728 28.94 25.06 15.11
C LEU C 728 30.18 25.57 14.39
N ASP C 729 30.01 26.34 13.31
CA ASP C 729 31.12 26.85 12.52
C ASP C 729 31.09 28.37 12.44
N LYS C 730 30.79 29.02 13.57
CA LYS C 730 30.71 30.48 13.59
C LYS C 730 32.03 31.14 13.23
N ASP C 731 33.15 30.42 13.34
CA ASP C 731 34.45 30.97 12.95
C ASP C 731 34.60 31.09 11.44
N MET C 732 33.69 30.52 10.66
CA MET C 732 33.72 30.62 9.20
C MET C 732 32.86 31.76 8.68
N LEU C 733 32.27 32.56 9.55
CA LEU C 733 31.46 33.69 9.13
C LEU C 733 32.34 34.80 8.58
N VAL C 734 32.00 35.30 7.40
CA VAL C 734 32.71 36.40 6.75
C VAL C 734 31.70 37.46 6.36
N LYS C 735 32.02 38.72 6.67
CA LYS C 735 31.11 39.81 6.35
C LYS C 735 30.93 39.91 4.84
N ARG C 736 29.71 40.21 4.42
CA ARG C 736 29.39 40.31 3.01
C ARG C 736 30.26 41.37 2.34
N SER C 737 31.08 40.93 1.39
CA SER C 737 32.02 41.81 0.69
C SER C 737 31.50 42.12 -0.71
N TYR C 738 32.18 43.07 -1.36
CA TYR C 738 31.85 43.49 -2.71
C TYR C 738 33.11 43.39 -3.57
N LYS C 739 33.06 42.55 -4.60
CA LYS C 739 34.19 42.36 -5.49
C LYS C 739 34.24 43.45 -6.56
N GLU D 34 -31.25 -15.62 -51.61
CA GLU D 34 -31.65 -14.43 -52.35
C GLU D 34 -32.51 -13.52 -51.46
N PRO D 35 -32.53 -12.22 -51.79
CA PRO D 35 -33.38 -11.30 -51.01
C PRO D 35 -34.86 -11.49 -51.31
N MET D 36 -35.62 -12.00 -50.34
CA MET D 36 -37.04 -12.24 -50.56
C MET D 36 -37.74 -10.94 -50.94
N LYS D 37 -38.67 -11.06 -51.89
CA LYS D 37 -39.36 -9.89 -52.41
C LYS D 37 -40.25 -9.26 -51.33
N ASN D 38 -40.47 -7.96 -51.46
CA ASN D 38 -41.28 -7.19 -50.54
C ASN D 38 -42.55 -6.73 -51.24
N MET D 39 -43.70 -7.08 -50.67
CA MET D 39 -45.00 -6.63 -51.15
C MET D 39 -45.74 -5.79 -50.13
N ASP D 40 -45.77 -6.23 -48.88
CA ASP D 40 -46.43 -5.49 -47.81
C ASP D 40 -45.59 -5.62 -46.53
N MET D 41 -46.06 -4.98 -45.46
CA MET D 41 -45.31 -4.98 -44.22
C MET D 41 -45.11 -6.39 -43.68
N LYS D 42 -46.09 -7.28 -43.87
CA LYS D 42 -45.91 -8.67 -43.47
C LYS D 42 -44.79 -9.33 -44.25
N SER D 43 -44.71 -9.06 -45.56
CA SER D 43 -43.60 -9.55 -46.36
C SER D 43 -42.28 -8.95 -45.88
N LYS D 44 -42.28 -7.67 -45.49
CA LYS D 44 -41.08 -7.07 -44.94
C LYS D 44 -40.62 -7.79 -43.68
N GLU D 45 -41.56 -8.09 -42.79
CA GLU D 45 -41.22 -8.82 -41.57
C GLU D 45 -40.67 -10.21 -41.90
N MET D 46 -41.28 -10.90 -42.86
CA MET D 46 -40.79 -12.21 -43.26
C MET D 46 -39.37 -12.11 -43.81
N CYS D 47 -39.09 -11.11 -44.63
CA CYS D 47 -37.75 -10.93 -45.18
C CYS D 47 -36.74 -10.66 -44.07
N ILE D 48 -37.09 -9.79 -43.13
CA ILE D 48 -36.17 -9.47 -42.04
C ILE D 48 -35.91 -10.70 -41.19
N LEU D 49 -36.96 -11.48 -40.91
CA LEU D 49 -36.78 -12.70 -40.12
C LEU D 49 -35.87 -13.68 -40.85
N LYS D 50 -36.04 -13.81 -42.18
CA LYS D 50 -35.15 -14.65 -42.95
C LYS D 50 -33.71 -14.18 -42.85
N LEU D 51 -33.49 -12.86 -42.91
CA LEU D 51 -32.13 -12.34 -42.80
C LEU D 51 -31.52 -12.58 -41.43
N MET D 52 -32.33 -12.76 -40.40
CA MET D 52 -31.85 -12.93 -39.03
C MET D 52 -31.78 -14.39 -38.60
N ASN D 53 -32.04 -15.34 -39.50
CA ASN D 53 -32.17 -16.74 -39.12
C ASN D 53 -30.84 -17.47 -39.28
N HIS D 54 -30.47 -18.23 -38.25
CA HIS D 54 -29.23 -19.01 -38.22
C HIS D 54 -28.06 -18.22 -38.80
N ILE D 55 -27.77 -17.08 -38.15
CA ILE D 55 -26.73 -16.18 -38.61
C ILE D 55 -25.37 -16.88 -38.61
N LEU D 56 -25.19 -17.88 -37.75
CA LEU D 56 -23.91 -18.57 -37.69
C LEU D 56 -23.58 -19.27 -39.00
N GLN D 57 -24.60 -19.64 -39.77
CA GLN D 57 -24.44 -20.36 -41.04
C GLN D 57 -25.18 -19.59 -42.12
N PRO D 58 -24.60 -18.48 -42.61
CA PRO D 58 -25.29 -17.67 -43.62
C PRO D 58 -25.18 -18.29 -45.01
N THR D 59 -26.31 -18.75 -45.54
CA THR D 59 -26.37 -19.28 -46.89
C THR D 59 -27.80 -19.69 -47.24
N LYS D 69 -23.51 -12.15 -54.88
CA LYS D 69 -24.66 -12.78 -55.53
C LYS D 69 -24.93 -12.12 -56.87
N ALA D 70 -26.10 -12.40 -57.46
CA ALA D 70 -26.43 -11.89 -58.79
C ALA D 70 -26.52 -10.37 -58.83
N TRP D 71 -26.64 -9.70 -57.69
CA TRP D 71 -26.76 -8.24 -57.63
C TRP D 71 -25.39 -7.67 -57.30
N VAL D 72 -24.67 -7.23 -58.34
CA VAL D 72 -23.34 -6.68 -58.15
C VAL D 72 -23.45 -5.36 -57.39
N LEU D 73 -22.61 -5.22 -56.37
CA LEU D 73 -22.64 -4.01 -55.55
C LEU D 73 -21.92 -2.85 -56.23
N GLU D 74 -20.75 -3.10 -56.81
CA GLU D 74 -19.95 -2.04 -57.41
C GLU D 74 -20.61 -1.42 -58.63
N GLU D 75 -21.53 -2.14 -59.28
CA GLU D 75 -22.19 -1.66 -60.49
C GLU D 75 -23.53 -0.99 -60.20
N ASN D 76 -23.88 -0.82 -58.93
CA ASN D 76 -25.14 -0.21 -58.52
C ASN D 76 -24.87 0.96 -57.59
N GLU D 77 -23.87 1.78 -57.91
CA GLU D 77 -23.55 2.94 -57.08
C GLU D 77 -24.69 3.95 -57.08
N ASP D 78 -25.38 4.12 -58.22
CA ASP D 78 -26.46 5.08 -58.32
C ASP D 78 -27.66 4.73 -57.45
N LYS D 79 -27.72 3.49 -56.93
CA LYS D 79 -28.83 3.07 -56.09
C LYS D 79 -28.76 3.60 -54.67
N TYR D 80 -27.81 4.47 -54.37
CA TYR D 80 -27.64 5.03 -53.03
C TYR D 80 -27.61 6.54 -53.10
N MET D 81 -28.08 7.17 -52.01
CA MET D 81 -28.14 8.63 -51.98
C MET D 81 -26.76 9.26 -51.90
N LYS D 82 -25.83 8.63 -51.18
CA LYS D 82 -24.48 9.15 -50.97
C LYS D 82 -23.49 8.26 -51.70
N MET D 83 -22.73 8.84 -52.63
CA MET D 83 -21.70 8.09 -53.34
C MET D 83 -20.49 7.85 -52.44
N GLU D 84 -20.18 8.80 -51.55
CA GLU D 84 -18.99 8.68 -50.72
C GLU D 84 -19.09 7.46 -49.82
N ALA D 85 -20.26 7.22 -49.23
CA ALA D 85 -20.42 6.08 -48.33
C ALA D 85 -20.19 4.76 -49.06
N VAL D 86 -20.78 4.60 -50.24
CA VAL D 86 -20.65 3.35 -50.98
C VAL D 86 -19.20 3.15 -51.42
N LYS D 87 -18.55 4.22 -51.90
CA LYS D 87 -17.15 4.10 -52.31
C LYS D 87 -16.27 3.73 -51.12
N GLU D 88 -16.49 4.36 -49.97
CA GLU D 88 -15.71 4.05 -48.79
C GLU D 88 -15.90 2.60 -48.38
N PHE D 89 -17.15 2.13 -48.39
CA PHE D 89 -17.41 0.73 -48.02
C PHE D 89 -16.73 -0.22 -48.98
N ILE D 90 -16.79 0.09 -50.29
CA ILE D 90 -16.17 -0.79 -51.27
C ILE D 90 -14.66 -0.86 -51.04
N ASN D 91 -14.03 0.29 -50.82
CA ASN D 91 -12.59 0.30 -50.59
C ASN D 91 -12.23 -0.49 -49.33
N THR D 92 -12.99 -0.27 -48.24
CA THR D 92 -12.70 -0.97 -47.00
C THR D 92 -12.88 -2.47 -47.16
N TYR D 93 -13.95 -2.89 -47.84
CA TYR D 93 -14.19 -4.31 -48.06
C TYR D 93 -13.09 -4.93 -48.90
N LYS D 94 -12.64 -4.23 -49.95
CA LYS D 94 -11.53 -4.74 -50.75
C LYS D 94 -10.26 -4.86 -49.91
N MET D 95 -10.08 -3.95 -48.94
CA MET D 95 -8.92 -4.04 -48.05
C MET D 95 -9.07 -5.09 -46.96
N GLY D 96 -10.25 -5.66 -46.80
CA GLY D 96 -10.47 -6.68 -45.78
C GLY D 96 -11.15 -6.13 -44.54
N MET D 97 -12.04 -6.93 -43.95
CA MET D 97 -12.80 -6.53 -42.77
C MET D 97 -12.73 -7.65 -41.73
N LEU D 98 -13.52 -7.50 -40.67
CA LEU D 98 -13.54 -8.46 -39.58
C LEU D 98 -13.98 -9.84 -40.10
N PRO D 99 -13.19 -10.90 -39.91
CA PRO D 99 -13.64 -12.22 -40.36
C PRO D 99 -14.87 -12.69 -39.63
N ARG D 100 -15.68 -13.51 -40.32
CA ARG D 100 -16.88 -14.07 -39.72
C ARG D 100 -16.55 -15.01 -38.57
N GLY D 101 -15.31 -15.50 -38.48
CA GLY D 101 -14.89 -16.38 -37.42
C GLY D 101 -14.42 -15.70 -36.16
N GLU D 102 -14.51 -14.37 -36.09
CA GLU D 102 -14.14 -13.60 -34.91
C GLU D 102 -15.40 -13.03 -34.27
N VAL D 103 -15.21 -12.32 -33.16
CA VAL D 103 -16.30 -11.74 -32.38
CA VAL D 103 -16.30 -11.74 -32.38
C VAL D 103 -16.30 -10.22 -32.59
N PHE D 104 -17.49 -9.68 -32.83
CA PHE D 104 -17.67 -8.24 -33.00
C PHE D 104 -17.86 -7.60 -31.63
N VAL D 105 -17.02 -6.60 -31.32
CA VAL D 105 -17.00 -5.96 -30.01
C VAL D 105 -17.61 -4.57 -30.16
N HIS D 106 -18.59 -4.27 -29.29
CA HIS D 106 -19.33 -3.02 -29.41
C HIS D 106 -18.45 -1.81 -29.13
N MET D 107 -17.52 -1.94 -28.18
CA MET D 107 -16.72 -0.81 -27.72
C MET D 107 -15.29 -0.85 -28.25
N ASP D 108 -15.07 -1.42 -29.43
CA ASP D 108 -13.78 -1.41 -30.08
C ASP D 108 -13.82 -0.42 -31.24
N HIS D 109 -12.85 0.49 -31.27
CA HIS D 109 -12.90 1.61 -32.22
C HIS D 109 -12.89 1.10 -33.67
N LYS D 110 -12.02 0.14 -33.98
CA LYS D 110 -11.97 -0.40 -35.34
C LYS D 110 -13.28 -1.08 -35.70
N HIS D 111 -13.79 -1.90 -34.78
CA HIS D 111 -15.04 -2.62 -35.05
C HIS D 111 -16.20 -1.66 -35.26
N VAL D 112 -16.31 -0.63 -34.41
CA VAL D 112 -17.40 0.32 -34.57
CA VAL D 112 -17.39 0.33 -34.55
C VAL D 112 -17.22 1.13 -35.84
N GLU D 113 -15.98 1.43 -36.23
CA GLU D 113 -15.76 2.13 -37.49
C GLU D 113 -16.31 1.32 -38.66
N GLU D 114 -15.96 0.03 -38.70
CA GLU D 114 -16.46 -0.83 -39.78
C GLU D 114 -17.98 -0.94 -39.72
N ALA D 115 -18.53 -1.08 -38.51
CA ALA D 115 -19.98 -1.18 -38.37
C ALA D 115 -20.67 0.09 -38.85
N VAL D 116 -20.08 1.25 -38.58
CA VAL D 116 -20.67 2.51 -39.02
C VAL D 116 -20.60 2.62 -40.53
N LYS D 117 -19.52 2.14 -41.14
CA LYS D 117 -19.47 2.11 -42.60
C LYS D 117 -20.60 1.24 -43.16
N VAL D 118 -20.81 0.06 -42.57
CA VAL D 118 -21.88 -0.82 -43.04
C VAL D 118 -23.23 -0.16 -42.84
N PHE D 119 -23.43 0.50 -41.69
CA PHE D 119 -24.70 1.18 -41.42
C PHE D 119 -24.95 2.30 -42.42
N LYS D 120 -23.90 3.06 -42.77
CA LYS D 120 -24.06 4.10 -43.78
C LYS D 120 -24.43 3.50 -45.12
N LEU D 121 -23.82 2.36 -45.47
CA LEU D 121 -24.19 1.70 -46.71
C LEU D 121 -25.67 1.32 -46.71
N LEU D 122 -26.15 0.77 -45.59
CA LEU D 122 -27.55 0.31 -45.54
C LEU D 122 -28.51 1.49 -45.51
N TYR D 123 -28.16 2.56 -44.78
CA TYR D 123 -29.12 3.62 -44.50
C TYR D 123 -29.48 4.42 -45.75
N PHE D 124 -28.50 4.68 -46.62
CA PHE D 124 -28.70 5.56 -47.77
C PHE D 124 -29.23 4.82 -48.99
N ALA D 125 -29.80 3.63 -48.82
CA ALA D 125 -30.48 2.97 -49.93
C ALA D 125 -31.71 3.78 -50.33
N ASN D 126 -31.93 3.90 -51.65
CA ASN D 126 -33.01 4.76 -52.13
C ASN D 126 -34.36 4.27 -51.64
N ASP D 127 -34.62 2.96 -51.74
CA ASP D 127 -35.92 2.40 -51.41
C ASP D 127 -35.73 1.09 -50.67
N PHE D 128 -36.86 0.47 -50.30
CA PHE D 128 -36.80 -0.75 -49.49
C PHE D 128 -36.26 -1.93 -50.27
N ASP D 129 -36.52 -2.00 -51.58
CA ASP D 129 -35.99 -3.09 -52.38
C ASP D 129 -34.47 -3.07 -52.40
N VAL D 130 -33.88 -1.90 -52.62
CA VAL D 130 -32.43 -1.78 -52.61
C VAL D 130 -31.89 -2.11 -51.23
N PHE D 131 -32.61 -1.69 -50.18
CA PHE D 131 -32.20 -2.00 -48.81
C PHE D 131 -32.15 -3.50 -48.59
N LEU D 132 -33.20 -4.21 -49.02
CA LEU D 132 -33.24 -5.66 -48.86
C LEU D 132 -32.12 -6.34 -49.64
N LYS D 133 -31.89 -5.90 -50.88
CA LYS D 133 -30.84 -6.52 -51.69
C LYS D 133 -29.47 -6.28 -51.07
N THR D 134 -29.22 -5.06 -50.58
CA THR D 134 -27.94 -4.78 -49.92
C THR D 134 -27.78 -5.61 -48.66
N ALA D 135 -28.85 -5.75 -47.88
CA ALA D 135 -28.78 -6.57 -46.67
C ALA D 135 -28.48 -8.02 -47.00
N CYS D 136 -29.12 -8.56 -48.04
CA CYS D 136 -28.86 -9.93 -48.45
C CYS D 136 -27.42 -10.08 -48.92
N TRP D 137 -26.91 -9.10 -49.65
CA TRP D 137 -25.51 -9.14 -50.09
C TRP D 137 -24.57 -9.15 -48.89
N LEU D 138 -24.86 -8.32 -47.88
CA LEU D 138 -23.98 -8.24 -46.72
C LEU D 138 -24.06 -9.52 -45.87
N ARG D 139 -25.23 -10.13 -45.79
CA ARG D 139 -25.43 -11.25 -44.87
C ARG D 139 -24.39 -12.34 -45.08
N GLU D 140 -24.02 -12.61 -46.33
CA GLU D 140 -23.11 -13.70 -46.66
C GLU D 140 -21.71 -13.20 -47.00
N ARG D 141 -21.34 -12.00 -46.55
CA ARG D 141 -20.03 -11.44 -46.83
C ARG D 141 -19.28 -10.97 -45.59
N ILE D 142 -19.99 -10.41 -44.60
CA ILE D 142 -19.34 -9.78 -43.45
C ILE D 142 -19.66 -10.53 -42.17
N ASN D 143 -19.07 -10.07 -41.07
CA ASN D 143 -19.29 -10.71 -39.78
C ASN D 143 -20.76 -10.67 -39.39
N GLY D 144 -21.24 -11.76 -38.79
CA GLY D 144 -22.65 -11.84 -38.44
C GLY D 144 -23.06 -10.81 -37.40
N GLY D 145 -22.27 -10.66 -36.35
CA GLY D 145 -22.61 -9.72 -35.30
C GLY D 145 -22.63 -8.28 -35.80
N MET D 146 -21.62 -7.90 -36.57
CA MET D 146 -21.59 -6.56 -37.14
C MET D 146 -22.78 -6.34 -38.08
N PHE D 147 -23.10 -7.35 -38.89
CA PHE D 147 -24.24 -7.23 -39.79
C PHE D 147 -25.54 -7.03 -39.02
N VAL D 148 -25.73 -7.81 -37.95
CA VAL D 148 -26.95 -7.66 -37.14
C VAL D 148 -27.00 -6.28 -36.50
N TYR D 149 -25.88 -5.82 -35.97
CA TYR D 149 -25.82 -4.50 -35.36
C TYR D 149 -26.24 -3.42 -36.37
N ALA D 150 -25.62 -3.43 -37.54
CA ALA D 150 -25.91 -2.40 -38.55
C ALA D 150 -27.36 -2.50 -39.02
N LEU D 151 -27.86 -3.72 -39.25
CA LEU D 151 -29.22 -3.88 -39.72
C LEU D 151 -30.23 -3.41 -38.67
N THR D 152 -29.99 -3.72 -37.41
CA THR D 152 -30.88 -3.25 -36.35
C THR D 152 -30.87 -1.73 -36.27
N ALA D 153 -29.70 -1.12 -36.36
CA ALA D 153 -29.63 0.35 -36.34
C ALA D 153 -30.41 0.94 -37.52
N ALA D 154 -30.23 0.37 -38.70
CA ALA D 154 -30.92 0.89 -39.88
C ALA D 154 -32.43 0.75 -39.74
N ILE D 155 -32.89 -0.40 -39.25
CA ILE D 155 -34.33 -0.59 -39.05
C ILE D 155 -34.86 0.41 -38.04
N PHE D 156 -34.09 0.65 -36.97
CA PHE D 156 -34.52 1.63 -35.97
C PHE D 156 -34.61 3.03 -36.55
N HIS D 157 -33.71 3.39 -37.47
CA HIS D 157 -33.62 4.76 -37.95
C HIS D 157 -34.08 4.97 -39.39
N ARG D 158 -34.47 3.91 -40.10
CA ARG D 158 -35.03 4.08 -41.43
C ARG D 158 -36.51 4.42 -41.35
N SER D 159 -36.93 5.44 -42.11
CA SER D 159 -38.32 5.89 -42.04
C SER D 159 -39.27 4.88 -42.68
N ASP D 160 -38.80 4.12 -43.66
CA ASP D 160 -39.64 3.16 -44.37
C ASP D 160 -39.70 1.79 -43.69
N CYS D 161 -39.03 1.63 -42.55
CA CYS D 161 -39.05 0.38 -41.80
C CYS D 161 -40.11 0.38 -40.71
N SER D 162 -40.98 1.39 -40.68
CA SER D 162 -42.03 1.44 -39.68
C SER D 162 -42.97 0.24 -39.83
N GLY D 163 -43.44 -0.25 -38.69
CA GLY D 163 -44.36 -1.38 -38.69
C GLY D 163 -43.71 -2.73 -38.91
N ILE D 164 -42.44 -2.88 -38.57
CA ILE D 164 -41.71 -4.13 -38.74
C ILE D 164 -41.28 -4.62 -37.38
N LYS D 165 -41.61 -5.88 -37.07
CA LYS D 165 -41.19 -6.52 -35.83
C LYS D 165 -39.94 -7.36 -36.10
N ILE D 166 -39.03 -7.37 -35.12
CA ILE D 166 -37.78 -8.12 -35.25
C ILE D 166 -37.62 -9.02 -34.04
N PRO D 167 -36.91 -10.14 -34.16
CA PRO D 167 -36.72 -11.02 -32.99
C PRO D 167 -35.84 -10.37 -31.94
N ALA D 168 -36.02 -10.82 -30.71
CA ALA D 168 -35.25 -10.29 -29.60
C ALA D 168 -33.77 -10.62 -29.79
N PRO D 169 -32.87 -9.78 -29.26
CA PRO D 169 -31.44 -10.03 -29.48
C PRO D 169 -30.99 -11.39 -28.95
N TYR D 170 -31.55 -11.86 -27.83
CA TYR D 170 -31.16 -13.16 -27.31
C TYR D 170 -31.63 -14.30 -28.20
N GLU D 171 -32.68 -14.10 -28.99
CA GLU D 171 -33.07 -15.11 -29.96
C GLU D 171 -32.08 -15.19 -31.11
N ILE D 172 -31.62 -14.04 -31.60
CA ILE D 172 -30.68 -14.03 -32.72
C ILE D 172 -29.34 -14.61 -32.29
N TYR D 173 -28.80 -14.14 -31.17
CA TYR D 173 -27.48 -14.52 -30.69
C TYR D 173 -27.57 -14.86 -29.21
N PRO D 174 -28.03 -16.07 -28.87
CA PRO D 174 -28.19 -16.42 -27.45
C PRO D 174 -26.89 -16.42 -26.67
N TYR D 175 -25.74 -16.48 -27.34
CA TYR D 175 -24.47 -16.59 -26.66
C TYR D 175 -24.27 -15.47 -25.64
N LEU D 176 -24.74 -14.27 -25.95
CA LEU D 176 -24.50 -13.11 -25.09
C LEU D 176 -25.53 -12.98 -23.97
N PHE D 177 -26.52 -13.88 -23.89
CA PHE D 177 -27.56 -13.79 -22.87
C PHE D 177 -27.78 -15.07 -22.08
N VAL D 178 -27.33 -16.23 -22.57
CA VAL D 178 -27.58 -17.51 -21.93
C VAL D 178 -26.27 -18.03 -21.35
N ASP D 179 -26.34 -18.60 -20.15
CA ASP D 179 -25.14 -19.11 -19.48
C ASP D 179 -24.48 -20.20 -20.32
N SER D 180 -23.16 -20.31 -20.17
CA SER D 180 -22.38 -21.20 -21.01
C SER D 180 -22.79 -22.66 -20.81
N ASN D 181 -23.07 -23.06 -19.57
CA ASN D 181 -23.36 -24.47 -19.30
C ASN D 181 -24.64 -24.91 -20.00
N ILE D 182 -25.64 -24.03 -20.08
CA ILE D 182 -26.88 -24.37 -20.76
C ILE D 182 -26.61 -24.63 -22.24
N LEU D 183 -25.82 -23.76 -22.86
CA LEU D 183 -25.48 -23.95 -24.28
C LEU D 183 -24.65 -25.21 -24.48
N HIS D 184 -23.77 -25.53 -23.53
CA HIS D 184 -23.01 -26.77 -23.61
C HIS D 184 -23.92 -27.99 -23.57
N LYS D 185 -24.92 -27.96 -22.68
CA LYS D 185 -25.88 -29.06 -22.63
C LYS D 185 -26.68 -29.15 -23.92
N ALA D 186 -27.06 -28.00 -24.49
CA ALA D 186 -27.75 -28.01 -25.77
C ALA D 186 -26.88 -28.62 -26.86
N PHE D 187 -25.60 -28.27 -26.88
CA PHE D 187 -24.68 -28.87 -27.85
C PHE D 187 -24.57 -30.37 -27.66
N MET D 188 -24.51 -30.83 -26.40
CA MET D 188 -24.46 -32.26 -26.13
C MET D 188 -25.69 -32.96 -26.67
N MET D 189 -26.87 -32.39 -26.42
CA MET D 189 -28.09 -33.00 -26.93
C MET D 189 -28.11 -33.02 -28.45
N LYS D 190 -27.66 -31.94 -29.08
CA LYS D 190 -27.61 -31.90 -30.54
C LYS D 190 -26.66 -32.96 -31.09
N MET D 191 -25.48 -33.11 -30.48
CA MET D 191 -24.52 -34.09 -30.94
C MET D 191 -25.04 -35.50 -30.76
N SER D 192 -25.68 -35.79 -29.62
CA SER D 192 -26.19 -37.13 -29.34
C SER D 192 -27.59 -37.34 -29.88
N LYS D 193 -28.21 -36.32 -30.46
CA LYS D 193 -29.58 -36.39 -30.95
C LYS D 193 -30.52 -36.94 -29.87
N ALA D 194 -30.36 -36.39 -28.67
CA ALA D 194 -31.19 -36.72 -27.52
C ALA D 194 -31.05 -38.20 -27.14
N ALA D 195 -29.80 -38.60 -26.88
CA ALA D 195 -29.49 -39.94 -26.42
C ALA D 195 -28.94 -39.95 -25.00
N MET D 196 -29.08 -38.84 -24.26
CA MET D 196 -28.55 -38.76 -22.91
C MET D 196 -29.26 -39.77 -22.00
N ASP D 197 -28.49 -40.37 -21.08
CA ASP D 197 -29.05 -41.37 -20.20
C ASP D 197 -29.98 -40.74 -19.17
N PRO D 198 -30.91 -41.51 -18.61
CA PRO D 198 -31.88 -40.93 -17.66
C PRO D 198 -31.24 -40.24 -16.47
N VAL D 199 -30.16 -40.80 -15.93
CA VAL D 199 -29.55 -40.23 -14.73
C VAL D 199 -29.05 -38.81 -15.01
N MET D 200 -28.34 -38.65 -16.12
CA MET D 200 -27.79 -37.33 -16.45
C MET D 200 -28.91 -36.32 -16.71
N LYS D 201 -29.95 -36.73 -17.44
CA LYS D 201 -31.06 -35.82 -17.71
C LYS D 201 -31.75 -35.41 -16.42
N ASN D 202 -31.99 -36.36 -15.52
CA ASN D 202 -32.62 -36.04 -14.25
C ASN D 202 -31.76 -35.08 -13.43
N TYR D 203 -30.44 -35.32 -13.39
CA TYR D 203 -29.57 -34.43 -12.63
C TYR D 203 -29.56 -33.02 -13.22
N TYR D 204 -29.49 -32.92 -14.56
CA TYR D 204 -29.48 -31.63 -15.22
C TYR D 204 -30.87 -31.06 -15.46
N GLY D 205 -31.93 -31.84 -15.24
CA GLY D 205 -33.27 -31.35 -15.48
C GLY D 205 -33.62 -31.19 -16.95
N ILE D 206 -33.00 -31.99 -17.81
CA ILE D 206 -33.26 -31.94 -19.25
C ILE D 206 -34.36 -32.94 -19.59
N LYS D 207 -35.29 -32.51 -20.46
CA LYS D 207 -36.36 -33.39 -20.91
C LYS D 207 -36.59 -33.18 -22.40
N VAL D 208 -37.26 -34.16 -23.01
CA VAL D 208 -37.66 -34.10 -24.41
C VAL D 208 -39.18 -34.18 -24.45
N LYS D 209 -39.80 -33.15 -25.02
CA LYS D 209 -41.26 -33.06 -25.11
C LYS D 209 -41.68 -33.35 -26.55
N ASP D 210 -42.59 -34.31 -26.70
CA ASP D 210 -43.19 -34.70 -27.97
C ASP D 210 -42.15 -35.17 -28.98
N ASN D 211 -40.96 -35.56 -28.53
CA ASN D 211 -39.86 -35.91 -29.42
C ASN D 211 -39.57 -34.82 -30.44
N SER D 212 -39.95 -33.57 -30.12
CA SER D 212 -39.74 -32.45 -31.01
C SER D 212 -39.14 -31.23 -30.32
N MET D 213 -39.19 -31.14 -28.99
CA MET D 213 -38.59 -30.03 -28.26
C MET D 213 -37.67 -30.58 -27.18
N VAL D 214 -36.55 -29.89 -26.96
CA VAL D 214 -35.61 -30.21 -25.88
C VAL D 214 -35.63 -29.05 -24.90
N ILE D 215 -35.97 -29.35 -23.65
CA ILE D 215 -36.12 -28.33 -22.61
C ILE D 215 -35.03 -28.58 -21.57
N ILE D 216 -34.21 -27.56 -21.32
CA ILE D 216 -33.12 -27.62 -20.36
C ILE D 216 -33.44 -26.63 -19.24
N ASP D 217 -33.57 -27.13 -18.02
CA ASP D 217 -33.83 -26.25 -16.88
C ASP D 217 -32.63 -25.37 -16.62
N TRP D 218 -32.90 -24.10 -16.33
CA TRP D 218 -31.87 -23.08 -16.14
C TRP D 218 -32.06 -22.44 -14.77
N ARG D 219 -31.15 -22.75 -13.84
CA ARG D 219 -31.14 -22.15 -12.51
C ARG D 219 -29.75 -21.58 -12.26
N LYS D 220 -29.71 -20.34 -11.74
CA LYS D 220 -28.44 -19.64 -11.58
C LYS D 220 -27.48 -20.42 -10.67
N GLY D 221 -27.87 -20.64 -9.43
CA GLY D 221 -27.00 -21.29 -8.47
C GLY D 221 -26.03 -20.34 -7.81
N LEU D 222 -25.12 -20.91 -7.03
CA LEU D 222 -24.15 -20.14 -6.26
C LEU D 222 -22.71 -20.58 -6.50
N ARG D 223 -22.46 -21.47 -7.45
CA ARG D 223 -21.11 -21.95 -7.70
C ARG D 223 -20.21 -20.90 -8.32
N HIS D 224 -20.77 -19.82 -8.87
CA HIS D 224 -20.00 -18.72 -9.44
C HIS D 224 -19.98 -17.50 -8.54
N THR D 225 -20.35 -17.65 -7.27
CA THR D 225 -20.42 -16.50 -6.38
C THR D 225 -19.04 -15.86 -6.20
N MET D 226 -19.02 -14.53 -6.24
CA MET D 226 -17.81 -13.76 -5.98
C MET D 226 -17.99 -12.74 -4.86
N SER D 227 -19.19 -12.20 -4.67
CA SER D 227 -19.44 -11.21 -3.62
C SER D 227 -20.93 -11.17 -3.35
N GLU D 228 -21.32 -10.39 -2.32
CA GLU D 228 -22.73 -10.27 -1.97
C GLU D 228 -23.56 -9.63 -3.07
N PHE D 229 -22.91 -8.87 -3.97
CA PHE D 229 -23.64 -8.24 -5.06
C PHE D 229 -24.43 -9.27 -5.86
N ASP D 230 -23.87 -10.46 -6.06
CA ASP D 230 -24.52 -11.50 -6.84
C ASP D 230 -25.88 -11.89 -6.27
N ARG D 231 -26.19 -11.48 -5.03
CA ARG D 231 -27.51 -11.76 -4.48
C ARG D 231 -28.62 -11.11 -5.28
N THR D 232 -28.31 -10.12 -6.10
CA THR D 232 -29.29 -9.49 -6.99
C THR D 232 -29.15 -9.96 -8.43
N SER D 233 -28.54 -11.13 -8.63
CA SER D 233 -28.26 -11.60 -9.99
C SER D 233 -29.54 -11.78 -10.79
N TYR D 234 -30.66 -12.10 -10.14
CA TYR D 234 -31.91 -12.29 -10.88
C TYR D 234 -32.38 -11.01 -11.54
N PHE D 235 -31.88 -9.85 -11.10
CA PHE D 235 -32.22 -8.57 -11.70
C PHE D 235 -31.17 -8.11 -12.70
N THR D 236 -29.89 -8.11 -12.32
CA THR D 236 -28.85 -7.61 -13.19
C THR D 236 -28.67 -8.48 -14.43
N GLU D 237 -28.81 -9.80 -14.29
CA GLU D 237 -28.59 -10.73 -15.38
C GLU D 237 -29.87 -11.04 -16.16
N ASP D 238 -30.98 -10.37 -15.84
CA ASP D 238 -32.21 -10.57 -16.59
C ASP D 238 -32.01 -10.18 -18.05
N ILE D 239 -32.51 -11.03 -18.95
CA ILE D 239 -32.30 -10.80 -20.38
C ILE D 239 -32.99 -9.51 -20.81
N ASP D 240 -34.16 -9.22 -20.24
CA ASP D 240 -34.93 -8.05 -20.67
C ASP D 240 -34.23 -6.74 -20.29
N LEU D 241 -33.55 -6.71 -19.14
CA LEU D 241 -32.85 -5.49 -18.75
C LEU D 241 -31.70 -5.18 -19.72
N ASN D 242 -30.92 -6.21 -20.06
CA ASN D 242 -29.84 -6.01 -21.02
C ASN D 242 -30.37 -5.65 -22.39
N THR D 243 -31.49 -6.26 -22.80
CA THR D 243 -32.11 -5.88 -24.06
C THR D 243 -32.59 -4.44 -24.03
N TYR D 244 -33.10 -3.99 -22.88
CA TYR D 244 -33.53 -2.61 -22.74
C TYR D 244 -32.36 -1.66 -22.91
N LEU D 245 -31.21 -1.97 -22.30
CA LEU D 245 -30.04 -1.11 -22.50
C LEU D 245 -29.58 -1.15 -23.95
N TYR D 246 -29.61 -2.32 -24.58
CA TYR D 246 -29.21 -2.43 -25.97
C TYR D 246 -30.09 -1.59 -26.88
N TYR D 247 -31.41 -1.61 -26.65
CA TYR D 247 -32.31 -0.81 -27.46
C TYR D 247 -32.21 0.67 -27.12
N MET D 248 -31.83 1.00 -25.88
CA MET D 248 -31.52 2.39 -25.56
C MET D 248 -30.35 2.87 -26.39
N HIS D 249 -29.30 2.05 -26.49
CA HIS D 249 -28.16 2.41 -27.33
C HIS D 249 -28.57 2.54 -28.80
N MET D 250 -29.39 1.60 -29.28
CA MET D 250 -29.80 1.64 -30.68
C MET D 250 -30.64 2.87 -30.98
N SER D 251 -31.50 3.27 -30.04
CA SER D 251 -32.35 4.43 -30.27
C SER D 251 -31.53 5.70 -30.43
N TYR D 252 -30.48 5.86 -29.62
CA TYR D 252 -29.65 7.06 -29.63
C TYR D 252 -28.18 6.66 -29.68
N PRO D 253 -27.71 6.20 -30.84
CA PRO D 253 -26.29 5.85 -30.96
C PRO D 253 -25.40 7.06 -30.74
N TYR D 254 -24.25 6.83 -30.09
CA TYR D 254 -23.33 7.93 -29.84
C TYR D 254 -22.58 8.34 -31.10
N TRP D 255 -22.44 7.44 -32.06
CA TRP D 255 -21.74 7.74 -33.31
C TRP D 255 -22.64 8.41 -34.35
N MET D 256 -23.91 8.62 -34.04
CA MET D 256 -24.84 9.32 -34.93
C MET D 256 -24.90 10.77 -34.46
N ASN D 257 -24.09 11.64 -35.07
CA ASN D 257 -23.96 13.03 -34.65
C ASN D 257 -23.96 13.95 -35.86
N GLU D 258 -24.89 13.72 -36.79
CA GLU D 258 -25.01 14.52 -37.99
C GLU D 258 -26.42 15.12 -38.09
N ASP D 259 -26.49 16.31 -38.68
CA ASP D 259 -27.76 17.03 -38.73
C ASP D 259 -28.80 16.30 -39.57
N MET D 260 -28.36 15.52 -40.56
CA MET D 260 -29.31 14.89 -41.47
C MET D 260 -30.25 13.93 -40.75
N TYR D 261 -29.71 13.18 -39.77
CA TYR D 261 -30.54 12.21 -39.07
C TYR D 261 -31.66 12.91 -38.29
N ARG D 262 -32.83 12.29 -38.30
CA ARG D 262 -33.99 12.89 -37.65
C ARG D 262 -33.86 12.88 -36.13
N VAL D 263 -33.13 11.90 -35.57
CA VAL D 263 -33.01 11.80 -34.12
C VAL D 263 -32.37 13.03 -33.52
N ASN D 264 -31.62 13.80 -34.32
CA ASN D 264 -31.02 15.03 -33.83
C ASN D 264 -32.07 16.04 -33.36
N LYS D 265 -33.31 15.89 -33.79
CA LYS D 265 -34.38 16.80 -33.42
C LYS D 265 -35.20 16.29 -32.23
N GLU D 266 -34.75 15.23 -31.57
CA GLU D 266 -35.42 14.68 -30.40
C GLU D 266 -34.62 14.99 -29.14
N ARG D 267 -35.22 14.67 -27.99
CA ARG D 267 -34.58 14.84 -26.69
C ARG D 267 -33.75 13.59 -26.34
N ARG D 268 -32.78 13.31 -27.21
CA ARG D 268 -32.03 12.06 -27.11
C ARG D 268 -31.14 12.03 -25.87
N GLY D 269 -30.37 13.09 -25.64
CA GLY D 269 -29.43 13.07 -24.54
C GLY D 269 -30.11 12.98 -23.19
N GLU D 270 -31.15 13.79 -22.99
CA GLU D 270 -31.88 13.76 -21.72
C GLU D 270 -32.56 12.41 -21.52
N ALA D 271 -33.10 11.83 -22.59
CA ALA D 271 -33.72 10.51 -22.48
C ALA D 271 -32.70 9.45 -22.07
N MET D 272 -31.52 9.48 -22.68
CA MET D 272 -30.48 8.50 -22.33
C MET D 272 -30.05 8.66 -20.88
N TRP D 273 -29.81 9.92 -20.46
CA TRP D 273 -29.40 10.16 -19.09
C TRP D 273 -30.46 9.72 -18.10
N TYR D 274 -31.73 10.02 -18.39
CA TYR D 274 -32.80 9.62 -17.49
C TYR D 274 -32.97 8.11 -17.45
N GLY D 275 -32.73 7.44 -18.57
CA GLY D 275 -32.74 5.98 -18.56
C GLY D 275 -31.68 5.42 -17.63
N TYR D 276 -30.45 5.95 -17.73
CA TYR D 276 -29.41 5.49 -16.83
C TYR D 276 -29.76 5.78 -15.37
N GLN D 277 -30.29 6.98 -15.10
CA GLN D 277 -30.63 7.35 -13.73
C GLN D 277 -31.72 6.46 -13.17
N GLN D 278 -32.74 6.16 -13.98
CA GLN D 278 -33.83 5.29 -13.54
C GLN D 278 -33.33 3.87 -13.31
N LEU D 279 -32.42 3.38 -14.16
CA LEU D 279 -31.85 2.07 -13.93
C LEU D 279 -31.10 2.03 -12.59
N GLN D 280 -30.33 3.08 -12.30
CA GLN D 280 -29.61 3.13 -11.03
C GLN D 280 -30.59 3.16 -9.84
N ALA D 281 -31.67 3.94 -9.96
CA ALA D 281 -32.66 3.99 -8.89
C ALA D 281 -33.34 2.64 -8.68
N ARG D 282 -33.66 1.96 -9.78
CA ARG D 282 -34.28 0.64 -9.68
C ARG D 282 -33.34 -0.36 -9.00
N LEU D 283 -32.06 -0.32 -9.36
CA LEU D 283 -31.10 -1.19 -8.68
C LEU D 283 -31.00 -0.84 -7.20
N ARG D 284 -31.08 0.45 -6.87
CA ARG D 284 -31.07 0.86 -5.47
C ARG D 284 -32.23 0.25 -4.71
N LEU D 285 -33.43 0.31 -5.29
CA LEU D 285 -34.60 -0.30 -4.65
C LEU D 285 -34.42 -1.80 -4.50
N GLU D 286 -33.92 -2.47 -5.54
CA GLU D 286 -33.73 -3.92 -5.48
C GLU D 286 -32.74 -4.28 -4.39
N ARG D 287 -31.64 -3.53 -4.26
CA ARG D 287 -30.67 -3.80 -3.21
C ARG D 287 -31.28 -3.56 -1.83
N LEU D 288 -32.06 -2.48 -1.68
CA LEU D 288 -32.74 -2.25 -0.41
C LEU D 288 -33.64 -3.41 -0.04
N SER D 289 -34.26 -4.05 -1.04
CA SER D 289 -35.08 -5.22 -0.74
C SER D 289 -34.27 -6.31 -0.05
N HIS D 290 -32.94 -6.34 -0.27
CA HIS D 290 -32.06 -7.30 0.36
C HIS D 290 -31.26 -6.70 1.51
N HIS D 291 -31.68 -5.54 2.01
CA HIS D 291 -31.04 -4.93 3.18
C HIS D 291 -29.58 -4.56 2.88
N MET D 292 -29.32 -4.10 1.67
CA MET D 292 -27.99 -3.67 1.24
C MET D 292 -28.01 -2.18 0.94
N CYS D 293 -26.92 -1.50 1.30
CA CYS D 293 -26.82 -0.06 1.15
C CYS D 293 -26.56 0.31 -0.32
N ASP D 294 -26.70 1.60 -0.60
CA ASP D 294 -26.50 2.10 -1.96
C ASP D 294 -25.04 1.95 -2.38
N LEU D 295 -24.84 1.75 -3.68
CA LEU D 295 -23.50 1.58 -4.22
C LEU D 295 -22.71 2.88 -4.11
N LYS D 296 -21.38 2.74 -3.98
CA LYS D 296 -20.47 3.87 -3.88
C LYS D 296 -19.73 4.07 -5.20
N PRO D 297 -19.37 5.31 -5.55
CA PRO D 297 -18.59 5.53 -6.78
C PRO D 297 -17.25 4.79 -6.71
N LEU D 298 -16.84 4.26 -7.85
CA LEU D 298 -15.55 3.58 -7.91
C LEU D 298 -14.41 4.58 -7.82
N ASP D 299 -13.36 4.21 -7.09
CA ASP D 299 -12.19 5.06 -6.91
C ASP D 299 -11.10 4.54 -7.85
N LEU D 300 -10.87 5.26 -8.95
CA LEU D 300 -9.87 4.84 -9.92
C LEU D 300 -8.47 4.82 -9.31
N ASP D 301 -8.25 5.56 -8.22
CA ASP D 301 -6.98 5.52 -7.51
C ASP D 301 -6.90 4.38 -6.50
N GLY D 302 -7.97 3.60 -6.34
CA GLY D 302 -7.99 2.52 -5.38
C GLY D 302 -8.23 1.16 -6.03
N THR D 303 -9.03 0.33 -5.37
CA THR D 303 -9.29 -1.03 -5.84
C THR D 303 -10.80 -1.25 -5.98
N LEU D 304 -11.15 -2.19 -6.86
CA LEU D 304 -12.54 -2.60 -7.06
C LEU D 304 -12.76 -3.88 -6.26
N ASP D 305 -13.51 -3.75 -5.15
CA ASP D 305 -13.70 -4.89 -4.27
C ASP D 305 -14.49 -6.01 -4.94
N GLU D 306 -15.51 -5.66 -5.72
CA GLU D 306 -16.45 -6.65 -6.23
C GLU D 306 -15.91 -7.24 -7.54
N GLY D 307 -15.61 -8.54 -7.52
CA GLY D 307 -15.33 -9.28 -8.73
C GLY D 307 -16.61 -9.75 -9.39
N TYR D 308 -16.45 -10.45 -10.52
CA TYR D 308 -17.60 -10.93 -11.25
C TYR D 308 -17.20 -12.11 -12.13
N TRP D 309 -18.14 -13.06 -12.29
CA TRP D 309 -17.96 -14.23 -13.14
C TRP D 309 -18.93 -14.13 -14.31
N PRO D 310 -18.47 -13.80 -15.52
CA PRO D 310 -19.43 -13.57 -16.63
C PRO D 310 -20.32 -14.75 -16.95
N LYS D 311 -19.76 -15.96 -17.06
CA LYS D 311 -20.51 -17.14 -17.48
C LYS D 311 -21.05 -16.97 -18.90
N ILE D 312 -20.26 -16.33 -19.76
CA ILE D 312 -20.66 -16.03 -21.12
C ILE D 312 -19.73 -16.77 -22.07
N LEU D 313 -20.32 -17.52 -23.00
CA LEU D 313 -19.58 -18.22 -24.04
C LEU D 313 -19.72 -17.49 -25.36
N LEU D 314 -18.62 -17.38 -26.11
CA LEU D 314 -18.60 -16.78 -27.43
C LEU D 314 -18.54 -17.88 -28.49
N HIS D 315 -19.07 -17.58 -29.67
CA HIS D 315 -19.13 -18.58 -30.73
C HIS D 315 -17.75 -18.99 -31.22
N THR D 316 -16.70 -18.25 -30.87
CA THR D 316 -15.33 -18.65 -31.20
C THR D 316 -14.81 -19.74 -30.29
N GLY D 317 -15.50 -20.06 -29.20
CA GLY D 317 -15.06 -21.08 -28.27
C GLY D 317 -14.41 -20.56 -27.00
N ASP D 318 -14.29 -19.24 -26.84
CA ASP D 318 -13.69 -18.63 -25.68
C ASP D 318 -14.77 -17.94 -24.84
N GLU D 319 -14.57 -17.95 -23.52
CA GLU D 319 -15.48 -17.31 -22.59
C GLU D 319 -14.91 -15.98 -22.11
N MET D 320 -15.80 -15.09 -21.70
CA MET D 320 -15.37 -13.82 -21.14
C MET D 320 -14.57 -14.06 -19.87
N PRO D 321 -13.41 -13.41 -19.69
CA PRO D 321 -12.57 -13.72 -18.53
C PRO D 321 -13.22 -13.31 -17.22
N VAL D 322 -12.87 -14.02 -16.16
CA VAL D 322 -13.33 -13.74 -14.81
C VAL D 322 -12.38 -12.74 -14.16
N ARG D 323 -12.95 -11.80 -13.41
CA ARG D 323 -12.17 -10.82 -12.66
C ARG D 323 -12.23 -11.16 -11.19
N TYR D 324 -11.07 -11.33 -10.57
CA TYR D 324 -11.01 -11.63 -9.15
C TYR D 324 -11.35 -10.39 -8.32
N ASN D 325 -11.65 -10.63 -7.04
CA ASN D 325 -11.95 -9.54 -6.13
C ASN D 325 -10.69 -8.76 -5.78
N LYS D 326 -10.87 -7.51 -5.36
CA LYS D 326 -9.79 -6.65 -4.89
C LYS D 326 -8.77 -6.40 -5.99
N MET D 327 -9.24 -5.86 -7.11
CA MET D 327 -8.38 -5.52 -8.24
C MET D 327 -8.08 -4.02 -8.22
N LYS D 328 -6.79 -3.68 -8.39
CA LYS D 328 -6.39 -2.29 -8.50
C LYS D 328 -6.70 -1.78 -9.91
N LEU D 329 -7.52 -0.74 -9.99
CA LEU D 329 -8.03 -0.30 -11.29
C LEU D 329 -6.93 0.25 -12.18
N THR D 330 -6.09 1.14 -11.63
CA THR D 330 -5.05 1.78 -12.41
C THR D 330 -3.74 1.03 -12.27
N ASN D 331 -3.12 0.69 -13.40
CA ASN D 331 -1.85 -0.03 -13.43
C ASN D 331 -1.01 0.51 -14.58
N GLU D 332 0.19 -0.07 -14.72
CA GLU D 332 1.14 0.41 -15.71
C GLU D 332 0.66 0.17 -17.14
N ASN D 333 -0.15 -0.87 -17.36
CA ASN D 333 -0.57 -1.23 -18.70
C ASN D 333 -1.70 -0.36 -19.24
N ASN D 334 -2.34 0.46 -18.39
CA ASN D 334 -3.45 1.29 -18.84
C ASN D 334 -3.29 2.76 -18.45
N ILE D 335 -2.11 3.16 -17.97
CA ILE D 335 -1.93 4.52 -17.48
C ILE D 335 -2.32 5.52 -18.57
N LYS D 336 -1.84 5.30 -19.79
CA LYS D 336 -2.23 6.12 -20.93
C LYS D 336 -3.72 6.39 -20.90
N TYR D 337 -4.52 5.32 -20.97
CA TYR D 337 -5.97 5.49 -21.04
C TYR D 337 -6.49 6.25 -19.82
N ARG D 338 -5.95 5.95 -18.64
CA ARG D 338 -6.36 6.68 -17.45
C ARG D 338 -6.25 8.18 -17.69
N LEU D 339 -5.09 8.62 -18.18
CA LEU D 339 -4.92 10.05 -18.45
C LEU D 339 -6.03 10.56 -19.35
N LEU D 340 -6.31 9.84 -20.44
CA LEU D 340 -7.37 10.27 -21.34
C LEU D 340 -8.68 10.44 -20.59
N LEU D 341 -9.04 9.47 -19.75
CA LEU D 341 -10.27 9.59 -18.98
C LEU D 341 -10.26 10.88 -18.18
N GLU D 342 -9.16 11.16 -17.49
CA GLU D 342 -9.06 12.39 -16.71
C GLU D 342 -9.34 13.60 -17.59
N ASP D 343 -8.79 13.61 -18.81
CA ASP D 343 -8.99 14.75 -19.70
C ASP D 343 -10.47 15.04 -19.88
N ASN D 344 -11.29 13.99 -20.02
CA ASN D 344 -12.73 14.21 -20.14
C ASN D 344 -13.28 14.86 -18.87
N LYS D 345 -12.98 14.27 -17.71
CA LYS D 345 -13.58 14.74 -16.47
C LYS D 345 -13.29 16.23 -16.26
N ARG D 346 -12.01 16.61 -16.33
CA ARG D 346 -11.65 18.01 -16.14
C ARG D 346 -12.40 18.90 -17.11
N LEU D 347 -12.56 18.46 -18.36
CA LEU D 347 -13.25 19.30 -19.34
C LEU D 347 -14.71 19.47 -18.98
N ILE D 348 -15.34 18.44 -18.43
CA ILE D 348 -16.78 18.50 -18.15
C ILE D 348 -17.02 19.28 -16.87
N ARG D 349 -16.49 18.77 -15.75
CA ARG D 349 -16.79 19.38 -14.44
C ARG D 349 -16.46 20.86 -14.44
N ASP D 350 -15.24 21.21 -14.84
CA ASP D 350 -14.84 22.61 -14.90
C ASP D 350 -15.85 23.43 -15.68
N GLY D 351 -16.24 22.93 -16.86
CA GLY D 351 -17.22 23.65 -17.65
C GLY D 351 -18.50 23.91 -16.88
N ILE D 352 -19.00 22.87 -16.20
CA ILE D 352 -20.21 23.04 -15.40
C ILE D 352 -20.01 24.12 -14.36
N LYS D 353 -18.82 24.17 -13.77
CA LYS D 353 -18.53 25.21 -12.78
C LYS D 353 -18.41 26.58 -13.43
N LYS D 354 -17.91 26.65 -14.66
CA LYS D 354 -17.71 27.92 -15.34
C LYS D 354 -18.91 28.34 -16.18
N GLY D 355 -19.90 27.47 -16.37
CA GLY D 355 -21.10 27.81 -17.09
C GLY D 355 -21.00 27.72 -18.59
N HIS D 356 -19.85 27.34 -19.14
CA HIS D 356 -19.71 27.22 -20.58
C HIS D 356 -18.56 26.27 -20.88
N MET D 357 -18.58 25.72 -22.10
CA MET D 357 -17.53 24.84 -22.57
C MET D 357 -17.09 25.26 -23.97
N ALA D 358 -15.78 25.27 -24.20
CA ALA D 358 -15.21 25.57 -25.50
C ALA D 358 -14.91 24.28 -26.22
N MET D 359 -15.42 24.14 -27.44
CA MET D 359 -15.30 22.92 -28.21
C MET D 359 -14.20 23.06 -29.26
N HIS D 360 -13.67 21.90 -29.68
CA HIS D 360 -12.56 21.90 -30.63
C HIS D 360 -12.97 22.46 -31.97
N ASP D 361 -14.24 22.32 -32.36
CA ASP D 361 -14.69 22.84 -33.64
C ASP D 361 -14.78 24.37 -33.66
N GLY D 362 -14.61 25.03 -32.52
CA GLY D 362 -14.64 26.47 -32.47
C GLY D 362 -15.93 27.08 -31.97
N THR D 363 -16.82 26.29 -31.36
CA THR D 363 -18.09 26.78 -30.84
C THR D 363 -18.10 26.70 -29.31
N THR D 364 -18.80 27.66 -28.70
CA THR D 364 -18.95 27.71 -27.26
C THR D 364 -20.37 27.27 -26.90
N VAL D 365 -20.49 26.33 -25.97
CA VAL D 365 -21.76 25.78 -25.54
C VAL D 365 -22.05 26.29 -24.13
N SER D 366 -23.18 26.95 -23.97
CA SER D 366 -23.57 27.49 -22.66
C SER D 366 -24.09 26.38 -21.76
N LEU D 367 -23.80 26.50 -20.47
CA LEU D 367 -24.23 25.54 -19.46
C LEU D 367 -24.78 26.26 -18.24
N LYS D 368 -25.57 27.30 -18.47
CA LYS D 368 -26.15 28.12 -17.39
C LYS D 368 -27.64 27.89 -17.21
N LYS D 369 -28.40 27.82 -18.30
CA LYS D 369 -29.85 27.67 -18.23
C LYS D 369 -30.23 26.22 -18.03
N PRO D 370 -31.39 25.97 -17.40
CA PRO D 370 -31.81 24.56 -17.23
C PRO D 370 -31.95 23.82 -18.55
N ASP D 371 -32.51 24.46 -19.57
CA ASP D 371 -32.73 23.81 -20.86
C ASP D 371 -31.42 23.42 -21.54
N ASP D 372 -30.29 23.96 -21.10
CA ASP D 372 -29.00 23.55 -21.64
C ASP D 372 -28.66 22.11 -21.26
N ILE D 373 -29.38 21.51 -20.31
CA ILE D 373 -29.11 20.14 -19.91
C ILE D 373 -28.94 19.24 -21.14
N GLU D 374 -29.83 19.39 -22.12
CA GLU D 374 -29.76 18.55 -23.30
C GLU D 374 -28.37 18.60 -23.93
N ASN D 375 -27.87 19.82 -24.19
CA ASN D 375 -26.53 19.95 -24.75
C ASN D 375 -25.52 19.21 -23.89
N LEU D 376 -25.56 19.44 -22.57
CA LEU D 376 -24.63 18.76 -21.68
C LEU D 376 -24.68 17.25 -21.93
N CYS D 377 -25.89 16.70 -21.97
CA CYS D 377 -26.02 15.26 -22.18
C CYS D 377 -25.38 14.85 -23.50
N ARG D 378 -25.65 15.61 -24.56
CA ARG D 378 -25.06 15.28 -25.85
C ARG D 378 -23.54 15.35 -25.80
N ILE D 379 -23.00 16.22 -24.95
CA ILE D 379 -21.55 16.28 -24.78
C ILE D 379 -21.04 15.03 -24.06
N VAL D 380 -21.81 14.56 -23.07
CA VAL D 380 -21.36 13.43 -22.25
C VAL D 380 -21.70 12.10 -22.88
N LEU D 381 -22.94 11.93 -23.34
CA LEU D 381 -23.41 10.66 -23.88
C LEU D 381 -23.40 10.60 -25.40
N GLY D 382 -22.86 11.62 -26.06
CA GLY D 382 -22.77 11.62 -27.51
C GLY D 382 -23.98 12.25 -28.18
N GLY D 383 -23.83 12.47 -29.49
CA GLY D 383 -24.87 13.07 -30.29
C GLY D 383 -24.70 14.55 -30.56
N PHE D 384 -23.64 15.16 -30.06
CA PHE D 384 -23.41 16.58 -30.30
C PHE D 384 -22.99 16.81 -31.74
N VAL D 385 -23.64 17.78 -32.40
CA VAL D 385 -23.40 18.09 -33.80
C VAL D 385 -22.44 19.27 -33.86
N SER D 386 -21.29 19.07 -34.51
CA SER D 386 -20.29 20.11 -34.68
C SER D 386 -20.54 20.84 -36.00
N LYS D 387 -19.59 21.68 -36.40
CA LYS D 387 -19.72 22.40 -37.66
C LYS D 387 -19.73 21.43 -38.84
N ASP D 388 -20.41 21.82 -39.92
CA ASP D 388 -20.59 20.92 -41.05
C ASP D 388 -19.24 20.52 -41.65
N ASP D 389 -18.32 21.47 -41.81
CA ASP D 389 -17.02 21.18 -42.39
C ASP D 389 -16.07 20.51 -41.41
N HIS D 390 -16.38 20.50 -40.12
CA HIS D 390 -15.50 19.88 -39.15
C HIS D 390 -15.48 18.37 -39.31
N LYS D 391 -14.30 17.77 -39.11
CA LYS D 391 -14.15 16.33 -39.16
C LYS D 391 -13.12 15.91 -38.13
N GLY D 392 -13.20 14.63 -37.72
CA GLY D 392 -12.28 14.07 -36.78
C GLY D 392 -12.85 14.00 -35.37
N LYS D 393 -11.98 13.59 -34.45
CA LYS D 393 -12.37 13.46 -33.06
C LYS D 393 -12.72 14.81 -32.46
N SER D 394 -13.63 14.79 -31.49
CA SER D 394 -14.07 15.97 -30.79
C SER D 394 -13.26 16.13 -29.50
N SER D 395 -13.67 17.09 -28.66
CA SER D 395 -12.95 17.33 -27.40
C SER D 395 -13.07 16.12 -26.47
N ILE D 396 -14.24 15.49 -26.43
CA ILE D 396 -14.49 14.38 -25.53
C ILE D 396 -14.35 13.08 -26.31
N TRP D 397 -13.47 12.20 -25.83
CA TRP D 397 -13.29 10.88 -26.41
C TRP D 397 -14.19 9.86 -25.72
N ARG D 398 -14.51 8.80 -26.45
CA ARG D 398 -15.47 7.79 -25.99
C ARG D 398 -14.82 6.41 -25.99
N ASN D 399 -15.52 5.48 -25.35
CA ASN D 399 -15.06 4.09 -25.24
C ASN D 399 -13.70 4.03 -24.54
N LEU D 400 -13.66 4.57 -23.34
CA LEU D 400 -12.45 4.60 -22.52
C LEU D 400 -12.63 3.98 -21.14
N ALA D 401 -13.85 3.98 -20.59
CA ALA D 401 -14.05 3.47 -19.24
C ALA D 401 -13.72 1.98 -19.16
N LYS D 402 -14.07 1.21 -20.19
CA LYS D 402 -13.86 -0.23 -20.15
C LYS D 402 -12.41 -0.59 -19.87
N THR D 403 -11.47 0.26 -20.29
CA THR D 403 -10.06 -0.04 -20.08
C THR D 403 -9.69 -0.14 -18.60
N MET D 404 -10.46 0.49 -17.72
CA MET D 404 -10.19 0.41 -16.29
C MET D 404 -10.60 -0.93 -15.69
N LEU D 405 -11.42 -1.72 -16.38
CA LEU D 405 -11.86 -3.00 -15.90
C LEU D 405 -11.36 -4.17 -16.73
N SER D 406 -10.57 -3.91 -17.77
CA SER D 406 -10.12 -4.95 -18.69
C SER D 406 -8.92 -5.71 -18.11
N TYR D 407 -8.67 -6.88 -18.68
CA TYR D 407 -7.53 -7.69 -18.31
C TYR D 407 -6.22 -7.20 -18.90
N GLY D 408 -6.27 -6.34 -19.92
CA GLY D 408 -5.07 -5.82 -20.54
C GLY D 408 -5.35 -5.05 -21.82
N THR D 409 -4.39 -4.26 -22.26
CA THR D 409 -4.52 -3.46 -23.48
C THR D 409 -3.65 -3.97 -24.62
N TYR D 410 -3.02 -5.15 -24.45
CA TYR D 410 -2.08 -5.62 -25.45
C TYR D 410 -2.76 -5.88 -26.79
N ASN D 411 -3.96 -6.47 -26.77
CA ASN D 411 -4.64 -6.90 -27.98
C ASN D 411 -5.77 -5.97 -28.39
N MET D 412 -5.84 -4.77 -27.81
CA MET D 412 -6.87 -3.82 -28.18
C MET D 412 -6.71 -3.38 -29.63
N GLY D 413 -7.83 -3.14 -30.29
CA GLY D 413 -7.81 -2.71 -31.68
C GLY D 413 -7.48 -3.80 -32.66
N LYS D 414 -7.70 -5.06 -32.30
CA LYS D 414 -7.40 -6.19 -33.16
C LYS D 414 -8.65 -7.05 -33.36
N TYR D 415 -8.66 -7.79 -34.46
CA TYR D 415 -9.79 -8.66 -34.77
C TYR D 415 -9.91 -9.84 -33.80
N THR D 416 -8.88 -10.12 -33.02
CA THR D 416 -8.87 -11.27 -32.11
C THR D 416 -9.07 -10.87 -30.66
N TYR D 417 -9.46 -9.63 -30.40
CA TYR D 417 -9.65 -9.18 -29.01
C TYR D 417 -10.83 -9.91 -28.38
N ILE D 418 -10.60 -10.48 -27.20
CA ILE D 418 -11.64 -11.18 -26.45
C ILE D 418 -12.32 -10.15 -25.55
N PRO D 419 -13.61 -9.88 -25.73
CA PRO D 419 -14.26 -8.83 -24.94
C PRO D 419 -14.53 -9.26 -23.52
N THR D 420 -14.69 -8.26 -22.65
CA THR D 420 -15.15 -8.45 -21.29
C THR D 420 -16.64 -8.11 -21.21
N ALA D 421 -17.19 -8.17 -19.99
CA ALA D 421 -18.59 -7.84 -19.81
C ALA D 421 -18.87 -6.38 -20.17
N ALA D 422 -17.96 -5.48 -19.80
CA ALA D 422 -18.12 -4.06 -20.07
C ALA D 422 -17.95 -3.72 -21.55
N ASP D 423 -17.48 -4.65 -22.37
CA ASP D 423 -17.24 -4.40 -23.79
C ASP D 423 -18.50 -4.42 -24.64
N MET D 424 -19.62 -4.86 -24.09
CA MET D 424 -20.86 -5.01 -24.85
C MET D 424 -22.00 -4.33 -24.13
N TYR D 425 -22.85 -3.63 -24.89
CA TYR D 425 -24.04 -3.02 -24.31
C TYR D 425 -25.00 -4.07 -23.78
N SER D 426 -24.95 -5.29 -24.32
CA SER D 426 -25.84 -6.36 -23.91
C SER D 426 -25.36 -7.11 -22.67
N THR D 427 -24.16 -6.79 -22.16
CA THR D 427 -23.65 -7.44 -20.97
C THR D 427 -23.07 -6.46 -19.96
N ALA D 428 -23.14 -5.15 -20.22
CA ALA D 428 -22.53 -4.17 -19.32
C ALA D 428 -23.20 -4.19 -17.95
N LEU D 429 -24.53 -4.27 -17.92
CA LEU D 429 -25.25 -4.20 -16.66
C LEU D 429 -25.00 -5.42 -15.76
N ARG D 430 -24.39 -6.47 -16.28
CA ARG D 430 -24.07 -7.64 -15.47
C ARG D 430 -22.89 -7.40 -14.54
N ASP D 431 -22.04 -6.41 -14.83
CA ASP D 431 -20.82 -6.18 -14.06
C ASP D 431 -21.04 -5.08 -13.05
N PRO D 432 -20.84 -5.31 -11.75
CA PRO D 432 -20.99 -4.22 -10.77
C PRO D 432 -20.06 -3.05 -11.03
N GLY D 433 -18.91 -3.29 -11.65
CA GLY D 433 -18.01 -2.19 -11.97
C GLY D 433 -18.67 -1.15 -12.87
N MET D 434 -19.49 -1.62 -13.82
CA MET D 434 -20.21 -0.68 -14.69
C MET D 434 -21.21 0.15 -13.88
N TRP D 435 -21.88 -0.47 -12.91
CA TRP D 435 -22.80 0.30 -12.07
C TRP D 435 -22.06 1.35 -11.26
N LYS D 436 -20.88 1.00 -10.72
CA LYS D 436 -20.10 1.99 -10.00
C LYS D 436 -19.62 3.10 -10.92
N MET D 437 -19.26 2.76 -12.15
CA MET D 437 -18.88 3.79 -13.13
C MET D 437 -20.05 4.72 -13.42
N LEU D 438 -21.25 4.17 -13.55
CA LEU D 438 -22.44 5.01 -13.75
C LEU D 438 -22.66 5.92 -12.55
N LYS D 439 -22.46 5.40 -11.33
CA LYS D 439 -22.60 6.22 -10.15
C LYS D 439 -21.59 7.37 -10.17
N LEU D 440 -20.35 7.09 -10.58
CA LEU D 440 -19.35 8.14 -10.70
C LEU D 440 -19.76 9.17 -11.73
N ILE D 441 -20.27 8.73 -12.88
CA ILE D 441 -20.65 9.65 -13.96
C ILE D 441 -21.83 10.52 -13.54
N SER D 442 -22.73 9.99 -12.71
CA SER D 442 -23.91 10.76 -12.31
C SER D 442 -23.55 12.05 -11.58
N GLU D 443 -22.32 12.15 -11.07
CA GLU D 443 -21.91 13.35 -10.36
C GLU D 443 -21.98 14.58 -11.25
N TYR D 444 -21.66 14.43 -12.54
CA TYR D 444 -21.74 15.56 -13.46
C TYR D 444 -23.13 16.16 -13.46
N PHE D 445 -24.16 15.32 -13.67
CA PHE D 445 -25.52 15.82 -13.74
C PHE D 445 -26.00 16.30 -12.38
N ILE D 446 -25.58 15.64 -11.30
CA ILE D 446 -25.95 16.11 -9.96
C ILE D 446 -25.42 17.52 -9.74
N MET D 447 -24.15 17.75 -10.09
CA MET D 447 -23.56 19.08 -9.95
C MET D 447 -24.30 20.10 -10.82
N PHE D 448 -24.58 19.74 -12.06
CA PHE D 448 -25.26 20.68 -12.96
C PHE D 448 -26.61 21.08 -12.41
N LYS D 449 -27.39 20.11 -11.91
CA LYS D 449 -28.70 20.42 -11.36
C LYS D 449 -28.59 21.21 -10.06
N GLU D 450 -27.55 20.94 -9.26
CA GLU D 450 -27.36 21.71 -8.03
C GLU D 450 -27.00 23.16 -8.34
N MET D 451 -26.33 23.40 -9.46
CA MET D 451 -26.02 24.79 -9.85
C MET D 451 -27.26 25.56 -10.26
N LEU D 452 -28.35 24.88 -10.62
CA LEU D 452 -29.57 25.53 -11.05
C LEU D 452 -30.38 26.01 -9.85
N PRO D 453 -31.25 27.00 -10.04
CA PRO D 453 -32.16 27.40 -8.96
C PRO D 453 -33.17 26.30 -8.64
N LYS D 454 -33.58 26.26 -7.38
CA LYS D 454 -34.55 25.26 -6.96
C LYS D 454 -35.92 25.56 -7.54
N TYR D 455 -36.73 24.51 -7.68
CA TYR D 455 -38.09 24.67 -8.16
C TYR D 455 -38.88 25.58 -7.23
N THR D 456 -39.59 26.53 -7.81
CA THR D 456 -40.42 27.44 -7.02
C THR D 456 -41.78 26.82 -6.74
N ARG D 457 -42.45 27.33 -5.71
CA ARG D 457 -43.76 26.81 -5.36
C ARG D 457 -44.76 27.02 -6.49
N GLU D 458 -44.58 28.06 -7.30
CA GLU D 458 -45.48 28.28 -8.43
C GLU D 458 -45.35 27.15 -9.45
N GLU D 459 -44.13 26.72 -9.74
CA GLU D 459 -43.93 25.64 -10.70
C GLU D 459 -44.47 24.32 -10.17
N LEU D 460 -44.35 24.07 -8.87
CA LEU D 460 -44.78 22.82 -8.27
C LEU D 460 -46.26 22.78 -7.95
N ASP D 461 -46.96 23.91 -8.04
CA ASP D 461 -48.35 24.00 -7.61
C ASP D 461 -49.29 23.99 -8.80
N PHE D 462 -50.47 23.39 -8.60
CA PHE D 462 -51.56 23.38 -9.58
C PHE D 462 -52.76 24.02 -8.90
N PRO D 463 -52.96 25.33 -9.05
CA PRO D 463 -54.06 25.99 -8.34
C PRO D 463 -55.41 25.36 -8.67
N GLY D 464 -56.24 25.19 -7.65
CA GLY D 464 -57.56 24.63 -7.81
C GLY D 464 -57.62 23.13 -7.92
N VAL D 465 -56.49 22.43 -7.82
CA VAL D 465 -56.43 20.98 -7.95
C VAL D 465 -55.70 20.42 -6.73
N LYS D 466 -56.33 19.44 -6.07
CA LYS D 466 -55.73 18.77 -4.92
C LYS D 466 -56.03 17.28 -5.01
N ILE D 467 -55.14 16.48 -4.45
CA ILE D 467 -55.30 15.03 -4.41
C ILE D 467 -55.96 14.67 -3.07
N GLU D 468 -57.11 14.01 -3.13
CA GLU D 468 -57.81 13.63 -1.91
C GLU D 468 -57.14 12.43 -1.24
N GLN D 469 -56.98 11.33 -1.98
CA GLN D 469 -56.31 10.15 -1.43
C GLN D 469 -55.80 9.28 -2.57
N VAL D 470 -54.87 8.39 -2.22
CA VAL D 470 -54.30 7.42 -3.13
C VAL D 470 -54.35 6.06 -2.47
N THR D 471 -54.81 5.05 -3.21
CA THR D 471 -54.91 3.69 -2.70
C THR D 471 -54.40 2.72 -3.77
N THR D 472 -53.98 1.54 -3.31
CA THR D 472 -53.47 0.52 -4.20
C THR D 472 -53.87 -0.85 -3.68
N ASP D 473 -53.94 -1.81 -4.60
CA ASP D 473 -54.15 -3.20 -4.24
C ASP D 473 -52.85 -3.80 -3.71
N LYS D 474 -52.95 -5.01 -3.18
CA LYS D 474 -51.79 -5.67 -2.61
C LYS D 474 -50.72 -5.88 -3.68
N LEU D 475 -49.48 -5.54 -3.34
CA LEU D 475 -48.34 -5.71 -4.23
C LEU D 475 -47.62 -7.00 -3.86
N VAL D 476 -47.58 -7.96 -4.78
CA VAL D 476 -47.02 -9.28 -4.53
C VAL D 476 -46.12 -9.67 -5.69
N THR D 477 -44.97 -10.27 -5.36
CA THR D 477 -44.01 -10.75 -6.35
C THR D 477 -43.74 -12.23 -6.13
N PHE D 478 -43.28 -12.89 -7.19
CA PHE D 478 -42.99 -14.32 -7.15
C PHE D 478 -42.13 -14.68 -8.35
N MET D 479 -41.46 -15.83 -8.26
CA MET D 479 -40.63 -16.34 -9.33
C MET D 479 -41.40 -17.36 -10.15
N ASP D 480 -41.24 -17.29 -11.47
CA ASP D 480 -41.95 -18.20 -12.37
C ASP D 480 -41.09 -18.49 -13.58
N GLU D 481 -41.48 -19.51 -14.34
CA GLU D 481 -40.69 -20.00 -15.45
C GLU D 481 -41.01 -19.25 -16.75
N TYR D 482 -40.01 -19.21 -17.63
CA TYR D 482 -40.14 -18.58 -18.95
C TYR D 482 -39.24 -19.32 -19.92
N ASP D 483 -39.76 -19.60 -21.11
CA ASP D 483 -39.04 -20.37 -22.11
C ASP D 483 -38.32 -19.45 -23.09
N VAL D 484 -37.03 -19.71 -23.30
CA VAL D 484 -36.20 -18.94 -24.23
C VAL D 484 -35.78 -19.87 -25.36
N ASP D 485 -36.00 -19.44 -26.59
CA ASP D 485 -35.62 -20.22 -27.77
C ASP D 485 -34.15 -19.97 -28.06
N ILE D 486 -33.34 -21.02 -27.99
CA ILE D 486 -31.90 -20.93 -28.22
C ILE D 486 -31.50 -21.81 -29.39
N THR D 487 -32.44 -22.04 -30.31
CA THR D 487 -32.17 -22.93 -31.44
C THR D 487 -31.08 -22.36 -32.34
N ASN D 488 -30.96 -21.04 -32.42
CA ASN D 488 -29.95 -20.43 -33.28
C ASN D 488 -28.53 -20.63 -32.75
N ALA D 489 -28.36 -21.11 -31.52
CA ALA D 489 -27.04 -21.33 -30.98
C ALA D 489 -26.36 -22.56 -31.57
N VAL D 490 -27.14 -23.59 -31.92
CA VAL D 490 -26.59 -24.84 -32.41
C VAL D 490 -26.34 -24.72 -33.91
N TYR D 491 -25.53 -25.63 -34.45
CA TYR D 491 -25.19 -25.67 -35.86
C TYR D 491 -25.97 -26.77 -36.56
N LEU D 492 -26.43 -26.47 -37.77
CA LEU D 492 -27.32 -27.35 -38.51
C LEU D 492 -26.55 -28.18 -39.53
N ASP D 493 -27.05 -29.37 -39.81
CA ASP D 493 -26.50 -30.23 -40.85
C ASP D 493 -27.09 -29.84 -42.20
N HIS D 494 -26.63 -30.52 -43.26
CA HIS D 494 -27.09 -30.16 -44.61
C HIS D 494 -28.59 -30.32 -44.74
N ASP D 495 -29.14 -31.44 -44.26
CA ASP D 495 -30.58 -31.66 -44.37
C ASP D 495 -31.36 -30.59 -43.62
N GLU D 496 -30.91 -30.25 -42.41
CA GLU D 496 -31.55 -29.18 -41.66
C GLU D 496 -31.42 -27.84 -42.38
N MET D 497 -30.26 -27.59 -42.98
CA MET D 497 -30.06 -26.33 -43.70
C MET D 497 -31.03 -26.21 -44.86
N GLN D 498 -31.25 -27.30 -45.59
CA GLN D 498 -32.17 -27.25 -46.73
C GLN D 498 -33.58 -26.87 -46.28
N LYS D 499 -34.01 -27.39 -45.13
CA LYS D 499 -35.34 -27.09 -44.60
C LYS D 499 -35.38 -25.78 -43.82
N HIS D 500 -34.23 -25.12 -43.63
CA HIS D 500 -34.18 -23.85 -42.90
C HIS D 500 -34.78 -23.98 -41.51
N ARG D 501 -34.50 -25.11 -40.87
CA ARG D 501 -35.03 -25.36 -39.53
C ARG D 501 -34.34 -26.58 -38.94
N SER D 502 -34.16 -26.55 -37.62
CA SER D 502 -33.64 -27.71 -36.90
C SER D 502 -34.77 -28.69 -36.61
N ASP D 503 -34.51 -29.98 -36.83
CA ASP D 503 -35.54 -30.98 -36.61
C ASP D 503 -36.04 -30.99 -35.18
N MET D 504 -35.24 -30.50 -34.22
CA MET D 504 -35.62 -30.43 -32.83
C MET D 504 -35.41 -29.01 -32.32
N MET D 505 -36.38 -28.52 -31.54
CA MET D 505 -36.27 -27.20 -30.93
C MET D 505 -35.60 -27.32 -29.56
N TYR D 506 -34.71 -26.37 -29.26
CA TYR D 506 -33.99 -26.34 -28.00
C TYR D 506 -34.42 -25.11 -27.21
N VAL D 507 -34.86 -25.34 -25.97
CA VAL D 507 -35.46 -24.30 -25.14
C VAL D 507 -34.76 -24.29 -23.78
N ALA D 508 -34.46 -23.09 -23.30
CA ALA D 508 -33.93 -22.89 -21.96
C ALA D 508 -35.07 -22.41 -21.06
N ARG D 509 -35.33 -23.13 -19.98
CA ARG D 509 -36.43 -22.82 -19.07
C ARG D 509 -35.87 -22.00 -17.92
N MET D 510 -35.83 -20.68 -18.12
CA MET D 510 -35.28 -19.77 -17.13
C MET D 510 -36.31 -19.48 -16.04
N HIS D 511 -35.81 -19.10 -14.86
CA HIS D 511 -36.65 -18.68 -13.74
C HIS D 511 -36.45 -17.19 -13.54
N ARG D 512 -37.56 -16.44 -13.59
CA ARG D 512 -37.51 -14.98 -13.60
C ARG D 512 -38.54 -14.42 -12.63
N LEU D 513 -38.30 -13.18 -12.22
CA LEU D 513 -39.23 -12.47 -11.35
C LEU D 513 -40.53 -12.16 -12.10
N ASN D 514 -41.58 -11.92 -11.32
CA ASN D 514 -42.88 -11.54 -11.86
C ASN D 514 -43.71 -11.00 -10.71
N HIS D 515 -44.79 -10.31 -11.04
CA HIS D 515 -45.68 -9.73 -10.04
C HIS D 515 -47.13 -9.90 -10.48
N GLN D 516 -48.02 -9.88 -9.50
CA GLN D 516 -49.45 -9.99 -9.76
C GLN D 516 -50.02 -8.64 -10.21
N PRO D 517 -51.12 -8.65 -10.97
CA PRO D 517 -51.74 -7.38 -11.36
C PRO D 517 -52.23 -6.60 -10.14
N PHE D 518 -52.20 -5.27 -10.26
CA PHE D 518 -52.67 -4.40 -9.20
C PHE D 518 -53.21 -3.11 -9.81
N LYS D 519 -54.03 -2.41 -9.03
CA LYS D 519 -54.66 -1.17 -9.45
C LYS D 519 -54.21 -0.03 -8.56
N ILE D 520 -54.16 1.17 -9.13
CA ILE D 520 -53.89 2.40 -8.40
C ILE D 520 -55.10 3.31 -8.57
N THR D 521 -55.67 3.74 -7.45
CA THR D 521 -56.84 4.61 -7.45
C THR D 521 -56.47 5.95 -6.82
N ILE D 522 -56.80 7.03 -7.52
CA ILE D 522 -56.47 8.39 -7.08
C ILE D 522 -57.74 9.21 -7.09
N ASP D 523 -57.99 9.95 -6.00
CA ASP D 523 -59.14 10.84 -5.91
C ASP D 523 -58.64 12.28 -5.98
N VAL D 524 -59.16 13.04 -6.94
CA VAL D 524 -58.70 14.41 -7.21
C VAL D 524 -59.90 15.35 -7.22
N ALA D 525 -59.77 16.48 -6.54
CA ALA D 525 -60.79 17.52 -6.54
C ALA D 525 -60.31 18.68 -7.42
N SER D 526 -61.15 19.07 -8.38
CA SER D 526 -60.80 20.10 -9.35
C SER D 526 -61.90 21.13 -9.43
N ASP D 527 -61.51 22.41 -9.38
CA ASP D 527 -62.49 23.49 -9.53
C ASP D 527 -62.90 23.68 -10.98
N LYS D 528 -62.03 23.38 -11.93
CA LYS D 528 -62.26 23.63 -13.35
C LYS D 528 -62.02 22.34 -14.13
N ALA D 529 -62.45 22.36 -15.38
CA ALA D 529 -62.21 21.26 -16.31
C ALA D 529 -60.97 21.59 -17.14
N VAL D 530 -59.95 20.74 -17.06
CA VAL D 530 -58.65 21.05 -17.66
C VAL D 530 -57.88 19.76 -17.92
N GLU D 531 -57.01 19.80 -18.92
CA GLU D 531 -56.10 18.70 -19.17
C GLU D 531 -54.93 18.74 -18.19
N CYS D 532 -54.50 17.56 -17.74
CA CYS D 532 -53.45 17.46 -16.75
C CYS D 532 -52.55 16.27 -17.05
N VAL D 533 -51.36 16.31 -16.50
CA VAL D 533 -50.39 15.22 -16.57
C VAL D 533 -50.21 14.67 -15.16
N VAL D 534 -50.34 13.35 -15.02
CA VAL D 534 -50.23 12.66 -13.75
C VAL D 534 -48.99 11.79 -13.78
N ARG D 535 -48.15 11.92 -12.75
CA ARG D 535 -46.92 11.14 -12.60
C ARG D 535 -46.98 10.36 -11.29
N VAL D 536 -46.59 9.09 -11.36
CA VAL D 536 -46.58 8.18 -10.22
C VAL D 536 -45.18 7.57 -10.11
N PHE D 537 -44.55 7.77 -8.96
CA PHE D 537 -43.22 7.30 -8.66
C PHE D 537 -43.26 6.31 -7.50
N LEU D 538 -42.27 5.42 -7.46
CA LEU D 538 -42.05 4.51 -6.34
C LEU D 538 -40.62 4.70 -5.82
N GLY D 539 -40.47 4.72 -4.50
CA GLY D 539 -39.19 4.98 -3.90
C GLY D 539 -39.04 4.37 -2.52
N PRO D 540 -37.85 4.53 -1.93
CA PRO D 540 -37.58 3.90 -0.65
C PRO D 540 -38.31 4.58 0.51
N LYS D 541 -38.50 3.81 1.58
CA LYS D 541 -39.05 4.29 2.84
C LYS D 541 -38.01 4.35 3.94
N LEU D 542 -37.06 3.40 3.96
CA LEU D 542 -36.01 3.36 4.96
C LEU D 542 -34.68 3.08 4.27
N ASP D 543 -33.60 3.51 4.91
CA ASP D 543 -32.25 3.23 4.44
C ASP D 543 -31.81 1.87 4.96
N CYS D 544 -30.60 1.45 4.59
CA CYS D 544 -30.09 0.16 5.03
C CYS D 544 -29.86 0.11 6.53
N MET D 545 -29.78 1.26 7.20
CA MET D 545 -29.62 1.32 8.65
C MET D 545 -30.95 1.47 9.38
N GLY D 546 -32.07 1.50 8.66
CA GLY D 546 -33.37 1.62 9.27
C GLY D 546 -33.83 3.03 9.57
N ARG D 547 -33.08 4.05 9.17
CA ARG D 547 -33.48 5.42 9.38
C ARG D 547 -34.62 5.81 8.46
N PHE D 548 -35.47 6.73 8.93
CA PHE D 548 -36.54 7.28 8.11
C PHE D 548 -35.94 8.30 7.16
N THR D 549 -35.94 7.96 5.86
CA THR D 549 -35.27 8.79 4.87
C THR D 549 -36.04 10.08 4.61
N SER D 550 -35.30 11.17 4.43
CA SER D 550 -35.89 12.46 4.09
C SER D 550 -36.04 12.58 2.57
N VAL D 551 -36.73 13.64 2.15
CA VAL D 551 -37.04 13.80 0.73
C VAL D 551 -35.77 14.08 -0.07
N ASN D 552 -34.84 14.85 0.49
CA ASN D 552 -33.63 15.19 -0.25
C ASN D 552 -32.79 13.95 -0.54
N ASP D 553 -32.68 13.04 0.43
CA ASP D 553 -31.93 11.80 0.22
C ASP D 553 -32.77 10.73 -0.47
N LYS D 554 -34.05 10.99 -0.71
CA LYS D 554 -34.90 10.08 -1.48
C LYS D 554 -35.03 10.46 -2.94
N ARG D 555 -34.82 11.74 -3.28
CA ARG D 555 -35.18 12.23 -4.61
C ARG D 555 -34.44 11.50 -5.71
N ASN D 556 -33.17 11.13 -5.48
CA ASN D 556 -32.39 10.45 -6.50
C ASN D 556 -32.74 8.97 -6.62
N ASP D 557 -33.58 8.44 -5.73
CA ASP D 557 -33.95 7.03 -5.73
C ASP D 557 -35.41 6.82 -6.15
N MET D 558 -36.07 7.86 -6.65
CA MET D 558 -37.47 7.74 -7.06
C MET D 558 -37.55 7.21 -8.49
N VAL D 559 -38.34 6.17 -8.69
CA VAL D 559 -38.51 5.54 -10.01
C VAL D 559 -39.88 5.94 -10.53
N GLU D 560 -39.90 6.59 -11.69
CA GLU D 560 -41.15 7.04 -12.33
C GLU D 560 -41.82 5.83 -12.95
N ILE D 561 -42.71 5.20 -12.18
CA ILE D 561 -43.35 3.97 -12.66
C ILE D 561 -44.51 4.23 -13.60
N ASP D 562 -45.11 5.43 -13.57
CA ASP D 562 -46.22 5.69 -14.49
C ASP D 562 -46.30 7.19 -14.78
N SER D 563 -46.82 7.50 -15.97
CA SER D 563 -47.04 8.89 -16.37
C SER D 563 -48.07 8.89 -17.49
N PHE D 564 -49.11 9.71 -17.36
CA PHE D 564 -50.17 9.70 -18.35
C PHE D 564 -50.95 11.01 -18.33
N LEU D 565 -51.63 11.27 -19.45
CA LEU D 565 -52.52 12.42 -19.55
C LEU D 565 -53.90 12.08 -19.02
N TYR D 566 -54.63 13.11 -18.60
CA TYR D 566 -55.98 12.93 -18.10
C TYR D 566 -56.74 14.24 -18.26
N LYS D 567 -58.07 14.14 -18.20
CA LYS D 567 -58.95 15.29 -18.30
C LYS D 567 -59.74 15.42 -17.00
N LEU D 568 -59.40 16.41 -16.19
CA LEU D 568 -60.12 16.68 -14.95
C LEU D 568 -61.37 17.49 -15.25
N GLU D 569 -62.43 17.24 -14.49
CA GLU D 569 -63.69 17.96 -14.60
C GLU D 569 -64.06 18.55 -13.25
N THR D 570 -65.02 19.47 -13.28
CA THR D 570 -65.46 20.13 -12.06
C THR D 570 -65.94 19.10 -11.04
N GLY D 571 -65.50 19.23 -9.80
CA GLY D 571 -65.88 18.33 -8.74
C GLY D 571 -64.83 17.26 -8.45
N LYS D 572 -65.29 16.04 -8.21
CA LYS D 572 -64.42 14.94 -7.83
C LYS D 572 -64.20 14.01 -9.02
N ASN D 573 -62.96 13.53 -9.16
CA ASN D 573 -62.57 12.62 -10.23
C ASN D 573 -61.83 11.43 -9.62
N THR D 574 -62.20 10.23 -10.06
CA THR D 574 -61.58 8.99 -9.60
C THR D 574 -60.81 8.40 -10.77
N ILE D 575 -59.49 8.44 -10.68
CA ILE D 575 -58.60 7.91 -11.71
C ILE D 575 -58.18 6.52 -11.29
N VAL D 576 -58.50 5.52 -12.11
CA VAL D 576 -58.13 4.13 -11.87
C VAL D 576 -57.16 3.71 -12.96
N ARG D 577 -55.96 3.30 -12.55
CA ARG D 577 -54.91 2.86 -13.47
C ARG D 577 -54.56 1.42 -13.17
N ASP D 578 -54.67 0.57 -14.17
CA ASP D 578 -54.26 -0.82 -14.06
C ASP D 578 -52.78 -0.96 -14.44
N SER D 579 -52.11 -1.91 -13.79
CA SER D 579 -50.70 -2.13 -14.09
C SER D 579 -50.49 -2.54 -15.54
N LEU D 580 -51.49 -3.19 -16.16
CA LEU D 580 -51.33 -3.65 -17.53
C LEU D 580 -51.17 -2.48 -18.50
N GLU D 581 -51.74 -1.32 -18.18
CA GLU D 581 -51.76 -0.18 -19.07
C GLU D 581 -50.73 0.88 -18.72
N MET D 582 -49.80 0.58 -17.82
CA MET D 582 -48.77 1.55 -17.46
C MET D 582 -47.88 1.85 -18.65
N ASN D 583 -47.45 3.11 -18.74
CA ASN D 583 -46.77 3.60 -19.94
C ASN D 583 -45.47 2.84 -20.18
N ASN D 584 -45.29 2.39 -21.43
CA ASN D 584 -44.06 1.75 -21.88
C ASN D 584 -43.65 0.58 -20.98
N VAL D 585 -44.62 -0.23 -20.57
CA VAL D 585 -44.37 -1.48 -19.86
C VAL D 585 -44.92 -2.60 -20.73
N ILE D 586 -44.06 -3.54 -21.12
CA ILE D 586 -44.40 -4.57 -22.09
C ILE D 586 -44.36 -5.94 -21.41
N LYS D 587 -45.15 -6.85 -21.96
CA LYS D 587 -45.16 -8.23 -21.49
C LYS D 587 -43.90 -8.95 -21.98
N GLU D 588 -43.79 -10.23 -21.61
CA GLU D 588 -42.66 -11.04 -22.06
C GLU D 588 -42.70 -11.17 -23.57
N ARG D 589 -41.53 -11.06 -24.18
CA ARG D 589 -41.44 -11.04 -25.64
C ARG D 589 -41.85 -12.40 -26.20
N PRO D 590 -42.75 -12.44 -27.19
CA PRO D 590 -43.16 -13.73 -27.76
C PRO D 590 -42.10 -14.28 -28.71
N TRP D 591 -42.21 -15.58 -28.97
CA TRP D 591 -41.31 -16.24 -29.90
C TRP D 591 -41.51 -15.71 -31.32
N SER D 592 -40.40 -15.44 -32.01
CA SER D 592 -40.48 -14.94 -33.37
C SER D 592 -40.82 -16.05 -34.37
N ARG D 593 -40.46 -17.30 -34.06
CA ARG D 593 -40.75 -18.39 -34.99
C ARG D 593 -42.25 -18.57 -35.18
N ASN D 594 -43.05 -18.20 -34.19
CA ASN D 594 -44.50 -18.28 -34.28
C ASN D 594 -45.14 -16.98 -34.75
N ASN D 595 -44.38 -16.15 -35.47
CA ASN D 595 -44.88 -14.87 -35.99
C ASN D 595 -45.43 -13.99 -34.87
N TRP D 596 -44.74 -14.00 -33.73
CA TRP D 596 -45.07 -13.15 -32.59
C TRP D 596 -46.55 -13.32 -32.20
N ALA D 597 -46.89 -14.55 -31.81
CA ALA D 597 -48.26 -14.85 -31.41
C ALA D 597 -48.67 -14.02 -30.21
N GLN D 607 -50.53 -8.11 -30.94
CA GLN D 607 -51.15 -6.80 -31.14
C GLN D 607 -50.45 -6.07 -32.28
N ASP D 608 -51.15 -5.09 -32.86
CA ASP D 608 -50.62 -4.34 -34.00
C ASP D 608 -49.69 -3.20 -33.61
N ASN D 609 -49.53 -2.93 -32.31
CA ASN D 609 -48.66 -1.88 -31.83
C ASN D 609 -47.39 -2.44 -31.18
N TRP D 610 -47.16 -3.75 -31.26
CA TRP D 610 -46.00 -4.34 -30.61
C TRP D 610 -44.70 -3.90 -31.27
N TRP D 611 -44.74 -3.53 -32.54
CA TRP D 611 -43.51 -3.26 -33.29
C TRP D 611 -42.72 -2.12 -32.65
N TYR D 612 -43.40 -1.06 -32.22
CA TYR D 612 -42.73 0.07 -31.58
C TYR D 612 -42.70 -0.05 -30.06
N LYS D 613 -43.68 -0.74 -29.46
CA LYS D 613 -43.65 -0.96 -28.02
C LYS D 613 -42.44 -1.78 -27.61
N SER D 614 -42.10 -2.81 -28.38
CA SER D 614 -40.97 -3.67 -28.05
C SER D 614 -39.65 -2.91 -28.10
N ARG D 615 -39.56 -1.84 -28.87
CA ARG D 615 -38.30 -1.12 -29.02
C ARG D 615 -37.96 -0.27 -27.81
N ILE D 616 -38.97 0.29 -27.13
CA ILE D 616 -38.76 1.22 -26.02
C ILE D 616 -39.45 0.75 -24.74
N GLY D 617 -39.81 -0.53 -24.66
CA GLY D 617 -40.57 -1.03 -23.54
C GLY D 617 -39.70 -1.57 -22.41
N PHE D 618 -40.18 -1.39 -21.18
CA PHE D 618 -39.56 -1.94 -19.98
C PHE D 618 -40.32 -3.19 -19.52
N PRO D 619 -39.64 -4.27 -19.14
CA PRO D 619 -40.35 -5.51 -18.85
C PRO D 619 -41.33 -5.35 -17.69
N HIS D 620 -42.48 -6.01 -17.82
CA HIS D 620 -43.45 -6.05 -16.72
C HIS D 620 -42.89 -6.81 -15.53
N ARG D 621 -42.12 -7.86 -15.79
CA ARG D 621 -41.63 -8.73 -14.73
C ARG D 621 -40.80 -7.96 -13.69
N LEU D 622 -40.13 -6.89 -14.12
CA LEU D 622 -39.28 -6.09 -13.25
C LEU D 622 -39.93 -4.78 -12.82
N LEU D 623 -41.26 -4.70 -12.92
CA LEU D 623 -41.95 -3.46 -12.53
C LEU D 623 -41.77 -3.15 -11.06
N LEU D 624 -41.87 -4.17 -10.21
CA LEU D 624 -41.75 -3.99 -8.77
C LEU D 624 -40.53 -4.72 -8.24
N PRO D 625 -39.86 -4.18 -7.21
CA PRO D 625 -38.75 -4.91 -6.61
C PRO D 625 -39.25 -6.11 -5.81
N MET D 626 -38.38 -7.10 -5.68
CA MET D 626 -38.71 -8.26 -4.86
C MET D 626 -38.98 -7.81 -3.43
N GLY D 627 -40.09 -8.28 -2.87
CA GLY D 627 -40.48 -7.93 -1.52
C GLY D 627 -39.95 -8.91 -0.50
N SER D 628 -40.62 -8.94 0.65
CA SER D 628 -40.31 -9.87 1.72
C SER D 628 -41.59 -10.59 2.15
N HIS D 629 -41.43 -11.79 2.70
CA HIS D 629 -42.59 -12.57 3.11
C HIS D 629 -43.44 -11.80 4.11
N GLY D 630 -42.82 -10.95 4.93
CA GLY D 630 -43.56 -10.13 5.87
C GLY D 630 -43.95 -8.77 5.35
N GLY D 631 -43.40 -8.36 4.21
CA GLY D 631 -43.74 -7.08 3.61
C GLY D 631 -42.63 -6.06 3.73
N MET D 632 -42.07 -5.65 2.59
CA MET D 632 -41.03 -4.65 2.54
C MET D 632 -41.66 -3.28 2.35
N PRO D 633 -41.39 -2.30 3.22
CA PRO D 633 -42.04 -0.99 3.06
C PRO D 633 -41.37 -0.13 1.99
N TYR D 634 -42.21 0.49 1.17
CA TYR D 634 -41.78 1.48 0.19
C TYR D 634 -42.78 2.63 0.21
N GLN D 635 -42.52 3.67 -0.57
CA GLN D 635 -43.37 4.84 -0.61
C GLN D 635 -43.68 5.24 -2.05
N MET D 636 -44.96 5.42 -2.36
CA MET D 636 -45.39 5.89 -3.66
C MET D 636 -45.68 7.39 -3.59
N PHE D 637 -45.45 8.07 -4.70
CA PHE D 637 -45.63 9.51 -4.81
C PHE D 637 -46.46 9.81 -6.06
N VAL D 638 -47.46 10.66 -5.92
CA VAL D 638 -48.35 11.02 -7.02
C VAL D 638 -48.38 12.52 -7.14
N ILE D 639 -48.22 13.03 -8.37
CA ILE D 639 -48.28 14.46 -8.62
C ILE D 639 -49.06 14.71 -9.90
N VAL D 640 -49.93 15.72 -9.87
CA VAL D 640 -50.73 16.14 -11.02
CA VAL D 640 -50.73 16.14 -11.02
C VAL D 640 -50.40 17.59 -11.33
N THR D 641 -50.06 17.87 -12.58
CA THR D 641 -49.65 19.19 -13.00
C THR D 641 -50.34 19.57 -14.31
N PRO D 642 -50.34 20.85 -14.65
CA PRO D 642 -50.90 21.25 -15.95
C PRO D 642 -49.95 20.89 -17.10
N VAL D 643 -50.49 20.91 -18.30
CA VAL D 643 -49.70 20.70 -19.50
C VAL D 643 -48.97 22.00 -19.83
N ARG D 644 -47.66 21.94 -19.96
CA ARG D 644 -46.82 23.10 -20.17
C ARG D 644 -46.28 23.12 -21.59
N ALA D 645 -46.40 24.27 -22.24
CA ALA D 645 -45.91 24.46 -23.60
C ALA D 645 -46.52 23.43 -24.54
N SER D 651 -32.93 23.31 -31.79
CA SER D 651 -34.38 23.24 -31.71
C SER D 651 -34.87 21.80 -31.70
N ILE D 652 -35.88 21.53 -30.87
CA ILE D 652 -36.45 20.20 -30.72
C ILE D 652 -37.92 20.25 -31.07
N ASP D 653 -38.37 19.29 -31.88
CA ASP D 653 -39.76 19.19 -32.30
C ASP D 653 -40.36 17.91 -31.73
N MET D 654 -41.49 18.05 -31.01
CA MET D 654 -42.17 16.89 -30.45
C MET D 654 -42.84 16.06 -31.53
N ASN D 655 -43.16 16.65 -32.67
CA ASN D 655 -43.77 15.89 -33.76
C ASN D 655 -42.84 14.83 -34.30
N THR D 656 -41.53 15.10 -34.34
CA THR D 656 -40.58 14.08 -34.77
C THR D 656 -40.63 12.86 -33.86
N ALA D 657 -40.64 13.08 -32.54
CA ALA D 657 -40.74 11.97 -31.61
C ALA D 657 -42.07 11.24 -31.76
N LYS D 658 -43.15 11.98 -31.94
CA LYS D 658 -44.47 11.35 -32.10
C LYS D 658 -44.51 10.47 -33.33
N GLU D 659 -43.94 10.94 -34.45
CA GLU D 659 -44.03 10.21 -35.70
C GLU D 659 -43.23 8.91 -35.66
N ARG D 660 -42.07 8.90 -34.99
CA ARG D 660 -41.23 7.72 -34.93
C ARG D 660 -41.63 6.77 -33.80
N LYS D 661 -42.65 7.11 -33.02
CA LYS D 661 -43.11 6.27 -31.91
C LYS D 661 -41.96 5.98 -30.94
N ALA D 662 -41.28 7.05 -30.54
CA ALA D 662 -40.19 6.99 -29.57
C ALA D 662 -40.54 7.82 -28.34
N CYS D 663 -41.76 7.66 -27.83
CA CYS D 663 -42.28 8.47 -26.73
C CYS D 663 -41.95 7.80 -25.40
N ARG D 664 -40.70 7.98 -24.97
CA ARG D 664 -40.28 7.52 -23.66
C ARG D 664 -40.66 8.54 -22.60
N TRP D 665 -41.16 8.06 -21.46
CA TRP D 665 -41.57 8.91 -20.33
C TRP D 665 -42.58 9.93 -20.86
N THR D 666 -42.39 11.23 -20.60
CA THR D 666 -43.35 12.25 -20.96
C THR D 666 -42.83 13.18 -22.07
N VAL D 667 -41.90 12.70 -22.89
CA VAL D 667 -41.33 13.55 -23.93
C VAL D 667 -42.41 13.97 -24.92
N CYS D 668 -43.42 13.14 -25.14
CA CYS D 668 -44.51 13.45 -26.05
C CYS D 668 -45.73 14.00 -25.34
N MET D 669 -45.62 14.28 -24.04
CA MET D 669 -46.74 14.78 -23.25
C MET D 669 -46.57 16.24 -22.84
N ASP D 670 -45.45 16.58 -22.21
CA ASP D 670 -45.17 17.95 -21.79
C ASP D 670 -43.70 18.25 -22.03
N THR D 671 -43.26 19.43 -21.59
CA THR D 671 -41.89 19.88 -21.82
C THR D 671 -41.11 20.04 -20.52
N MET D 672 -41.62 19.53 -19.40
CA MET D 672 -40.90 19.65 -18.14
C MET D 672 -39.65 18.77 -18.17
N PRO D 673 -38.62 19.12 -17.40
CA PRO D 673 -37.40 18.30 -17.38
C PRO D 673 -37.70 16.89 -16.90
N LEU D 674 -37.02 15.91 -17.51
CA LEU D 674 -37.15 14.53 -17.06
C LEU D 674 -36.57 14.38 -15.66
N GLY D 675 -37.31 13.73 -14.78
CA GLY D 675 -36.96 13.64 -13.38
C GLY D 675 -37.72 14.61 -12.50
N PHE D 676 -38.44 15.55 -13.09
CA PHE D 676 -39.25 16.47 -12.32
C PHE D 676 -40.28 15.70 -11.49
N PRO D 677 -40.54 16.10 -10.24
CA PRO D 677 -39.96 17.22 -9.48
C PRO D 677 -38.82 16.80 -8.55
N PHE D 678 -38.03 15.78 -8.92
CA PHE D 678 -36.99 15.26 -8.04
C PHE D 678 -35.58 15.45 -8.59
N ASP D 679 -35.42 16.13 -9.73
CA ASP D 679 -34.10 16.24 -10.36
C ASP D 679 -33.25 17.37 -9.79
N ARG D 680 -33.80 18.20 -8.90
CA ARG D 680 -33.08 19.30 -8.30
C ARG D 680 -33.16 19.22 -6.78
N PRO D 681 -32.23 19.87 -6.06
CA PRO D 681 -32.36 19.94 -4.61
C PRO D 681 -33.68 20.58 -4.22
N ILE D 682 -34.28 20.06 -3.15
CA ILE D 682 -35.64 20.42 -2.76
C ILE D 682 -35.58 21.34 -1.55
N ASP D 683 -36.27 22.48 -1.62
CA ASP D 683 -36.46 23.36 -0.48
C ASP D 683 -37.77 22.98 0.19
N GLU D 684 -37.70 22.54 1.45
CA GLU D 684 -38.88 22.04 2.13
C GLU D 684 -39.96 23.09 2.28
N THR D 685 -39.60 24.38 2.25
CA THR D 685 -40.60 25.44 2.41
C THR D 685 -41.48 25.57 1.17
N ASN D 686 -40.93 25.36 -0.02
CA ASN D 686 -41.66 25.51 -1.27
C ASN D 686 -42.25 24.20 -1.78
N PHE D 687 -42.05 23.10 -1.05
CA PHE D 687 -42.50 21.78 -1.48
C PHE D 687 -43.77 21.39 -0.72
N TYR D 688 -44.28 20.20 -1.03
CA TYR D 688 -45.44 19.63 -0.34
C TYR D 688 -46.70 20.47 -0.60
N THR D 689 -46.98 20.69 -1.88
CA THR D 689 -48.21 21.36 -2.28
C THR D 689 -49.39 20.39 -2.24
N LYS D 690 -50.59 20.95 -2.36
CA LYS D 690 -51.80 20.14 -2.26
C LYS D 690 -52.00 19.22 -3.46
N ASN D 691 -51.27 19.44 -4.55
CA ASN D 691 -51.40 18.62 -5.76
C ASN D 691 -50.47 17.42 -5.76
N MET D 692 -49.74 17.18 -4.68
CA MET D 692 -48.84 16.05 -4.56
C MET D 692 -49.19 15.26 -3.30
N LYS D 693 -48.95 13.95 -3.36
CA LYS D 693 -49.33 13.05 -2.27
C LYS D 693 -48.31 11.93 -2.12
N PHE D 694 -48.01 11.59 -0.88
CA PHE D 694 -47.21 10.43 -0.53
C PHE D 694 -48.10 9.35 0.07
N HIS D 695 -47.71 8.09 -0.13
CA HIS D 695 -48.51 6.96 0.35
C HIS D 695 -47.60 5.78 0.63
N ASP D 696 -47.57 5.32 1.88
CA ASP D 696 -46.78 4.16 2.24
C ASP D 696 -47.42 2.89 1.70
N VAL D 697 -46.59 1.97 1.21
CA VAL D 697 -47.05 0.70 0.67
C VAL D 697 -46.11 -0.41 1.14
N MET D 698 -46.60 -1.65 1.05
CA MET D 698 -45.84 -2.83 1.42
C MET D 698 -45.82 -3.80 0.25
N VAL D 699 -44.64 -4.30 -0.08
CA VAL D 699 -44.46 -5.24 -1.18
C VAL D 699 -44.11 -6.60 -0.59
N TYR D 700 -44.95 -7.60 -0.87
CA TYR D 700 -44.77 -8.95 -0.36
C TYR D 700 -44.21 -9.86 -1.46
N THR D 701 -43.65 -10.98 -1.02
CA THR D 701 -43.18 -12.03 -1.92
C THR D 701 -43.70 -13.37 -1.44
N LYS D 702 -44.08 -14.23 -2.39
CA LYS D 702 -44.61 -15.55 -2.08
C LYS D 702 -43.82 -16.60 -2.85
N ASP D 703 -43.81 -17.82 -2.30
CA ASP D 703 -43.15 -18.96 -2.91
C ASP D 703 -44.21 -19.92 -3.41
N LEU D 704 -44.34 -20.03 -4.73
CA LEU D 704 -45.32 -20.93 -5.33
C LEU D 704 -44.79 -22.36 -5.46
N ALA D 705 -43.54 -22.62 -5.10
CA ALA D 705 -42.99 -23.96 -5.25
C ALA D 705 -43.77 -24.97 -4.43
N MET D 706 -44.11 -24.63 -3.19
CA MET D 706 -44.84 -25.52 -2.30
C MET D 706 -46.31 -25.12 -2.14
N SER D 707 -46.73 -24.00 -2.72
CA SER D 707 -48.14 -23.63 -2.67
C SER D 707 -49.00 -24.66 -3.40
N ASN D 708 -48.50 -25.17 -4.53
CA ASN D 708 -49.22 -26.20 -5.28
C ASN D 708 -48.91 -27.60 -4.76
N MET D 709 -47.69 -27.85 -4.29
CA MET D 709 -47.30 -29.15 -3.74
C MET D 709 -47.75 -29.21 -2.28
N VAL D 710 -49.06 -29.34 -2.10
CA VAL D 710 -49.68 -29.32 -0.77
C VAL D 710 -49.81 -30.78 -0.33
N LYS D 711 -48.81 -31.25 0.42
CA LYS D 711 -48.84 -32.57 1.02
C LYS D 711 -48.44 -32.45 2.48
N ASP D 712 -49.04 -33.29 3.33
CA ASP D 712 -48.82 -33.24 4.77
C ASP D 712 -47.57 -34.05 5.12
N VAL D 713 -46.41 -33.46 4.83
CA VAL D 713 -45.11 -34.06 5.14
C VAL D 713 -44.14 -32.96 5.56
N ASP D 714 -43.24 -33.31 6.47
CA ASP D 714 -42.22 -32.40 6.95
C ASP D 714 -40.94 -32.56 6.12
N MET D 715 -40.29 -31.43 5.87
CA MET D 715 -39.10 -31.40 5.02
C MET D 715 -37.89 -30.85 5.74
N SER D 716 -37.84 -30.98 7.08
CA SER D 716 -36.70 -30.49 7.83
C SER D 716 -35.42 -31.26 7.53
N GLU D 717 -35.53 -32.45 6.94
CA GLU D 717 -34.38 -33.30 6.66
C GLU D 717 -34.10 -33.47 5.18
N MET D 718 -34.87 -32.83 4.31
CA MET D 718 -34.65 -32.96 2.87
C MET D 718 -33.44 -32.15 2.43
N VAL D 719 -32.88 -32.54 1.28
CA VAL D 719 -31.68 -31.91 0.74
C VAL D 719 -31.93 -31.56 -0.72
N MET D 720 -31.20 -30.55 -1.20
CA MET D 720 -31.32 -30.13 -2.59
C MET D 720 -30.71 -31.16 -3.53
N LYS D 721 -31.25 -31.23 -4.75
CA LYS D 721 -30.69 -32.11 -5.76
C LYS D 721 -29.25 -31.71 -6.09
N ARG D 722 -29.00 -30.40 -6.22
CA ARG D 722 -27.66 -29.86 -6.38
C ARG D 722 -27.35 -28.94 -5.21
N ASP D 723 -26.15 -29.07 -4.65
CA ASP D 723 -25.82 -28.42 -3.39
C ASP D 723 -25.67 -26.91 -3.52
N ASP D 724 -25.64 -26.36 -4.73
CA ASP D 724 -25.45 -24.92 -4.93
C ASP D 724 -26.77 -24.18 -5.14
N LEU D 725 -27.90 -24.86 -5.02
CA LEU D 725 -29.19 -24.21 -5.20
C LEU D 725 -29.54 -23.40 -3.96
N THR D 726 -30.43 -22.42 -4.15
CA THR D 726 -30.78 -21.46 -3.12
C THR D 726 -32.20 -21.72 -2.62
N TYR D 727 -32.66 -20.85 -1.72
CA TYR D 727 -34.00 -20.97 -1.16
C TYR D 727 -35.09 -20.76 -2.19
N LEU D 728 -34.76 -20.15 -3.33
CA LEU D 728 -35.73 -19.93 -4.40
C LEU D 728 -35.99 -21.19 -5.23
N ASP D 729 -35.36 -22.31 -4.90
CA ASP D 729 -35.49 -23.55 -5.64
C ASP D 729 -35.98 -24.68 -4.74
N LYS D 730 -36.94 -24.38 -3.87
CA LYS D 730 -37.46 -25.39 -2.94
C LYS D 730 -38.10 -26.56 -3.66
N ASP D 731 -38.48 -26.40 -4.93
CA ASP D 731 -39.04 -27.50 -5.71
C ASP D 731 -38.00 -28.53 -6.10
N MET D 732 -36.71 -28.25 -5.90
CA MET D 732 -35.63 -29.18 -6.20
C MET D 732 -35.20 -29.99 -4.97
N LEU D 733 -35.89 -29.83 -3.85
CA LEU D 733 -35.57 -30.60 -2.65
C LEU D 733 -36.01 -32.04 -2.82
N VAL D 734 -35.09 -32.96 -2.52
CA VAL D 734 -35.36 -34.40 -2.58
C VAL D 734 -34.94 -35.01 -1.26
N LYS D 735 -35.81 -35.85 -0.70
CA LYS D 735 -35.51 -36.49 0.58
C LYS D 735 -34.28 -37.38 0.44
N ARG D 736 -33.45 -37.38 1.47
CA ARG D 736 -32.22 -38.18 1.45
C ARG D 736 -32.54 -39.65 1.25
N SER D 737 -32.06 -40.21 0.15
CA SER D 737 -32.31 -41.59 -0.24
C SER D 737 -31.08 -42.44 0.04
N TYR D 738 -31.26 -43.76 -0.09
CA TYR D 738 -30.20 -44.73 0.11
C TYR D 738 -30.13 -45.63 -1.11
N LYS D 739 -28.99 -45.62 -1.80
CA LYS D 739 -28.81 -46.42 -3.00
C LYS D 739 -28.41 -47.85 -2.64
N GLU E 34 -38.01 39.86 29.16
CA GLU E 34 -38.37 40.97 28.28
C GLU E 34 -37.12 41.69 27.80
N PRO E 35 -37.21 42.37 26.65
CA PRO E 35 -36.06 43.14 26.15
C PRO E 35 -35.82 44.40 26.96
N MET E 36 -34.73 44.43 27.72
CA MET E 36 -34.42 45.59 28.54
C MET E 36 -34.34 46.85 27.68
N LYS E 37 -34.87 47.95 28.22
CA LYS E 37 -34.92 49.19 27.47
C LYS E 37 -33.53 49.76 27.25
N ASN E 38 -33.39 50.51 26.17
CA ASN E 38 -32.13 51.13 25.78
C ASN E 38 -32.24 52.64 25.93
N MET E 39 -31.32 53.22 26.72
CA MET E 39 -31.24 54.67 26.89
C MET E 39 -29.90 55.21 26.40
N ASP E 40 -28.79 54.57 26.77
CA ASP E 40 -27.46 54.98 26.36
C ASP E 40 -26.63 53.74 26.07
N MET E 41 -25.38 53.96 25.66
CA MET E 41 -24.51 52.85 25.29
C MET E 41 -24.30 51.90 26.47
N LYS E 42 -24.24 52.42 27.70
CA LYS E 42 -24.13 51.55 28.87
C LYS E 42 -25.36 50.67 29.00
N SER E 43 -26.54 51.24 28.77
CA SER E 43 -27.76 50.44 28.76
C SER E 43 -27.72 49.40 27.65
N LYS E 44 -27.17 49.76 26.49
CA LYS E 44 -27.05 48.79 25.40
C LYS E 44 -26.16 47.63 25.82
N GLU E 45 -25.03 47.93 26.47
CA GLU E 45 -24.14 46.88 26.94
C GLU E 45 -24.83 45.99 27.96
N MET E 46 -25.60 46.60 28.88
CA MET E 46 -26.34 45.82 29.87
C MET E 46 -27.34 44.89 29.20
N CYS E 47 -28.06 45.41 28.20
CA CYS E 47 -29.03 44.59 27.48
C CYS E 47 -28.35 43.42 26.78
N ILE E 48 -27.24 43.70 26.10
CA ILE E 48 -26.54 42.63 25.38
C ILE E 48 -26.02 41.58 26.35
N LEU E 49 -25.48 42.02 27.50
CA LEU E 49 -25.01 41.07 28.50
C LEU E 49 -26.16 40.22 29.02
N LYS E 50 -27.32 40.83 29.25
CA LYS E 50 -28.48 40.06 29.66
C LYS E 50 -28.86 39.02 28.61
N LEU E 51 -28.81 39.39 27.34
CA LEU E 51 -29.14 38.44 26.28
C LEU E 51 -28.14 37.30 26.19
N MET E 52 -26.91 37.49 26.67
CA MET E 52 -25.87 36.48 26.58
C MET E 52 -25.70 35.67 27.85
N ASN E 53 -26.56 35.85 28.84
CA ASN E 53 -26.36 35.25 30.16
C ASN E 53 -27.10 33.92 30.26
N HIS E 54 -26.41 32.90 30.75
CA HIS E 54 -26.95 31.54 30.92
C HIS E 54 -27.80 31.13 29.72
N ILE E 55 -27.14 31.10 28.56
CA ILE E 55 -27.84 30.77 27.31
C ILE E 55 -28.44 29.37 27.36
N LEU E 56 -27.86 28.48 28.16
CA LEU E 56 -28.36 27.12 28.24
C LEU E 56 -29.80 27.08 28.77
N GLN E 57 -30.17 28.09 29.57
CA GLN E 57 -31.50 28.16 30.19
C GLN E 57 -32.11 29.51 29.84
N PRO E 58 -32.62 29.67 28.62
CA PRO E 58 -33.17 30.97 28.21
C PRO E 58 -34.57 31.18 28.77
N THR E 59 -34.71 32.13 29.68
CA THR E 59 -36.00 32.50 30.24
C THR E 59 -35.85 33.66 31.22
N LYS E 69 -43.39 36.18 22.84
CA LYS E 69 -43.65 37.12 23.92
C LYS E 69 -44.70 38.14 23.48
N ALA E 70 -44.84 39.24 24.25
CA ALA E 70 -45.86 40.23 23.97
C ALA E 70 -45.66 40.94 22.64
N TRP E 71 -44.47 40.86 22.05
CA TRP E 71 -44.16 41.52 20.79
C TRP E 71 -44.29 40.49 19.66
N VAL E 72 -45.44 40.49 19.01
CA VAL E 72 -45.69 39.53 17.93
C VAL E 72 -44.77 39.85 16.76
N LEU E 73 -44.12 38.82 16.23
CA LEU E 73 -43.18 39.00 15.12
C LEU E 73 -43.91 39.15 13.79
N GLU E 74 -44.92 38.32 13.55
CA GLU E 74 -45.60 38.32 12.27
C GLU E 74 -46.40 39.60 12.03
N GLU E 75 -46.75 40.32 13.09
CA GLU E 75 -47.55 41.53 12.98
C GLU E 75 -46.70 42.79 12.93
N ASN E 76 -45.38 42.65 12.89
CA ASN E 76 -44.45 43.78 12.85
C ASN E 76 -43.52 43.66 11.65
N GLU E 77 -44.08 43.30 10.50
CA GLU E 77 -43.27 43.18 9.29
C GLU E 77 -42.71 44.52 8.86
N ASP E 78 -43.47 45.61 9.04
CA ASP E 78 -43.02 46.93 8.63
C ASP E 78 -41.83 47.43 9.43
N LYS E 79 -41.51 46.77 10.56
CA LYS E 79 -40.39 47.19 11.39
C LYS E 79 -39.04 46.78 10.83
N TYR E 80 -38.99 46.23 9.62
CA TYR E 80 -37.74 45.79 9.01
C TYR E 80 -37.59 46.40 7.62
N MET E 81 -36.34 46.61 7.22
CA MET E 81 -36.08 47.24 5.93
C MET E 81 -36.44 46.32 4.76
N LYS E 82 -36.20 45.01 4.92
CA LYS E 82 -36.44 44.04 3.87
C LYS E 82 -37.60 43.14 4.27
N MET E 83 -38.66 43.12 3.45
CA MET E 83 -39.79 42.24 3.71
C MET E 83 -39.45 40.79 3.39
N GLU E 84 -38.62 40.57 2.36
CA GLU E 84 -38.31 39.21 1.94
C GLU E 84 -37.63 38.44 3.05
N ALA E 85 -36.69 39.09 3.76
CA ALA E 85 -35.95 38.40 4.82
C ALA E 85 -36.90 37.96 5.94
N VAL E 86 -37.78 38.86 6.38
CA VAL E 86 -38.69 38.53 7.48
C VAL E 86 -39.66 37.43 7.05
N LYS E 87 -40.18 37.52 5.82
CA LYS E 87 -41.09 36.48 5.36
C LYS E 87 -40.39 35.13 5.28
N GLU E 88 -39.16 35.11 4.76
CA GLU E 88 -38.41 33.87 4.67
C GLU E 88 -38.16 33.28 6.05
N PHE E 89 -37.77 34.13 7.00
CA PHE E 89 -37.53 33.64 8.36
C PHE E 89 -38.81 33.07 8.96
N ILE E 90 -39.94 33.75 8.75
CA ILE E 90 -41.19 33.28 9.33
C ILE E 90 -41.56 31.92 8.74
N ASN E 91 -41.43 31.77 7.41
CA ASN E 91 -41.75 30.49 6.78
C ASN E 91 -40.83 29.39 7.31
N THR E 92 -39.53 29.66 7.38
CA THR E 92 -38.59 28.65 7.86
C THR E 92 -38.88 28.26 9.30
N TYR E 93 -39.17 29.24 10.16
CA TYR E 93 -39.48 28.96 11.55
C TYR E 93 -40.75 28.12 11.67
N LYS E 94 -41.78 28.46 10.89
CA LYS E 94 -42.99 27.64 10.89
C LYS E 94 -42.70 26.22 10.43
N MET E 95 -41.76 26.05 9.50
CA MET E 95 -41.39 24.72 9.05
C MET E 95 -40.48 23.99 10.03
N GLY E 96 -39.98 24.66 11.06
CA GLY E 96 -39.10 24.03 12.02
C GLY E 96 -37.63 24.32 11.78
N MET E 97 -36.87 24.51 12.86
CA MET E 97 -35.45 24.83 12.79
C MET E 97 -34.68 23.91 13.74
N LEU E 98 -33.39 24.20 13.91
CA LEU E 98 -32.53 23.39 14.75
C LEU E 98 -33.03 23.41 16.19
N PRO E 99 -33.28 22.26 16.81
CA PRO E 99 -33.73 22.26 18.20
C PRO E 99 -32.66 22.81 19.14
N ARG E 100 -33.12 23.41 20.24
CA ARG E 100 -32.20 23.93 21.24
C ARG E 100 -31.39 22.83 21.91
N GLY E 101 -31.85 21.58 21.83
CA GLY E 101 -31.15 20.45 22.40
C GLY E 101 -30.07 19.84 21.54
N GLU E 102 -29.78 20.43 20.38
CA GLU E 102 -28.74 19.97 19.49
C GLU E 102 -27.59 20.99 19.49
N VAL E 103 -26.54 20.67 18.72
CA VAL E 103 -25.35 21.51 18.64
CA VAL E 103 -25.35 21.51 18.64
C VAL E 103 -25.32 22.20 17.28
N PHE E 104 -25.03 23.50 17.30
CA PHE E 104 -24.91 24.29 16.08
C PHE E 104 -23.49 24.16 15.54
N VAL E 105 -23.39 23.76 14.28
CA VAL E 105 -22.11 23.47 13.63
C VAL E 105 -21.81 24.60 12.65
N HIS E 106 -20.62 25.19 12.76
CA HIS E 106 -20.28 26.35 11.96
C HIS E 106 -20.17 26.00 10.48
N MET E 107 -19.66 24.81 10.17
CA MET E 107 -19.38 24.42 8.78
C MET E 107 -20.40 23.43 8.23
N ASP E 108 -21.64 23.49 8.69
CA ASP E 108 -22.72 22.68 8.16
C ASP E 108 -23.63 23.58 7.32
N HIS E 109 -23.88 23.16 6.08
CA HIS E 109 -24.59 24.02 5.13
C HIS E 109 -25.98 24.38 5.62
N LYS E 110 -26.73 23.39 6.13
CA LYS E 110 -28.07 23.67 6.64
C LYS E 110 -28.02 24.62 7.83
N HIS E 111 -27.09 24.36 8.76
CA HIS E 111 -26.98 25.20 9.95
C HIS E 111 -26.61 26.62 9.58
N VAL E 112 -25.64 26.79 8.67
CA VAL E 112 -25.25 28.15 8.29
CA VAL E 112 -25.24 28.13 8.26
C VAL E 112 -26.36 28.83 7.52
N GLU E 113 -27.14 28.08 6.73
CA GLU E 113 -28.28 28.68 6.04
C GLU E 113 -29.27 29.26 7.05
N GLU E 114 -29.63 28.47 8.07
CA GLU E 114 -30.55 28.96 9.09
C GLU E 114 -29.95 30.15 9.84
N ALA E 115 -28.65 30.08 10.17
CA ALA E 115 -28.00 31.17 10.87
C ALA E 115 -27.99 32.45 10.04
N VAL E 116 -27.81 32.31 8.71
CA VAL E 116 -27.82 33.47 7.84
C VAL E 116 -29.21 34.08 7.77
N LYS E 117 -30.25 33.23 7.76
CA LYS E 117 -31.61 33.75 7.82
C LYS E 117 -31.83 34.55 9.11
N VAL E 118 -31.38 34.01 10.23
CA VAL E 118 -31.53 34.73 11.50
C VAL E 118 -30.75 36.03 11.48
N PHE E 119 -29.53 36.01 10.93
CA PHE E 119 -28.72 37.22 10.84
C PHE E 119 -29.38 38.27 9.97
N LYS E 120 -29.98 37.85 8.85
CA LYS E 120 -30.70 38.80 8.01
C LYS E 120 -31.89 39.39 8.76
N LEU E 121 -32.59 38.57 9.54
CA LEU E 121 -33.69 39.10 10.34
C LEU E 121 -33.19 40.16 11.31
N LEU E 122 -32.07 39.90 11.98
CA LEU E 122 -31.57 40.85 12.97
C LEU E 122 -31.01 42.11 12.33
N TYR E 123 -30.32 41.97 11.19
CA TYR E 123 -29.56 43.07 10.62
C TYR E 123 -30.46 44.19 10.10
N PHE E 124 -31.58 43.83 9.48
CA PHE E 124 -32.44 44.79 8.81
C PHE E 124 -33.47 45.43 9.74
N ALA E 125 -33.28 45.34 11.04
CA ALA E 125 -34.13 46.07 11.97
C ALA E 125 -33.94 47.57 11.79
N ASN E 126 -35.04 48.32 11.81
CA ASN E 126 -34.98 49.75 11.51
C ASN E 126 -34.09 50.48 12.51
N ASP E 127 -34.27 50.20 13.81
CA ASP E 127 -33.57 50.92 14.85
C ASP E 127 -33.14 49.94 15.94
N PHE E 128 -32.46 50.47 16.97
CA PHE E 128 -31.90 49.62 18.01
C PHE E 128 -32.99 49.00 18.88
N ASP E 129 -34.11 49.71 19.10
CA ASP E 129 -35.20 49.14 19.89
C ASP E 129 -35.78 47.90 19.22
N VAL E 130 -36.04 47.97 17.92
CA VAL E 130 -36.54 46.82 17.19
C VAL E 130 -35.51 45.71 17.21
N PHE E 131 -34.24 46.05 17.10
CA PHE E 131 -33.18 45.05 17.16
C PHE E 131 -33.19 44.31 18.49
N LEU E 132 -33.30 45.06 19.60
CA LEU E 132 -33.34 44.44 20.92
C LEU E 132 -34.58 43.56 21.08
N LYS E 133 -35.74 44.04 20.63
CA LYS E 133 -36.95 43.24 20.77
C LYS E 133 -36.87 41.95 19.94
N THR E 134 -36.33 42.05 18.71
CA THR E 134 -36.16 40.85 17.90
C THR E 134 -35.17 39.88 18.54
N ALA E 135 -34.08 40.41 19.10
CA ALA E 135 -33.11 39.53 19.76
C ALA E 135 -33.74 38.83 20.96
N CYS E 136 -34.52 39.56 21.75
CA CYS E 136 -35.19 38.95 22.89
C CYS E 136 -36.18 37.87 22.43
N TRP E 137 -36.91 38.14 21.35
CA TRP E 137 -37.83 37.15 20.81
C TRP E 137 -37.08 35.90 20.38
N LEU E 138 -35.94 36.06 19.72
CA LEU E 138 -35.17 34.92 19.23
C LEU E 138 -34.55 34.13 20.39
N ARG E 139 -34.12 34.82 21.44
CA ARG E 139 -33.36 34.17 22.51
C ARG E 139 -34.09 32.95 23.06
N GLU E 140 -35.42 33.03 23.19
CA GLU E 140 -36.22 31.98 23.79
C GLU E 140 -36.97 31.15 22.75
N ARG E 141 -36.52 31.16 21.51
CA ARG E 141 -37.20 30.41 20.44
C ARG E 141 -36.26 29.50 19.66
N ILE E 142 -35.02 29.91 19.42
CA ILE E 142 -34.12 29.18 18.54
C ILE E 142 -32.92 28.64 19.31
N ASN E 143 -32.06 27.89 18.61
CA ASN E 143 -30.89 27.31 19.24
C ASN E 143 -29.98 28.39 19.81
N GLY E 144 -29.41 28.11 20.98
CA GLY E 144 -28.58 29.10 21.65
C GLY E 144 -27.33 29.45 20.86
N GLY E 145 -26.63 28.43 20.35
CA GLY E 145 -25.41 28.68 19.60
C GLY E 145 -25.65 29.48 18.33
N MET E 146 -26.69 29.10 17.58
CA MET E 146 -27.03 29.84 16.37
C MET E 146 -27.42 31.27 16.71
N PHE E 147 -28.19 31.46 17.79
CA PHE E 147 -28.58 32.81 18.20
C PHE E 147 -27.36 33.65 18.54
N VAL E 148 -26.41 33.08 19.29
CA VAL E 148 -25.20 33.82 19.66
C VAL E 148 -24.41 34.17 18.41
N TYR E 149 -24.26 33.21 17.49
CA TYR E 149 -23.54 33.46 16.25
C TYR E 149 -24.15 34.64 15.49
N ALA E 150 -25.47 34.59 15.27
CA ALA E 150 -26.14 35.64 14.52
C ALA E 150 -26.04 36.98 15.23
N LEU E 151 -26.24 36.99 16.55
CA LEU E 151 -26.19 38.24 17.29
C LEU E 151 -24.80 38.85 17.26
N THR E 152 -23.75 38.02 17.39
CA THR E 152 -22.39 38.53 17.31
C THR E 152 -22.11 39.11 15.94
N ALA E 153 -22.54 38.42 14.89
CA ALA E 153 -22.35 38.95 13.53
C ALA E 153 -23.05 40.29 13.36
N ALA E 154 -24.29 40.38 13.84
CA ALA E 154 -25.04 41.63 13.71
C ALA E 154 -24.37 42.76 14.47
N ILE E 155 -23.91 42.49 15.69
CA ILE E 155 -23.22 43.52 16.48
C ILE E 155 -21.96 43.96 15.76
N PHE E 156 -21.23 43.01 15.18
CA PHE E 156 -20.01 43.36 14.45
C PHE E 156 -20.31 44.23 13.24
N HIS E 157 -21.44 43.99 12.56
CA HIS E 157 -21.72 44.66 11.30
C HIS E 157 -22.85 45.68 11.35
N ARG E 158 -23.50 45.87 12.50
CA ARG E 158 -24.50 46.92 12.63
C ARG E 158 -23.82 48.25 12.95
N SER E 159 -24.21 49.30 12.24
CA SER E 159 -23.57 50.60 12.42
C SER E 159 -23.94 51.23 13.76
N ASP E 160 -25.14 50.93 14.28
CA ASP E 160 -25.61 51.52 15.53
C ASP E 160 -25.16 50.75 16.76
N CYS E 161 -24.39 49.67 16.59
CA CYS E 161 -23.87 48.90 17.70
C CYS E 161 -22.47 49.34 18.11
N SER E 162 -21.98 50.45 17.57
CA SER E 162 -20.66 50.94 17.94
C SER E 162 -20.62 51.29 19.43
N GLY E 163 -19.47 51.04 20.04
CA GLY E 163 -19.29 51.34 21.45
C GLY E 163 -19.91 50.35 22.41
N ILE E 164 -20.09 49.10 21.98
CA ILE E 164 -20.70 48.06 22.81
C ILE E 164 -19.68 46.95 23.03
N LYS E 165 -19.45 46.60 24.29
CA LYS E 165 -18.56 45.52 24.65
C LYS E 165 -19.38 44.25 24.88
N ILE E 166 -18.83 43.11 24.48
CA ILE E 166 -19.51 41.82 24.62
C ILE E 166 -18.58 40.86 25.33
N PRO E 167 -19.12 39.86 26.05
CA PRO E 167 -18.24 38.89 26.72
C PRO E 167 -17.51 38.01 25.72
N ALA E 168 -16.37 37.49 26.17
CA ALA E 168 -15.57 36.63 25.32
C ALA E 168 -16.33 35.35 24.99
N PRO E 169 -16.07 34.74 23.83
CA PRO E 169 -16.84 33.54 23.46
C PRO E 169 -16.71 32.40 24.47
N TYR E 170 -15.54 32.24 25.10
CA TYR E 170 -15.39 31.18 26.09
C TYR E 170 -16.19 31.46 27.35
N GLU E 171 -16.50 32.73 27.65
CA GLU E 171 -17.39 33.03 28.76
C GLU E 171 -18.83 32.63 28.44
N ILE E 172 -19.28 32.91 27.23
CA ILE E 172 -20.65 32.58 26.85
C ILE E 172 -20.85 31.07 26.80
N TYR E 173 -19.94 30.37 26.10
CA TYR E 173 -20.05 28.93 25.87
C TYR E 173 -18.70 28.29 26.16
N PRO E 174 -18.39 28.06 27.44
CA PRO E 174 -17.08 27.47 27.79
C PRO E 174 -16.84 26.10 27.20
N TYR E 175 -17.89 25.39 26.78
CA TYR E 175 -17.75 24.02 26.33
C TYR E 175 -16.73 23.91 25.19
N LEU E 176 -16.68 24.91 24.31
CA LEU E 176 -15.81 24.85 23.14
C LEU E 176 -14.38 25.30 23.42
N PHE E 177 -14.07 25.71 24.65
CA PHE E 177 -12.74 26.21 24.98
C PHE E 177 -12.11 25.55 26.21
N VAL E 178 -12.89 24.92 27.08
CA VAL E 178 -12.38 24.35 28.32
C VAL E 178 -12.42 22.83 28.21
N ASP E 179 -11.37 22.19 28.72
CA ASP E 179 -11.27 20.73 28.65
C ASP E 179 -12.44 20.07 29.37
N SER E 180 -12.80 18.88 28.91
CA SER E 180 -14.00 18.21 29.41
C SER E 180 -13.86 17.87 30.89
N ASN E 181 -12.68 17.45 31.33
CA ASN E 181 -12.51 17.03 32.72
C ASN E 181 -12.75 18.17 33.69
N ILE E 182 -12.32 19.38 33.33
CA ILE E 182 -12.54 20.54 34.19
C ILE E 182 -14.03 20.81 34.35
N LEU E 183 -14.78 20.75 33.24
CA LEU E 183 -16.22 20.95 33.32
C LEU E 183 -16.90 19.84 34.11
N HIS E 184 -16.39 18.61 34.00
CA HIS E 184 -16.93 17.51 34.80
C HIS E 184 -16.73 17.75 36.28
N LYS E 185 -15.54 18.24 36.66
CA LYS E 185 -15.29 18.57 38.06
C LYS E 185 -16.19 19.70 38.52
N ALA E 186 -16.41 20.70 37.67
CA ALA E 186 -17.33 21.78 38.01
C ALA E 186 -18.74 21.25 38.23
N PHE E 187 -19.19 20.32 37.37
CA PHE E 187 -20.50 19.72 37.55
C PHE E 187 -20.57 18.94 38.86
N MET E 188 -19.50 18.21 39.19
CA MET E 188 -19.48 17.48 40.46
C MET E 188 -19.62 18.42 41.64
N MET E 189 -18.88 19.53 41.62
CA MET E 189 -18.97 20.50 42.71
C MET E 189 -20.36 21.11 42.78
N LYS E 190 -20.96 21.42 41.63
CA LYS E 190 -22.31 21.97 41.62
C LYS E 190 -23.31 20.97 42.21
N MET E 191 -23.21 19.70 41.81
CA MET E 191 -24.13 18.69 42.31
C MET E 191 -23.98 18.49 43.80
N SER E 192 -22.73 18.44 44.29
CA SER E 192 -22.48 18.20 45.70
C SER E 192 -22.48 19.50 46.51
N LYS E 193 -22.64 20.65 45.87
CA LYS E 193 -22.60 21.94 46.54
C LYS E 193 -21.33 22.07 47.39
N ALA E 194 -20.21 21.69 46.79
CA ALA E 194 -18.89 21.79 47.41
C ALA E 194 -18.80 20.92 48.67
N ALA E 195 -19.08 19.63 48.49
CA ALA E 195 -18.96 18.64 49.56
C ALA E 195 -17.86 17.62 49.29
N MET E 196 -16.98 17.89 48.32
CA MET E 196 -15.92 16.95 47.98
C MET E 196 -14.97 16.78 49.15
N ASP E 197 -14.50 15.55 49.34
CA ASP E 197 -13.62 15.24 50.46
C ASP E 197 -12.24 15.86 50.24
N PRO E 198 -11.49 16.09 51.33
CA PRO E 198 -10.18 16.76 51.18
C PRO E 198 -9.23 16.04 50.25
N VAL E 199 -9.21 14.70 50.28
CA VAL E 199 -8.24 13.96 49.46
C VAL E 199 -8.49 14.23 47.98
N MET E 200 -9.76 14.15 47.55
CA MET E 200 -10.08 14.36 46.15
C MET E 200 -9.75 15.79 45.72
N LYS E 201 -10.10 16.77 46.56
CA LYS E 201 -9.81 18.16 46.21
C LYS E 201 -8.31 18.40 46.09
N ASN E 202 -7.53 17.84 47.02
CA ASN E 202 -6.09 18.00 46.96
C ASN E 202 -5.52 17.34 45.70
N TYR E 203 -6.00 16.15 45.35
CA TYR E 203 -5.50 15.50 44.15
C TYR E 203 -5.85 16.29 42.90
N TYR E 204 -7.08 16.80 42.83
CA TYR E 204 -7.51 17.57 41.66
C TYR E 204 -7.14 19.05 41.75
N GLY E 205 -6.65 19.51 42.89
CA GLY E 205 -6.31 20.92 43.04
C GLY E 205 -7.51 21.84 43.11
N ILE E 206 -8.64 21.35 43.58
CA ILE E 206 -9.86 22.16 43.69
C ILE E 206 -9.90 22.80 45.07
N LYS E 207 -10.29 24.07 45.12
CA LYS E 207 -10.44 24.79 46.38
C LYS E 207 -11.70 25.65 46.34
N VAL E 208 -12.15 26.05 47.53
CA VAL E 208 -13.27 26.95 47.69
C VAL E 208 -12.76 28.19 48.41
N LYS E 209 -12.89 29.35 47.77
CA LYS E 209 -12.43 30.62 48.32
C LYS E 209 -13.63 31.41 48.80
N ASP E 210 -13.57 31.84 50.07
CA ASP E 210 -14.58 32.68 50.72
C ASP E 210 -15.95 32.04 50.74
N ASN E 211 -16.04 30.72 50.56
CA ASN E 211 -17.32 30.01 50.45
C ASN E 211 -18.20 30.62 49.36
N SER E 212 -17.59 31.30 48.39
CA SER E 212 -18.32 31.95 47.30
C SER E 212 -17.74 31.66 45.93
N MET E 213 -16.49 31.21 45.83
CA MET E 213 -15.88 30.88 44.55
C MET E 213 -15.32 29.47 44.60
N VAL E 214 -15.42 28.74 43.50
CA VAL E 214 -14.84 27.42 43.36
C VAL E 214 -13.77 27.50 42.29
N ILE E 215 -12.52 27.18 42.65
CA ILE E 215 -11.38 27.30 41.76
C ILE E 215 -10.86 25.89 41.49
N ILE E 216 -10.80 25.52 40.21
CA ILE E 216 -10.32 24.22 39.76
C ILE E 216 -9.04 24.44 38.97
N ASP E 217 -7.93 23.87 39.44
CA ASP E 217 -6.68 23.98 38.73
C ASP E 217 -6.75 23.25 37.40
N TRP E 218 -6.20 23.88 36.36
CA TRP E 218 -6.26 23.36 34.99
C TRP E 218 -4.85 23.23 34.45
N ARG E 219 -4.38 21.99 34.30
CA ARG E 219 -3.08 21.70 33.72
C ARG E 219 -3.27 20.68 32.59
N LYS E 220 -2.65 20.94 31.45
CA LYS E 220 -2.87 20.11 30.26
C LYS E 220 -2.50 18.66 30.53
N GLY E 221 -1.24 18.39 30.85
CA GLY E 221 -0.78 17.04 31.05
C GLY E 221 -0.39 16.36 29.74
N LEU E 222 -0.10 15.06 29.84
CA LEU E 222 0.36 14.27 28.72
C LEU E 222 -0.46 13.00 28.50
N ARG E 223 -1.56 12.81 29.23
CA ARG E 223 -2.35 11.60 29.10
C ARG E 223 -3.10 11.53 27.78
N HIS E 224 -3.25 12.65 27.07
CA HIS E 224 -3.91 12.68 25.77
C HIS E 224 -2.92 12.79 24.62
N THR E 225 -1.63 12.55 24.87
CA THR E 225 -0.62 12.71 23.84
C THR E 225 -0.87 11.77 22.67
N MET E 226 -0.74 12.30 21.46
CA MET E 226 -0.83 11.51 20.23
C MET E 226 0.40 11.62 19.34
N SER E 227 1.10 12.75 19.37
CA SER E 227 2.29 12.94 18.54
C SER E 227 3.10 14.09 19.13
N GLU E 228 4.29 14.32 18.57
CA GLU E 228 5.16 15.39 19.04
C GLU E 228 4.54 16.76 18.85
N PHE E 229 3.58 16.89 17.92
CA PHE E 229 2.94 18.18 17.70
C PHE E 229 2.36 18.74 19.00
N ASP E 230 1.79 17.86 19.84
CA ASP E 230 1.19 18.30 21.08
C ASP E 230 2.15 19.03 21.99
N ARG E 231 3.47 18.97 21.72
CA ARG E 231 4.42 19.72 22.51
C ARG E 231 4.20 21.22 22.42
N THR E 232 3.45 21.69 21.42
CA THR E 232 3.09 23.11 21.30
C THR E 232 1.65 23.36 21.72
N SER E 233 1.07 22.47 22.52
CA SER E 233 -0.34 22.59 22.88
C SER E 233 -0.63 23.88 23.61
N TYR E 234 0.34 24.42 24.35
CA TYR E 234 0.11 25.66 25.08
C TYR E 234 -0.15 26.83 24.14
N PHE E 235 0.23 26.71 22.86
CA PHE E 235 -0.02 27.75 21.88
C PHE E 235 -1.27 27.46 21.04
N THR E 236 -1.37 26.26 20.48
CA THR E 236 -2.51 25.95 19.62
C THR E 236 -3.83 25.94 20.37
N GLU E 237 -3.83 25.46 21.62
CA GLU E 237 -5.05 25.34 22.41
C GLU E 237 -5.33 26.58 23.25
N ASP E 238 -4.53 27.63 23.10
CA ASP E 238 -4.79 28.86 23.84
C ASP E 238 -6.15 29.43 23.45
N ILE E 239 -6.91 29.86 24.46
CA ILE E 239 -8.26 30.35 24.21
C ILE E 239 -8.23 31.61 23.36
N ASP E 240 -7.22 32.47 23.58
CA ASP E 240 -7.17 33.74 22.86
C ASP E 240 -6.91 33.54 21.37
N LEU E 241 -6.10 32.54 21.00
CA LEU E 241 -5.83 32.30 19.59
C LEU E 241 -7.10 31.86 18.86
N ASN E 242 -7.85 30.94 19.46
CA ASN E 242 -9.09 30.49 18.85
C ASN E 242 -10.10 31.63 18.80
N THR E 243 -10.15 32.46 19.84
CA THR E 243 -11.03 33.63 19.82
C THR E 243 -10.61 34.59 18.71
N TYR E 244 -9.31 34.74 18.49
CA TYR E 244 -8.83 35.60 17.41
C TYR E 244 -9.28 35.09 16.06
N LEU E 245 -9.19 33.77 15.83
CA LEU E 245 -9.69 33.22 14.56
C LEU E 245 -11.20 33.40 14.44
N TYR E 246 -11.93 33.22 15.55
CA TYR E 246 -13.38 33.38 15.52
C TYR E 246 -13.76 34.81 15.16
N TYR E 247 -13.07 35.79 15.74
CA TYR E 247 -13.36 37.18 15.42
C TYR E 247 -12.88 37.57 14.04
N MET E 248 -11.83 36.89 13.54
CA MET E 248 -11.45 37.07 12.13
C MET E 248 -12.59 36.63 11.22
N HIS E 249 -13.18 35.48 11.52
CA HIS E 249 -14.32 35.01 10.74
C HIS E 249 -15.49 35.98 10.85
N MET E 250 -15.77 36.46 12.06
CA MET E 250 -16.90 37.37 12.25
C MET E 250 -16.70 38.69 11.51
N SER E 251 -15.46 39.19 11.48
CA SER E 251 -15.18 40.45 10.80
C SER E 251 -15.45 40.34 9.30
N TYR E 252 -15.08 39.22 8.68
CA TYR E 252 -15.23 39.03 7.25
C TYR E 252 -15.88 37.67 6.98
N PRO E 253 -17.18 37.55 7.25
CA PRO E 253 -17.87 36.29 6.96
C PRO E 253 -17.82 35.95 5.47
N TYR E 254 -17.68 34.66 5.18
CA TYR E 254 -17.64 34.24 3.78
C TYR E 254 -19.01 34.30 3.13
N TRP E 255 -20.08 34.19 3.92
CA TRP E 255 -21.45 34.23 3.38
C TRP E 255 -21.97 35.64 3.19
N MET E 256 -21.19 36.66 3.55
CA MET E 256 -21.56 38.06 3.33
C MET E 256 -20.90 38.51 2.02
N ASN E 257 -21.64 38.43 0.93
CA ASN E 257 -21.11 38.72 -0.40
C ASN E 257 -22.08 39.58 -1.19
N GLU E 258 -22.63 40.61 -0.56
CA GLU E 258 -23.57 41.51 -1.19
C GLU E 258 -23.06 42.95 -1.13
N ASP E 259 -23.40 43.73 -2.15
CA ASP E 259 -22.88 45.09 -2.26
C ASP E 259 -23.37 45.98 -1.13
N MET E 260 -24.55 45.69 -0.58
CA MET E 260 -25.13 46.58 0.42
C MET E 260 -24.25 46.68 1.66
N TYR E 261 -23.66 45.56 2.09
CA TYR E 261 -22.84 45.56 3.29
C TYR E 261 -21.62 46.46 3.11
N ARG E 262 -21.27 47.19 4.17
CA ARG E 262 -20.15 48.13 4.10
C ARG E 262 -18.82 47.41 3.99
N VAL E 263 -18.71 46.19 4.55
CA VAL E 263 -17.45 45.49 4.55
C VAL E 263 -16.95 45.21 3.14
N ASN E 264 -17.86 45.23 2.16
CA ASN E 264 -17.45 45.03 0.77
C ASN E 264 -16.49 46.12 0.29
N LYS E 265 -16.45 47.25 0.97
CA LYS E 265 -15.58 48.36 0.59
C LYS E 265 -14.26 48.36 1.35
N GLU E 266 -13.96 47.30 2.11
CA GLU E 266 -12.72 47.17 2.85
C GLU E 266 -11.81 46.14 2.18
N ARG E 267 -10.58 46.05 2.69
CA ARG E 267 -9.61 45.06 2.22
C ARG E 267 -9.78 43.75 2.99
N ARG E 268 -10.97 43.18 2.86
CA ARG E 268 -11.33 42.01 3.66
C ARG E 268 -10.53 40.78 3.27
N GLY E 269 -10.45 40.48 1.96
CA GLY E 269 -9.79 39.26 1.55
C GLY E 269 -8.31 39.25 1.87
N GLU E 270 -7.62 40.36 1.58
CA GLU E 270 -6.20 40.44 1.88
C GLU E 270 -5.96 40.37 3.38
N ALA E 271 -6.83 41.01 4.17
CA ALA E 271 -6.67 40.96 5.62
C ALA E 271 -6.82 39.52 6.13
N MET E 272 -7.83 38.79 5.63
CA MET E 272 -8.01 37.41 6.06
C MET E 272 -6.82 36.55 5.68
N TRP E 273 -6.35 36.69 4.43
CA TRP E 273 -5.21 35.90 3.99
C TRP E 273 -3.97 36.22 4.81
N TYR E 274 -3.72 37.50 5.09
CA TYR E 274 -2.55 37.86 5.87
C TYR E 274 -2.68 37.38 7.31
N GLY E 275 -3.89 37.35 7.86
CA GLY E 275 -4.07 36.77 9.18
C GLY E 275 -3.69 35.30 9.20
N TYR E 276 -4.16 34.54 8.20
CA TYR E 276 -3.79 33.13 8.13
C TYR E 276 -2.27 32.97 7.98
N GLN E 277 -1.66 33.78 7.11
CA GLN E 277 -0.23 33.66 6.87
C GLN E 277 0.57 33.99 8.13
N GLN E 278 0.16 35.03 8.86
CA GLN E 278 0.84 35.40 10.09
C GLN E 278 0.67 34.33 11.16
N LEU E 279 -0.52 33.72 11.24
CA LEU E 279 -0.70 32.62 12.17
C LEU E 279 0.25 31.47 11.85
N GLN E 280 0.37 31.13 10.56
CA GLN E 280 1.29 30.06 10.16
C GLN E 280 2.73 30.41 10.53
N ALA E 281 3.14 31.66 10.28
CA ALA E 281 4.50 32.07 10.61
C ALA E 281 4.74 32.01 12.11
N ARG E 282 3.76 32.43 12.91
CA ARG E 282 3.89 32.37 14.36
C ARG E 282 4.04 30.93 14.84
N LEU E 283 3.23 30.02 14.27
CA LEU E 283 3.38 28.61 14.63
C LEU E 283 4.75 28.08 14.22
N ARG E 284 5.26 28.54 13.07
CA ARG E 284 6.60 28.15 12.65
C ARG E 284 7.64 28.56 13.69
N LEU E 285 7.56 29.80 14.15
CA LEU E 285 8.51 30.26 15.18
C LEU E 285 8.36 29.45 16.46
N GLU E 286 7.13 29.19 16.88
CA GLU E 286 6.91 28.42 18.10
C GLU E 286 7.50 27.03 17.98
N ARG E 287 7.31 26.37 16.83
CA ARG E 287 7.87 25.05 16.63
C ARG E 287 9.40 25.10 16.62
N LEU E 288 9.98 26.12 15.97
CA LEU E 288 11.43 26.27 16.00
C LEU E 288 11.94 26.40 17.43
N SER E 289 11.17 27.05 18.30
CA SER E 289 11.57 27.14 19.70
C SER E 289 11.75 25.75 20.31
N HIS E 290 11.06 24.74 19.79
CA HIS E 290 11.17 23.37 20.27
C HIS E 290 12.01 22.50 19.34
N HIS E 291 12.80 23.11 18.46
CA HIS E 291 13.71 22.37 17.59
C HIS E 291 12.95 21.43 16.65
N MET E 292 11.81 21.88 16.15
CA MET E 292 10.99 21.13 15.22
C MET E 292 10.93 21.86 13.88
N CYS E 293 10.95 21.10 12.79
CA CYS E 293 10.98 21.65 11.45
C CYS E 293 9.59 22.17 11.06
N ASP E 294 9.56 22.91 9.96
CA ASP E 294 8.31 23.50 9.47
C ASP E 294 7.36 22.40 9.00
N LEU E 295 6.07 22.67 9.14
CA LEU E 295 5.05 21.70 8.73
C LEU E 295 5.05 21.53 7.22
N LYS E 296 4.64 20.33 6.78
CA LYS E 296 4.56 19.99 5.37
C LYS E 296 3.10 20.00 4.91
N PRO E 297 2.83 20.32 3.64
CA PRO E 297 1.44 20.25 3.16
C PRO E 297 0.90 18.83 3.25
N LEU E 298 -0.38 18.71 3.59
CA LEU E 298 -1.01 17.40 3.66
C LEU E 298 -1.21 16.84 2.26
N ASP E 299 -0.97 15.53 2.13
CA ASP E 299 -1.13 14.83 0.86
C ASP E 299 -2.46 14.10 0.89
N LEU E 300 -3.46 14.63 0.18
CA LEU E 300 -4.77 14.01 0.16
C LEU E 300 -4.73 12.62 -0.44
N ASP E 301 -3.71 12.30 -1.22
CA ASP E 301 -3.53 10.96 -1.76
C ASP E 301 -2.80 10.03 -0.80
N GLY E 302 -2.37 10.53 0.35
CA GLY E 302 -1.63 9.74 1.31
C GLY E 302 -2.32 9.64 2.66
N THR E 303 -1.55 9.71 3.74
CA THR E 303 -2.07 9.56 5.09
C THR E 303 -1.68 10.77 5.93
N LEU E 304 -2.48 11.02 6.96
CA LEU E 304 -2.21 12.08 7.93
C LEU E 304 -1.57 11.45 9.15
N ASP E 305 -0.26 11.67 9.33
CA ASP E 305 0.47 11.02 10.40
C ASP E 305 -0.02 11.49 11.78
N GLU E 306 -0.31 12.77 11.92
CA GLU E 306 -0.57 13.35 13.23
C GLU E 306 -2.04 13.19 13.58
N GLY E 307 -2.32 12.41 14.63
CA GLY E 307 -3.65 12.36 15.22
C GLY E 307 -3.85 13.48 16.21
N TYR E 308 -5.04 13.51 16.80
CA TYR E 308 -5.35 14.56 17.77
C TYR E 308 -6.47 14.10 18.69
N TRP E 309 -6.41 14.55 19.94
CA TRP E 309 -7.42 14.27 20.96
C TRP E 309 -8.12 15.58 21.32
N PRO E 310 -9.36 15.80 20.87
CA PRO E 310 -9.99 17.12 21.11
C PRO E 310 -10.12 17.51 22.57
N LYS E 311 -10.60 16.59 23.42
CA LYS E 311 -10.87 16.91 24.83
C LYS E 311 -11.95 17.98 24.95
N ILE E 312 -12.94 17.93 24.06
CA ILE E 312 -14.01 18.92 24.00
C ILE E 312 -15.33 18.23 24.31
N LEU E 313 -16.07 18.78 25.26
CA LEU E 313 -17.39 18.30 25.62
C LEU E 313 -18.45 19.23 25.06
N LEU E 314 -19.52 18.66 24.52
CA LEU E 314 -20.66 19.42 24.02
C LEU E 314 -21.81 19.34 25.02
N HIS E 315 -22.66 20.36 25.01
CA HIS E 315 -23.75 20.42 25.97
C HIS E 315 -24.77 19.31 25.78
N THR E 316 -24.74 18.61 24.65
CA THR E 316 -25.59 17.45 24.44
C THR E 316 -25.11 16.21 25.17
N GLY E 317 -23.90 16.23 25.72
CA GLY E 317 -23.35 15.09 26.42
C GLY E 317 -22.36 14.26 25.63
N ASP E 318 -22.07 14.64 24.38
CA ASP E 318 -21.13 13.93 23.54
C ASP E 318 -19.87 14.76 23.34
N GLU E 319 -18.73 14.07 23.23
CA GLU E 319 -17.44 14.71 23.00
C GLU E 319 -17.04 14.59 21.54
N MET E 320 -16.20 15.51 21.10
CA MET E 320 -15.67 15.45 19.75
C MET E 320 -14.84 14.19 19.58
N PRO E 321 -15.00 13.43 18.50
CA PRO E 321 -14.29 12.16 18.38
C PRO E 321 -12.79 12.34 18.24
N VAL E 322 -12.05 11.35 18.71
CA VAL E 322 -10.60 11.31 18.61
C VAL E 322 -10.22 10.67 17.27
N ARG E 323 -9.18 11.22 16.64
CA ARG E 323 -8.65 10.68 15.38
C ARG E 323 -7.32 10.01 15.68
N TYR E 324 -7.21 8.73 15.31
CA TYR E 324 -5.97 8.01 15.52
C TYR E 324 -4.91 8.46 14.51
N ASN E 325 -3.66 8.10 14.81
CA ASN E 325 -2.55 8.43 13.92
C ASN E 325 -2.59 7.56 12.67
N LYS E 326 -1.96 8.06 11.61
CA LYS E 326 -1.81 7.33 10.36
C LYS E 326 -3.16 7.02 9.72
N MET E 327 -3.95 8.07 9.48
CA MET E 327 -5.24 7.94 8.83
C MET E 327 -5.14 8.29 7.36
N LYS E 328 -5.71 7.44 6.51
CA LYS E 328 -5.77 7.71 5.08
C LYS E 328 -6.88 8.73 4.81
N LEU E 329 -6.50 9.86 4.21
CA LEU E 329 -7.44 10.97 4.07
C LEU E 329 -8.59 10.63 3.13
N THR E 330 -8.27 10.08 1.96
CA THR E 330 -9.28 9.79 0.94
C THR E 330 -9.75 8.35 1.08
N ASN E 331 -11.07 8.16 1.15
CA ASN E 331 -11.65 6.83 1.26
C ASN E 331 -12.94 6.79 0.45
N GLU E 332 -13.61 5.63 0.48
CA GLU E 332 -14.80 5.44 -0.35
C GLU E 332 -15.96 6.29 0.13
N ASN E 333 -16.01 6.63 1.43
CA ASN E 333 -17.14 7.36 1.98
C ASN E 333 -17.09 8.86 1.69
N ASN E 334 -15.96 9.38 1.20
CA ASN E 334 -15.83 10.81 0.93
C ASN E 334 -15.35 11.12 -0.47
N ILE E 335 -15.27 10.11 -1.35
CA ILE E 335 -14.70 10.32 -2.69
C ILE E 335 -15.41 11.48 -3.38
N LYS E 336 -16.75 11.47 -3.34
CA LYS E 336 -17.53 12.58 -3.89
C LYS E 336 -16.91 13.91 -3.49
N TYR E 337 -16.84 14.17 -2.18
CA TYR E 337 -16.34 15.46 -1.71
C TYR E 337 -14.92 15.70 -2.22
N ARG E 338 -14.08 14.68 -2.21
CA ARG E 338 -12.73 14.84 -2.75
C ARG E 338 -12.78 15.45 -4.14
N LEU E 339 -13.59 14.87 -5.02
CA LEU E 339 -13.72 15.40 -6.37
C LEU E 339 -14.04 16.89 -6.33
N LEU E 340 -15.04 17.26 -5.52
CA LEU E 340 -15.42 18.66 -5.42
C LEU E 340 -14.23 19.51 -5.05
N LEU E 341 -13.46 19.09 -4.04
CA LEU E 341 -12.27 19.85 -3.66
C LEU E 341 -11.36 20.04 -4.85
N GLU E 342 -11.10 18.97 -5.60
CA GLU E 342 -10.25 19.10 -6.77
C GLU E 342 -10.78 20.16 -7.72
N ASP E 343 -12.10 20.18 -7.93
CA ASP E 343 -12.68 21.16 -8.84
C ASP E 343 -12.26 22.57 -8.47
N ASN E 344 -12.23 22.87 -7.16
CA ASN E 344 -11.78 24.19 -6.75
C ASN E 344 -10.32 24.41 -7.14
N LYS E 345 -9.44 23.48 -6.77
CA LYS E 345 -8.01 23.67 -6.99
C LYS E 345 -7.72 23.94 -8.46
N ARG E 346 -8.21 23.07 -9.34
CA ARG E 346 -7.98 23.27 -10.77
C ARG E 346 -8.45 24.63 -11.22
N LEU E 347 -9.61 25.07 -10.72
CA LEU E 347 -10.14 26.36 -11.15
C LEU E 347 -9.23 27.50 -10.69
N ILE E 348 -8.65 27.39 -9.50
CA ILE E 348 -7.85 28.48 -8.96
C ILE E 348 -6.47 28.49 -9.60
N ARG E 349 -5.70 27.41 -9.41
CA ARG E 349 -4.32 27.39 -9.87
C ARG E 349 -4.23 27.72 -11.36
N ASP E 350 -5.00 27.00 -12.18
CA ASP E 350 -5.00 27.26 -13.62
C ASP E 350 -5.23 28.74 -13.89
N GLY E 351 -6.23 29.32 -13.24
CA GLY E 351 -6.50 30.74 -13.45
C GLY E 351 -5.28 31.59 -13.15
N ILE E 352 -4.61 31.32 -12.04
CA ILE E 352 -3.42 32.08 -11.69
C ILE E 352 -2.37 31.92 -12.79
N LYS E 353 -2.26 30.73 -13.37
CA LYS E 353 -1.31 30.52 -14.46
C LYS E 353 -1.77 31.23 -15.72
N LYS E 354 -3.07 31.33 -15.96
CA LYS E 354 -3.59 31.95 -17.17
C LYS E 354 -3.86 33.44 -17.01
N GLY E 355 -3.79 33.98 -15.80
CA GLY E 355 -3.95 35.40 -15.57
C GLY E 355 -5.38 35.88 -15.49
N HIS E 356 -6.37 34.98 -15.61
CA HIS E 356 -7.77 35.38 -15.52
C HIS E 356 -8.60 34.17 -15.13
N MET E 357 -9.78 34.45 -14.60
CA MET E 357 -10.73 33.41 -14.22
C MET E 357 -12.12 33.77 -14.75
N ALA E 358 -12.81 32.79 -15.31
CA ALA E 358 -14.18 32.95 -15.78
C ALA E 358 -15.14 32.46 -14.71
N MET E 359 -16.09 33.32 -14.33
CA MET E 359 -17.02 33.02 -13.25
C MET E 359 -18.36 32.59 -13.81
N HIS E 360 -19.10 31.85 -12.97
CA HIS E 360 -20.39 31.30 -13.42
C HIS E 360 -21.39 32.40 -13.71
N ASP E 361 -21.29 33.54 -13.03
CA ASP E 361 -22.23 34.64 -13.26
C ASP E 361 -22.01 35.33 -14.60
N GLY E 362 -20.93 35.01 -15.31
CA GLY E 362 -20.66 35.60 -16.60
C GLY E 362 -19.64 36.71 -16.61
N THR E 363 -18.86 36.88 -15.55
CA THR E 363 -17.85 37.92 -15.46
C THR E 363 -16.45 37.30 -15.44
N THR E 364 -15.50 38.01 -16.03
CA THR E 364 -14.10 37.60 -16.05
C THR E 364 -13.31 38.45 -15.07
N VAL E 365 -12.55 37.79 -14.20
CA VAL E 365 -11.76 38.46 -13.17
C VAL E 365 -10.29 38.34 -13.56
N SER E 366 -9.62 39.48 -13.68
CA SER E 366 -8.21 39.50 -14.04
C SER E 366 -7.34 39.13 -12.85
N LEU E 367 -6.24 38.42 -13.13
CA LEU E 367 -5.30 38.00 -12.10
C LEU E 367 -3.87 38.26 -12.57
N LYS E 368 -3.64 39.42 -13.16
CA LYS E 368 -2.33 39.80 -13.68
C LYS E 368 -1.64 40.87 -12.85
N LYS E 369 -2.36 41.90 -12.43
CA LYS E 369 -1.79 43.01 -11.69
C LYS E 369 -1.66 42.66 -10.21
N PRO E 370 -0.69 43.26 -9.50
CA PRO E 370 -0.58 42.97 -8.06
C PRO E 370 -1.84 43.31 -7.29
N ASP E 371 -2.48 44.44 -7.59
CA ASP E 371 -3.67 44.86 -6.87
C ASP E 371 -4.84 43.89 -7.05
N ASP E 372 -4.79 43.02 -8.04
CA ASP E 372 -5.81 41.99 -8.20
C ASP E 372 -5.80 40.98 -7.05
N ILE E 373 -4.74 40.97 -6.24
CA ILE E 373 -4.66 40.02 -5.12
C ILE E 373 -5.98 40.00 -4.36
N GLU E 374 -6.52 41.18 -4.07
CA GLU E 374 -7.76 41.26 -3.30
C GLU E 374 -8.84 40.38 -3.92
N ASN E 375 -9.10 40.56 -5.22
CA ASN E 375 -10.09 39.73 -5.90
C ASN E 375 -9.78 38.25 -5.68
N LEU E 376 -8.52 37.86 -5.92
CA LEU E 376 -8.14 36.47 -5.73
C LEU E 376 -8.56 35.99 -4.34
N CYS E 377 -8.24 36.78 -3.32
CA CYS E 377 -8.58 36.39 -1.96
C CYS E 377 -10.08 36.22 -1.82
N ARG E 378 -10.85 37.17 -2.35
CA ARG E 378 -12.31 37.06 -2.26
C ARG E 378 -12.80 35.82 -2.97
N ILE E 379 -12.10 35.38 -4.03
CA ILE E 379 -12.48 34.15 -4.70
C ILE E 379 -12.17 32.94 -3.81
N VAL E 380 -11.06 32.99 -3.09
CA VAL E 380 -10.62 31.84 -2.31
C VAL E 380 -11.27 31.83 -0.92
N LEU E 381 -11.26 32.97 -0.23
CA LEU E 381 -11.75 33.05 1.14
C LEU E 381 -13.16 33.62 1.24
N GLY E 382 -13.83 33.86 0.11
CA GLY E 382 -15.19 34.35 0.12
C GLY E 382 -15.28 35.87 0.10
N GLY E 383 -16.49 36.36 -0.12
CA GLY E 383 -16.76 37.77 -0.20
C GLY E 383 -16.86 38.33 -1.61
N PHE E 384 -16.70 37.50 -2.63
CA PHE E 384 -16.80 37.98 -4.00
C PHE E 384 -18.26 38.31 -4.34
N VAL E 385 -18.49 39.48 -4.92
CA VAL E 385 -19.82 39.96 -5.25
C VAL E 385 -20.07 39.67 -6.72
N SER E 386 -21.12 38.91 -7.01
CA SER E 386 -21.49 38.57 -8.37
C SER E 386 -22.52 39.59 -8.88
N LYS E 387 -23.11 39.31 -10.03
CA LYS E 387 -24.12 40.19 -10.59
C LYS E 387 -25.33 40.27 -9.66
N ASP E 388 -26.02 41.42 -9.69
CA ASP E 388 -27.13 41.65 -8.77
C ASP E 388 -28.22 40.62 -8.95
N ASP E 389 -28.57 40.30 -10.21
CA ASP E 389 -29.64 39.35 -10.48
C ASP E 389 -29.19 37.90 -10.31
N HIS E 390 -27.89 37.65 -10.21
CA HIS E 390 -27.40 36.28 -10.06
C HIS E 390 -27.77 35.72 -8.69
N LYS E 391 -28.10 34.43 -8.66
CA LYS E 391 -28.41 33.75 -7.42
C LYS E 391 -27.91 32.31 -7.51
N GLY E 392 -27.69 31.72 -6.34
CA GLY E 392 -27.24 30.34 -6.26
C GLY E 392 -25.75 30.23 -5.99
N LYS E 393 -25.28 28.98 -6.03
CA LYS E 393 -23.87 28.70 -5.79
C LYS E 393 -23.00 29.30 -6.88
N SER E 394 -21.78 29.66 -6.51
CA SER E 394 -20.81 30.22 -7.42
C SER E 394 -19.90 29.11 -7.95
N SER E 395 -18.84 29.50 -8.67
CA SER E 395 -17.93 28.52 -9.22
C SER E 395 -17.19 27.75 -8.12
N ILE E 396 -16.82 28.44 -7.05
CA ILE E 396 -16.05 27.85 -5.96
C ILE E 396 -17.00 27.51 -4.83
N TRP E 397 -17.00 26.25 -4.41
CA TRP E 397 -17.80 25.79 -3.29
C TRP E 397 -16.97 25.86 -2.00
N ARG E 398 -17.67 25.98 -0.88
CA ARG E 398 -17.04 26.18 0.42
C ARG E 398 -17.47 25.09 1.40
N ASN E 399 -16.76 25.03 2.51
CA ASN E 399 -17.03 24.05 3.57
C ASN E 399 -16.91 22.63 3.02
N LEU E 400 -15.73 22.34 2.46
CA LEU E 400 -15.42 21.04 1.90
C LEU E 400 -14.17 20.39 2.49
N ALA E 401 -13.22 21.17 3.00
CA ALA E 401 -11.98 20.60 3.51
C ALA E 401 -12.23 19.69 4.70
N LYS E 402 -13.16 20.08 5.58
CA LYS E 402 -13.40 19.31 6.79
C LYS E 402 -13.73 17.85 6.49
N THR E 403 -14.34 17.59 5.33
CA THR E 403 -14.72 16.22 5.00
C THR E 403 -13.52 15.29 4.88
N MET E 404 -12.33 15.83 4.60
CA MET E 404 -11.13 15.01 4.52
C MET E 404 -10.61 14.58 5.88
N LEU E 405 -11.07 15.21 6.96
CA LEU E 405 -10.63 14.86 8.31
C LEU E 405 -11.76 14.29 9.18
N SER E 406 -12.96 14.17 8.63
CA SER E 406 -14.10 13.73 9.41
C SER E 406 -14.13 12.21 9.57
N TYR E 407 -14.92 11.76 10.54
CA TYR E 407 -15.11 10.33 10.78
C TYR E 407 -16.07 9.69 9.79
N GLY E 408 -16.86 10.48 9.07
CA GLY E 408 -17.80 9.95 8.11
C GLY E 408 -18.76 11.00 7.58
N THR E 409 -19.43 10.70 6.46
CA THR E 409 -20.37 11.61 5.84
C THR E 409 -21.82 11.13 5.97
N TYR E 410 -22.05 10.09 6.76
CA TYR E 410 -23.40 9.50 6.83
C TYR E 410 -24.40 10.49 7.39
N ASN E 411 -24.03 11.23 8.43
CA ASN E 411 -24.95 12.09 9.15
C ASN E 411 -24.78 13.57 8.80
N MET E 412 -24.05 13.87 7.73
CA MET E 412 -23.87 15.26 7.33
C MET E 412 -25.20 15.87 6.91
N GLY E 413 -25.35 17.18 7.19
CA GLY E 413 -26.57 17.87 6.84
C GLY E 413 -27.76 17.55 7.72
N LYS E 414 -27.52 17.07 8.94
CA LYS E 414 -28.58 16.70 9.86
C LYS E 414 -28.41 17.47 11.17
N TYR E 415 -29.53 17.62 11.89
CA TYR E 415 -29.52 18.32 13.16
C TYR E 415 -28.75 17.57 14.24
N THR E 416 -28.46 16.29 14.04
CA THR E 416 -27.80 15.46 15.04
C THR E 416 -26.33 15.21 14.72
N TYR E 417 -25.76 15.93 13.76
CA TYR E 417 -24.36 15.72 13.39
C TYR E 417 -23.45 16.15 14.52
N ILE E 418 -22.53 15.26 14.91
CA ILE E 418 -21.55 15.54 15.95
C ILE E 418 -20.33 16.16 15.28
N PRO E 419 -19.98 17.40 15.59
CA PRO E 419 -18.87 18.05 14.89
C PRO E 419 -17.52 17.54 15.35
N THR E 420 -16.53 17.74 14.48
CA THR E 420 -15.13 17.50 14.80
C THR E 420 -14.46 18.84 15.13
N ALA E 421 -13.14 18.79 15.38
CA ALA E 421 -12.41 20.01 15.68
C ALA E 421 -12.43 20.96 14.49
N ALA E 422 -12.30 20.43 13.28
CA ALA E 422 -12.29 21.25 12.08
C ALA E 422 -13.67 21.83 11.74
N ASP E 423 -14.72 21.38 12.41
CA ASP E 423 -16.07 21.84 12.11
C ASP E 423 -16.39 23.21 12.70
N MET E 424 -15.54 23.75 13.57
CA MET E 424 -15.81 25.00 14.25
C MET E 424 -14.62 25.94 14.10
N TYR E 425 -14.91 27.22 13.86
CA TYR E 425 -13.84 28.22 13.79
C TYR E 425 -13.15 28.39 15.14
N SER E 426 -13.84 28.06 16.23
CA SER E 426 -13.28 28.20 17.57
C SER E 426 -12.42 27.01 17.99
N THR E 427 -12.36 25.96 17.19
CA THR E 427 -11.54 24.80 17.51
C THR E 427 -10.69 24.32 16.34
N ALA E 428 -10.73 25.00 15.19
CA ALA E 428 -9.99 24.54 14.02
C ALA E 428 -8.49 24.55 14.28
N LEU E 429 -7.97 25.60 14.92
CA LEU E 429 -6.54 25.72 15.12
C LEU E 429 -5.97 24.67 16.08
N ARG E 430 -6.84 23.94 16.79
CA ARG E 430 -6.36 22.89 17.68
C ARG E 430 -5.91 21.65 16.93
N ASP E 431 -6.35 21.46 15.69
CA ASP E 431 -6.08 20.25 14.94
C ASP E 431 -4.90 20.47 13.99
N PRO E 432 -3.83 19.69 14.08
CA PRO E 432 -2.72 19.87 13.13
C PRO E 432 -3.13 19.68 11.68
N GLY E 433 -4.15 18.88 11.42
CA GLY E 433 -4.64 18.71 10.06
C GLY E 433 -5.07 20.03 9.44
N MET E 434 -5.71 20.89 10.23
CA MET E 434 -6.11 22.20 9.72
C MET E 434 -4.88 23.05 9.37
N TRP E 435 -3.82 22.97 10.18
CA TRP E 435 -2.60 23.71 9.86
C TRP E 435 -1.99 23.20 8.56
N LYS E 436 -1.98 21.88 8.37
CA LYS E 436 -1.46 21.34 7.11
C LYS E 436 -2.32 21.76 5.93
N MET E 437 -3.64 21.81 6.13
CA MET E 437 -4.53 22.29 5.06
C MET E 437 -4.24 23.75 4.73
N LEU E 438 -3.99 24.57 5.74
CA LEU E 438 -3.61 25.97 5.50
C LEU E 438 -2.30 26.05 4.73
N LYS E 439 -1.34 25.19 5.08
CA LYS E 439 -0.08 25.17 4.35
C LYS E 439 -0.31 24.81 2.88
N LEU E 440 -1.18 23.84 2.63
CA LEU E 440 -1.51 23.48 1.25
C LEU E 440 -2.16 24.65 0.51
N ILE E 441 -3.09 25.35 1.18
CA ILE E 441 -3.81 26.45 0.55
C ILE E 441 -2.87 27.61 0.26
N SER E 442 -1.84 27.81 1.08
CA SER E 442 -0.93 28.94 0.88
C SER E 442 -0.22 28.87 -0.46
N GLU E 443 -0.19 27.70 -1.09
CA GLU E 443 0.49 27.56 -2.38
C GLU E 443 -0.14 28.47 -3.43
N TYR E 444 -1.46 28.66 -3.39
CA TYR E 444 -2.12 29.54 -4.34
C TYR E 444 -1.51 30.94 -4.29
N PHE E 445 -1.45 31.52 -3.10
CA PHE E 445 -0.93 32.88 -2.95
C PHE E 445 0.57 32.93 -3.24
N ILE E 446 1.30 31.90 -2.86
CA ILE E 446 2.72 31.86 -3.16
C ILE E 446 2.94 31.90 -4.68
N MET E 447 2.18 31.08 -5.41
CA MET E 447 2.28 31.07 -6.87
C MET E 447 1.90 32.44 -7.44
N PHE E 448 0.81 33.02 -6.95
CA PHE E 448 0.37 34.31 -7.49
C PHE E 448 1.43 35.38 -7.28
N LYS E 449 2.04 35.43 -6.10
CA LYS E 449 3.08 36.42 -5.84
C LYS E 449 4.34 36.13 -6.64
N GLU E 450 4.65 34.85 -6.87
CA GLU E 450 5.81 34.51 -7.69
C GLU E 450 5.61 34.93 -9.14
N MET E 451 4.36 34.92 -9.62
CA MET E 451 4.08 35.38 -10.97
C MET E 451 4.28 36.87 -11.13
N LEU E 452 4.25 37.63 -10.04
CA LEU E 452 4.41 39.09 -10.11
C LEU E 452 5.88 39.47 -10.23
N PRO E 453 6.16 40.66 -10.75
CA PRO E 453 7.55 41.14 -10.76
C PRO E 453 8.05 41.40 -9.35
N LYS E 454 9.36 41.24 -9.17
CA LYS E 454 9.98 41.46 -7.87
C LYS E 454 9.99 42.95 -7.53
N TYR E 455 10.00 43.24 -6.24
CA TYR E 455 10.08 44.63 -5.78
C TYR E 455 11.37 45.27 -6.30
N THR E 456 11.24 46.47 -6.84
CA THR E 456 12.39 47.20 -7.34
C THR E 456 13.06 47.97 -6.20
N ARG E 457 14.33 48.32 -6.41
CA ARG E 457 15.07 49.06 -5.40
C ARG E 457 14.43 50.41 -5.12
N GLU E 458 13.77 51.01 -6.11
CA GLU E 458 13.09 52.28 -5.89
C GLU E 458 11.94 52.12 -4.89
N GLU E 459 11.16 51.05 -5.01
CA GLU E 459 10.06 50.83 -4.09
C GLU E 459 10.56 50.54 -2.68
N LEU E 460 11.67 49.82 -2.55
CA LEU E 460 12.21 49.43 -1.26
C LEU E 460 13.04 50.52 -0.60
N ASP E 461 13.39 51.59 -1.32
CA ASP E 461 14.31 52.60 -0.82
C ASP E 461 13.55 53.84 -0.36
N PHE E 462 14.10 54.49 0.66
CA PHE E 462 13.61 55.77 1.18
C PHE E 462 14.76 56.76 1.08
N PRO E 463 14.87 57.51 -0.01
CA PRO E 463 16.03 58.41 -0.16
C PRO E 463 16.13 59.39 1.00
N GLY E 464 17.36 59.60 1.47
CA GLY E 464 17.62 60.53 2.53
C GLY E 464 17.33 60.01 3.94
N VAL E 465 16.90 58.76 4.07
CA VAL E 465 16.56 58.18 5.36
C VAL E 465 17.33 56.87 5.52
N LYS E 466 18.03 56.74 6.64
CA LYS E 466 18.76 55.52 6.96
C LYS E 466 18.59 55.20 8.44
N ILE E 467 18.66 53.91 8.76
CA ILE E 467 18.56 53.45 10.14
C ILE E 467 19.97 53.31 10.70
N GLU E 468 20.25 54.02 11.79
CA GLU E 468 21.57 53.97 12.40
C GLU E 468 21.76 52.66 13.16
N GLN E 469 20.88 52.38 14.12
CA GLN E 469 20.98 51.13 14.88
C GLN E 469 19.62 50.81 15.49
N VAL E 470 19.47 49.55 15.89
CA VAL E 470 18.28 49.04 16.55
C VAL E 470 18.72 48.28 17.78
N THR E 471 18.07 48.54 18.91
CA THR E 471 18.37 47.87 20.17
C THR E 471 17.08 47.48 20.86
N THR E 472 17.18 46.47 21.73
CA THR E 472 16.02 46.00 22.47
C THR E 472 16.45 45.57 23.87
N ASP E 473 15.50 45.61 24.79
CA ASP E 473 15.72 45.07 26.12
C ASP E 473 15.63 43.55 26.10
N LYS E 474 16.00 42.93 27.22
CA LYS E 474 15.99 41.47 27.30
C LYS E 474 14.58 40.94 27.07
N LEU E 475 14.48 39.92 26.22
CA LEU E 475 13.21 39.27 25.93
C LEU E 475 13.10 38.00 26.76
N VAL E 476 12.12 37.95 27.64
CA VAL E 476 11.95 36.85 28.59
C VAL E 476 10.50 36.40 28.60
N THR E 477 10.29 35.08 28.64
CA THR E 477 8.96 34.49 28.69
C THR E 477 8.85 33.58 29.92
N PHE E 478 7.62 33.35 30.35
CA PHE E 478 7.34 32.52 31.52
C PHE E 478 5.87 32.14 31.51
N MET E 479 5.55 31.09 32.26
CA MET E 479 4.18 30.62 32.40
C MET E 479 3.57 31.17 33.69
N ASP E 480 2.30 31.58 33.60
CA ASP E 480 1.61 32.16 34.75
C ASP E 480 0.14 31.81 34.68
N GLU E 481 -0.55 32.03 35.80
CA GLU E 481 -1.94 31.61 35.95
C GLU E 481 -2.90 32.68 35.45
N TYR E 482 -4.08 32.23 35.01
CA TYR E 482 -5.15 33.10 34.55
C TYR E 482 -6.48 32.45 34.86
N ASP E 483 -7.41 33.24 35.38
CA ASP E 483 -8.72 32.73 35.80
C ASP E 483 -9.75 32.89 34.69
N VAL E 484 -10.45 31.81 34.38
CA VAL E 484 -11.50 31.80 33.37
C VAL E 484 -12.83 31.52 34.06
N ASP E 485 -13.83 32.36 33.81
CA ASP E 485 -15.16 32.20 34.39
C ASP E 485 -15.94 31.19 33.55
N ILE E 486 -16.32 30.07 34.16
CA ILE E 486 -17.04 29.01 33.46
C ILE E 486 -18.39 28.80 34.13
N THR E 487 -18.91 29.85 34.77
CA THR E 487 -20.17 29.71 35.49
C THR E 487 -21.33 29.41 34.55
N ASN E 488 -21.27 29.86 33.30
CA ASN E 488 -22.34 29.61 32.35
C ASN E 488 -22.41 28.16 31.91
N ALA E 489 -21.41 27.34 32.23
CA ALA E 489 -21.45 25.94 31.84
C ALA E 489 -22.40 25.11 32.70
N VAL E 490 -22.58 25.49 33.97
CA VAL E 490 -23.41 24.72 34.87
C VAL E 490 -24.87 25.16 34.71
N TYR E 491 -25.78 24.33 35.20
CA TYR E 491 -27.21 24.59 35.14
C TYR E 491 -27.73 25.06 36.49
N LEU E 492 -28.62 26.05 36.46
CA LEU E 492 -29.10 26.72 37.66
C LEU E 492 -30.44 26.15 38.11
N ASP E 493 -30.68 26.20 39.41
CA ASP E 493 -31.95 25.81 39.99
C ASP E 493 -32.92 26.98 39.93
N HIS E 494 -34.16 26.74 40.38
CA HIS E 494 -35.17 27.79 40.29
C HIS E 494 -34.77 29.03 41.08
N ASP E 495 -34.28 28.84 42.32
CA ASP E 495 -33.88 29.98 43.14
C ASP E 495 -32.75 30.76 42.48
N GLU E 496 -31.76 30.05 41.94
CA GLU E 496 -30.68 30.71 41.23
C GLU E 496 -31.19 31.42 39.98
N MET E 497 -32.15 30.81 39.27
CA MET E 497 -32.69 31.44 38.07
C MET E 497 -33.40 32.74 38.41
N GLN E 498 -34.13 32.78 39.53
CA GLN E 498 -34.82 34.01 39.90
C GLN E 498 -33.84 35.14 40.15
N LYS E 499 -32.70 34.84 40.76
CA LYS E 499 -31.67 35.84 41.04
C LYS E 499 -30.76 36.09 39.85
N HIS E 500 -30.92 35.35 38.76
CA HIS E 500 -30.09 35.52 37.56
C HIS E 500 -28.61 35.41 37.89
N ARG E 501 -28.27 34.48 38.77
CA ARG E 501 -26.89 34.28 39.18
C ARG E 501 -26.78 32.99 39.97
N SER E 502 -25.64 32.33 39.82
CA SER E 502 -25.33 31.15 40.62
C SER E 502 -24.78 31.57 41.98
N ASP E 503 -25.26 30.93 43.03
CA ASP E 503 -24.82 31.29 44.38
C ASP E 503 -23.31 31.12 44.56
N MET E 504 -22.67 30.29 43.74
CA MET E 504 -21.24 30.08 43.78
C MET E 504 -20.64 30.27 42.40
N MET E 505 -19.52 30.96 42.33
CA MET E 505 -18.79 31.16 41.08
C MET E 505 -17.81 30.02 40.86
N TYR E 506 -17.72 29.56 39.62
CA TYR E 506 -16.83 28.48 39.24
C TYR E 506 -15.77 29.02 38.28
N VAL E 507 -14.50 28.80 38.63
CA VAL E 507 -13.38 29.38 37.93
C VAL E 507 -12.38 28.28 37.57
N ALA E 508 -11.89 28.32 36.34
CA ALA E 508 -10.81 27.44 35.89
C ALA E 508 -9.51 28.21 35.91
N ARG E 509 -8.52 27.71 36.64
CA ARG E 509 -7.24 28.39 36.80
C ARG E 509 -6.26 27.80 35.77
N MET E 510 -6.27 28.38 34.58
CA MET E 510 -5.44 27.89 33.48
C MET E 510 -4.02 28.43 33.62
N HIS E 511 -3.08 27.70 33.03
CA HIS E 511 -1.68 28.13 32.98
C HIS E 511 -1.36 28.49 31.54
N ARG E 512 -0.89 29.72 31.33
CA ARG E 512 -0.70 30.28 30.00
C ARG E 512 0.65 30.97 29.90
N LEU E 513 1.11 31.12 28.65
CA LEU E 513 2.35 31.83 28.38
C LEU E 513 2.19 33.31 28.68
N ASN E 514 3.32 33.98 28.88
CA ASN E 514 3.36 35.41 29.10
C ASN E 514 4.80 35.86 28.93
N HIS E 515 5.00 37.17 28.79
CA HIS E 515 6.32 37.73 28.61
C HIS E 515 6.44 39.03 29.39
N GLN E 516 7.67 39.39 29.72
CA GLN E 516 7.94 40.63 30.44
C GLN E 516 7.93 41.82 29.48
N PRO E 517 7.64 43.02 29.98
CA PRO E 517 7.70 44.21 29.12
C PRO E 517 9.10 44.44 28.57
N PHE E 518 9.16 45.00 27.37
CA PHE E 518 10.43 45.32 26.74
C PHE E 518 10.26 46.53 25.83
N LYS E 519 11.38 47.17 25.52
CA LYS E 519 11.40 48.37 24.69
C LYS E 519 12.22 48.10 23.43
N ILE E 520 11.84 48.77 22.34
CA ILE E 520 12.58 48.75 21.09
C ILE E 520 13.00 50.18 20.79
N THR E 521 14.30 50.39 20.60
CA THR E 521 14.86 51.71 20.32
C THR E 521 15.49 51.70 18.93
N ILE E 522 15.13 52.68 18.12
CA ILE E 522 15.60 52.78 16.74
C ILE E 522 16.18 54.18 16.53
N ASP E 523 17.36 54.24 15.93
CA ASP E 523 18.00 55.52 15.61
C ASP E 523 17.95 55.71 14.10
N VAL E 524 17.38 56.83 13.67
CA VAL E 524 17.16 57.10 12.24
C VAL E 524 17.73 58.47 11.91
N ALA E 525 18.46 58.56 10.80
CA ALA E 525 18.98 59.83 10.30
C ALA E 525 18.16 60.24 9.09
N SER E 526 17.64 61.47 9.11
CA SER E 526 16.76 61.98 8.07
C SER E 526 17.25 63.34 7.60
N ASP E 527 17.33 63.52 6.28
CA ASP E 527 17.70 64.82 5.73
C ASP E 527 16.56 65.81 5.78
N LYS E 528 15.32 65.34 5.70
CA LYS E 528 14.15 66.19 5.64
C LYS E 528 13.15 65.79 6.72
N ALA E 529 12.16 66.65 6.93
CA ALA E 529 11.06 66.36 7.85
C ALA E 529 9.89 65.80 7.05
N VAL E 530 9.46 64.59 7.38
CA VAL E 530 8.48 63.88 6.57
C VAL E 530 7.77 62.83 7.42
N GLU E 531 6.54 62.51 7.04
CA GLU E 531 5.81 61.42 7.66
C GLU E 531 6.28 60.08 7.09
N CYS E 532 6.37 59.07 7.96
CA CYS E 532 6.89 57.78 7.57
C CYS E 532 6.10 56.68 8.28
N VAL E 533 6.18 55.48 7.70
CA VAL E 533 5.59 54.27 8.28
C VAL E 533 6.75 53.34 8.66
N VAL E 534 6.74 52.87 9.90
CA VAL E 534 7.76 51.99 10.44
C VAL E 534 7.15 50.63 10.69
N ARG E 535 7.80 49.58 10.18
CA ARG E 535 7.38 48.20 10.36
C ARG E 535 8.49 47.41 11.04
N VAL E 536 8.11 46.61 12.03
CA VAL E 536 9.03 45.79 12.81
C VAL E 536 8.52 44.34 12.77
N PHE E 537 9.38 43.45 12.27
CA PHE E 537 9.09 42.03 12.12
C PHE E 537 10.02 41.21 13.00
N LEU E 538 9.57 40.02 13.37
CA LEU E 538 10.38 39.03 14.07
C LEU E 538 10.36 37.72 13.27
N GLY E 539 11.52 37.08 13.13
CA GLY E 539 11.63 35.89 12.34
C GLY E 539 12.76 34.98 12.78
N PRO E 540 12.89 33.84 12.11
CA PRO E 540 13.88 32.84 12.51
C PRO E 540 15.30 33.26 12.18
N LYS E 541 16.23 32.69 12.92
CA LYS E 541 17.67 32.83 12.67
C LYS E 541 18.31 31.56 12.14
N LEU E 542 17.85 30.40 12.60
CA LEU E 542 18.36 29.11 12.15
C LEU E 542 17.20 28.18 11.86
N ASP E 543 17.45 27.21 10.99
CA ASP E 543 16.47 26.17 10.69
C ASP E 543 16.59 25.05 11.72
N CYS E 544 15.75 24.03 11.58
CA CYS E 544 15.78 22.91 12.53
C CYS E 544 17.07 22.11 12.42
N MET E 545 17.81 22.24 11.33
CA MET E 545 19.09 21.56 11.16
C MET E 545 20.28 22.43 11.56
N GLY E 546 20.03 23.65 12.03
CA GLY E 546 21.10 24.53 12.45
C GLY E 546 21.75 25.36 11.37
N ARG E 547 21.23 25.31 10.14
CA ARG E 547 21.78 26.11 9.06
C ARG E 547 21.41 27.58 9.24
N PHE E 548 22.28 28.46 8.75
CA PHE E 548 22.00 29.89 8.73
C PHE E 548 21.04 30.19 7.59
N THR E 549 19.82 30.56 7.93
CA THR E 549 18.77 30.73 6.93
C THR E 549 19.00 31.99 6.11
N SER E 550 18.71 31.89 4.81
CA SER E 550 18.80 33.04 3.92
C SER E 550 17.48 33.81 3.92
N VAL E 551 17.50 34.97 3.26
CA VAL E 551 16.34 35.85 3.29
C VAL E 551 15.17 35.24 2.53
N ASN E 552 15.44 34.56 1.42
CA ASN E 552 14.36 33.99 0.62
C ASN E 552 13.61 32.90 1.39
N ASP E 553 14.34 32.06 2.13
CA ASP E 553 13.69 31.03 2.94
C ASP E 553 13.21 31.56 4.28
N LYS E 554 13.50 32.82 4.61
CA LYS E 554 12.99 33.45 5.82
C LYS E 554 11.75 34.29 5.58
N ARG E 555 11.54 34.77 4.34
CA ARG E 555 10.53 35.80 4.10
C ARG E 555 9.13 35.32 4.48
N ASN E 556 8.82 34.04 4.27
CA ASN E 556 7.50 33.52 4.59
C ASN E 556 7.31 33.25 6.08
N ASP E 557 8.37 33.38 6.87
CA ASP E 557 8.31 33.13 8.31
C ASP E 557 8.43 34.41 9.14
N MET E 558 8.36 35.58 8.50
CA MET E 558 8.49 36.83 9.22
C MET E 558 7.13 37.26 9.78
N VAL E 559 7.08 37.57 11.07
CA VAL E 559 5.86 37.98 11.75
C VAL E 559 5.93 39.47 11.99
N GLU E 560 4.97 40.21 11.45
CA GLU E 560 4.91 41.67 11.59
C GLU E 560 4.42 41.98 13.00
N ILE E 561 5.37 42.16 13.92
CA ILE E 561 5.00 42.38 15.31
C ILE E 561 4.59 43.82 15.61
N ASP E 562 5.00 44.78 14.79
CA ASP E 562 4.62 46.16 15.05
C ASP E 562 4.60 46.95 13.74
N SER E 563 3.73 47.97 13.71
CA SER E 563 3.64 48.88 12.57
C SER E 563 3.00 50.17 13.05
N PHE E 564 3.62 51.30 12.73
CA PHE E 564 3.10 52.57 13.24
C PHE E 564 3.59 53.73 12.38
N LEU E 565 2.86 54.83 12.47
CA LEU E 565 3.24 56.08 11.81
C LEU E 565 4.20 56.87 12.70
N TYR E 566 5.01 57.72 12.06
CA TYR E 566 5.93 58.57 12.79
C TYR E 566 6.25 59.78 11.93
N LYS E 567 6.79 60.82 12.58
CA LYS E 567 7.19 62.05 11.92
C LYS E 567 8.69 62.24 12.10
N LEU E 568 9.46 62.04 11.04
CA LEU E 568 10.89 62.26 11.06
C LEU E 568 11.19 63.74 10.86
N GLU E 569 12.25 64.21 11.52
CA GLU E 569 12.71 65.58 11.41
C GLU E 569 14.18 65.59 10.99
N THR E 570 14.64 66.76 10.57
CA THR E 570 16.01 66.91 10.12
C THR E 570 16.98 66.50 11.23
N GLY E 571 17.97 65.69 10.87
CA GLY E 571 18.96 65.22 11.83
C GLY E 571 18.69 63.81 12.33
N LYS E 572 18.91 63.60 13.61
CA LYS E 572 18.77 62.29 14.23
C LYS E 572 17.46 62.19 15.01
N ASN E 573 16.81 61.03 14.93
CA ASN E 573 15.56 60.77 15.62
C ASN E 573 15.68 59.45 16.35
N THR E 574 15.25 59.44 17.61
CA THR E 574 15.26 58.25 18.45
C THR E 574 13.82 57.82 18.69
N ILE E 575 13.41 56.71 18.08
CA ILE E 575 12.07 56.18 18.23
C ILE E 575 12.11 55.10 19.30
N VAL E 576 11.32 55.28 20.35
CA VAL E 576 11.22 54.34 21.45
C VAL E 576 9.80 53.78 21.46
N ARG E 577 9.67 52.47 21.31
CA ARG E 577 8.38 51.79 21.27
C ARG E 577 8.32 50.80 22.42
N ASP E 578 7.31 50.94 23.27
CA ASP E 578 7.07 49.99 24.35
C ASP E 578 6.16 48.88 23.86
N SER E 579 6.37 47.68 24.40
CA SER E 579 5.54 46.54 24.02
C SER E 579 4.08 46.78 24.34
N LEU E 580 3.78 47.58 25.38
CA LEU E 580 2.39 47.81 25.76
C LEU E 580 1.62 48.54 24.68
N GLU E 581 2.29 49.34 23.86
CA GLU E 581 1.63 50.17 22.86
C GLU E 581 1.73 49.61 21.45
N MET E 582 2.16 48.37 21.30
CA MET E 582 2.26 47.77 19.97
C MET E 582 0.87 47.63 19.36
N ASN E 583 0.81 47.82 18.04
CA ASN E 583 -0.47 47.92 17.36
C ASN E 583 -1.28 46.65 17.50
N ASN E 584 -2.55 46.81 17.87
CA ASN E 584 -3.52 45.71 17.92
C ASN E 584 -3.02 44.54 18.79
N VAL E 585 -2.39 44.86 19.91
CA VAL E 585 -2.01 43.87 20.92
C VAL E 585 -2.77 44.21 22.20
N ILE E 586 -3.57 43.27 22.69
CA ILE E 586 -4.47 43.52 23.80
C ILE E 586 -4.07 42.67 25.00
N LYS E 587 -4.41 43.16 26.18
CA LYS E 587 -4.16 42.43 27.41
C LYS E 587 -5.18 41.29 27.55
N GLU E 588 -5.06 40.54 28.64
CA GLU E 588 -6.00 39.46 28.90
C GLU E 588 -7.40 40.03 29.10
N ARG E 589 -8.38 39.35 28.51
CA ARG E 589 -9.75 39.87 28.51
C ARG E 589 -10.31 39.89 29.93
N PRO E 590 -10.88 40.99 30.39
CA PRO E 590 -11.44 41.04 31.73
C PRO E 590 -12.79 40.32 31.82
N TRP E 591 -13.17 39.99 33.05
CA TRP E 591 -14.45 39.34 33.29
C TRP E 591 -15.59 40.28 32.94
N SER E 592 -16.60 39.75 32.25
CA SER E 592 -17.76 40.55 31.88
C SER E 592 -18.69 40.79 33.05
N ARG E 593 -18.72 39.86 34.02
CA ARG E 593 -19.62 40.02 35.16
C ARG E 593 -19.27 41.27 35.97
N ASN E 594 -18.01 41.69 35.95
CA ASN E 594 -17.56 42.89 36.64
C ASN E 594 -17.59 44.12 35.75
N ASN E 595 -18.41 44.11 34.70
CA ASN E 595 -18.52 45.24 33.78
C ASN E 595 -17.16 45.61 33.18
N TRP E 596 -16.37 44.59 32.86
CA TRP E 596 -15.08 44.76 32.20
C TRP E 596 -14.21 45.75 32.96
N ALA E 597 -13.88 45.39 34.20
CA ALA E 597 -13.06 46.24 35.05
C ALA E 597 -11.68 46.44 34.43
N GLN E 607 -10.83 50.65 29.90
CA GLN E 607 -10.60 51.77 28.99
C GLN E 607 -11.81 51.94 28.07
N ASP E 608 -11.94 53.14 27.50
CA ASP E 608 -13.07 53.46 26.64
C ASP E 608 -12.91 52.98 25.21
N ASN E 609 -11.74 52.46 24.86
CA ASN E 609 -11.46 51.95 23.51
C ASN E 609 -11.42 50.43 23.45
N TRP E 610 -11.75 49.75 24.54
CA TRP E 610 -11.68 48.30 24.56
C TRP E 610 -12.70 47.66 23.63
N TRP E 611 -13.80 48.36 23.36
CA TRP E 611 -14.90 47.73 22.62
C TRP E 611 -14.45 47.30 21.22
N TYR E 612 -13.66 48.12 20.54
CA TYR E 612 -13.16 47.75 19.22
C TYR E 612 -11.79 47.10 19.25
N LYS E 613 -10.98 47.38 20.28
CA LYS E 613 -9.69 46.70 20.41
C LYS E 613 -9.89 45.21 20.63
N SER E 614 -10.87 44.82 21.44
CA SER E 614 -11.10 43.41 21.72
C SER E 614 -11.52 42.64 20.48
N ARG E 615 -12.12 43.31 19.49
CA ARG E 615 -12.62 42.62 18.31
C ARG E 615 -11.51 42.21 17.35
N ILE E 616 -10.44 42.99 17.26
CA ILE E 616 -9.36 42.75 16.30
C ILE E 616 -8.00 42.63 16.98
N GLY E 617 -7.98 42.38 18.28
CA GLY E 617 -6.72 42.36 19.02
C GLY E 617 -6.10 40.98 19.09
N PHE E 618 -4.76 40.95 19.10
CA PHE E 618 -3.97 39.75 19.29
C PHE E 618 -3.44 39.69 20.72
N PRO E 619 -3.50 38.54 21.39
CA PRO E 619 -3.13 38.52 22.82
C PRO E 619 -1.69 38.93 23.05
N HIS E 620 -1.47 39.68 24.14
CA HIS E 620 -0.11 40.02 24.55
C HIS E 620 0.66 38.78 24.96
N ARG E 621 -0.02 37.82 25.60
CA ARG E 621 0.67 36.65 26.13
C ARG E 621 1.42 35.87 25.05
N LEU E 622 0.93 35.92 23.81
CA LEU E 622 1.54 35.19 22.71
C LEU E 622 2.34 36.09 21.78
N LEU E 623 2.76 37.26 22.28
CA LEU E 623 3.54 38.18 21.44
C LEU E 623 4.87 37.56 21.03
N LEU E 624 5.56 36.91 21.96
CA LEU E 624 6.86 36.31 21.71
C LEU E 624 6.77 34.79 21.82
N PRO E 625 7.55 34.06 21.02
CA PRO E 625 7.59 32.61 21.18
C PRO E 625 8.34 32.21 22.45
N MET E 626 8.00 31.05 22.98
CA MET E 626 8.71 30.53 24.14
C MET E 626 10.18 30.37 23.80
N GLY E 627 11.05 30.87 24.67
CA GLY E 627 12.48 30.80 24.49
C GLY E 627 13.08 29.56 25.11
N SER E 628 14.38 29.66 25.39
CA SER E 628 15.12 28.60 26.06
C SER E 628 15.88 29.20 27.24
N HIS E 629 16.15 28.36 28.24
CA HIS E 629 16.86 28.85 29.42
C HIS E 629 18.20 29.46 29.06
N GLY E 630 18.84 28.97 28.00
CA GLY E 630 20.09 29.54 27.54
C GLY E 630 19.95 30.61 26.49
N GLY E 631 18.76 30.79 25.93
CA GLY E 631 18.52 31.81 24.93
C GLY E 631 18.36 31.26 23.54
N MET E 632 17.16 31.42 22.97
CA MET E 632 16.87 30.98 21.61
C MET E 632 17.13 32.13 20.66
N PRO E 633 17.96 31.96 19.62
CA PRO E 633 18.23 33.07 18.72
C PRO E 633 17.13 33.30 17.70
N TYR E 634 16.77 34.56 17.51
CA TYR E 634 15.86 35.00 16.47
C TYR E 634 16.41 36.28 15.85
N GLN E 635 15.74 36.80 14.84
CA GLN E 635 16.19 37.99 14.14
C GLN E 635 15.04 38.97 13.95
N MET E 636 15.25 40.22 14.35
CA MET E 636 14.28 41.28 14.15
C MET E 636 14.67 42.11 12.92
N PHE E 637 13.65 42.62 12.24
CA PHE E 637 13.83 43.40 11.03
C PHE E 637 13.03 44.69 11.15
N VAL E 638 13.65 45.81 10.81
CA VAL E 638 13.01 47.12 10.89
C VAL E 638 13.13 47.81 9.55
N ILE E 639 12.02 48.37 9.07
CA ILE E 639 12.00 49.09 7.80
C ILE E 639 11.15 50.34 7.95
N VAL E 640 11.65 51.45 7.41
CA VAL E 640 10.94 52.74 7.41
CA VAL E 640 10.94 52.74 7.41
C VAL E 640 10.75 53.17 5.96
N THR E 641 9.51 53.50 5.61
CA THR E 641 9.16 53.86 4.25
C THR E 641 8.27 55.10 4.26
N PRO E 642 8.13 55.76 3.11
CA PRO E 642 7.19 56.88 3.02
C PRO E 642 5.75 56.41 2.98
N VAL E 643 4.84 57.35 3.24
CA VAL E 643 3.41 57.07 3.13
C VAL E 643 3.04 57.13 1.65
N ARG E 644 2.42 56.07 1.16
CA ARG E 644 2.08 55.93 -0.25
C ARG E 644 0.58 56.05 -0.45
N ALA E 645 0.19 56.88 -1.42
CA ALA E 645 -1.21 57.09 -1.75
C ALA E 645 -1.99 57.54 -0.52
N SER E 651 -13.71 49.14 -5.97
CA SER E 651 -13.10 50.29 -5.29
C SER E 651 -13.11 50.11 -3.78
N ILE E 652 -12.02 50.50 -3.13
CA ILE E 652 -11.86 50.37 -1.69
C ILE E 652 -11.63 51.74 -1.10
N ASP E 653 -12.34 52.05 -0.01
CA ASP E 653 -12.22 53.32 0.69
C ASP E 653 -11.66 53.07 2.08
N MET E 654 -10.57 53.78 2.41
CA MET E 654 -9.97 53.65 3.73
C MET E 654 -10.82 54.29 4.81
N ASN E 655 -11.68 55.25 4.45
CA ASN E 655 -12.54 55.88 5.42
C ASN E 655 -13.54 54.89 6.01
N THR E 656 -14.01 53.94 5.20
CA THR E 656 -14.91 52.91 5.73
C THR E 656 -14.23 52.09 6.82
N ALA E 657 -12.98 51.68 6.58
CA ALA E 657 -12.24 50.94 7.61
C ALA E 657 -11.99 51.80 8.83
N LYS E 658 -11.66 53.07 8.64
CA LYS E 658 -11.40 53.96 9.77
C LYS E 658 -12.64 54.13 10.63
N GLU E 659 -13.81 54.29 10.00
CA GLU E 659 -15.03 54.56 10.74
C GLU E 659 -15.48 53.36 11.57
N ARG E 660 -15.28 52.14 11.06
CA ARG E 660 -15.70 50.94 11.76
C ARG E 660 -14.67 50.44 12.76
N LYS E 661 -13.52 51.12 12.86
CA LYS E 661 -12.45 50.71 13.78
C LYS E 661 -12.02 49.27 13.52
N ALA E 662 -11.76 48.97 12.25
CA ALA E 662 -11.27 47.67 11.80
C ALA E 662 -9.90 47.81 11.16
N CYS E 663 -9.00 48.55 11.81
CA CYS E 663 -7.69 48.87 11.26
C CYS E 663 -6.69 47.80 11.68
N ARG E 664 -6.73 46.67 10.97
CA ARG E 664 -5.74 45.63 11.17
C ARG E 664 -4.48 45.93 10.37
N TRP E 665 -3.33 45.70 10.98
CA TRP E 665 -2.02 45.93 10.35
C TRP E 665 -1.98 47.38 9.88
N THR E 666 -1.63 47.65 8.61
CA THR E 666 -1.46 49.01 8.11
C THR E 666 -2.54 49.38 7.08
N VAL E 667 -3.71 48.75 7.16
CA VAL E 667 -4.76 49.04 6.18
C VAL E 667 -5.21 50.48 6.28
N CYS E 668 -5.16 51.07 7.47
CA CYS E 668 -5.54 52.46 7.69
C CYS E 668 -4.35 53.40 7.68
N MET E 669 -3.16 52.92 7.35
CA MET E 669 -1.95 53.72 7.35
C MET E 669 -1.44 54.01 5.93
N ASP E 670 -1.22 52.97 5.13
CA ASP E 670 -0.74 53.13 3.76
C ASP E 670 -1.47 52.13 2.87
N THR E 671 -1.07 52.07 1.60
CA THR E 671 -1.71 51.22 0.62
C THR E 671 -0.79 50.12 0.10
N MET E 672 0.35 49.90 0.74
CA MET E 672 1.25 48.85 0.28
C MET E 672 0.64 47.48 0.55
N PRO E 673 1.02 46.46 -0.24
CA PRO E 673 0.46 45.12 -0.01
C PRO E 673 0.82 44.61 1.38
N LEU E 674 -0.12 43.89 1.99
CA LEU E 674 0.15 43.27 3.27
C LEU E 674 1.19 42.17 3.11
N GLY E 675 2.19 42.17 3.99
CA GLY E 675 3.33 41.29 3.88
C GLY E 675 4.56 41.96 3.29
N PHE E 676 4.42 43.17 2.77
CA PHE E 676 5.55 43.91 2.25
C PHE E 676 6.58 44.12 3.36
N PRO E 677 7.89 44.00 3.07
CA PRO E 677 8.52 43.68 1.79
C PRO E 677 8.90 42.20 1.64
N PHE E 678 8.13 41.28 2.25
CA PHE E 678 8.47 39.87 2.25
C PHE E 678 7.47 39.00 1.49
N ASP E 679 6.47 39.58 0.84
CA ASP E 679 5.41 38.79 0.21
C ASP E 679 5.78 38.33 -1.19
N ARG E 680 6.91 38.75 -1.74
CA ARG E 680 7.35 38.37 -3.07
C ARG E 680 8.77 37.80 -3.01
N PRO E 681 9.16 37.02 -4.01
CA PRO E 681 10.57 36.57 -4.07
C PRO E 681 11.50 37.76 -4.11
N ILE E 682 12.63 37.64 -3.41
CA ILE E 682 13.55 38.74 -3.18
C ILE E 682 14.77 38.59 -4.07
N ASP E 683 15.11 39.65 -4.79
CA ASP E 683 16.36 39.72 -5.54
C ASP E 683 17.41 40.38 -4.67
N GLU E 684 18.47 39.64 -4.35
CA GLU E 684 19.46 40.15 -3.41
C GLU E 684 20.15 41.41 -3.91
N THR E 685 20.17 41.64 -5.22
CA THR E 685 20.83 42.82 -5.76
C THR E 685 20.04 44.09 -5.46
N ASN E 686 18.71 44.02 -5.47
CA ASN E 686 17.86 45.18 -5.25
C ASN E 686 17.42 45.34 -3.80
N PHE E 687 17.86 44.45 -2.91
CA PHE E 687 17.46 44.46 -1.52
C PHE E 687 18.56 45.04 -0.65
N TYR E 688 18.30 45.10 0.66
CA TYR E 688 19.28 45.56 1.64
C TYR E 688 19.62 47.04 1.43
N THR E 689 18.59 47.87 1.39
CA THR E 689 18.76 49.31 1.32
C THR E 689 19.11 49.87 2.70
N LYS E 690 19.53 51.14 2.72
CA LYS E 690 19.95 51.77 3.96
C LYS E 690 18.79 52.04 4.91
N ASN E 691 17.54 51.95 4.44
CA ASN E 691 16.38 52.21 5.27
C ASN E 691 15.86 50.96 5.97
N MET E 692 16.55 49.83 5.83
CA MET E 692 16.16 48.58 6.49
C MET E 692 17.33 48.05 7.30
N LYS E 693 17.01 47.35 8.37
CA LYS E 693 18.03 46.88 9.31
C LYS E 693 17.63 45.53 9.89
N PHE E 694 18.61 44.65 10.03
CA PHE E 694 18.48 43.37 10.73
C PHE E 694 19.19 43.44 12.06
N HIS E 695 18.69 42.68 13.04
CA HIS E 695 19.27 42.70 14.38
C HIS E 695 19.03 41.36 15.05
N ASP E 696 20.10 40.67 15.41
CA ASP E 696 19.97 39.40 16.11
C ASP E 696 19.53 39.63 17.55
N VAL E 697 18.64 38.76 18.05
CA VAL E 697 18.14 38.84 19.41
C VAL E 697 18.07 37.44 20.00
N MET E 698 17.98 37.38 21.32
CA MET E 698 17.89 36.12 22.07
C MET E 698 16.67 36.18 22.97
N VAL E 699 15.85 35.14 22.93
CA VAL E 699 14.64 35.04 23.74
C VAL E 699 14.87 33.97 24.80
N TYR E 700 14.78 34.37 26.07
CA TYR E 700 14.99 33.48 27.19
C TYR E 700 13.65 33.07 27.82
N THR E 701 13.68 31.98 28.58
CA THR E 701 12.53 31.54 29.35
C THR E 701 12.98 31.23 30.77
N LYS E 702 12.13 31.58 31.74
CA LYS E 702 12.42 31.36 33.15
C LYS E 702 11.27 30.59 33.79
N ASP E 703 11.60 29.88 34.87
CA ASP E 703 10.63 29.10 35.64
C ASP E 703 10.43 29.79 36.98
N LEU E 704 9.25 30.37 37.17
CA LEU E 704 8.94 31.05 38.42
C LEU E 704 8.42 30.10 39.50
N ALA E 705 8.26 28.81 39.18
CA ALA E 705 7.72 27.87 40.16
C ALA E 705 8.62 27.78 41.39
N MET E 706 9.93 27.71 41.17
CA MET E 706 10.90 27.61 42.26
C MET E 706 11.64 28.92 42.52
N SER E 707 11.43 29.95 41.71
CA SER E 707 12.04 31.24 41.98
C SER E 707 11.55 31.82 43.30
N ASN E 708 10.25 31.65 43.59
CA ASN E 708 9.69 32.11 44.85
C ASN E 708 9.85 31.10 45.97
N MET E 709 9.79 29.81 45.65
CA MET E 709 9.98 28.75 46.64
C MET E 709 11.48 28.51 46.84
N VAL E 710 12.12 29.47 47.51
CA VAL E 710 13.56 29.46 47.72
C VAL E 710 13.81 28.81 49.07
N LYS E 711 14.05 27.50 49.05
CA LYS E 711 14.44 26.75 50.24
C LYS E 711 15.65 25.89 49.91
N ASP E 712 16.53 25.71 50.90
CA ASP E 712 17.78 24.97 50.70
C ASP E 712 17.51 23.48 50.89
N VAL E 713 16.91 22.88 49.87
CA VAL E 713 16.63 21.45 49.86
C VAL E 713 16.80 20.93 48.43
N ASP E 714 17.26 19.68 48.33
CA ASP E 714 17.45 19.01 47.06
C ASP E 714 16.20 18.23 46.69
N MET E 715 15.88 18.24 45.39
CA MET E 715 14.66 17.61 44.89
C MET E 715 14.95 16.54 43.85
N SER E 716 16.14 15.92 43.91
CA SER E 716 16.48 14.88 42.95
C SER E 716 15.62 13.63 43.11
N GLU E 717 14.96 13.47 44.26
CA GLU E 717 14.16 12.30 44.53
C GLU E 717 12.66 12.58 44.61
N MET E 718 12.24 13.82 44.40
CA MET E 718 10.82 14.16 44.47
C MET E 718 10.08 13.65 43.24
N VAL E 719 8.77 13.49 43.40
CA VAL E 719 7.91 12.96 42.34
C VAL E 719 6.71 13.90 42.17
N MET E 720 6.14 13.89 40.97
CA MET E 720 4.97 14.71 40.68
C MET E 720 3.74 14.16 41.39
N LYS E 721 2.81 15.05 41.71
CA LYS E 721 1.55 14.63 42.31
C LYS E 721 0.77 13.74 41.33
N ARG E 722 0.75 14.11 40.05
CA ARG E 722 0.17 13.29 39.00
C ARG E 722 1.26 12.95 38.00
N ASP E 723 1.31 11.68 37.59
CA ASP E 723 2.44 11.18 36.81
C ASP E 723 2.49 11.72 35.39
N ASP E 724 1.43 12.38 34.91
CA ASP E 724 1.38 12.89 33.55
C ASP E 724 1.78 14.36 33.45
N LEU E 725 2.22 14.97 34.54
CA LEU E 725 2.63 16.36 34.52
C LEU E 725 4.01 16.50 33.89
N THR E 726 4.30 17.69 33.39
CA THR E 726 5.51 17.98 32.63
C THR E 726 6.46 18.84 33.45
N TYR E 727 7.58 19.21 32.83
CA TYR E 727 8.57 20.05 33.49
C TYR E 727 8.05 21.44 33.80
N LEU E 728 6.97 21.87 33.15
CA LEU E 728 6.38 23.18 33.40
C LEU E 728 5.54 23.21 34.68
N ASP E 729 5.46 22.11 35.41
CA ASP E 729 4.64 22.01 36.61
C ASP E 729 5.50 21.59 37.81
N LYS E 730 6.70 22.17 37.93
CA LYS E 730 7.58 21.83 39.03
C LYS E 730 7.00 22.17 40.39
N ASP E 731 6.00 23.04 40.44
CA ASP E 731 5.33 23.37 41.70
C ASP E 731 4.44 22.25 42.20
N MET E 732 4.20 21.22 41.39
CA MET E 732 3.39 20.07 41.78
C MET E 732 4.24 18.91 42.29
N LEU E 733 5.56 19.09 42.40
CA LEU E 733 6.43 18.05 42.91
C LEU E 733 6.24 17.89 44.42
N VAL E 734 6.04 16.65 44.85
CA VAL E 734 5.88 16.32 46.26
C VAL E 734 6.85 15.19 46.59
N LYS E 735 7.57 15.35 47.70
CA LYS E 735 8.54 14.34 48.11
C LYS E 735 7.83 13.02 48.40
N ARG E 736 8.47 11.93 48.01
CA ARG E 736 7.89 10.60 48.20
C ARG E 736 7.61 10.35 49.68
N SER E 737 6.34 10.16 50.00
CA SER E 737 5.89 9.96 51.38
C SER E 737 5.56 8.49 51.62
N TYR E 738 5.33 8.17 52.89
CA TYR E 738 4.99 6.81 53.31
C TYR E 738 3.71 6.88 54.13
N LYS E 739 2.65 6.22 53.66
CA LYS E 739 1.37 6.21 54.35
C LYS E 739 1.35 5.17 55.45
N GLU F 34 46.47 35.94 -20.80
CA GLU F 34 45.96 37.03 -21.62
C GLU F 34 45.14 36.48 -22.79
N PRO F 35 44.23 37.29 -23.33
CA PRO F 35 43.45 36.85 -24.49
C PRO F 35 44.28 36.84 -25.76
N MET F 36 44.57 35.64 -26.29
CA MET F 36 45.37 35.53 -27.49
C MET F 36 44.74 36.31 -28.64
N LYS F 37 45.57 36.99 -29.41
CA LYS F 37 45.09 37.83 -30.50
C LYS F 37 44.45 36.99 -31.59
N ASN F 38 43.51 37.60 -32.31
CA ASN F 38 42.77 36.96 -33.38
C ASN F 38 43.17 37.61 -34.71
N MET F 39 43.64 36.78 -35.64
CA MET F 39 43.96 37.22 -37.00
C MET F 39 43.10 36.53 -38.04
N ASP F 40 42.93 35.21 -37.94
CA ASP F 40 42.11 34.45 -38.88
C ASP F 40 41.37 33.37 -38.09
N MET F 41 40.56 32.60 -38.81
CA MET F 41 39.75 31.57 -38.16
C MET F 41 40.61 30.54 -37.43
N LYS F 42 41.79 30.22 -37.98
CA LYS F 42 42.70 29.33 -37.29
C LYS F 42 43.16 29.92 -35.96
N SER F 43 43.46 31.22 -35.96
CA SER F 43 43.79 31.90 -34.72
C SER F 43 42.61 31.90 -33.76
N LYS F 44 41.40 32.06 -34.28
CA LYS F 44 40.21 31.98 -33.42
C LYS F 44 40.11 30.61 -32.76
N GLU F 45 40.32 29.56 -33.54
CA GLU F 45 40.29 28.20 -32.99
C GLU F 45 41.35 28.02 -31.92
N MET F 46 42.56 28.53 -32.18
CA MET F 46 43.63 28.43 -31.19
C MET F 46 43.26 29.15 -29.90
N CYS F 47 42.68 30.35 -30.02
CA CYS F 47 42.27 31.10 -28.85
C CYS F 47 41.21 30.35 -28.06
N ILE F 48 40.20 29.81 -28.76
CA ILE F 48 39.13 29.08 -28.08
C ILE F 48 39.70 27.85 -27.37
N LEU F 49 40.61 27.13 -28.04
CA LEU F 49 41.21 25.96 -27.42
C LEU F 49 42.00 26.35 -26.18
N LYS F 50 42.73 27.47 -26.24
CA LYS F 50 43.43 27.96 -25.05
C LYS F 50 42.46 28.26 -23.92
N LEU F 51 41.32 28.88 -24.23
CA LEU F 51 40.34 29.18 -23.20
C LEU F 51 39.73 27.94 -22.59
N MET F 52 39.73 26.81 -23.30
CA MET F 52 39.12 25.57 -22.83
C MET F 52 40.11 24.60 -22.22
N ASN F 53 41.36 24.99 -22.04
CA ASN F 53 42.42 24.07 -21.63
C ASN F 53 42.60 24.10 -20.12
N HIS F 54 42.64 22.93 -19.50
CA HIS F 54 42.81 22.75 -18.06
C HIS F 54 41.97 23.76 -17.28
N ILE F 55 40.65 23.67 -17.49
CA ILE F 55 39.72 24.61 -16.86
C ILE F 55 39.79 24.51 -15.35
N LEU F 56 40.19 23.36 -14.81
CA LEU F 56 40.25 23.20 -13.36
C LEU F 56 41.26 24.16 -12.74
N GLN F 57 42.28 24.56 -13.51
CA GLN F 57 43.36 25.44 -13.04
C GLN F 57 43.45 26.62 -13.98
N PRO F 58 42.54 27.59 -13.87
CA PRO F 58 42.55 28.74 -14.79
C PRO F 58 43.61 29.76 -14.40
N THR F 59 44.64 29.89 -15.24
CA THR F 59 45.68 30.88 -15.03
C THR F 59 46.68 30.84 -16.18
N LYS F 69 42.14 41.39 -14.97
CA LYS F 69 43.36 41.56 -15.75
C LYS F 69 43.49 43.00 -16.21
N ALA F 70 44.39 43.26 -17.16
CA ALA F 70 44.66 44.62 -17.62
C ALA F 70 43.47 45.26 -18.30
N TRP F 71 42.47 44.48 -18.71
CA TRP F 71 41.30 44.99 -19.41
C TRP F 71 40.17 45.12 -18.38
N VAL F 72 39.98 46.34 -17.86
CA VAL F 72 38.95 46.58 -16.86
C VAL F 72 37.58 46.41 -17.50
N LEU F 73 36.72 45.66 -16.83
CA LEU F 73 35.37 45.40 -17.35
C LEU F 73 34.45 46.59 -17.14
N GLU F 74 34.47 47.18 -15.93
CA GLU F 74 33.55 48.26 -15.60
C GLU F 74 33.81 49.52 -16.42
N GLU F 75 35.02 49.68 -16.96
CA GLU F 75 35.38 50.88 -17.71
C GLU F 75 35.21 50.70 -19.21
N ASN F 76 34.66 49.57 -19.65
CA ASN F 76 34.44 49.27 -21.06
C ASN F 76 32.97 48.94 -21.31
N GLU F 77 32.06 49.71 -20.69
CA GLU F 77 30.64 49.46 -20.90
C GLU F 77 30.23 49.71 -22.34
N ASP F 78 30.82 50.71 -22.99
CA ASP F 78 30.47 51.04 -24.36
C ASP F 78 30.85 49.94 -25.35
N LYS F 79 31.66 48.97 -24.93
CA LYS F 79 32.08 47.88 -25.82
C LYS F 79 31.00 46.82 -26.01
N TYR F 80 29.79 47.03 -25.49
CA TYR F 80 28.71 46.07 -25.60
C TYR F 80 27.47 46.75 -26.17
N MET F 81 26.66 45.96 -26.88
CA MET F 81 25.46 46.51 -27.53
C MET F 81 24.40 46.88 -26.51
N LYS F 82 24.27 46.10 -25.42
CA LYS F 82 23.25 46.33 -24.41
C LYS F 82 23.92 46.76 -23.11
N MET F 83 23.56 47.94 -22.61
CA MET F 83 24.10 48.43 -21.35
C MET F 83 23.47 47.68 -20.17
N GLU F 84 22.20 47.32 -20.29
CA GLU F 84 21.50 46.67 -19.18
C GLU F 84 22.15 45.36 -18.82
N ALA F 85 22.55 44.57 -19.82
CA ALA F 85 23.15 43.27 -19.54
C ALA F 85 24.47 43.42 -18.79
N VAL F 86 25.33 44.34 -19.24
CA VAL F 86 26.62 44.52 -18.59
C VAL F 86 26.43 45.05 -17.16
N LYS F 87 25.52 46.00 -16.98
CA LYS F 87 25.28 46.52 -15.64
C LYS F 87 24.75 45.42 -14.72
N GLU F 88 23.82 44.60 -15.20
CA GLU F 88 23.28 43.52 -14.40
C GLU F 88 24.38 42.54 -14.02
N PHE F 89 25.23 42.18 -14.98
CA PHE F 89 26.31 41.26 -14.69
C PHE F 89 27.26 41.83 -13.65
N ILE F 90 27.59 43.12 -13.78
CA ILE F 90 28.51 43.75 -12.83
C ILE F 90 27.91 43.72 -11.43
N ASN F 91 26.63 44.08 -11.31
CA ASN F 91 25.98 44.07 -10.00
C ASN F 91 25.97 42.67 -9.41
N THR F 92 25.60 41.68 -10.21
CA THR F 92 25.55 40.30 -9.72
C THR F 92 26.92 39.81 -9.29
N TYR F 93 27.96 40.11 -10.08
CA TYR F 93 29.30 39.70 -9.73
C TYR F 93 29.77 40.37 -8.44
N LYS F 94 29.48 41.66 -8.28
CA LYS F 94 29.82 42.33 -7.03
C LYS F 94 29.08 41.70 -5.85
N MET F 95 27.87 41.22 -6.07
CA MET F 95 27.12 40.56 -5.00
C MET F 95 27.57 39.12 -4.77
N GLY F 96 28.43 38.57 -5.62
CA GLY F 96 28.91 37.21 -5.45
C GLY F 96 28.18 36.22 -6.34
N MET F 97 28.92 35.23 -6.87
CA MET F 97 28.38 34.22 -7.76
C MET F 97 28.83 32.84 -7.28
N LEU F 98 28.54 31.83 -8.11
CA LEU F 98 28.88 30.46 -7.78
C LEU F 98 30.40 30.31 -7.62
N PRO F 99 30.89 29.81 -6.49
CA PRO F 99 32.35 29.63 -6.35
C PRO F 99 32.89 28.60 -7.33
N ARG F 100 34.15 28.79 -7.71
CA ARG F 100 34.80 27.84 -8.62
C ARG F 100 34.97 26.47 -7.99
N GLY F 101 34.87 26.37 -6.66
CA GLY F 101 34.99 25.11 -5.96
C GLY F 101 33.71 24.32 -5.83
N GLU F 102 32.62 24.78 -6.45
CA GLU F 102 31.34 24.07 -6.46
C GLU F 102 31.07 23.55 -7.86
N VAL F 103 29.93 22.85 -8.00
CA VAL F 103 29.53 22.24 -9.25
CA VAL F 103 29.53 22.24 -9.25
C VAL F 103 28.38 23.03 -9.85
N PHE F 104 28.46 23.31 -11.14
CA PHE F 104 27.42 24.01 -11.88
C PHE F 104 26.37 23.00 -12.35
N VAL F 105 25.12 23.25 -11.99
CA VAL F 105 24.01 22.33 -12.27
C VAL F 105 23.15 22.93 -13.36
N HIS F 106 22.90 22.14 -14.41
CA HIS F 106 22.20 22.65 -15.58
C HIS F 106 20.75 22.99 -15.26
N MET F 107 20.11 22.22 -14.39
CA MET F 107 18.68 22.37 -14.12
C MET F 107 18.41 23.04 -12.77
N ASP F 108 19.31 23.90 -12.30
CA ASP F 108 19.10 24.69 -11.10
C ASP F 108 18.79 26.13 -11.48
N HIS F 109 17.69 26.66 -10.95
CA HIS F 109 17.20 27.96 -11.41
C HIS F 109 18.22 29.06 -11.15
N LYS F 110 18.82 29.07 -9.96
CA LYS F 110 19.83 30.10 -9.65
C LYS F 110 21.03 29.96 -10.58
N HIS F 111 21.51 28.72 -10.77
CA HIS F 111 22.68 28.50 -11.61
C HIS F 111 22.41 28.92 -13.05
N VAL F 112 21.24 28.55 -13.58
CA VAL F 112 20.93 28.92 -14.96
CA VAL F 112 20.90 28.92 -14.95
C VAL F 112 20.73 30.43 -15.07
N GLU F 113 20.20 31.07 -14.04
CA GLU F 113 20.07 32.53 -14.08
C GLU F 113 21.44 33.18 -14.21
N GLU F 114 22.39 32.75 -13.38
CA GLU F 114 23.74 33.30 -13.46
C GLU F 114 24.38 32.99 -14.82
N ALA F 115 24.18 31.77 -15.32
CA ALA F 115 24.73 31.39 -16.61
C ALA F 115 24.16 32.23 -17.73
N VAL F 116 22.86 32.55 -17.65
CA VAL F 116 22.22 33.36 -18.67
C VAL F 116 22.75 34.79 -18.61
N LYS F 117 23.01 35.31 -17.40
CA LYS F 117 23.64 36.62 -17.30
C LYS F 117 25.01 36.61 -17.97
N VAL F 118 25.81 35.58 -17.71
CA VAL F 118 27.13 35.49 -18.34
C VAL F 118 27.00 35.38 -19.85
N PHE F 119 26.05 34.59 -20.33
CA PHE F 119 25.84 34.44 -21.76
C PHE F 119 25.43 35.76 -22.40
N LYS F 120 24.56 36.52 -21.73
CA LYS F 120 24.19 37.84 -22.25
C LYS F 120 25.40 38.76 -22.31
N LEU F 121 26.26 38.71 -21.29
CA LEU F 121 27.48 39.50 -21.33
C LEU F 121 28.34 39.14 -22.54
N LEU F 122 28.50 37.84 -22.80
CA LEU F 122 29.36 37.41 -23.90
C LEU F 122 28.74 37.72 -25.26
N TYR F 123 27.41 37.54 -25.39
CA TYR F 123 26.77 37.58 -26.69
C TYR F 123 26.78 38.98 -27.30
N PHE F 124 26.58 40.01 -26.47
CA PHE F 124 26.41 41.37 -26.96
C PHE F 124 27.74 42.11 -27.12
N ALA F 125 28.86 41.40 -27.18
CA ALA F 125 30.13 42.04 -27.50
C ALA F 125 30.09 42.55 -28.93
N ASN F 126 30.63 43.76 -29.14
CA ASN F 126 30.53 44.39 -30.45
C ASN F 126 31.23 43.56 -31.53
N ASP F 127 32.45 43.09 -31.23
CA ASP F 127 33.25 42.39 -32.22
C ASP F 127 33.95 41.21 -31.55
N PHE F 128 34.72 40.46 -32.35
CA PHE F 128 35.35 39.25 -31.85
C PHE F 128 36.46 39.55 -30.86
N ASP F 129 37.17 40.67 -31.02
CA ASP F 129 38.23 41.03 -30.08
C ASP F 129 37.65 41.27 -28.70
N VAL F 130 36.57 42.03 -28.60
CA VAL F 130 35.91 42.27 -27.32
C VAL F 130 35.39 40.96 -26.75
N PHE F 131 34.88 40.08 -27.61
CA PHE F 131 34.39 38.79 -27.15
C PHE F 131 35.52 37.97 -26.53
N LEU F 132 36.68 37.93 -27.19
CA LEU F 132 37.82 37.20 -26.67
C LEU F 132 38.30 37.79 -25.34
N LYS F 133 38.38 39.11 -25.26
CA LYS F 133 38.84 39.74 -24.03
C LYS F 133 37.87 39.48 -22.87
N THR F 134 36.57 39.56 -23.14
CA THR F 134 35.58 39.26 -22.11
C THR F 134 35.67 37.80 -21.68
N ALA F 135 35.85 36.89 -22.63
CA ALA F 135 35.98 35.47 -22.28
C ALA F 135 37.22 35.24 -21.42
N CYS F 136 38.33 35.86 -21.77
CA CYS F 136 39.55 35.72 -20.97
C CYS F 136 39.34 36.28 -19.56
N TRP F 137 38.65 37.42 -19.46
CA TRP F 137 38.35 37.99 -18.15
C TRP F 137 37.50 37.04 -17.32
N LEU F 138 36.50 36.42 -17.94
CA LEU F 138 35.60 35.52 -17.22
C LEU F 138 36.32 34.24 -16.80
N ARG F 139 37.23 33.74 -17.65
CA ARG F 139 37.83 32.43 -17.42
C ARG F 139 38.45 32.33 -16.03
N GLU F 140 39.06 33.40 -15.53
CA GLU F 140 39.76 33.39 -14.26
C GLU F 140 38.97 34.10 -13.16
N ARG F 141 37.66 34.22 -13.31
CA ARG F 141 36.83 34.89 -12.32
C ARG F 141 35.64 34.06 -11.86
N ILE F 142 35.02 33.30 -12.76
CA ILE F 142 33.76 32.61 -12.44
C ILE F 142 33.96 31.11 -12.49
N ASN F 143 32.89 30.37 -12.17
CA ASN F 143 32.94 28.92 -12.15
C ASN F 143 33.28 28.37 -13.54
N GLY F 144 34.11 27.32 -13.57
CA GLY F 144 34.55 26.78 -14.85
C GLY F 144 33.42 26.20 -15.67
N GLY F 145 32.55 25.41 -15.03
CA GLY F 145 31.46 24.80 -15.75
C GLY F 145 30.49 25.83 -16.32
N MET F 146 30.13 26.83 -15.52
CA MET F 146 29.25 27.89 -16.00
C MET F 146 29.90 28.66 -17.15
N PHE F 147 31.20 28.93 -17.02
CA PHE F 147 31.92 29.64 -18.09
C PHE F 147 31.91 28.83 -19.38
N VAL F 148 32.16 27.52 -19.29
CA VAL F 148 32.15 26.69 -20.48
C VAL F 148 30.76 26.65 -21.10
N TYR F 149 29.73 26.52 -20.26
CA TYR F 149 28.35 26.51 -20.76
C TYR F 149 28.05 27.79 -21.53
N ALA F 150 28.32 28.95 -20.92
CA ALA F 150 28.03 30.23 -21.56
C ALA F 150 28.83 30.40 -22.84
N LEU F 151 30.13 30.05 -22.80
CA LEU F 151 30.97 30.22 -23.98
C LEU F 151 30.50 29.32 -25.12
N THR F 152 30.13 28.08 -24.83
CA THR F 152 29.62 27.19 -25.87
C THR F 152 28.33 27.74 -26.46
N ALA F 153 27.43 28.24 -25.63
CA ALA F 153 26.19 28.82 -26.14
C ALA F 153 26.49 30.00 -27.05
N ALA F 154 27.39 30.88 -26.60
CA ALA F 154 27.73 32.05 -27.41
C ALA F 154 28.34 31.66 -28.75
N ILE F 155 29.25 30.68 -28.74
CA ILE F 155 29.86 30.23 -29.98
C ILE F 155 28.80 29.64 -30.91
N PHE F 156 27.86 28.88 -30.33
CA PHE F 156 26.79 28.31 -31.15
C PHE F 156 25.91 29.38 -31.76
N HIS F 157 25.68 30.49 -31.05
CA HIS F 157 24.71 31.48 -31.49
C HIS F 157 25.32 32.81 -31.95
N ARG F 158 26.64 32.97 -31.86
CA ARG F 158 27.29 34.17 -32.39
C ARG F 158 27.52 34.01 -33.89
N SER F 159 27.14 35.05 -34.65
CA SER F 159 27.26 34.98 -36.11
C SER F 159 28.72 35.01 -36.57
N ASP F 160 29.60 35.66 -35.80
CA ASP F 160 30.99 35.80 -36.17
C ASP F 160 31.86 34.63 -35.71
N CYS F 161 31.26 33.63 -35.06
CA CYS F 161 31.98 32.44 -34.62
C CYS F 161 31.91 31.31 -35.62
N SER F 162 31.38 31.56 -36.82
CA SER F 162 31.31 30.53 -37.84
C SER F 162 32.71 30.05 -38.22
N GLY F 163 32.80 28.75 -38.50
CA GLY F 163 34.08 28.17 -38.90
C GLY F 163 35.04 27.90 -37.77
N ILE F 164 34.54 27.72 -36.55
CA ILE F 164 35.38 27.47 -35.37
C ILE F 164 35.04 26.10 -34.83
N LYS F 165 36.07 25.27 -34.64
CA LYS F 165 35.92 23.96 -34.05
C LYS F 165 36.26 24.03 -32.57
N ILE F 166 35.52 23.28 -31.76
CA ILE F 166 35.73 23.26 -30.31
C ILE F 166 35.90 21.82 -29.85
N PRO F 167 36.61 21.57 -28.75
CA PRO F 167 36.77 20.20 -28.27
C PRO F 167 35.46 19.64 -27.75
N ALA F 168 35.37 18.31 -27.78
CA ALA F 168 34.17 17.63 -27.32
C ALA F 168 33.97 17.88 -25.82
N PRO F 169 32.72 17.87 -25.34
CA PRO F 169 32.50 18.17 -23.92
C PRO F 169 33.22 17.20 -22.98
N TYR F 170 33.34 15.92 -23.36
CA TYR F 170 34.05 14.98 -22.50
C TYR F 170 35.55 15.26 -22.45
N GLU F 171 36.10 15.90 -23.48
CA GLU F 171 37.50 16.32 -23.41
C GLU F 171 37.69 17.47 -22.43
N ILE F 172 36.77 18.44 -22.44
CA ILE F 172 36.89 19.59 -21.55
C ILE F 172 36.70 19.16 -20.09
N TYR F 173 35.63 18.40 -19.83
CA TYR F 173 35.25 18.01 -18.47
C TYR F 173 34.93 16.52 -18.48
N PRO F 174 35.96 15.66 -18.43
CA PRO F 174 35.70 14.21 -18.49
C PRO F 174 34.89 13.69 -17.32
N TYR F 175 34.80 14.45 -16.22
CA TYR F 175 34.12 13.95 -15.03
C TYR F 175 32.69 13.50 -15.32
N LEU F 176 32.01 14.21 -16.21
CA LEU F 176 30.60 13.93 -16.49
C LEU F 176 30.39 12.83 -17.52
N PHE F 177 31.46 12.25 -18.06
CA PHE F 177 31.35 11.23 -19.09
C PHE F 177 32.15 9.96 -18.81
N VAL F 178 33.15 9.99 -17.94
CA VAL F 178 34.02 8.86 -17.68
C VAL F 178 33.72 8.32 -16.28
N ASP F 179 33.71 7.00 -16.17
CA ASP F 179 33.40 6.35 -14.90
C ASP F 179 34.40 6.76 -13.83
N SER F 180 33.94 6.77 -12.58
CA SER F 180 34.75 7.28 -11.48
C SER F 180 36.02 6.45 -11.27
N ASN F 181 35.92 5.13 -11.41
CA ASN F 181 37.07 4.28 -11.15
C ASN F 181 38.22 4.55 -12.12
N ILE F 182 37.89 4.83 -13.38
CA ILE F 182 38.93 5.14 -14.37
C ILE F 182 39.67 6.41 -13.97
N LEU F 183 38.93 7.44 -13.56
CA LEU F 183 39.56 8.68 -13.13
C LEU F 183 40.38 8.48 -11.86
N HIS F 184 39.90 7.60 -10.96
CA HIS F 184 40.68 7.29 -9.77
C HIS F 184 42.01 6.64 -10.12
N LYS F 185 41.98 5.70 -11.08
CA LYS F 185 43.22 5.08 -11.53
C LYS F 185 44.14 6.10 -12.20
N ALA F 186 43.58 7.02 -12.98
CA ALA F 186 44.39 8.08 -13.57
C ALA F 186 45.03 8.94 -12.49
N PHE F 187 44.27 9.28 -11.44
CA PHE F 187 44.85 10.05 -10.33
C PHE F 187 45.95 9.27 -9.64
N MET F 188 45.78 7.96 -9.45
CA MET F 188 46.82 7.15 -8.84
C MET F 188 48.09 7.18 -9.68
N MET F 189 47.95 7.02 -11.00
CA MET F 189 49.12 7.06 -11.87
C MET F 189 49.80 8.42 -11.83
N LYS F 190 49.00 9.50 -11.82
CA LYS F 190 49.57 10.84 -11.73
C LYS F 190 50.33 11.04 -10.43
N MET F 191 49.75 10.59 -9.31
CA MET F 191 50.41 10.75 -8.02
C MET F 191 51.70 9.94 -7.95
N SER F 192 51.67 8.70 -8.45
CA SER F 192 52.85 7.84 -8.40
C SER F 192 53.78 8.05 -9.59
N LYS F 193 53.41 8.90 -10.55
CA LYS F 193 54.20 9.12 -11.75
C LYS F 193 54.52 7.79 -12.43
N ALA F 194 53.49 6.95 -12.55
CA ALA F 194 53.60 5.65 -13.22
C ALA F 194 54.60 4.74 -12.51
N ALA F 195 54.36 4.52 -11.22
CA ALA F 195 55.14 3.60 -10.42
C ALA F 195 54.35 2.38 -9.95
N MET F 196 53.17 2.16 -10.55
CA MET F 196 52.34 1.04 -10.14
C MET F 196 53.03 -0.29 -10.42
N ASP F 197 52.86 -1.26 -9.52
CA ASP F 197 53.52 -2.53 -9.66
C ASP F 197 52.90 -3.35 -10.80
N PRO F 198 53.65 -4.30 -11.36
CA PRO F 198 53.12 -5.05 -12.52
C PRO F 198 51.81 -5.76 -12.24
N VAL F 199 51.63 -6.32 -11.04
CA VAL F 199 50.43 -7.10 -10.76
C VAL F 199 49.19 -6.20 -10.84
N MET F 200 49.27 -5.02 -10.21
CA MET F 200 48.12 -4.11 -10.23
C MET F 200 47.81 -3.63 -11.64
N LYS F 201 48.84 -3.28 -12.41
CA LYS F 201 48.62 -2.82 -13.77
C LYS F 201 47.99 -3.92 -14.63
N ASN F 202 48.47 -5.16 -14.49
CA ASN F 202 47.90 -6.26 -15.24
C ASN F 202 46.44 -6.50 -14.86
N TYR F 203 46.14 -6.44 -13.56
CA TYR F 203 44.75 -6.65 -13.13
C TYR F 203 43.85 -5.55 -13.66
N TYR F 204 44.31 -4.29 -13.60
CA TYR F 204 43.51 -3.17 -14.07
C TYR F 204 43.67 -2.91 -15.56
N GLY F 205 44.60 -3.58 -16.23
CA GLY F 205 44.80 -3.35 -17.65
C GLY F 205 45.43 -2.01 -17.99
N ILE F 206 46.23 -1.47 -17.08
CA ILE F 206 46.89 -0.18 -17.29
C ILE F 206 48.26 -0.43 -17.89
N LYS F 207 48.63 0.39 -18.87
CA LYS F 207 49.94 0.29 -19.50
C LYS F 207 50.49 1.70 -19.74
N VAL F 208 51.80 1.76 -19.95
CA VAL F 208 52.50 2.99 -20.30
C VAL F 208 53.15 2.78 -21.66
N LYS F 209 52.77 3.62 -22.63
CA LYS F 209 53.27 3.54 -23.99
C LYS F 209 54.28 4.65 -24.21
N ASP F 210 55.48 4.28 -24.67
CA ASP F 210 56.57 5.19 -25.02
C ASP F 210 57.01 6.06 -23.85
N ASN F 211 56.69 5.67 -22.61
CA ASN F 211 56.95 6.49 -21.43
C ASN F 211 56.38 7.88 -21.57
N SER F 212 55.35 8.04 -22.42
CA SER F 212 54.72 9.33 -22.65
C SER F 212 53.21 9.29 -22.59
N MET F 213 52.58 8.11 -22.71
CA MET F 213 51.14 7.98 -22.63
C MET F 213 50.78 6.91 -21.60
N VAL F 214 49.70 7.15 -20.86
CA VAL F 214 49.17 6.18 -19.91
C VAL F 214 47.80 5.76 -20.42
N ILE F 215 47.63 4.46 -20.65
CA ILE F 215 46.41 3.91 -21.22
C ILE F 215 45.76 3.02 -20.16
N ILE F 216 44.52 3.33 -19.81
CA ILE F 216 43.75 2.58 -18.83
C ILE F 216 42.57 1.93 -19.55
N ASP F 217 42.52 0.61 -19.51
CA ASP F 217 41.40 -0.11 -20.13
C ASP F 217 40.12 0.18 -19.39
N TRP F 218 39.04 0.39 -20.16
CA TRP F 218 37.74 0.78 -19.61
C TRP F 218 36.69 -0.23 -20.08
N ARG F 219 36.21 -1.06 -19.16
CA ARG F 219 35.15 -2.02 -19.43
C ARG F 219 34.06 -1.83 -18.39
N LYS F 220 32.80 -1.79 -18.86
CA LYS F 220 31.69 -1.47 -17.97
C LYS F 220 31.59 -2.47 -16.81
N GLY F 221 31.37 -3.74 -17.13
CA GLY F 221 31.19 -4.75 -16.10
C GLY F 221 29.75 -4.82 -15.61
N LEU F 222 29.56 -5.63 -14.58
CA LEU F 222 28.24 -5.88 -14.02
C LEU F 222 28.16 -5.64 -12.51
N ARG F 223 29.22 -5.10 -11.90
CA ARG F 223 29.22 -4.88 -10.46
C ARG F 223 28.29 -3.76 -10.03
N HIS F 224 27.83 -2.91 -10.95
CA HIS F 224 26.89 -1.84 -10.65
C HIS F 224 25.49 -2.16 -11.15
N THR F 225 25.20 -3.42 -11.47
CA THR F 225 23.90 -3.78 -12.02
C THR F 225 22.79 -3.49 -11.02
N MET F 226 21.70 -2.91 -11.52
CA MET F 226 20.51 -2.66 -10.73
C MET F 226 19.25 -3.28 -11.32
N SER F 227 19.16 -3.41 -12.64
CA SER F 227 18.00 -3.99 -13.30
C SER F 227 18.40 -4.43 -14.70
N GLU F 228 17.47 -5.10 -15.39
CA GLU F 228 17.74 -5.58 -16.75
C GLU F 228 17.98 -4.43 -17.72
N PHE F 229 17.50 -3.22 -17.40
CA PHE F 229 17.72 -2.08 -18.28
C PHE F 229 19.20 -1.89 -18.57
N ASP F 230 20.06 -2.11 -17.58
CA ASP F 230 21.49 -1.92 -17.75
C ASP F 230 22.07 -2.79 -18.86
N ARG F 231 21.33 -3.78 -19.35
CA ARG F 231 21.81 -4.58 -20.47
C ARG F 231 22.02 -3.76 -21.72
N THR F 232 21.45 -2.55 -21.79
CA THR F 232 21.67 -1.64 -22.92
C THR F 232 22.62 -0.50 -22.55
N SER F 233 23.45 -0.71 -21.52
CA SER F 233 24.31 0.36 -21.04
C SER F 233 25.28 0.84 -22.11
N TYR F 234 25.67 -0.04 -23.03
CA TYR F 234 26.60 0.37 -24.08
C TYR F 234 26.00 1.42 -25.00
N PHE F 235 24.67 1.56 -25.01
CA PHE F 235 24.00 2.57 -25.81
C PHE F 235 23.65 3.82 -25.00
N THR F 236 23.02 3.64 -23.84
CA THR F 236 22.59 4.79 -23.04
C THR F 236 23.78 5.58 -22.49
N GLU F 237 24.85 4.90 -22.11
CA GLU F 237 26.01 5.54 -21.51
C GLU F 237 27.07 5.94 -22.53
N ASP F 238 26.78 5.77 -23.82
CA ASP F 238 27.73 6.18 -24.85
C ASP F 238 27.95 7.69 -24.77
N ILE F 239 29.22 8.09 -24.86
CA ILE F 239 29.56 9.51 -24.72
C ILE F 239 28.94 10.32 -25.85
N ASP F 240 28.90 9.76 -27.05
CA ASP F 240 28.40 10.51 -28.20
C ASP F 240 26.91 10.80 -28.09
N LEU F 241 26.12 9.86 -27.52
CA LEU F 241 24.69 10.11 -27.37
C LEU F 241 24.44 11.27 -26.40
N ASN F 242 25.13 11.27 -25.27
CA ASN F 242 24.98 12.37 -24.31
C ASN F 242 25.46 13.68 -24.91
N THR F 243 26.55 13.64 -25.68
CA THR F 243 27.01 14.85 -26.36
C THR F 243 25.98 15.33 -27.37
N TYR F 244 25.31 14.41 -28.05
CA TYR F 244 24.28 14.78 -29.00
C TYR F 244 23.12 15.49 -28.29
N LEU F 245 22.70 14.96 -27.14
CA LEU F 245 21.65 15.66 -26.39
C LEU F 245 22.12 17.02 -25.91
N TYR F 246 23.37 17.11 -25.46
CA TYR F 246 23.91 18.38 -24.99
C TYR F 246 23.93 19.42 -26.10
N TYR F 247 24.34 19.02 -27.31
CA TYR F 247 24.36 19.94 -28.43
C TYR F 247 22.95 20.24 -28.94
N MET F 248 22.01 19.31 -28.77
CA MET F 248 20.61 19.62 -29.04
C MET F 248 20.12 20.74 -28.13
N HIS F 249 20.46 20.65 -26.83
CA HIS F 249 20.10 21.71 -25.90
C HIS F 249 20.77 23.03 -26.28
N MET F 250 22.05 22.97 -26.65
CA MET F 250 22.78 24.19 -26.99
C MET F 250 22.20 24.85 -28.24
N SER F 251 21.78 24.04 -29.21
CA SER F 251 21.24 24.59 -30.45
C SER F 251 19.96 25.36 -30.20
N TYR F 252 19.09 24.84 -29.33
CA TYR F 252 17.79 25.45 -29.03
C TYR F 252 17.60 25.55 -27.53
N PRO F 253 18.31 26.47 -26.86
CA PRO F 253 18.12 26.64 -25.42
C PRO F 253 16.69 27.06 -25.09
N TYR F 254 16.18 26.53 -23.97
CA TYR F 254 14.83 26.89 -23.56
C TYR F 254 14.74 28.30 -23.01
N TRP F 255 15.85 28.82 -22.48
CA TRP F 255 15.87 30.17 -21.91
C TRP F 255 16.09 31.26 -22.97
N MET F 256 16.27 30.88 -24.23
CA MET F 256 16.40 31.84 -25.32
C MET F 256 15.03 31.99 -25.98
N ASN F 257 14.28 33.00 -25.55
CA ASN F 257 12.90 33.21 -25.99
C ASN F 257 12.66 34.67 -26.32
N GLU F 258 13.59 35.29 -27.04
CA GLU F 258 13.49 36.69 -27.44
C GLU F 258 13.56 36.81 -28.96
N ASP F 259 12.85 37.81 -29.49
CA ASP F 259 12.75 37.97 -30.93
C ASP F 259 14.10 38.28 -31.57
N MET F 260 15.00 38.93 -30.82
CA MET F 260 16.26 39.37 -31.41
C MET F 260 17.08 38.20 -31.92
N TYR F 261 17.09 37.09 -31.17
CA TYR F 261 17.90 35.94 -31.57
C TYR F 261 17.41 35.37 -32.89
N ARG F 262 18.36 34.96 -33.73
CA ARG F 262 18.01 34.44 -35.05
C ARG F 262 17.32 33.09 -34.97
N VAL F 263 17.63 32.28 -33.94
CA VAL F 263 17.05 30.96 -33.84
C VAL F 263 15.54 31.00 -33.75
N ASN F 264 14.96 32.14 -33.35
CA ASN F 264 13.51 32.27 -33.30
C ASN F 264 12.88 32.11 -34.67
N LYS F 265 13.65 32.28 -35.75
CA LYS F 265 13.13 32.14 -37.10
C LYS F 265 13.34 30.76 -37.68
N GLU F 266 13.78 29.79 -36.87
CA GLU F 266 13.97 28.41 -37.31
C GLU F 266 12.88 27.51 -36.74
N ARG F 267 12.87 26.25 -37.21
CA ARG F 267 11.94 25.24 -36.72
C ARG F 267 12.53 24.55 -35.48
N ARG F 268 12.77 25.35 -34.45
CA ARG F 268 13.48 24.86 -33.27
C ARG F 268 12.64 23.85 -32.49
N GLY F 269 11.38 24.18 -32.21
CA GLY F 269 10.57 23.32 -31.37
C GLY F 269 10.33 21.96 -32.01
N GLU F 270 9.96 21.95 -33.29
CA GLU F 270 9.72 20.69 -33.98
C GLU F 270 11.00 19.87 -34.08
N ALA F 271 12.14 20.54 -34.31
CA ALA F 271 13.41 19.82 -34.37
C ALA F 271 13.73 19.16 -33.03
N MET F 272 13.53 19.89 -31.93
CA MET F 272 13.80 19.32 -30.61
C MET F 272 12.89 18.14 -30.32
N TRP F 273 11.59 18.30 -30.61
CA TRP F 273 10.65 17.22 -30.37
C TRP F 273 10.99 15.99 -31.21
N TYR F 274 11.33 16.20 -32.48
CA TYR F 274 11.67 15.07 -33.34
C TYR F 274 12.96 14.41 -32.90
N GLY F 275 13.92 15.18 -32.38
CA GLY F 275 15.11 14.57 -31.81
C GLY F 275 14.79 13.66 -30.65
N TYR F 276 13.94 14.13 -29.72
CA TYR F 276 13.54 13.29 -28.61
C TYR F 276 12.82 12.03 -29.10
N GLN F 277 11.90 12.20 -30.06
CA GLN F 277 11.14 11.06 -30.57
C GLN F 277 12.05 10.04 -31.25
N GLN F 278 13.01 10.51 -32.03
CA GLN F 278 13.94 9.60 -32.70
C GLN F 278 14.84 8.89 -31.70
N LEU F 279 15.26 9.59 -30.64
CA LEU F 279 16.03 8.93 -29.60
C LEU F 279 15.22 7.82 -28.94
N GLN F 280 13.94 8.09 -28.65
CA GLN F 280 13.09 7.05 -28.06
C GLN F 280 12.94 5.86 -29.01
N ALA F 281 12.73 6.13 -30.30
CA ALA F 281 12.60 5.04 -31.27
C ALA F 281 13.88 4.22 -31.37
N ARG F 282 15.03 4.88 -31.35
CA ARG F 282 16.30 4.18 -31.41
C ARG F 282 16.48 3.30 -30.18
N LEU F 283 16.14 3.81 -29.00
CA LEU F 283 16.22 2.98 -27.80
C LEU F 283 15.26 1.80 -27.89
N ARG F 284 14.07 2.01 -28.48
CA ARG F 284 13.13 0.92 -28.68
C ARG F 284 13.76 -0.18 -29.54
N LEU F 285 14.39 0.20 -30.64
CA LEU F 285 15.05 -0.80 -31.49
C LEU F 285 16.17 -1.51 -30.74
N GLU F 286 16.97 -0.77 -29.98
CA GLU F 286 18.07 -1.38 -29.25
C GLU F 286 17.54 -2.38 -28.22
N ARG F 287 16.46 -2.03 -27.52
CA ARG F 287 15.88 -2.96 -26.56
C ARG F 287 15.31 -4.18 -27.25
N LEU F 288 14.65 -4.00 -28.40
CA LEU F 288 14.16 -5.16 -29.16
C LEU F 288 15.30 -6.08 -29.54
N SER F 289 16.48 -5.52 -29.83
CA SER F 289 17.62 -6.38 -30.12
C SER F 289 17.92 -7.33 -28.97
N HIS F 290 17.56 -6.96 -27.74
CA HIS F 290 17.76 -7.79 -26.57
C HIS F 290 16.47 -8.48 -26.11
N HIS F 291 15.46 -8.53 -26.97
CA HIS F 291 14.22 -9.24 -26.66
C HIS F 291 13.51 -8.62 -25.46
N MET F 292 13.54 -7.29 -25.37
CA MET F 292 12.87 -6.56 -24.30
C MET F 292 11.78 -5.68 -24.89
N CYS F 293 10.66 -5.58 -24.17
CA CYS F 293 9.50 -4.84 -24.64
C CYS F 293 9.72 -3.34 -24.51
N ASP F 294 8.84 -2.57 -25.12
CA ASP F 294 8.93 -1.12 -25.11
C ASP F 294 8.69 -0.58 -23.69
N LEU F 295 9.34 0.53 -23.39
CA LEU F 295 9.20 1.14 -22.07
C LEU F 295 7.79 1.67 -21.86
N LYS F 296 7.36 1.69 -20.58
CA LYS F 296 6.05 2.19 -20.20
C LYS F 296 6.18 3.57 -19.57
N PRO F 297 5.17 4.43 -19.70
CA PRO F 297 5.22 5.73 -19.03
C PRO F 297 5.30 5.57 -17.52
N LEU F 298 6.07 6.45 -16.88
CA LEU F 298 6.19 6.41 -15.43
C LEU F 298 4.89 6.90 -14.79
N ASP F 299 4.50 6.23 -13.70
CA ASP F 299 3.28 6.57 -12.96
C ASP F 299 3.72 7.37 -11.73
N LEU F 300 3.51 8.68 -11.77
CA LEU F 300 3.89 9.53 -10.65
C LEU F 300 3.13 9.17 -9.38
N ASP F 301 1.99 8.51 -9.50
CA ASP F 301 1.23 8.03 -8.34
C ASP F 301 1.72 6.67 -7.85
N GLY F 302 2.68 6.06 -8.53
CA GLY F 302 3.18 4.75 -8.15
C GLY F 302 4.66 4.76 -7.81
N THR F 303 5.37 3.71 -8.24
CA THR F 303 6.78 3.55 -7.94
C THR F 303 7.58 3.38 -9.22
N LEU F 304 8.85 3.75 -9.15
CA LEU F 304 9.81 3.56 -10.25
C LEU F 304 10.60 2.30 -9.99
N ASP F 305 10.31 1.24 -10.76
CA ASP F 305 10.93 -0.05 -10.51
C ASP F 305 12.43 0.00 -10.77
N GLU F 306 12.85 0.69 -11.82
CA GLU F 306 14.24 0.64 -12.27
C GLU F 306 15.08 1.65 -11.50
N GLY F 307 16.03 1.14 -10.72
CA GLY F 307 17.06 1.98 -10.13
C GLY F 307 18.20 2.21 -11.09
N TYR F 308 19.19 2.97 -10.63
CA TYR F 308 20.35 3.27 -11.47
C TYR F 308 21.54 3.65 -10.62
N TRP F 309 22.73 3.28 -11.09
CA TRP F 309 24.00 3.61 -10.44
C TRP F 309 24.78 4.57 -11.33
N PRO F 310 24.85 5.86 -10.99
CA PRO F 310 25.49 6.81 -11.93
C PRO F 310 26.94 6.50 -12.27
N LYS F 311 27.77 6.19 -11.27
CA LYS F 311 29.20 5.99 -11.48
C LYS F 311 29.86 7.26 -12.00
N ILE F 312 29.41 8.41 -11.50
CA ILE F 312 29.89 9.71 -11.94
C ILE F 312 30.57 10.40 -10.76
N LEU F 313 31.79 10.85 -10.97
CA LEU F 313 32.55 11.62 -9.98
C LEU F 313 32.56 13.09 -10.36
N LEU F 314 32.37 13.96 -9.37
CA LEU F 314 32.44 15.39 -9.55
C LEU F 314 33.76 15.92 -9.02
N HIS F 315 34.23 17.04 -9.58
CA HIS F 315 35.52 17.58 -9.20
C HIS F 315 35.56 18.05 -7.76
N THR F 316 34.42 18.19 -7.10
CA THR F 316 34.37 18.51 -5.67
C THR F 316 34.70 17.33 -4.79
N GLY F 317 34.75 16.11 -5.34
CA GLY F 317 35.03 14.92 -4.57
C GLY F 317 33.82 14.08 -4.22
N ASP F 318 32.62 14.49 -4.64
CA ASP F 318 31.39 13.76 -4.37
C ASP F 318 30.86 13.13 -5.65
N GLU F 319 30.24 11.96 -5.51
CA GLU F 319 29.65 11.25 -6.63
C GLU F 319 28.14 11.44 -6.64
N MET F 320 27.56 11.29 -7.83
CA MET F 320 26.12 11.37 -7.95
C MET F 320 25.47 10.23 -7.16
N PRO F 321 24.43 10.49 -6.36
CA PRO F 321 23.87 9.44 -5.51
C PRO F 321 23.22 8.32 -6.32
N VAL F 322 23.24 7.13 -5.75
CA VAL F 322 22.60 5.96 -6.32
C VAL F 322 21.15 5.92 -5.87
N ARG F 323 20.25 5.53 -6.78
CA ARG F 323 18.84 5.37 -6.48
C ARG F 323 18.50 3.88 -6.45
N TYR F 324 17.96 3.42 -5.34
CA TYR F 324 17.58 2.02 -5.22
C TYR F 324 16.33 1.72 -6.05
N ASN F 325 16.09 0.43 -6.27
CA ASN F 325 14.92 0.00 -7.00
C ASN F 325 13.65 0.18 -6.15
N LYS F 326 12.52 0.29 -6.85
CA LYS F 326 11.20 0.35 -6.21
C LYS F 326 11.09 1.60 -5.33
N MET F 327 11.29 2.76 -5.93
CA MET F 327 11.16 4.03 -5.24
C MET F 327 9.82 4.68 -5.56
N LYS F 328 9.14 5.14 -4.52
CA LYS F 328 7.88 5.86 -4.68
C LYS F 328 8.18 7.29 -5.12
N LEU F 329 7.66 7.68 -6.28
CA LEU F 329 8.03 8.95 -6.89
C LEU F 329 7.55 10.13 -6.06
N THR F 330 6.28 10.12 -5.66
CA THR F 330 5.68 11.24 -4.93
C THR F 330 5.77 10.98 -3.43
N ASN F 331 6.30 11.96 -2.70
CA ASN F 331 6.44 11.87 -1.26
C ASN F 331 6.16 13.24 -0.64
N GLU F 332 6.26 13.31 0.69
CA GLU F 332 5.93 14.54 1.40
C GLU F 332 6.93 15.66 1.10
N ASN F 333 8.17 15.32 0.79
CA ASN F 333 9.20 16.33 0.59
C ASN F 333 9.13 17.01 -0.78
N ASN F 334 8.33 16.48 -1.72
CA ASN F 334 8.25 17.06 -3.06
C ASN F 334 6.81 17.33 -3.50
N ILE F 335 5.83 17.21 -2.59
CA ILE F 335 4.43 17.36 -2.98
C ILE F 335 4.22 18.68 -3.70
N LYS F 336 4.75 19.77 -3.12
CA LYS F 336 4.70 21.07 -3.78
C LYS F 336 5.02 20.94 -5.26
N TYR F 337 6.22 20.47 -5.56
CA TYR F 337 6.65 20.39 -6.96
C TYR F 337 5.70 19.53 -7.77
N ARG F 338 5.24 18.41 -7.20
CA ARG F 338 4.28 17.57 -7.90
C ARG F 338 3.11 18.41 -8.38
N LEU F 339 2.52 19.19 -7.48
CA LEU F 339 1.40 20.05 -7.87
C LEU F 339 1.77 20.90 -9.07
N LEU F 340 2.94 21.55 -9.01
CA LEU F 340 3.36 22.40 -10.12
C LEU F 340 3.39 21.60 -11.42
N LEU F 341 3.97 20.40 -11.39
CA LEU F 341 3.98 19.58 -12.59
C LEU F 341 2.57 19.37 -13.12
N GLU F 342 1.64 19.03 -12.23
CA GLU F 342 0.26 18.84 -12.67
C GLU F 342 -0.25 20.08 -13.37
N ASP F 343 0.04 21.26 -12.82
CA ASP F 343 -0.44 22.50 -13.43
C ASP F 343 -0.05 22.57 -14.89
N ASN F 344 1.17 22.14 -15.23
CA ASN F 344 1.57 22.14 -16.63
C ASN F 344 0.70 21.18 -17.44
N LYS F 345 0.59 19.94 -16.97
CA LYS F 345 -0.11 18.93 -17.75
C LYS F 345 -1.53 19.38 -18.08
N ARG F 346 -2.29 19.78 -17.05
CA ARG F 346 -3.65 20.23 -17.28
C ARG F 346 -3.70 21.35 -18.29
N LEU F 347 -2.75 22.28 -18.22
CA LEU F 347 -2.76 23.41 -19.14
C LEU F 347 -2.52 22.94 -20.57
N ILE F 348 -1.66 21.95 -20.76
CA ILE F 348 -1.31 21.51 -22.11
C ILE F 348 -2.41 20.63 -22.69
N ARG F 349 -2.66 19.48 -22.05
CA ARG F 349 -3.60 18.51 -22.60
C ARG F 349 -4.96 19.16 -22.87
N ASP F 350 -5.52 19.84 -21.87
CA ASP F 350 -6.82 20.50 -22.07
C ASP F 350 -6.77 21.41 -23.28
N GLY F 351 -5.71 22.20 -23.42
CA GLY F 351 -5.61 23.08 -24.58
C GLY F 351 -5.67 22.31 -25.87
N ILE F 352 -4.93 21.20 -25.95
CA ILE F 352 -4.95 20.38 -27.16
C ILE F 352 -6.37 19.89 -27.43
N LYS F 353 -7.11 19.55 -26.37
CA LYS F 353 -8.49 19.12 -26.55
C LYS F 353 -9.38 20.27 -26.96
N LYS F 354 -9.10 21.48 -26.48
CA LYS F 354 -9.94 22.65 -26.79
C LYS F 354 -9.48 23.40 -28.02
N GLY F 355 -8.32 23.08 -28.58
CA GLY F 355 -7.85 23.69 -29.80
C GLY F 355 -7.17 25.04 -29.63
N HIS F 356 -7.04 25.54 -28.40
CA HIS F 356 -6.38 26.81 -28.17
C HIS F 356 -5.89 26.87 -26.73
N MET F 357 -4.92 27.74 -26.49
CA MET F 357 -4.37 27.96 -25.16
C MET F 357 -4.29 29.46 -24.88
N ALA F 358 -4.69 29.85 -23.67
CA ALA F 358 -4.60 31.23 -23.23
C ALA F 358 -3.33 31.40 -22.41
N MET F 359 -2.51 32.38 -22.78
CA MET F 359 -1.21 32.60 -22.17
C MET F 359 -1.28 33.76 -21.18
N HIS F 360 -0.35 33.74 -20.22
CA HIS F 360 -0.36 34.76 -19.16
C HIS F 360 -0.10 36.15 -19.71
N ASP F 361 0.65 36.25 -20.82
CA ASP F 361 0.94 37.56 -21.40
C ASP F 361 -0.27 38.19 -22.07
N GLY F 362 -1.37 37.45 -22.22
CA GLY F 362 -2.58 37.97 -22.82
C GLY F 362 -2.81 37.58 -24.27
N THR F 363 -2.10 36.59 -24.79
CA THR F 363 -2.24 36.14 -26.16
C THR F 363 -2.83 34.73 -26.20
N THR F 364 -3.62 34.46 -27.23
CA THR F 364 -4.21 33.16 -27.45
C THR F 364 -3.49 32.46 -28.59
N VAL F 365 -3.06 31.22 -28.35
CA VAL F 365 -2.32 30.42 -29.32
C VAL F 365 -3.24 29.32 -29.83
N SER F 366 -3.43 29.28 -31.14
CA SER F 366 -4.29 28.26 -31.75
C SER F 366 -3.56 26.92 -31.82
N LEU F 367 -4.33 25.85 -31.64
CA LEU F 367 -3.80 24.49 -31.69
C LEU F 367 -4.71 23.60 -32.52
N LYS F 368 -5.18 24.11 -33.65
CA LYS F 368 -6.09 23.39 -34.54
C LYS F 368 -5.44 22.92 -35.82
N LYS F 369 -4.63 23.77 -36.46
CA LYS F 369 -4.01 23.45 -37.74
C LYS F 369 -2.75 22.62 -37.52
N PRO F 370 -2.37 21.78 -38.50
CA PRO F 370 -1.13 21.01 -38.33
C PRO F 370 0.10 21.88 -38.12
N ASP F 371 0.20 22.99 -38.87
CA ASP F 371 1.37 23.85 -38.76
C ASP F 371 1.51 24.49 -37.39
N ASP F 372 0.44 24.48 -36.59
CA ASP F 372 0.53 24.97 -35.22
C ASP F 372 1.43 24.11 -34.35
N ILE F 373 1.80 22.91 -34.81
CA ILE F 373 2.66 22.02 -34.02
C ILE F 373 3.86 22.80 -33.47
N GLU F 374 4.49 23.61 -34.32
CA GLU F 374 5.66 24.36 -33.88
C GLU F 374 5.37 25.14 -32.60
N ASN F 375 4.30 25.93 -32.62
CA ASN F 375 3.92 26.69 -31.42
C ASN F 375 3.79 25.76 -30.23
N LEU F 376 3.05 24.65 -30.40
CA LEU F 376 2.89 23.70 -29.31
C LEU F 376 4.26 23.30 -28.75
N CYS F 377 5.18 22.95 -29.64
CA CYS F 377 6.50 22.54 -29.18
C CYS F 377 7.17 23.66 -28.39
N ARG F 378 7.10 24.89 -28.90
CA ARG F 378 7.70 26.00 -28.19
C ARG F 378 7.06 26.20 -26.82
N ILE F 379 5.78 25.86 -26.69
CA ILE F 379 5.12 25.94 -25.39
C ILE F 379 5.65 24.84 -24.47
N VAL F 380 5.90 23.66 -25.01
CA VAL F 380 6.31 22.53 -24.18
C VAL F 380 7.82 22.51 -23.95
N LEU F 381 8.61 22.69 -25.01
CA LEU F 381 10.06 22.58 -24.92
C LEU F 381 10.76 23.94 -24.83
N GLY F 382 10.00 25.04 -24.72
CA GLY F 382 10.58 26.36 -24.58
C GLY F 382 10.80 27.04 -25.92
N GLY F 383 11.11 28.33 -25.83
CA GLY F 383 11.35 29.15 -27.00
C GLY F 383 10.17 30.01 -27.42
N PHE F 384 9.06 29.96 -26.70
CA PHE F 384 7.91 30.78 -27.04
C PHE F 384 8.18 32.25 -26.70
N VAL F 385 7.90 33.13 -27.66
CA VAL F 385 8.16 34.56 -27.51
C VAL F 385 6.85 35.23 -27.09
N SER F 386 6.87 35.90 -25.94
CA SER F 386 5.72 36.61 -25.43
C SER F 386 5.77 38.07 -25.90
N LYS F 387 4.88 38.90 -25.35
CA LYS F 387 4.88 40.31 -25.70
C LYS F 387 6.19 40.97 -25.29
N ASP F 388 6.57 42.02 -26.03
CA ASP F 388 7.86 42.66 -25.80
C ASP F 388 7.96 43.22 -24.38
N ASP F 389 6.90 43.88 -23.92
CA ASP F 389 6.90 44.47 -22.59
C ASP F 389 6.68 43.45 -21.48
N HIS F 390 6.26 42.24 -21.81
CA HIS F 390 6.03 41.23 -20.78
C HIS F 390 7.35 40.77 -20.16
N LYS F 391 7.31 40.51 -18.86
CA LYS F 391 8.47 40.00 -18.15
C LYS F 391 7.99 39.04 -17.07
N GLY F 392 8.90 38.15 -16.66
CA GLY F 392 8.62 37.19 -15.61
C GLY F 392 8.29 35.82 -16.15
N LYS F 393 7.92 34.94 -15.22
CA LYS F 393 7.57 33.57 -15.58
C LYS F 393 6.33 33.53 -16.46
N SER F 394 6.27 32.52 -17.31
CA SER F 394 5.15 32.30 -18.21
C SER F 394 4.18 31.30 -17.57
N SER F 395 3.18 30.88 -18.35
CA SER F 395 2.19 29.94 -17.84
C SER F 395 2.82 28.59 -17.49
N ILE F 396 3.76 28.14 -18.31
CA ILE F 396 4.39 26.84 -18.14
C ILE F 396 5.74 27.03 -17.47
N TRP F 397 5.94 26.36 -16.34
CA TRP F 397 7.21 26.39 -15.62
C TRP F 397 8.09 25.23 -16.07
N ARG F 398 9.39 25.42 -15.92
CA ARG F 398 10.38 24.47 -16.42
C ARG F 398 11.28 23.99 -15.28
N ASN F 399 12.04 22.94 -15.57
CA ASN F 399 12.97 22.35 -14.61
C ASN F 399 12.22 21.88 -13.35
N LEU F 400 11.23 21.01 -13.57
CA LEU F 400 10.42 20.47 -12.51
C LEU F 400 10.41 18.94 -12.47
N ALA F 401 10.63 18.27 -13.61
CA ALA F 401 10.56 16.81 -13.63
C ALA F 401 11.63 16.18 -12.75
N LYS F 402 12.83 16.76 -12.74
CA LYS F 402 13.92 16.17 -11.97
C LYS F 402 13.56 15.97 -10.50
N THR F 403 12.68 16.83 -9.97
CA THR F 403 12.32 16.72 -8.55
C THR F 403 11.64 15.40 -8.23
N MET F 404 11.03 14.75 -9.21
CA MET F 404 10.38 13.46 -8.98
C MET F 404 11.38 12.31 -8.85
N LEU F 405 12.64 12.52 -9.27
CA LEU F 405 13.66 11.48 -9.18
C LEU F 405 14.79 11.84 -8.22
N SER F 406 14.71 13.00 -7.57
CA SER F 406 15.81 13.46 -6.72
C SER F 406 15.74 12.80 -5.34
N TYR F 407 16.86 12.89 -4.63
CA TYR F 407 16.95 12.39 -3.26
C TYR F 407 16.30 13.30 -2.24
N GLY F 408 16.04 14.56 -2.59
CA GLY F 408 15.44 15.50 -1.68
C GLY F 408 15.46 16.92 -2.20
N THR F 409 14.63 17.79 -1.62
CA THR F 409 14.55 19.19 -2.02
C THR F 409 15.12 20.13 -0.97
N TYR F 410 15.79 19.60 0.06
CA TYR F 410 16.27 20.44 1.15
C TYR F 410 17.30 21.45 0.67
N ASN F 411 18.23 21.03 -0.19
CA ASN F 411 19.35 21.86 -0.60
C ASN F 411 19.16 22.45 -1.99
N MET F 412 17.96 22.39 -2.55
CA MET F 412 17.71 22.96 -3.87
C MET F 412 17.91 24.47 -3.84
N GLY F 413 18.40 25.02 -4.95
CA GLY F 413 18.64 26.44 -5.06
C GLY F 413 19.83 26.94 -4.29
N LYS F 414 20.81 26.07 -4.00
CA LYS F 414 22.00 26.43 -3.25
C LYS F 414 23.24 26.09 -4.05
N TYR F 415 24.34 26.78 -3.74
CA TYR F 415 25.60 26.56 -4.42
C TYR F 415 26.20 25.19 -4.11
N THR F 416 25.72 24.51 -3.06
CA THR F 416 26.28 23.23 -2.63
C THR F 416 25.41 22.05 -3.02
N TYR F 417 24.41 22.25 -3.88
CA TYR F 417 23.53 21.16 -4.28
C TYR F 417 24.29 20.13 -5.08
N ILE F 418 24.18 18.86 -4.69
CA ILE F 418 24.82 17.75 -5.39
C ILE F 418 23.84 17.26 -6.46
N PRO F 419 24.17 17.35 -7.74
CA PRO F 419 23.20 16.97 -8.77
C PRO F 419 23.05 15.47 -8.91
N THR F 420 21.91 15.07 -9.48
CA THR F 420 21.66 13.70 -9.87
C THR F 420 21.90 13.56 -11.38
N ALA F 421 21.64 12.35 -11.89
CA ALA F 421 21.81 12.12 -13.33
C ALA F 421 20.86 12.99 -14.14
N ALA F 422 19.62 13.15 -13.66
CA ALA F 422 18.63 13.95 -14.38
C ALA F 422 18.91 15.45 -14.30
N ASP F 423 19.86 15.88 -13.47
CA ASP F 423 20.15 17.30 -13.30
C ASP F 423 21.00 17.88 -14.42
N MET F 424 21.56 17.05 -15.30
CA MET F 424 22.46 17.51 -16.34
C MET F 424 22.02 16.96 -17.69
N TYR F 425 22.08 17.82 -18.72
CA TYR F 425 21.77 17.37 -20.07
C TYR F 425 22.77 16.33 -20.56
N SER F 426 23.98 16.33 -20.01
CA SER F 426 25.02 15.40 -20.43
C SER F 426 24.94 14.05 -19.72
N THR F 427 24.01 13.89 -18.77
CA THR F 427 23.84 12.62 -18.08
C THR F 427 22.38 12.18 -17.97
N ALA F 428 21.44 12.95 -18.54
CA ALA F 428 20.03 12.60 -18.40
C ALA F 428 19.71 11.27 -19.05
N LEU F 429 20.25 11.02 -20.25
CA LEU F 429 19.92 9.80 -20.98
C LEU F 429 20.45 8.54 -20.30
N ARG F 430 21.32 8.67 -19.29
CA ARG F 430 21.82 7.50 -18.57
C ARG F 430 20.79 6.92 -17.62
N ASP F 431 19.78 7.70 -17.22
CA ASP F 431 18.82 7.28 -16.22
C ASP F 431 17.55 6.77 -16.89
N PRO F 432 17.12 5.54 -16.65
CA PRO F 432 15.85 5.08 -17.25
C PRO F 432 14.65 5.92 -16.86
N GLY F 433 14.68 6.53 -15.68
CA GLY F 433 13.59 7.40 -15.28
C GLY F 433 13.36 8.54 -16.26
N MET F 434 14.45 9.10 -16.79
CA MET F 434 14.31 10.15 -17.80
C MET F 434 13.66 9.62 -19.07
N TRP F 435 14.00 8.40 -19.48
CA TRP F 435 13.35 7.81 -20.65
C TRP F 435 11.86 7.62 -20.41
N LYS F 436 11.50 7.15 -19.22
CA LYS F 436 10.08 7.01 -18.91
C LYS F 436 9.37 8.36 -18.88
N MET F 437 10.05 9.39 -18.37
CA MET F 437 9.47 10.73 -18.40
C MET F 437 9.25 11.21 -19.83
N LEU F 438 10.21 10.93 -20.72
CA LEU F 438 10.04 11.29 -22.13
C LEU F 438 8.86 10.54 -22.73
N LYS F 439 8.71 9.26 -22.38
CA LYS F 439 7.56 8.50 -22.87
C LYS F 439 6.26 9.13 -22.40
N LEU F 440 6.21 9.56 -21.14
CA LEU F 440 5.02 10.23 -20.63
C LEU F 440 4.75 11.53 -21.38
N ILE F 441 5.80 12.31 -21.64
CA ILE F 441 5.64 13.60 -22.31
C ILE F 441 5.19 13.41 -23.75
N SER F 442 5.59 12.31 -24.39
CA SER F 442 5.23 12.11 -25.80
C SER F 442 3.72 12.01 -26.00
N GLU F 443 2.97 11.77 -24.94
CA GLU F 443 1.51 11.67 -25.05
C GLU F 443 0.91 12.96 -25.57
N TYR F 444 1.47 14.11 -25.17
CA TYR F 444 0.96 15.38 -25.66
C TYR F 444 0.98 15.43 -27.18
N PHE F 445 2.13 15.14 -27.78
CA PHE F 445 2.27 15.21 -29.23
C PHE F 445 1.45 14.11 -29.91
N ILE F 446 1.38 12.93 -29.30
CA ILE F 446 0.57 11.85 -29.87
C ILE F 446 -0.89 12.29 -29.94
N MET F 447 -1.39 12.88 -28.86
CA MET F 447 -2.77 13.38 -28.83
C MET F 447 -2.97 14.47 -29.89
N PHE F 448 -2.03 15.41 -29.97
CA PHE F 448 -2.18 16.50 -30.93
C PHE F 448 -2.23 15.97 -32.36
N LYS F 449 -1.36 15.03 -32.69
CA LYS F 449 -1.37 14.47 -34.04
C LYS F 449 -2.61 13.63 -34.29
N GLU F 450 -3.13 12.94 -33.26
CA GLU F 450 -4.35 12.17 -33.43
C GLU F 450 -5.55 13.08 -33.67
N MET F 451 -5.52 14.30 -33.11
CA MET F 451 -6.61 15.25 -33.36
C MET F 451 -6.62 15.75 -34.80
N LEU F 452 -5.49 15.65 -35.50
CA LEU F 452 -5.41 16.14 -36.87
C LEU F 452 -6.01 15.12 -37.85
N PRO F 453 -6.43 15.57 -39.02
CA PRO F 453 -6.88 14.62 -40.06
C PRO F 453 -5.73 13.76 -40.55
N LYS F 454 -6.08 12.54 -40.96
CA LYS F 454 -5.08 11.61 -41.48
C LYS F 454 -4.56 12.08 -42.84
N TYR F 455 -3.34 11.66 -43.15
CA TYR F 455 -2.76 11.97 -44.46
C TYR F 455 -3.62 11.38 -45.57
N THR F 456 -3.90 12.19 -46.58
CA THR F 456 -4.67 11.73 -47.72
C THR F 456 -3.77 11.03 -48.73
N ARG F 457 -4.39 10.22 -49.58
CA ARG F 457 -3.62 9.50 -50.60
C ARG F 457 -2.94 10.46 -51.55
N GLU F 458 -3.52 11.64 -51.78
CA GLU F 458 -2.89 12.62 -52.64
C GLU F 458 -1.57 13.12 -52.06
N GLU F 459 -1.55 13.37 -50.75
CA GLU F 459 -0.31 13.83 -50.11
C GLU F 459 0.75 12.74 -50.11
N LEU F 460 0.36 11.48 -49.93
CA LEU F 460 1.29 10.37 -49.86
C LEU F 460 1.74 9.86 -51.21
N ASP F 461 1.11 10.30 -52.30
CA ASP F 461 1.35 9.75 -53.62
C ASP F 461 2.23 10.69 -54.44
N PHE F 462 3.07 10.09 -55.30
CA PHE F 462 3.90 10.83 -56.26
C PHE F 462 3.53 10.30 -57.64
N PRO F 463 2.59 10.94 -58.33
CA PRO F 463 2.15 10.41 -59.63
C PRO F 463 3.30 10.27 -60.60
N GLY F 464 3.31 9.15 -61.33
CA GLY F 464 4.33 8.89 -62.32
C GLY F 464 5.65 8.37 -61.78
N VAL F 465 5.75 8.16 -60.46
CA VAL F 465 6.99 7.70 -59.84
C VAL F 465 6.67 6.47 -58.99
N LYS F 466 7.42 5.40 -59.20
CA LYS F 466 7.27 4.18 -58.43
C LYS F 466 8.64 3.60 -58.11
N ILE F 467 8.73 2.91 -56.99
CA ILE F 467 9.96 2.26 -56.57
C ILE F 467 9.94 0.82 -57.07
N GLU F 468 10.94 0.43 -57.87
CA GLU F 468 11.00 -0.91 -58.39
C GLU F 468 11.44 -1.91 -57.32
N GLN F 469 12.61 -1.67 -56.72
CA GLN F 469 13.10 -2.54 -55.67
C GLN F 469 14.12 -1.80 -54.82
N VAL F 470 14.36 -2.35 -53.62
CA VAL F 470 15.33 -1.82 -52.68
C VAL F 470 16.20 -2.98 -52.22
N THR F 471 17.51 -2.78 -52.21
CA THR F 471 18.45 -3.80 -51.78
C THR F 471 19.52 -3.17 -50.90
N THR F 472 20.14 -4.00 -50.05
CA THR F 472 21.18 -3.52 -49.16
C THR F 472 22.24 -4.61 -49.00
N ASP F 473 23.44 -4.18 -48.66
CA ASP F 473 24.51 -5.10 -48.32
C ASP F 473 24.30 -5.63 -46.90
N LYS F 474 25.12 -6.62 -46.53
CA LYS F 474 24.99 -7.23 -45.22
C LYS F 474 25.21 -6.20 -44.13
N LEU F 475 24.33 -6.19 -43.13
CA LEU F 475 24.43 -5.28 -41.99
C LEU F 475 25.06 -6.05 -40.83
N VAL F 476 26.24 -5.60 -40.38
CA VAL F 476 27.01 -6.28 -39.36
C VAL F 476 27.49 -5.26 -38.33
N THR F 477 27.43 -5.64 -37.06
CA THR F 477 27.89 -4.81 -35.96
C THR F 477 28.92 -5.56 -35.13
N PHE F 478 29.75 -4.81 -34.41
CA PHE F 478 30.80 -5.38 -33.57
C PHE F 478 31.29 -4.32 -32.61
N MET F 479 31.95 -4.78 -31.55
CA MET F 479 32.51 -3.89 -30.54
C MET F 479 34.00 -3.67 -30.82
N ASP F 480 34.45 -2.43 -30.65
CA ASP F 480 35.84 -2.08 -30.92
C ASP F 480 36.27 -0.97 -29.97
N GLU F 481 37.58 -0.76 -29.91
CA GLU F 481 38.18 0.16 -28.94
C GLU F 481 38.22 1.59 -29.49
N TYR F 482 38.19 2.54 -28.56
CA TYR F 482 38.28 3.96 -28.89
C TYR F 482 38.98 4.67 -27.73
N ASP F 483 39.92 5.56 -28.06
CA ASP F 483 40.71 6.26 -27.06
C ASP F 483 40.09 7.61 -26.74
N VAL F 484 39.92 7.89 -25.44
CA VAL F 484 39.38 9.15 -24.96
C VAL F 484 40.47 9.86 -24.15
N ASP F 485 40.72 11.12 -24.49
CA ASP F 485 41.72 11.92 -23.79
C ASP F 485 41.10 12.49 -22.52
N ILE F 486 41.64 12.11 -21.37
CA ILE F 486 41.12 12.56 -20.08
C ILE F 486 42.21 13.32 -19.33
N THR F 487 43.13 13.93 -20.08
CA THR F 487 44.24 14.62 -19.44
C THR F 487 43.76 15.83 -18.64
N ASN F 488 42.65 16.45 -19.04
CA ASN F 488 42.15 17.62 -18.33
C ASN F 488 41.57 17.26 -16.96
N ALA F 489 41.37 15.97 -16.66
CA ALA F 489 40.83 15.59 -15.37
C ALA F 489 41.86 15.71 -14.25
N VAL F 490 43.13 15.50 -14.55
CA VAL F 490 44.18 15.53 -13.52
C VAL F 490 44.62 16.96 -13.30
N TYR F 491 45.30 17.19 -12.18
CA TYR F 491 45.80 18.50 -11.80
C TYR F 491 47.30 18.58 -12.05
N LEU F 492 47.74 19.73 -12.56
CA LEU F 492 49.12 19.92 -13.01
C LEU F 492 49.94 20.62 -11.93
N ASP F 493 51.24 20.32 -11.92
CA ASP F 493 52.18 20.99 -11.03
C ASP F 493 52.65 22.29 -11.68
N HIS F 494 53.49 23.03 -10.96
CA HIS F 494 53.94 24.33 -11.47
C HIS F 494 54.69 24.18 -12.79
N ASP F 495 55.61 23.21 -12.87
CA ASP F 495 56.38 23.02 -14.09
C ASP F 495 55.47 22.66 -15.26
N GLU F 496 54.50 21.77 -15.02
CA GLU F 496 53.54 21.44 -16.06
C GLU F 496 52.69 22.64 -16.44
N MET F 497 52.31 23.45 -15.46
CA MET F 497 51.50 24.63 -15.75
C MET F 497 52.25 25.60 -16.64
N GLN F 498 53.55 25.79 -16.39
CA GLN F 498 54.33 26.71 -17.22
C GLN F 498 54.35 26.25 -18.68
N LYS F 499 54.45 24.95 -18.91
CA LYS F 499 54.46 24.40 -20.27
C LYS F 499 53.07 24.21 -20.84
N HIS F 500 52.02 24.47 -20.07
CA HIS F 500 50.64 24.34 -20.53
C HIS F 500 50.38 22.94 -21.08
N ARG F 501 50.93 21.94 -20.40
CA ARG F 501 50.75 20.56 -20.83
C ARG F 501 51.26 19.63 -19.74
N SER F 502 50.61 18.47 -19.63
CA SER F 502 51.06 17.43 -18.71
C SER F 502 52.16 16.61 -19.37
N ASP F 503 53.23 16.33 -18.63
CA ASP F 503 54.35 15.58 -19.18
C ASP F 503 53.92 14.20 -19.69
N MET F 504 52.83 13.66 -19.17
CA MET F 504 52.31 12.37 -19.60
C MET F 504 50.84 12.51 -19.98
N MET F 505 50.46 11.88 -21.09
CA MET F 505 49.08 11.86 -21.53
C MET F 505 48.35 10.68 -20.91
N TYR F 506 47.11 10.91 -20.49
CA TYR F 506 46.26 9.88 -19.87
C TYR F 506 45.08 9.60 -20.79
N VAL F 507 44.90 8.34 -21.13
CA VAL F 507 43.91 7.92 -22.12
C VAL F 507 43.06 6.79 -21.54
N ALA F 508 41.75 6.88 -21.74
CA ALA F 508 40.82 5.82 -21.38
C ALA F 508 40.47 5.05 -22.65
N ARG F 509 40.70 3.74 -22.64
CA ARG F 509 40.46 2.89 -23.80
C ARG F 509 39.09 2.26 -23.65
N MET F 510 38.07 2.97 -24.13
CA MET F 510 36.69 2.52 -24.01
C MET F 510 36.36 1.51 -25.11
N HIS F 511 35.37 0.67 -24.84
CA HIS F 511 34.86 -0.28 -25.81
C HIS F 511 33.47 0.16 -26.23
N ARG F 512 33.27 0.36 -27.54
CA ARG F 512 32.07 0.96 -28.08
C ARG F 512 31.57 0.17 -29.27
N LEU F 513 30.29 0.33 -29.56
CA LEU F 513 29.67 -0.30 -30.72
C LEU F 513 30.21 0.31 -32.01
N ASN F 514 30.07 -0.44 -33.10
CA ASN F 514 30.47 0.02 -34.42
C ASN F 514 29.85 -0.92 -35.44
N HIS F 515 29.82 -0.50 -36.69
CA HIS F 515 29.24 -1.29 -37.76
C HIS F 515 30.10 -1.16 -39.01
N GLN F 516 30.00 -2.17 -39.88
CA GLN F 516 30.73 -2.18 -41.13
C GLN F 516 30.02 -1.31 -42.17
N PRO F 517 30.75 -0.79 -43.15
CA PRO F 517 30.11 -0.01 -44.22
C PRO F 517 29.13 -0.86 -45.01
N PHE F 518 28.07 -0.21 -45.50
CA PHE F 518 27.07 -0.88 -46.31
C PHE F 518 26.47 0.11 -47.30
N LYS F 519 25.86 -0.43 -48.36
CA LYS F 519 25.25 0.36 -49.41
C LYS F 519 23.76 0.08 -49.48
N ILE F 520 23.00 1.09 -49.88
CA ILE F 520 21.57 0.97 -50.14
C ILE F 520 21.34 1.32 -51.61
N THR F 521 20.71 0.40 -52.34
CA THR F 521 20.44 0.58 -53.76
C THR F 521 18.94 0.60 -53.97
N ILE F 522 18.45 1.63 -54.67
CA ILE F 522 17.03 1.83 -54.93
C ILE F 522 16.82 1.98 -56.43
N ASP F 523 15.84 1.27 -56.97
CA ASP F 523 15.48 1.38 -58.38
C ASP F 523 14.15 2.10 -58.49
N VAL F 524 14.11 3.19 -59.25
CA VAL F 524 12.94 4.06 -59.35
C VAL F 524 12.61 4.28 -60.82
N ALA F 525 11.34 4.14 -61.17
CA ALA F 525 10.86 4.42 -62.52
C ALA F 525 10.10 5.75 -62.51
N SER F 526 10.50 6.65 -63.40
CA SER F 526 9.93 8.00 -63.45
C SER F 526 9.52 8.33 -64.87
N ASP F 527 8.30 8.85 -65.02
CA ASP F 527 7.83 9.29 -66.33
C ASP F 527 8.44 10.63 -66.75
N LYS F 528 8.77 11.48 -65.79
CA LYS F 528 9.26 12.83 -66.05
C LYS F 528 10.57 13.05 -65.30
N ALA F 529 11.25 14.13 -65.66
CA ALA F 529 12.46 14.56 -64.97
C ALA F 529 12.09 15.61 -63.94
N VAL F 530 12.38 15.35 -62.67
CA VAL F 530 11.89 16.19 -61.58
C VAL F 530 12.78 16.01 -60.36
N GLU F 531 12.85 17.06 -59.53
CA GLU F 531 13.54 16.98 -58.25
C GLU F 531 12.65 16.27 -57.24
N CYS F 532 13.28 15.44 -56.39
CA CYS F 532 12.54 14.65 -55.42
C CYS F 532 13.33 14.57 -54.11
N VAL F 533 12.61 14.26 -53.04
CA VAL F 533 13.17 14.02 -51.73
C VAL F 533 12.97 12.54 -51.39
N VAL F 534 14.04 11.87 -50.99
CA VAL F 534 14.03 10.45 -50.66
C VAL F 534 14.30 10.31 -49.17
N ARG F 535 13.45 9.55 -48.49
CA ARG F 535 13.57 9.27 -47.07
C ARG F 535 13.67 7.77 -46.86
N VAL F 536 14.61 7.37 -45.99
CA VAL F 536 14.87 5.98 -45.67
C VAL F 536 14.81 5.83 -44.15
N PHE F 537 13.91 4.95 -43.68
CA PHE F 537 13.68 4.68 -42.27
C PHE F 537 14.03 3.23 -41.96
N LEU F 538 14.37 2.98 -40.70
CA LEU F 538 14.56 1.63 -40.18
C LEU F 538 13.66 1.44 -38.97
N GLY F 539 13.02 0.27 -38.88
CA GLY F 539 12.08 0.01 -37.81
C GLY F 539 11.93 -1.46 -37.49
N PRO F 540 11.11 -1.77 -36.49
CA PRO F 540 10.98 -3.14 -36.03
C PRO F 540 10.20 -4.01 -37.00
N LYS F 541 10.46 -5.31 -36.91
CA LYS F 541 9.72 -6.34 -37.64
C LYS F 541 8.82 -7.17 -36.75
N LEU F 542 9.24 -7.44 -35.52
CA LEU F 542 8.46 -8.20 -34.55
C LEU F 542 8.49 -7.50 -33.20
N ASP F 543 7.46 -7.76 -32.41
CA ASP F 543 7.40 -7.25 -31.04
C ASP F 543 8.13 -8.21 -30.11
N CYS F 544 8.18 -7.88 -28.82
CA CYS F 544 8.88 -8.72 -27.86
C CYS F 544 8.20 -10.07 -27.67
N MET F 545 6.93 -10.20 -28.08
CA MET F 545 6.21 -11.46 -28.00
C MET F 545 6.26 -12.24 -29.31
N GLY F 546 6.96 -11.74 -30.33
CA GLY F 546 7.07 -12.44 -31.59
C GLY F 546 5.95 -12.19 -32.58
N ARG F 547 5.01 -11.31 -32.27
CA ARG F 547 3.93 -11.02 -33.20
C ARG F 547 4.44 -10.19 -34.37
N PHE F 548 3.78 -10.36 -35.52
CA PHE F 548 4.07 -9.55 -36.70
C PHE F 548 3.43 -8.18 -36.52
N THR F 549 4.24 -7.16 -36.34
CA THR F 549 3.74 -5.83 -36.02
C THR F 549 3.08 -5.18 -37.22
N SER F 550 1.98 -4.47 -36.98
CA SER F 550 1.28 -3.73 -38.01
C SER F 550 1.88 -2.32 -38.15
N VAL F 551 1.44 -1.61 -39.18
CA VAL F 551 2.03 -0.31 -39.49
C VAL F 551 1.67 0.71 -38.40
N ASN F 552 0.45 0.64 -37.87
CA ASN F 552 0.03 1.62 -36.87
C ASN F 552 0.87 1.49 -35.60
N ASP F 553 1.17 0.26 -35.17
CA ASP F 553 2.00 0.06 -33.99
C ASP F 553 3.49 0.14 -34.31
N LYS F 554 3.86 0.28 -35.58
CA LYS F 554 5.25 0.48 -35.98
C LYS F 554 5.60 1.94 -36.19
N ARG F 555 4.62 2.79 -36.50
CA ARG F 555 4.91 4.14 -36.98
C ARG F 555 5.71 4.95 -35.97
N ASN F 556 5.44 4.77 -34.68
CA ASN F 556 6.15 5.52 -33.65
C ASN F 556 7.56 5.00 -33.39
N ASP F 557 7.91 3.85 -33.97
CA ASP F 557 9.23 3.24 -33.77
C ASP F 557 10.12 3.32 -35.00
N MET F 558 9.73 4.10 -36.01
CA MET F 558 10.52 4.22 -37.22
C MET F 558 11.58 5.30 -37.05
N VAL F 559 12.83 4.94 -37.35
CA VAL F 559 13.96 5.85 -37.22
C VAL F 559 14.37 6.30 -38.62
N GLU F 560 14.34 7.60 -38.85
CA GLU F 560 14.69 8.18 -40.15
C GLU F 560 16.21 8.17 -40.28
N ILE F 561 16.74 7.09 -40.87
CA ILE F 561 18.19 6.94 -40.95
C ILE F 561 18.80 7.73 -42.08
N ASP F 562 18.03 8.10 -43.12
CA ASP F 562 18.61 8.88 -44.20
C ASP F 562 17.53 9.74 -44.86
N SER F 563 17.96 10.87 -45.42
CA SER F 563 17.08 11.75 -46.16
C SER F 563 17.94 12.62 -47.07
N PHE F 564 17.58 12.69 -48.34
CA PHE F 564 18.41 13.43 -49.29
C PHE F 564 17.61 13.83 -50.52
N LEU F 565 18.12 14.86 -51.21
CA LEU F 565 17.54 15.29 -52.47
C LEU F 565 18.11 14.47 -53.62
N TYR F 566 17.35 14.40 -54.72
CA TYR F 566 17.79 13.69 -55.91
C TYR F 566 17.06 14.26 -57.11
N LYS F 567 17.60 13.97 -58.29
CA LYS F 567 17.02 14.40 -59.56
C LYS F 567 16.67 13.17 -60.37
N LEU F 568 15.37 12.88 -60.49
CA LEU F 568 14.89 11.77 -61.29
C LEU F 568 14.81 12.20 -62.75
N GLU F 569 15.08 11.26 -63.65
CA GLU F 569 15.01 11.47 -65.09
C GLU F 569 14.08 10.44 -65.70
N THR F 570 13.69 10.70 -66.95
CA THR F 570 12.79 9.80 -67.65
C THR F 570 13.39 8.40 -67.72
N GLY F 571 12.58 7.39 -67.41
CA GLY F 571 13.02 6.01 -67.44
C GLY F 571 13.39 5.47 -66.06
N LYS F 572 14.46 4.69 -66.01
CA LYS F 572 14.89 4.03 -64.78
C LYS F 572 16.07 4.77 -64.17
N ASN F 573 16.08 4.87 -62.85
CA ASN F 573 17.13 5.53 -62.09
C ASN F 573 17.58 4.60 -60.97
N THR F 574 18.90 4.46 -60.82
CA THR F 574 19.49 3.63 -59.78
C THR F 574 20.19 4.55 -58.79
N ILE F 575 19.63 4.68 -57.60
CA ILE F 575 20.18 5.52 -56.54
C ILE F 575 20.99 4.63 -55.62
N VAL F 576 22.28 4.94 -55.48
CA VAL F 576 23.19 4.20 -54.62
C VAL F 576 23.65 5.15 -53.51
N ARG F 577 23.37 4.78 -52.27
CA ARG F 577 23.72 5.59 -51.10
C ARG F 577 24.66 4.79 -50.21
N ASP F 578 25.83 5.34 -49.94
CA ASP F 578 26.78 4.73 -49.03
C ASP F 578 26.51 5.22 -47.61
N SER F 579 26.76 4.35 -46.63
CA SER F 579 26.56 4.73 -45.24
C SER F 579 27.43 5.90 -44.84
N LEU F 580 28.60 6.06 -45.47
CA LEU F 580 29.50 7.15 -45.10
C LEU F 580 28.90 8.51 -45.39
N GLU F 581 28.01 8.61 -46.38
CA GLU F 581 27.46 9.88 -46.82
C GLU F 581 26.04 10.12 -46.30
N MET F 582 25.57 9.32 -45.36
CA MET F 582 24.24 9.53 -44.82
C MET F 582 24.17 10.86 -44.07
N ASN F 583 23.01 11.51 -44.17
CA ASN F 583 22.85 12.88 -43.70
C ASN F 583 23.11 12.98 -42.20
N ASN F 584 23.94 13.94 -41.82
CA ASN F 584 24.20 14.27 -40.42
C ASN F 584 24.65 13.05 -39.61
N VAL F 585 25.50 12.21 -40.20
CA VAL F 585 26.13 11.10 -39.50
C VAL F 585 27.63 11.36 -39.52
N ILE F 586 28.25 11.45 -38.36
CA ILE F 586 29.64 11.87 -38.22
C ILE F 586 30.47 10.71 -37.67
N LYS F 587 31.75 10.72 -38.02
CA LYS F 587 32.69 9.74 -37.50
C LYS F 587 33.03 10.07 -36.04
N GLU F 588 33.88 9.23 -35.45
CA GLU F 588 34.32 9.46 -34.08
C GLU F 588 35.09 10.78 -34.01
N ARG F 589 34.83 11.54 -32.95
CA ARG F 589 35.40 12.88 -32.84
C ARG F 589 36.91 12.78 -32.66
N PRO F 590 37.70 13.53 -33.44
CA PRO F 590 39.16 13.48 -33.27
C PRO F 590 39.63 14.26 -32.06
N TRP F 591 40.86 13.95 -31.64
CA TRP F 591 41.46 14.65 -30.52
C TRP F 591 41.70 16.11 -30.87
N SER F 592 41.35 17.00 -29.93
CA SER F 592 41.56 18.43 -30.15
C SER F 592 43.02 18.83 -30.00
N ARG F 593 43.79 18.10 -29.18
CA ARG F 593 45.19 18.46 -28.99
C ARG F 593 45.98 18.36 -30.29
N ASN F 594 45.55 17.49 -31.20
CA ASN F 594 46.19 17.33 -32.51
C ASN F 594 45.56 18.20 -33.58
N ASN F 595 44.89 19.28 -33.19
CA ASN F 595 44.24 20.21 -34.13
C ASN F 595 43.25 19.47 -35.02
N TRP F 596 42.51 18.53 -34.42
CA TRP F 596 41.46 17.79 -35.11
C TRP F 596 41.97 17.17 -36.40
N ALA F 597 42.94 16.27 -36.25
CA ALA F 597 43.53 15.60 -37.39
C ALA F 597 42.48 14.78 -38.15
N GLN F 607 38.61 17.57 -42.17
CA GLN F 607 37.84 18.20 -43.24
C GLN F 607 37.47 19.62 -42.86
N ASP F 608 37.16 20.44 -43.86
CA ASP F 608 36.84 21.85 -43.63
C ASP F 608 35.38 22.08 -43.24
N ASN F 609 34.56 21.04 -43.25
CA ASN F 609 33.16 21.15 -42.87
C ASN F 609 32.87 20.52 -41.51
N TRP F 610 33.91 20.09 -40.79
CA TRP F 610 33.68 19.43 -39.50
C TRP F 610 33.11 20.39 -38.46
N TRP F 611 33.37 21.69 -38.60
CA TRP F 611 33.01 22.63 -37.55
C TRP F 611 31.50 22.64 -37.30
N TYR F 612 30.70 22.58 -38.36
CA TYR F 612 29.24 22.55 -38.21
C TYR F 612 28.69 21.13 -38.20
N LYS F 613 29.36 20.18 -38.83
CA LYS F 613 28.91 18.79 -38.78
C LYS F 613 28.96 18.26 -37.34
N SER F 614 30.03 18.59 -36.60
CA SER F 614 30.17 18.10 -35.24
C SER F 614 29.08 18.63 -34.32
N ARG F 615 28.48 19.78 -34.63
CA ARG F 615 27.49 20.39 -33.75
C ARG F 615 26.14 19.68 -33.83
N ILE F 616 25.77 19.15 -34.99
CA ILE F 616 24.46 18.55 -35.21
C ILE F 616 24.56 17.11 -35.69
N GLY F 617 25.71 16.47 -35.52
CA GLY F 617 25.92 15.14 -36.07
C GLY F 617 25.56 14.03 -35.09
N PHE F 618 25.07 12.92 -35.64
CA PHE F 618 24.78 11.70 -34.88
C PHE F 618 25.89 10.68 -35.11
N PRO F 619 26.37 9.99 -34.07
CA PRO F 619 27.54 9.12 -34.24
C PRO F 619 27.27 8.01 -35.25
N HIS F 620 28.29 7.69 -36.04
CA HIS F 620 28.22 6.55 -36.95
C HIS F 620 28.13 5.25 -36.17
N ARG F 621 28.84 5.17 -35.04
CA ARG F 621 28.90 3.92 -34.28
C ARG F 621 27.53 3.42 -33.87
N LEU F 622 26.57 4.32 -33.66
CA LEU F 622 25.24 3.98 -33.22
C LEU F 622 24.22 4.03 -34.35
N LEU F 623 24.67 3.96 -35.60
CA LEU F 623 23.75 4.02 -36.74
C LEU F 623 22.80 2.84 -36.73
N LEU F 624 23.30 1.63 -36.47
CA LEU F 624 22.50 0.42 -36.48
C LEU F 624 22.42 -0.17 -35.07
N PRO F 625 21.30 -0.78 -34.71
CA PRO F 625 21.23 -1.47 -33.43
C PRO F 625 22.06 -2.75 -33.43
N MET F 626 22.51 -3.14 -32.24
CA MET F 626 23.24 -4.40 -32.12
C MET F 626 22.36 -5.55 -32.59
N GLY F 627 22.91 -6.40 -33.44
CA GLY F 627 22.20 -7.54 -33.98
C GLY F 627 22.37 -8.78 -33.15
N SER F 628 22.16 -9.93 -33.79
CA SER F 628 22.36 -11.22 -33.17
C SER F 628 23.23 -12.08 -34.07
N HIS F 629 23.94 -13.03 -33.47
CA HIS F 629 24.83 -13.89 -34.24
C HIS F 629 24.09 -14.61 -35.37
N GLY F 630 22.80 -14.92 -35.16
CA GLY F 630 22.00 -15.54 -36.19
C GLY F 630 21.24 -14.57 -37.06
N GLY F 631 21.20 -13.29 -36.70
CA GLY F 631 20.51 -12.29 -37.49
C GLY F 631 19.21 -11.82 -36.88
N MET F 632 19.16 -10.55 -36.49
CA MET F 632 17.96 -9.95 -35.92
C MET F 632 17.15 -9.32 -37.03
N PRO F 633 15.87 -9.67 -37.20
CA PRO F 633 15.09 -9.08 -38.30
C PRO F 633 14.59 -7.68 -37.99
N TYR F 634 14.73 -6.80 -38.99
CA TYR F 634 14.18 -5.46 -38.94
C TYR F 634 13.59 -5.16 -40.32
N GLN F 635 12.98 -3.98 -40.47
CA GLN F 635 12.33 -3.61 -41.73
C GLN F 635 12.74 -2.19 -42.11
N MET F 636 13.20 -2.01 -43.33
CA MET F 636 13.52 -0.71 -43.88
C MET F 636 12.37 -0.22 -44.75
N PHE F 637 12.19 1.10 -44.76
CA PHE F 637 11.12 1.75 -45.50
C PHE F 637 11.71 2.89 -46.32
N VAL F 638 11.32 2.96 -47.60
CA VAL F 638 11.82 3.98 -48.51
C VAL F 638 10.64 4.69 -49.13
N ILE F 639 10.69 6.03 -49.15
CA ILE F 639 9.63 6.82 -49.75
C ILE F 639 10.26 7.98 -50.53
N VAL F 640 9.74 8.23 -51.73
CA VAL F 640 10.18 9.32 -52.59
CA VAL F 640 10.18 9.32 -52.59
C VAL F 640 8.99 10.24 -52.84
N THR F 641 9.18 11.53 -52.61
CA THR F 641 8.10 12.50 -52.74
C THR F 641 8.60 13.73 -53.48
N PRO F 642 7.70 14.56 -53.98
CA PRO F 642 8.12 15.83 -54.59
C PRO F 642 8.56 16.85 -53.55
N VAL F 643 9.26 17.87 -54.02
CA VAL F 643 9.66 18.99 -53.16
C VAL F 643 8.45 19.91 -53.00
N ARG F 644 8.07 20.18 -51.76
CA ARG F 644 6.88 20.96 -51.44
C ARG F 644 7.27 22.33 -50.91
N ALA F 645 6.64 23.36 -51.46
CA ALA F 645 6.89 24.74 -51.03
C ALA F 645 8.37 25.09 -51.16
N SER F 651 6.53 33.50 -38.39
CA SER F 651 7.08 33.20 -39.70
C SER F 651 8.44 32.54 -39.58
N ILE F 652 8.70 31.54 -40.42
CA ILE F 652 9.94 30.78 -40.43
C ILE F 652 10.59 30.92 -41.79
N ASP F 653 11.90 31.20 -41.79
CA ASP F 653 12.68 31.34 -43.01
C ASP F 653 13.70 30.22 -43.08
N MET F 654 13.69 29.47 -44.19
CA MET F 654 14.68 28.41 -44.38
C MET F 654 16.07 28.95 -44.63
N ASN F 655 16.18 30.19 -45.12
CA ASN F 655 17.50 30.77 -45.35
C ASN F 655 18.26 30.95 -44.05
N THR F 656 17.57 31.28 -42.96
CA THR F 656 18.25 31.40 -41.67
C THR F 656 18.87 30.08 -41.25
N ALA F 657 18.13 28.97 -41.40
CA ALA F 657 18.70 27.66 -41.08
C ALA F 657 19.85 27.32 -42.01
N LYS F 658 19.72 27.63 -43.30
CA LYS F 658 20.79 27.33 -44.24
C LYS F 658 22.07 28.08 -43.90
N GLU F 659 21.94 29.36 -43.52
CA GLU F 659 23.12 30.18 -43.27
C GLU F 659 23.87 29.74 -42.02
N ARG F 660 23.16 29.29 -40.99
CA ARG F 660 23.79 28.88 -39.74
C ARG F 660 24.25 27.42 -39.77
N LYS F 661 24.02 26.71 -40.87
CA LYS F 661 24.41 25.30 -40.99
C LYS F 661 23.80 24.47 -39.86
N ALA F 662 22.49 24.64 -39.67
CA ALA F 662 21.73 23.88 -38.69
C ALA F 662 20.64 23.06 -39.38
N CYS F 663 21.02 22.36 -40.45
CA CYS F 663 20.07 21.62 -41.28
C CYS F 663 19.94 20.20 -40.75
N ARG F 664 19.15 20.06 -39.69
CA ARG F 664 18.81 18.74 -39.17
C ARG F 664 17.65 18.15 -39.96
N TRP F 665 17.75 16.85 -40.26
CA TRP F 665 16.73 16.12 -41.01
C TRP F 665 16.48 16.86 -42.32
N THR F 666 15.23 17.17 -42.68
CA THR F 666 14.89 17.79 -43.96
C THR F 666 14.41 19.23 -43.80
N VAL F 667 14.80 19.91 -42.73
CA VAL F 667 14.34 21.28 -42.51
C VAL F 667 14.80 22.19 -43.62
N CYS F 668 15.97 21.91 -44.22
CA CYS F 668 16.51 22.71 -45.32
C CYS F 668 16.19 22.11 -46.68
N MET F 669 15.38 21.07 -46.73
CA MET F 669 15.03 20.39 -47.98
C MET F 669 13.59 20.64 -48.41
N ASP F 670 12.63 20.36 -47.54
CA ASP F 670 11.22 20.57 -47.84
C ASP F 670 10.53 21.12 -46.60
N THR F 671 9.20 21.27 -46.68
CA THR F 671 8.42 21.84 -45.59
C THR F 671 7.44 20.85 -44.98
N MET F 672 7.57 19.55 -45.28
CA MET F 672 6.68 18.57 -44.71
C MET F 672 6.95 18.41 -43.21
N PRO F 673 5.95 18.00 -42.43
CA PRO F 673 6.17 17.83 -41.00
C PRO F 673 7.25 16.78 -40.73
N LEU F 674 8.06 17.02 -39.70
CA LEU F 674 9.05 16.05 -39.29
C LEU F 674 8.35 14.81 -38.74
N GLY F 675 8.80 13.64 -39.19
CA GLY F 675 8.14 12.39 -38.88
C GLY F 675 7.25 11.88 -39.99
N PHE F 676 6.99 12.69 -41.00
CA PHE F 676 6.19 12.25 -42.13
C PHE F 676 6.87 11.05 -42.80
N PRO F 677 6.09 10.04 -43.25
CA PRO F 677 4.64 9.89 -43.18
C PRO F 677 4.16 9.04 -42.00
N PHE F 678 4.87 9.07 -40.87
CA PHE F 678 4.55 8.22 -39.72
C PHE F 678 4.10 8.99 -38.49
N ASP F 679 3.96 10.31 -38.57
CA ASP F 679 3.66 11.10 -37.39
C ASP F 679 2.16 11.17 -37.07
N ARG F 680 1.30 10.63 -37.93
CA ARG F 680 -0.13 10.63 -37.72
C ARG F 680 -0.68 9.21 -37.81
N PRO F 681 -1.86 8.96 -37.24
CA PRO F 681 -2.49 7.65 -37.44
C PRO F 681 -2.71 7.37 -38.91
N ILE F 682 -2.50 6.11 -39.30
CA ILE F 682 -2.48 5.72 -40.70
C ILE F 682 -3.76 5.00 -41.05
N ASP F 683 -4.41 5.43 -42.13
CA ASP F 683 -5.56 4.72 -42.69
C ASP F 683 -5.04 3.78 -43.77
N GLU F 684 -5.25 2.47 -43.56
CA GLU F 684 -4.68 1.49 -44.48
C GLU F 684 -5.22 1.63 -45.90
N THR F 685 -6.40 2.22 -46.07
CA THR F 685 -6.97 2.37 -47.40
C THR F 685 -6.22 3.42 -48.22
N ASN F 686 -5.75 4.49 -47.59
CA ASN F 686 -5.06 5.58 -48.29
C ASN F 686 -3.56 5.42 -48.29
N PHE F 687 -3.03 4.35 -47.71
CA PHE F 687 -1.59 4.14 -47.58
C PHE F 687 -1.13 3.11 -48.60
N TYR F 688 0.18 2.85 -48.60
CA TYR F 688 0.78 1.83 -49.47
C TYR F 688 0.68 2.22 -50.94
N THR F 689 1.14 3.43 -51.26
CA THR F 689 1.21 3.89 -52.62
C THR F 689 2.42 3.29 -53.33
N LYS F 690 2.46 3.45 -54.65
CA LYS F 690 3.55 2.87 -55.44
C LYS F 690 4.89 3.56 -55.22
N ASN F 691 4.90 4.74 -54.59
CA ASN F 691 6.13 5.48 -54.36
C ASN F 691 6.78 5.12 -53.03
N MET F 692 6.24 4.15 -52.30
CA MET F 692 6.81 3.72 -51.04
C MET F 692 7.04 2.21 -51.08
N LYS F 693 8.06 1.76 -50.34
CA LYS F 693 8.48 0.37 -50.37
C LYS F 693 8.96 -0.08 -49.00
N PHE F 694 8.60 -1.30 -48.63
CA PHE F 694 9.11 -1.97 -47.45
C PHE F 694 10.08 -3.07 -47.86
N HIS F 695 11.06 -3.34 -47.00
CA HIS F 695 12.08 -4.35 -47.30
C HIS F 695 12.60 -4.95 -46.01
N ASP F 696 12.43 -6.26 -45.85
CA ASP F 696 12.95 -6.94 -44.67
C ASP F 696 14.47 -7.05 -44.74
N VAL F 697 15.13 -6.87 -43.59
CA VAL F 697 16.58 -6.96 -43.49
C VAL F 697 16.95 -7.70 -42.22
N MET F 698 18.19 -8.18 -42.17
CA MET F 698 18.72 -8.89 -41.02
C MET F 698 20.01 -8.22 -40.58
N VAL F 699 20.13 -7.96 -39.28
CA VAL F 699 21.31 -7.32 -38.71
C VAL F 699 22.05 -8.34 -37.88
N TYR F 700 23.30 -8.63 -38.24
CA TYR F 700 24.13 -9.59 -37.56
C TYR F 700 25.13 -8.90 -36.65
N THR F 701 25.67 -9.66 -35.70
CA THR F 701 26.74 -9.21 -34.83
C THR F 701 27.84 -10.25 -34.80
N LYS F 702 29.09 -9.80 -34.77
CA LYS F 702 30.25 -10.68 -34.75
C LYS F 702 31.16 -10.30 -33.59
N ASP F 703 31.93 -11.29 -33.12
CA ASP F 703 32.88 -11.10 -32.03
C ASP F 703 34.28 -11.19 -32.61
N LEU F 704 34.98 -10.06 -32.65
CA LEU F 704 36.35 -10.02 -33.17
C LEU F 704 37.39 -10.41 -32.12
N ALA F 705 36.97 -10.66 -30.87
CA ALA F 705 37.94 -10.99 -29.83
C ALA F 705 38.72 -12.24 -30.18
N MET F 706 38.02 -13.28 -30.66
CA MET F 706 38.66 -14.54 -31.01
C MET F 706 38.80 -14.73 -32.52
N SER F 707 38.28 -13.81 -33.33
CA SER F 707 38.48 -13.91 -34.78
C SER F 707 39.95 -13.79 -35.13
N ASN F 708 40.68 -12.90 -34.44
CA ASN F 708 42.11 -12.74 -34.66
C ASN F 708 42.94 -13.73 -33.84
N MET F 709 42.48 -14.09 -32.64
CA MET F 709 43.18 -15.05 -31.79
C MET F 709 42.77 -16.46 -32.23
N VAL F 710 43.28 -16.86 -33.39
CA VAL F 710 42.94 -18.14 -34.01
C VAL F 710 43.99 -19.15 -33.57
N LYS F 711 43.70 -19.87 -32.48
CA LYS F 711 44.54 -20.96 -32.01
C LYS F 711 43.67 -22.17 -31.74
N ASP F 712 44.23 -23.36 -31.98
CA ASP F 712 43.48 -24.62 -31.85
C ASP F 712 43.54 -25.08 -30.39
N VAL F 713 42.74 -24.42 -29.55
CA VAL F 713 42.64 -24.75 -28.14
C VAL F 713 41.20 -24.55 -27.70
N ASP F 714 40.76 -25.39 -26.77
CA ASP F 714 39.42 -25.31 -26.20
C ASP F 714 39.44 -24.45 -24.94
N MET F 715 38.36 -23.67 -24.77
CA MET F 715 38.26 -22.72 -23.66
C MET F 715 37.05 -22.99 -22.79
N SER F 716 36.57 -24.24 -22.73
CA SER F 716 35.42 -24.56 -21.91
C SER F 716 35.71 -24.42 -20.42
N GLU F 717 36.99 -24.39 -20.04
CA GLU F 717 37.37 -24.31 -18.64
C GLU F 717 38.05 -23.00 -18.26
N MET F 718 38.18 -22.06 -19.19
CA MET F 718 38.82 -20.79 -18.90
C MET F 718 37.89 -19.89 -18.08
N VAL F 719 38.49 -18.93 -17.38
CA VAL F 719 37.77 -18.01 -16.51
C VAL F 719 38.19 -16.59 -16.83
N MET F 720 37.30 -15.65 -16.54
CA MET F 720 37.58 -14.24 -16.77
C MET F 720 38.61 -13.72 -15.77
N LYS F 721 39.37 -12.72 -16.20
CA LYS F 721 40.32 -12.08 -15.29
C LYS F 721 39.60 -11.42 -14.13
N ARG F 722 38.48 -10.75 -14.41
CA ARG F 722 37.61 -10.18 -13.39
C ARG F 722 36.25 -10.83 -13.51
N ASP F 723 35.66 -11.22 -12.38
CA ASP F 723 34.47 -12.04 -12.37
C ASP F 723 33.22 -11.31 -12.84
N ASP F 724 33.26 -9.98 -12.97
CA ASP F 724 32.10 -9.19 -13.36
C ASP F 724 32.07 -8.89 -14.85
N LEU F 725 33.00 -9.43 -15.63
CA LEU F 725 33.02 -9.19 -17.06
C LEU F 725 31.95 -10.04 -17.75
N THR F 726 31.55 -9.59 -18.94
CA THR F 726 30.44 -10.18 -19.69
C THR F 726 30.97 -10.94 -20.90
N TYR F 727 30.04 -11.47 -21.69
CA TYR F 727 30.39 -12.21 -22.90
C TYR F 727 31.06 -11.35 -23.95
N LEU F 728 30.93 -10.02 -23.85
CA LEU F 728 31.57 -9.10 -24.79
C LEU F 728 33.05 -8.90 -24.50
N ASP F 729 33.61 -9.56 -23.49
CA ASP F 729 35.00 -9.41 -23.09
C ASP F 729 35.72 -10.75 -23.14
N LYS F 730 35.46 -11.56 -24.17
CA LYS F 730 36.09 -12.87 -24.27
C LYS F 730 37.61 -12.78 -24.37
N ASP F 731 38.16 -11.62 -24.74
CA ASP F 731 39.60 -11.44 -24.79
C ASP F 731 40.23 -11.36 -23.41
N MET F 732 39.42 -11.25 -22.35
CA MET F 732 39.92 -11.20 -20.98
C MET F 732 39.91 -12.58 -20.31
N LEU F 733 39.56 -13.62 -21.05
CA LEU F 733 39.55 -14.97 -20.49
C LEU F 733 40.98 -15.47 -20.32
N VAL F 734 41.28 -15.98 -19.12
CA VAL F 734 42.59 -16.54 -18.79
C VAL F 734 42.38 -17.92 -18.21
N LYS F 735 43.15 -18.89 -18.69
CA LYS F 735 43.03 -20.25 -18.21
C LYS F 735 43.36 -20.32 -16.73
N ARG F 736 42.62 -21.13 -15.99
CA ARG F 736 42.83 -21.27 -14.55
C ARG F 736 44.25 -21.72 -14.26
N SER F 737 45.00 -20.88 -13.56
CA SER F 737 46.40 -21.13 -13.23
C SER F 737 46.53 -21.54 -11.77
N TYR F 738 47.73 -21.99 -11.42
CA TYR F 738 48.06 -22.42 -10.07
C TYR F 738 49.30 -21.67 -9.61
N LYS F 739 49.15 -20.88 -8.54
CA LYS F 739 50.26 -20.09 -8.01
C LYS F 739 51.14 -20.94 -7.10
N TRP G . -27.24 -22.86 27.97
CA TRP G . -26.36 -22.06 28.81
C TRP G . -26.22 -22.67 30.20
O TRP G . -25.35 -22.29 30.98
CB TRP G . -26.88 -20.62 28.92
CG TRP G . -26.99 -19.92 27.60
CD1 TRP G . -28.10 -19.81 26.82
CD2 TRP G . -25.94 -19.25 26.90
NE1 TRP G . -27.81 -19.10 25.68
CE2 TRP G . -26.49 -18.75 25.70
CE3 TRP G . -24.59 -19.02 27.16
CZ2 TRP G . -25.74 -18.04 24.77
CZ3 TRP G . -23.84 -18.31 26.24
CH2 TRP G . -24.42 -17.83 25.06
OXT TRP G . -26.98 -23.57 30.57
HA TRP G . -25.48 -22.02 28.40
HB2 TRP G . -27.77 -20.64 29.33
HB3 TRP G . -26.27 -20.10 29.48
HD1 TRP G . -28.94 -20.16 27.03
HE1 TRP G . -28.37 -18.92 25.05
HE3 TRP G . -24.20 -19.34 27.94
HZ2 TRP G . -26.12 -17.71 23.99
HZ3 TRP G . -22.94 -18.15 26.41
HH2 TRP G . -23.90 -17.35 24.45
CU CU H . 9.36 -19.89 34.43
CU CU I . -23.82 6.47 52.63
CU CU J . -36.58 -16.33 27.93
CU CU K . -31.08 -5.02 9.83
N TRP L . 17.03 -38.36 -16.92
CA TRP L . 15.69 -38.67 -16.45
C TRP L . 15.56 -40.15 -16.13
O TRP L . 14.59 -40.58 -15.51
CB TRP L . 14.65 -38.26 -17.51
CG TRP L . 14.68 -36.80 -17.83
CD1 TRP L . 15.32 -36.21 -18.88
CD2 TRP L . 14.04 -35.75 -17.11
NE1 TRP L . 15.13 -34.84 -18.85
CE2 TRP L . 14.34 -34.54 -17.77
CE3 TRP L . 13.23 -35.70 -15.96
CZ2 TRP L . 13.86 -33.31 -17.33
CZ3 TRP L . 12.76 -34.48 -15.53
CH2 TRP L . 13.08 -33.29 -16.21
OXT TRP L . 16.41 -40.96 -16.49
HA TRP L . 15.51 -38.16 -15.64
HB2 TRP L . 14.82 -38.75 -18.32
HB3 TRP L . 13.77 -38.47 -17.17
HD1 TRP L . 15.83 -36.66 -19.51
HE1 TRP L . 15.45 -34.29 -19.41
HE3 TRP L . 13.01 -36.48 -15.50
HZ2 TRP L . 14.08 -32.52 -17.79
HZ3 TRP L . 12.23 -34.43 -14.78
HH2 TRP L . 12.74 -32.48 -15.90
CU CU M . -1.72 -37.83 15.30
CU CU N . -18.95 -48.32 -26.17
CU CU O . 15.12 -36.99 -28.07
CU CU P . 11.48 -15.29 -26.88
NA NA Q . -6.57 -9.02 -9.14
N TRP R . 32.54 2.21 31.35
CA TRP R . 33.11 1.47 30.22
C TRP R . 34.24 0.56 30.67
O TRP R . 34.69 -0.32 29.93
CB TRP R . 33.60 2.44 29.14
CG TRP R . 32.53 3.33 28.60
CD1 TRP R . 32.24 4.61 29.00
CD2 TRP R . 31.58 3.01 27.57
NE1 TRP R . 31.18 5.10 28.28
CE2 TRP R . 30.76 4.14 27.39
CE3 TRP R . 31.36 1.89 26.78
CZ2 TRP R . 29.74 4.18 26.46
CZ3 TRP R . 30.34 1.91 25.85
CH2 TRP R . 29.53 3.06 25.70
OXT TRP R . 34.74 0.68 31.79
HA TRP R . 32.41 0.92 29.82
HB2 TRP R . 34.29 3.00 29.52
HB3 TRP R . 33.97 1.93 28.40
HD1 TRP R . 32.70 5.07 29.67
HE1 TRP R . 30.84 5.88 28.37
HE3 TRP R . 31.88 1.12 26.87
HZ2 TRP R . 29.20 4.93 26.35
HZ3 TRP R . 30.18 1.17 25.31
HH2 TRP R . 28.86 3.05 25.07
CU CU S . 25.33 -29.35 12.85
CU CU T . 58.05 1.48 2.56
CU CU U . 36.88 12.56 29.43
CU CU V . 19.82 19.74 17.47
NA NA W . 13.72 3.62 -2.19
CU CU X . -30.97 -11.33 0.10
N TRP Y . -41.68 4.68 -16.95
CA TRP Y . -40.81 4.34 -18.07
C TRP Y . -41.40 4.84 -19.38
O TRP Y . -42.57 5.23 -19.44
CB TRP Y . -40.59 2.83 -18.13
CG TRP Y . -39.96 2.28 -16.89
CD1 TRP Y . -40.60 1.70 -15.84
CD2 TRP Y . -38.56 2.25 -16.58
NE1 TRP Y . -39.68 1.32 -14.88
CE2 TRP Y . -38.42 1.63 -15.31
CE3 TRP Y . -37.41 2.68 -17.24
CZ2 TRP Y . -37.19 1.44 -14.71
CZ3 TRP Y . -36.18 2.49 -16.63
CH2 TRP Y . -36.08 1.88 -15.38
OXT TRP Y . -40.73 4.88 -20.41
HA TRP Y . -39.95 4.77 -17.94
HB2 TRP Y . -41.45 2.39 -18.25
HB3 TRP Y . -40.00 2.64 -18.88
HD1 TRP Y . -41.52 1.58 -15.77
HE1 TRP Y . -39.87 0.93 -14.13
HE3 TRP Y . -37.47 3.09 -18.08
HZ2 TRP Y . -37.12 1.04 -13.87
HZ3 TRP Y . -35.41 2.78 -17.07
HH2 TRP Y . -35.24 1.77 -14.99
CU CU Z . -11.90 19.23 -34.01
CU CU AA . -31.94 -21.18 -43.71
CU CU BA . -46.24 -5.51 -14.68
CU CU CA . 9.96 20.94 23.45
N TRP DA . 0.54 42.98 14.10
CA TRP DA . -0.86 42.58 14.08
C TRP DA . -1.78 43.78 13.93
O TRP DA . -1.34 44.92 14.07
CB TRP DA . -1.22 41.80 15.35
CG TRP DA . -0.39 40.57 15.54
CD1 TRP DA . 0.74 40.44 16.30
CD2 TRP DA . -0.62 39.28 14.97
NE1 TRP DA . 1.22 39.16 16.23
CE2 TRP DA . 0.40 38.42 15.42
CE3 TRP DA . -1.60 38.77 14.10
CZ2 TRP DA . 0.48 37.09 15.04
CZ3 TRP DA . -1.53 37.43 13.74
CH2 TRP DA . -0.49 36.61 14.20
OXT TRP DA . -2.96 43.65 13.64
HA TRP DA . -1.00 41.99 13.32
HB2 TRP DA . -1.07 42.38 16.12
HB3 TRP DA . -2.15 41.53 15.30
HD1 TRP DA . 1.13 41.13 16.79
HE1 TRP DA . 1.92 38.86 16.63
HE3 TRP DA . -2.29 39.31 13.79
HZ2 TRP DA . 1.16 36.53 15.35
HZ3 TRP DA . -2.16 37.08 13.16
HH2 TRP DA . -0.47 35.72 13.94
CU CU EA . -24.12 31.02 -11.17
CU CU FA . -31.28 35.07 34.21
CU CU GA . 2.87 41.74 25.19
NA NA HA . -7.12 5.46 11.31
CU CU IA . 20.79 -9.03 -23.97
N TRP JA . 18.81 11.33 -39.56
CA TRP JA . 19.25 12.33 -38.59
C TRP JA . 19.60 13.64 -39.29
O TRP JA . 19.75 13.68 -40.51
CB TRP JA . 20.43 11.81 -37.79
CG TRP JA . 20.13 10.56 -37.03
CD1 TRP JA . 20.39 9.28 -37.42
CD2 TRP JA . 19.50 10.46 -35.74
NE1 TRP JA . 19.97 8.39 -36.46
CE2 TRP JA . 19.41 9.09 -35.42
CE3 TRP JA . 19.00 11.40 -34.83
CZ2 TRP JA . 18.86 8.63 -34.23
CZ3 TRP JA . 18.44 10.94 -33.65
CH2 TRP JA . 18.38 9.58 -33.36
OXT TRP JA . 19.77 14.68 -38.65
HA TRP JA . 18.52 12.51 -37.98
HB2 TRP JA . 21.17 11.62 -38.39
HB3 TRP JA . 20.70 12.49 -37.14
HD1 TRP JA . 20.80 9.04 -38.22
HE1 TRP JA . 20.04 7.53 -36.50
HE3 TRP JA . 19.05 12.31 -35.02
HZ2 TRP JA . 18.81 7.72 -34.04
HZ3 TRP JA . 18.12 11.56 -33.04
HH2 TRP JA . 17.99 9.30 -32.55
CU CU KA . 3.05 36.83 -17.39
CU CU LA . 47.94 26.46 -19.51
CU CU MA . 27.94 4.53 -39.79
#